data_8CJH
#
_entry.id   8CJH
#
_cell.length_a   187.643
_cell.length_b   233.374
_cell.length_c   256.598
_cell.angle_alpha   90.000
_cell.angle_beta   90.000
_cell.angle_gamma   90.000
#
_symmetry.space_group_name_H-M   'C 2 2 21'
#
_entity_poly.entity_id   1
_entity_poly.type   'polypeptide(L)'
_entity_poly.pdbx_seq_one_letter_code
;MTYSESDIAIVGMNCRYPGVHSVAAFETVLRTGCNILDPKVTPSNGHNHITLNNVYEHMAEFDANFFGYSRAEAEIMDPQ
QRVFLTCAWEMFEQSGYNPKQHDARVGLYAGVSTSFYLLTHLMNNPDKLAQLGGLQIMVGNDKDHLTSQLAYRLNITGPC
VTVQASCATSLVAVHLACEGLLSGQCDMALAGGVTFRMEEQRSYESHGDGLQAEDGLIHTFDAQASGTVYSSGLGMVLLK
RATDAQVQGDNILAVIKGSAINNDGGARSGYTVPGVDGQEAVMIEAHSLAEVTPQQIQYLELHGSGTPLGDAIEFAAIKR
VFGTPAPNATPWRLGAVKPNVGHVEMASGITSLIKTVLSLTNRVFYPTLNFQRANPQLGLEDSPFEVVSRLTPWPEGTTP
RTAGVSAFGLGGTNAHLVVQAPLSTPQARAQQMGPCVVVLSAKNHNALEQMQNALLAKLAAHPEIRLQDVAYTLRHGRFS
APVRKCVIAENCTQLARQLRDAPMVEATTGCTIYWRLGHRFVVALETLSDWLACSEVLSQAVGQLLEHFPLEPACLQDLS
PAQRTFISQYALIALIDERETLNVVLCGDGDGGYAAAVLRGDCTLEQAWHRLNAGQPFDDVPTNPLLQPDVCSLMLDDAA
SDANRTALEALGQLWLAGVSLDWRWVDAAERMLGSQRIALPGTVFTPQRYWVEAVRPATFSHESSNNLLSRATKSDIIAV
VTEIWERTLGVSIDDHHASFFELGGHSLLASTILYDIQQRYGITCTLSAFFADPTIEGLSCYLLEQG
;
_entity_poly.pdbx_strand_id   A,B,C,D,E,F
#
# COMPACT_ATOMS: atom_id res chain seq x y z
N MET A 1 31.11 4.78 -60.78
CA MET A 1 30.68 4.93 -59.36
C MET A 1 31.54 4.05 -58.45
N THR A 2 31.78 4.54 -57.22
CA THR A 2 32.55 3.81 -56.21
C THR A 2 31.69 3.64 -54.98
N TYR A 3 32.18 2.83 -54.03
CA TYR A 3 31.44 2.48 -52.82
C TYR A 3 31.39 3.68 -51.88
N SER A 4 30.30 3.75 -51.12
CA SER A 4 30.10 4.79 -50.13
C SER A 4 30.97 4.52 -48.90
N GLU A 5 31.40 5.62 -48.25
CA GLU A 5 32.29 5.60 -47.10
C GLU A 5 31.74 4.69 -46.00
N SER A 6 30.42 4.60 -45.90
CA SER A 6 29.76 3.86 -44.84
C SER A 6 29.43 2.43 -45.28
N ASP A 7 29.90 2.03 -46.47
CA ASP A 7 29.49 0.76 -47.04
C ASP A 7 30.41 -0.36 -46.54
N ILE A 8 29.79 -1.37 -45.94
CA ILE A 8 30.54 -2.52 -45.46
C ILE A 8 30.37 -3.68 -46.42
N ALA A 9 31.49 -4.18 -46.92
CA ALA A 9 31.52 -5.31 -47.84
C ALA A 9 31.61 -6.62 -47.06
N ILE A 10 30.78 -7.57 -47.50
CA ILE A 10 30.89 -8.96 -47.10
C ILE A 10 31.82 -9.67 -48.07
N VAL A 11 32.94 -10.18 -47.53
CA VAL A 11 33.97 -10.77 -48.36
C VAL A 11 34.15 -12.23 -47.97
N GLY A 12 33.37 -12.70 -47.01
CA GLY A 12 33.48 -14.10 -46.62
C GLY A 12 32.27 -14.57 -45.81
N MET A 13 31.94 -15.85 -45.93
CA MET A 13 30.82 -16.44 -45.23
C MET A 13 31.17 -17.86 -44.84
N ASN A 14 30.45 -18.39 -43.87
CA ASN A 14 30.59 -19.80 -43.55
C ASN A 14 29.43 -20.19 -42.64
N CYS A 15 29.00 -21.43 -42.76
CA CYS A 15 27.85 -21.87 -41.99
C CYS A 15 27.88 -23.36 -41.81
N ARG A 16 27.18 -23.85 -40.79
CA ARG A 16 27.00 -25.29 -40.61
C ARG A 16 25.59 -25.56 -40.11
N TYR A 17 24.96 -26.60 -40.65
CA TYR A 17 23.67 -27.06 -40.14
C TYR A 17 23.69 -28.58 -40.14
N PRO A 18 22.73 -29.27 -39.49
CA PRO A 18 22.73 -30.73 -39.53
C PRO A 18 22.78 -31.20 -40.99
N GLY A 19 23.87 -31.88 -41.35
CA GLY A 19 24.01 -32.45 -42.68
C GLY A 19 24.35 -31.41 -43.75
N VAL A 20 24.67 -30.19 -43.32
CA VAL A 20 25.04 -29.10 -44.22
C VAL A 20 26.38 -28.57 -43.75
N HIS A 21 27.44 -28.87 -44.53
CA HIS A 21 28.79 -28.71 -44.06
C HIS A 21 29.54 -27.62 -44.85
N SER A 22 28.82 -26.87 -45.70
CA SER A 22 29.45 -25.77 -46.41
C SER A 22 28.40 -24.81 -46.93
N VAL A 23 28.83 -23.56 -47.09
CA VAL A 23 28.00 -22.52 -47.67
C VAL A 23 27.40 -23.06 -48.96
N ALA A 24 28.29 -23.60 -49.80
CA ALA A 24 27.90 -24.19 -51.08
C ALA A 24 26.73 -25.14 -50.89
N ALA A 25 26.81 -26.01 -49.86
CA ALA A 25 25.79 -27.00 -49.58
C ALA A 25 24.50 -26.31 -49.13
N PHE A 26 24.64 -25.34 -48.22
CA PHE A 26 23.50 -24.56 -47.77
C PHE A 26 22.75 -23.99 -48.98
N GLU A 27 23.50 -23.34 -49.87
CA GLU A 27 22.96 -22.81 -51.10
C GLU A 27 22.10 -23.87 -51.77
N THR A 28 22.59 -25.11 -51.80
CA THR A 28 21.89 -26.19 -52.47
C THR A 28 20.54 -26.44 -51.79
N VAL A 29 20.53 -26.39 -50.46
CA VAL A 29 19.32 -26.57 -49.68
C VAL A 29 18.31 -25.50 -50.07
N LEU A 30 18.80 -24.26 -50.16
CA LEU A 30 17.96 -23.14 -50.50
C LEU A 30 17.40 -23.29 -51.92
N ARG A 31 18.28 -23.65 -52.87
CA ARG A 31 17.95 -23.78 -54.28
C ARG A 31 16.93 -24.90 -54.47
N THR A 32 17.27 -26.10 -53.98
CA THR A 32 16.40 -27.26 -54.13
C THR A 32 15.20 -27.15 -53.19
N GLY A 33 15.23 -26.16 -52.30
CA GLY A 33 14.10 -25.93 -51.41
C GLY A 33 13.89 -27.14 -50.51
N CYS A 34 14.91 -27.43 -49.71
CA CYS A 34 14.93 -28.61 -48.86
C CYS A 34 14.73 -28.22 -47.39
N ASN A 35 14.09 -29.13 -46.62
CA ASN A 35 13.84 -28.93 -45.20
C ASN A 35 14.59 -29.98 -44.39
N ILE A 36 15.77 -29.57 -43.90
CA ILE A 36 16.75 -30.51 -43.39
C ILE A 36 16.26 -31.20 -42.12
N LEU A 37 15.23 -30.64 -41.48
CA LEU A 37 14.79 -31.12 -40.18
C LEU A 37 14.06 -32.45 -40.32
N ASP A 38 13.45 -32.68 -41.49
CA ASP A 38 12.80 -33.95 -41.75
C ASP A 38 12.06 -34.42 -40.48
N PRO A 39 10.98 -33.72 -40.05
CA PRO A 39 10.33 -34.05 -38.78
C PRO A 39 9.55 -35.34 -38.83
N LYS A 40 9.28 -35.89 -37.63
CA LYS A 40 8.47 -37.08 -37.46
C LYS A 40 7.56 -36.90 -36.26
N VAL A 41 6.26 -36.95 -36.56
CA VAL A 41 5.19 -36.61 -35.65
C VAL A 41 4.55 -37.89 -35.15
N THR A 42 4.45 -38.04 -33.83
CA THR A 42 3.79 -39.18 -33.23
C THR A 42 2.72 -38.68 -32.26
N PRO A 43 1.41 -38.93 -32.51
CA PRO A 43 0.40 -38.61 -31.52
C PRO A 43 0.81 -39.15 -30.15
N SER A 44 0.67 -38.31 -29.11
CA SER A 44 1.17 -38.62 -27.78
C SER A 44 0.34 -37.92 -26.70
N ASN A 45 -0.56 -38.68 -26.07
CA ASN A 45 -1.29 -38.23 -24.89
C ASN A 45 -2.00 -36.91 -25.22
N GLY A 46 -2.78 -36.95 -26.30
CA GLY A 46 -3.56 -35.80 -26.75
C GLY A 46 -2.71 -34.74 -27.45
N HIS A 47 -1.38 -34.92 -27.44
CA HIS A 47 -0.48 -33.95 -28.02
C HIS A 47 0.28 -34.60 -29.17
N ASN A 48 1.33 -33.94 -29.64
CA ASN A 48 2.18 -34.50 -30.68
C ASN A 48 3.63 -34.51 -30.19
N HIS A 49 4.22 -35.72 -30.22
CA HIS A 49 5.64 -35.91 -29.96
C HIS A 49 6.41 -35.80 -31.27
N ILE A 50 7.31 -34.83 -31.35
CA ILE A 50 7.98 -34.53 -32.61
C ILE A 50 9.46 -34.81 -32.49
N THR A 51 9.99 -35.58 -33.46
CA THR A 51 11.42 -35.85 -33.54
C THR A 51 11.98 -35.23 -34.80
N LEU A 52 13.19 -34.71 -34.69
CA LEU A 52 13.78 -33.87 -35.73
C LEU A 52 15.17 -34.37 -36.09
N ASN A 53 15.69 -33.77 -37.16
CA ASN A 53 17.08 -33.87 -37.52
C ASN A 53 17.73 -32.52 -37.19
N ASN A 54 17.70 -32.14 -35.91
CA ASN A 54 18.02 -30.77 -35.50
C ASN A 54 19.28 -30.71 -34.65
N VAL A 55 20.07 -31.79 -34.66
CA VAL A 55 21.32 -31.85 -33.91
C VAL A 55 22.47 -31.99 -34.90
N TYR A 56 23.51 -31.15 -34.73
CA TYR A 56 24.65 -31.18 -35.62
C TYR A 56 25.56 -32.35 -35.23
N GLU A 57 25.39 -33.45 -35.97
CA GLU A 57 26.06 -34.73 -35.74
C GLU A 57 27.56 -34.58 -35.41
N HIS A 58 28.28 -33.73 -36.16
CA HIS A 58 29.73 -33.74 -36.11
C HIS A 58 30.29 -32.88 -34.97
N MET A 59 29.41 -32.31 -34.12
CA MET A 59 29.89 -31.36 -33.11
C MET A 59 31.06 -31.93 -32.31
N ALA A 60 31.08 -33.24 -32.14
CA ALA A 60 32.04 -33.89 -31.27
C ALA A 60 33.47 -33.82 -31.81
N GLU A 61 33.59 -33.64 -33.14
CA GLU A 61 34.86 -33.79 -33.84
C GLU A 61 35.65 -32.50 -33.79
N PHE A 62 36.99 -32.60 -33.72
CA PHE A 62 37.83 -31.41 -33.58
C PHE A 62 39.29 -31.76 -33.80
N ASP A 63 40.07 -30.81 -34.34
CA ASP A 63 41.51 -31.00 -34.45
C ASP A 63 42.18 -30.31 -33.27
N ALA A 64 41.88 -30.84 -32.08
CA ALA A 64 42.44 -30.32 -30.85
C ALA A 64 43.94 -30.16 -31.04
N ASN A 65 44.54 -31.23 -31.56
CA ASN A 65 45.94 -31.29 -31.88
C ASN A 65 46.35 -30.05 -32.67
N PHE A 66 45.65 -29.79 -33.78
CA PHE A 66 46.03 -28.70 -34.68
C PHE A 66 45.97 -27.36 -33.95
N PHE A 67 44.94 -27.19 -33.12
CA PHE A 67 44.69 -25.91 -32.47
C PHE A 67 45.40 -25.82 -31.12
N GLY A 68 46.15 -26.85 -30.75
CA GLY A 68 47.01 -26.77 -29.59
C GLY A 68 46.25 -26.99 -28.28
N TYR A 69 45.22 -27.84 -28.33
CA TYR A 69 44.44 -28.17 -27.15
C TYR A 69 44.86 -29.53 -26.64
N SER A 70 44.95 -29.68 -25.31
CA SER A 70 45.11 -31.00 -24.76
C SER A 70 43.78 -31.74 -24.89
N ARG A 71 43.85 -33.06 -25.00
CA ARG A 71 42.64 -33.84 -25.21
C ARG A 71 41.64 -33.51 -24.12
N ALA A 72 42.12 -33.33 -22.89
CA ALA A 72 41.27 -32.91 -21.79
C ALA A 72 40.59 -31.58 -22.13
N GLU A 73 41.43 -30.57 -22.44
CA GLU A 73 40.93 -29.24 -22.73
C GLU A 73 39.82 -29.35 -23.77
N ALA A 74 40.08 -30.16 -24.80
CA ALA A 74 39.16 -30.34 -25.90
C ALA A 74 37.87 -31.00 -25.42
N GLU A 75 37.99 -31.98 -24.54
CA GLU A 75 36.82 -32.73 -24.13
C GLU A 75 35.87 -31.87 -23.30
N ILE A 76 36.40 -30.93 -22.52
CA ILE A 76 35.55 -30.05 -21.73
C ILE A 76 35.16 -28.82 -22.54
N MET A 77 35.92 -28.52 -23.59
CA MET A 77 35.60 -27.36 -24.39
C MET A 77 34.27 -27.59 -25.11
N ASP A 78 33.44 -26.55 -25.10
CA ASP A 78 32.10 -26.58 -25.68
C ASP A 78 32.19 -26.78 -27.19
N PRO A 79 31.53 -27.81 -27.72
CA PRO A 79 31.50 -28.04 -29.17
C PRO A 79 31.26 -26.76 -29.97
N GLN A 80 30.31 -25.96 -29.51
CA GLN A 80 29.98 -24.70 -30.15
C GLN A 80 31.28 -23.95 -30.43
N GLN A 81 32.07 -23.73 -29.36
CA GLN A 81 33.31 -23.00 -29.46
C GLN A 81 34.25 -23.68 -30.46
N ARG A 82 34.33 -25.02 -30.42
CA ARG A 82 35.29 -25.73 -31.25
C ARG A 82 34.95 -25.54 -32.73
N VAL A 83 33.74 -25.96 -33.07
CA VAL A 83 33.30 -25.91 -34.46
C VAL A 83 33.35 -24.47 -34.95
N PHE A 84 32.99 -23.54 -34.07
CA PHE A 84 33.10 -22.14 -34.45
C PHE A 84 34.53 -21.84 -34.88
N LEU A 85 35.48 -22.26 -34.05
CA LEU A 85 36.89 -21.98 -34.30
C LEU A 85 37.30 -22.57 -35.65
N THR A 86 37.11 -23.89 -35.77
CA THR A 86 37.41 -24.59 -37.01
C THR A 86 36.85 -23.80 -38.20
N CYS A 87 35.57 -23.43 -38.09
CA CYS A 87 34.90 -22.76 -39.20
C CYS A 87 35.52 -21.39 -39.47
N ALA A 88 35.93 -20.70 -38.42
CA ALA A 88 36.56 -19.40 -38.60
C ALA A 88 37.83 -19.56 -39.44
N TRP A 89 38.72 -20.43 -38.95
CA TRP A 89 39.96 -20.72 -39.64
C TRP A 89 39.67 -21.02 -41.12
N GLU A 90 38.71 -21.94 -41.33
CA GLU A 90 38.30 -22.27 -42.68
C GLU A 90 37.93 -21.00 -43.46
N MET A 91 37.00 -20.19 -42.92
CA MET A 91 36.45 -19.08 -43.67
C MET A 91 37.54 -18.10 -44.02
N PHE A 92 38.40 -17.81 -43.04
CA PHE A 92 39.57 -16.99 -43.27
C PHE A 92 40.34 -17.48 -44.48
N GLU A 93 40.65 -18.77 -44.50
CA GLU A 93 41.41 -19.33 -45.61
C GLU A 93 40.65 -19.16 -46.92
N GLN A 94 39.36 -19.50 -46.89
CA GLN A 94 38.54 -19.46 -48.10
C GLN A 94 38.38 -18.03 -48.60
N SER A 95 38.56 -17.04 -47.73
CA SER A 95 38.47 -15.65 -48.15
C SER A 95 39.86 -15.13 -48.51
N GLY A 96 40.87 -16.00 -48.46
CA GLY A 96 42.21 -15.63 -48.86
C GLY A 96 42.95 -14.83 -47.78
N TYR A 97 42.70 -15.16 -46.51
CA TYR A 97 43.38 -14.49 -45.42
C TYR A 97 44.02 -15.51 -44.49
N ASN A 98 45.31 -15.30 -44.22
CA ASN A 98 46.09 -16.18 -43.37
C ASN A 98 45.54 -16.13 -41.95
N PRO A 99 44.83 -17.19 -41.51
CA PRO A 99 44.14 -17.20 -40.23
C PRO A 99 44.94 -16.68 -39.04
N LYS A 100 46.23 -17.03 -38.96
CA LYS A 100 46.97 -16.72 -37.75
C LYS A 100 47.82 -15.45 -37.93
N GLN A 101 47.83 -14.84 -39.12
CA GLN A 101 48.66 -13.64 -39.30
C GLN A 101 47.90 -12.57 -40.07
N HIS A 102 47.86 -11.36 -39.51
CA HIS A 102 46.93 -10.34 -39.97
C HIS A 102 47.65 -9.01 -40.15
N ASP A 103 47.61 -8.51 -41.39
CA ASP A 103 48.23 -7.25 -41.74
C ASP A 103 47.50 -6.14 -41.00
N ALA A 104 46.17 -6.19 -41.08
CA ALA A 104 45.31 -5.19 -40.49
C ALA A 104 44.72 -5.72 -39.19
N ARG A 105 44.17 -4.80 -38.36
CA ARG A 105 43.43 -5.18 -37.17
C ARG A 105 42.17 -5.94 -37.58
N VAL A 106 41.93 -7.00 -36.81
CA VAL A 106 40.79 -7.87 -37.02
C VAL A 106 39.92 -7.85 -35.78
N GLY A 107 38.61 -7.73 -36.02
CA GLY A 107 37.64 -7.73 -34.95
C GLY A 107 36.87 -9.04 -34.91
N LEU A 108 36.45 -9.41 -33.70
CA LEU A 108 35.63 -10.59 -33.48
C LEU A 108 34.36 -10.19 -32.75
N TYR A 109 33.26 -10.38 -33.46
CA TYR A 109 31.95 -10.09 -32.92
C TYR A 109 31.10 -11.34 -33.08
N ALA A 110 30.84 -12.03 -31.97
CA ALA A 110 30.10 -13.28 -32.12
C ALA A 110 29.44 -13.72 -30.83
N GLY A 111 28.42 -14.57 -31.00
CA GLY A 111 27.60 -15.02 -29.89
C GLY A 111 27.26 -16.50 -29.96
N VAL A 112 26.82 -17.02 -28.81
CA VAL A 112 26.67 -18.46 -28.65
C VAL A 112 25.57 -18.76 -27.65
N SER A 113 24.86 -19.88 -27.88
CA SER A 113 23.88 -20.38 -26.92
C SER A 113 24.59 -20.83 -25.65
N THR A 114 23.80 -20.95 -24.58
CA THR A 114 24.28 -21.57 -23.36
C THR A 114 24.84 -22.95 -23.73
N SER A 115 25.87 -23.42 -23.01
CA SER A 115 26.47 -24.71 -23.33
C SER A 115 25.69 -25.87 -22.72
N PHE A 116 24.75 -26.39 -23.53
CA PHE A 116 23.98 -27.53 -23.08
C PHE A 116 24.91 -28.74 -22.99
N TYR A 117 26.05 -28.66 -23.65
CA TYR A 117 27.08 -29.65 -23.43
C TYR A 117 27.43 -29.65 -21.95
N LEU A 118 27.71 -28.46 -21.41
CA LEU A 118 28.03 -28.34 -20.00
C LEU A 118 26.87 -28.87 -19.18
N LEU A 119 25.68 -28.32 -19.45
CA LEU A 119 24.52 -28.58 -18.62
C LEU A 119 24.17 -30.06 -18.58
N THR A 120 24.15 -30.71 -19.75
CA THR A 120 23.65 -32.08 -19.88
C THR A 120 24.78 -33.09 -19.79
N HIS A 121 25.86 -32.88 -20.56
CA HIS A 121 26.95 -33.85 -20.61
C HIS A 121 27.90 -33.61 -19.45
N LEU A 122 28.66 -32.51 -19.49
CA LEU A 122 29.76 -32.35 -18.53
C LEU A 122 29.26 -32.52 -17.12
N MET A 123 28.18 -31.80 -16.78
CA MET A 123 27.69 -31.76 -15.41
C MET A 123 27.17 -33.11 -14.94
N ASN A 124 27.10 -34.10 -15.84
CA ASN A 124 26.75 -35.45 -15.45
C ASN A 124 27.96 -36.36 -15.57
N ASN A 125 29.15 -35.80 -15.35
CA ASN A 125 30.33 -36.64 -15.20
C ASN A 125 31.12 -36.13 -14.00
N PRO A 126 30.57 -36.38 -12.78
CA PRO A 126 31.09 -35.78 -11.54
C PRO A 126 32.61 -35.81 -11.49
N ASP A 127 33.18 -36.88 -12.07
CA ASP A 127 34.61 -37.04 -12.22
C ASP A 127 35.19 -35.84 -12.99
N LYS A 128 35.02 -35.84 -14.32
CA LYS A 128 35.69 -34.86 -15.16
C LYS A 128 35.17 -33.47 -14.82
N LEU A 129 34.06 -33.45 -14.07
CA LEU A 129 33.42 -32.24 -13.61
C LEU A 129 34.32 -31.47 -12.63
N ALA A 130 35.24 -32.16 -11.95
CA ALA A 130 36.16 -31.46 -11.07
C ALA A 130 37.61 -31.86 -11.36
N GLN A 131 37.81 -33.10 -11.80
CA GLN A 131 39.14 -33.64 -12.06
C GLN A 131 39.94 -32.77 -13.04
N LEU A 132 39.26 -31.88 -13.77
CA LEU A 132 39.95 -31.05 -14.75
C LEU A 132 39.87 -29.57 -14.38
N GLY A 133 39.33 -29.26 -13.18
CA GLY A 133 39.37 -27.93 -12.58
C GLY A 133 38.23 -27.02 -13.04
N GLY A 134 37.33 -26.65 -12.09
CA GLY A 134 36.15 -25.82 -12.37
C GLY A 134 36.42 -24.66 -13.33
N LEU A 135 37.45 -23.88 -13.01
CA LEU A 135 37.89 -22.74 -13.82
C LEU A 135 37.98 -23.11 -15.30
N GLN A 136 38.64 -24.24 -15.61
CA GLN A 136 38.80 -24.66 -16.99
C GLN A 136 37.44 -25.09 -17.56
N ILE A 137 36.57 -25.67 -16.73
CA ILE A 137 35.23 -26.00 -17.20
C ILE A 137 34.56 -24.70 -17.63
N MET A 138 34.75 -23.65 -16.84
CA MET A 138 34.15 -22.38 -17.22
C MET A 138 34.79 -21.87 -18.49
N VAL A 139 36.12 -21.88 -18.56
CA VAL A 139 36.81 -21.43 -19.77
C VAL A 139 36.27 -22.18 -20.99
N GLY A 140 35.87 -23.43 -20.76
CA GLY A 140 35.42 -24.27 -21.84
C GLY A 140 34.00 -23.95 -22.29
N ASN A 141 33.21 -23.25 -21.46
CA ASN A 141 31.78 -23.21 -21.73
C ASN A 141 31.16 -21.81 -21.62
N ASP A 142 31.74 -20.94 -20.79
CA ASP A 142 31.21 -19.60 -20.61
C ASP A 142 31.30 -18.86 -21.95
N LYS A 143 30.15 -18.38 -22.42
CA LYS A 143 29.99 -17.66 -23.67
C LYS A 143 31.14 -16.68 -23.89
N ASP A 144 31.49 -15.93 -22.85
CA ASP A 144 32.60 -14.99 -22.90
C ASP A 144 33.75 -15.50 -23.77
N HIS A 145 34.12 -16.77 -23.60
CA HIS A 145 35.36 -17.24 -24.20
C HIS A 145 35.22 -17.42 -25.70
N LEU A 146 34.00 -17.57 -26.22
CA LEU A 146 33.83 -17.85 -27.64
C LEU A 146 34.78 -17.00 -28.46
N THR A 147 34.72 -15.67 -28.28
CA THR A 147 35.57 -14.78 -29.05
C THR A 147 37.01 -14.92 -28.59
N SER A 148 37.25 -14.87 -27.26
CA SER A 148 38.60 -14.82 -26.70
C SER A 148 39.45 -15.95 -27.24
N GLN A 149 38.87 -17.16 -27.29
CA GLN A 149 39.51 -18.33 -27.85
C GLN A 149 39.93 -18.02 -29.29
N LEU A 150 38.96 -17.64 -30.12
CA LEU A 150 39.26 -17.37 -31.52
C LEU A 150 40.38 -16.35 -31.62
N ALA A 151 40.33 -15.34 -30.76
CA ALA A 151 41.32 -14.27 -30.77
C ALA A 151 42.69 -14.84 -30.46
N TYR A 152 42.73 -15.82 -29.57
CA TYR A 152 44.00 -16.48 -29.28
C TYR A 152 44.43 -17.26 -30.50
N ARG A 153 43.60 -18.21 -30.91
CA ARG A 153 44.00 -19.21 -31.88
C ARG A 153 44.26 -18.60 -33.26
N LEU A 154 43.58 -17.52 -33.61
CA LEU A 154 43.82 -16.85 -34.88
C LEU A 154 44.66 -15.60 -34.66
N ASN A 155 45.26 -15.48 -33.47
CA ASN A 155 46.17 -14.40 -33.20
C ASN A 155 45.59 -13.08 -33.69
N ILE A 156 44.39 -12.76 -33.17
CA ILE A 156 43.65 -11.57 -33.49
C ILE A 156 43.74 -10.62 -32.31
N THR A 157 44.08 -9.36 -32.57
CA THR A 157 44.25 -8.37 -31.51
C THR A 157 43.24 -7.23 -31.61
N GLY A 158 42.26 -7.33 -32.54
CA GLY A 158 41.30 -6.26 -32.66
C GLY A 158 40.30 -6.28 -31.52
N PRO A 159 39.21 -5.51 -31.63
CA PRO A 159 38.05 -5.64 -30.77
C PRO A 159 37.64 -7.09 -30.70
N CYS A 160 37.39 -7.57 -29.50
CA CYS A 160 37.03 -8.95 -29.32
C CYS A 160 35.88 -9.01 -28.33
N VAL A 161 34.68 -9.29 -28.86
CA VAL A 161 33.46 -9.14 -28.08
C VAL A 161 32.50 -10.29 -28.35
N THR A 162 32.18 -11.03 -27.29
CA THR A 162 31.08 -11.96 -27.33
C THR A 162 29.82 -11.16 -27.14
N VAL A 163 29.01 -11.12 -28.20
CA VAL A 163 27.77 -10.36 -28.20
C VAL A 163 26.61 -11.33 -28.04
N GLN A 164 25.61 -10.94 -27.24
CA GLN A 164 24.48 -11.79 -26.94
C GLN A 164 23.19 -10.96 -27.00
N ALA A 165 22.21 -11.50 -27.75
CA ALA A 165 20.94 -10.84 -27.96
C ALA A 165 19.95 -11.85 -28.54
N SER A 166 19.64 -12.85 -27.71
CA SER A 166 18.69 -13.90 -28.05
C SER A 166 18.79 -14.24 -29.54
N CYS A 167 17.68 -14.19 -30.27
CA CYS A 167 17.63 -14.62 -31.66
C CYS A 167 18.39 -13.67 -32.59
N ALA A 168 18.46 -12.40 -32.20
CA ALA A 168 19.11 -11.36 -32.98
C ALA A 168 20.64 -11.43 -32.90
N THR A 169 21.15 -12.20 -31.95
CA THR A 169 22.57 -12.21 -31.63
C THR A 169 23.43 -12.03 -32.88
N SER A 170 23.38 -13.01 -33.79
CA SER A 170 24.22 -12.99 -34.98
C SER A 170 24.21 -11.64 -35.72
N LEU A 171 23.00 -11.05 -35.93
CA LEU A 171 22.90 -9.79 -36.66
C LEU A 171 23.36 -8.62 -35.80
N VAL A 172 23.09 -8.70 -34.50
CA VAL A 172 23.59 -7.67 -33.62
C VAL A 172 25.11 -7.63 -33.75
N ALA A 173 25.71 -8.82 -33.73
CA ALA A 173 27.13 -9.00 -33.99
C ALA A 173 27.54 -8.33 -35.29
N VAL A 174 26.86 -8.70 -36.37
CA VAL A 174 27.17 -8.11 -37.67
C VAL A 174 27.18 -6.60 -37.54
N HIS A 175 26.15 -6.05 -36.90
CA HIS A 175 26.05 -4.62 -36.74
C HIS A 175 27.28 -4.09 -36.01
N LEU A 176 27.49 -4.57 -34.79
CA LEU A 176 28.60 -4.11 -33.97
C LEU A 176 29.92 -4.22 -34.73
N ALA A 177 30.00 -5.20 -35.64
CA ALA A 177 31.16 -5.36 -36.50
C ALA A 177 31.30 -4.15 -37.44
N CYS A 178 30.22 -3.91 -38.20
CA CYS A 178 30.20 -2.77 -39.11
C CYS A 178 30.62 -1.54 -38.32
N GLU A 179 30.00 -1.38 -37.15
CA GLU A 179 30.30 -0.26 -36.27
C GLU A 179 31.80 -0.17 -36.03
N GLY A 180 32.42 -1.30 -35.69
CA GLY A 180 33.84 -1.31 -35.32
C GLY A 180 34.74 -1.08 -36.52
N LEU A 181 34.21 -1.39 -37.71
CA LEU A 181 34.91 -1.08 -38.94
C LEU A 181 34.84 0.42 -39.20
N LEU A 182 33.62 0.95 -39.26
CA LEU A 182 33.42 2.33 -39.61
C LEU A 182 34.08 3.24 -38.57
N SER A 183 33.98 2.87 -37.30
CA SER A 183 34.61 3.60 -36.22
C SER A 183 36.13 3.58 -36.39
N GLY A 184 36.63 2.54 -37.04
CA GLY A 184 38.06 2.43 -37.30
C GLY A 184 38.73 1.49 -36.32
N GLN A 185 37.97 0.97 -35.36
CA GLN A 185 38.57 0.16 -34.30
C GLN A 185 39.20 -1.09 -34.90
N CYS A 186 38.62 -1.60 -35.98
CA CYS A 186 39.26 -2.69 -36.70
C CYS A 186 39.19 -2.44 -38.20
N ASP A 187 39.90 -3.28 -38.98
CA ASP A 187 40.03 -3.09 -40.41
C ASP A 187 39.36 -4.25 -41.15
N MET A 188 39.26 -5.40 -40.50
CA MET A 188 38.44 -6.48 -41.02
C MET A 188 37.81 -7.18 -39.82
N ALA A 189 36.61 -7.74 -39.98
CA ALA A 189 35.93 -8.26 -38.81
C ALA A 189 35.16 -9.53 -39.14
N LEU A 190 35.20 -10.47 -38.18
CA LEU A 190 34.39 -11.66 -38.27
C LEU A 190 33.21 -11.49 -37.34
N ALA A 191 32.02 -11.73 -37.89
CA ALA A 191 30.81 -11.60 -37.11
C ALA A 191 30.00 -12.88 -37.26
N GLY A 192 29.45 -13.40 -36.16
CA GLY A 192 28.65 -14.60 -36.34
C GLY A 192 28.08 -15.17 -35.05
N GLY A 193 27.38 -16.30 -35.22
CA GLY A 193 26.69 -16.96 -34.12
C GLY A 193 26.73 -18.48 -34.25
N VAL A 194 26.46 -19.14 -33.11
CA VAL A 194 26.38 -20.60 -33.14
C VAL A 194 25.47 -21.10 -32.02
N THR A 195 24.64 -22.08 -32.38
CA THR A 195 23.71 -22.74 -31.46
C THR A 195 23.70 -24.23 -31.72
N PHE A 196 24.20 -25.02 -30.77
CA PHE A 196 24.15 -26.47 -30.90
C PHE A 196 23.20 -27.06 -29.88
N ARG A 197 22.32 -27.93 -30.37
CA ARG A 197 21.43 -28.70 -29.53
C ARG A 197 22.08 -30.04 -29.23
N MET A 198 22.00 -30.47 -27.97
CA MET A 198 22.48 -31.78 -27.59
C MET A 198 21.44 -32.81 -28.03
N GLU A 199 21.82 -34.08 -28.01
CA GLU A 199 20.93 -35.15 -28.44
C GLU A 199 19.66 -35.12 -27.58
N GLU A 200 19.85 -34.87 -26.29
CA GLU A 200 18.76 -34.82 -25.33
C GLU A 200 17.71 -33.80 -25.77
N GLN A 201 18.09 -32.90 -26.69
CA GLN A 201 17.21 -31.83 -27.10
C GLN A 201 16.63 -32.11 -28.50
N ARG A 202 16.80 -33.33 -29.00
CA ARG A 202 16.38 -33.61 -30.37
C ARG A 202 14.86 -33.50 -30.49
N SER A 203 14.14 -34.30 -29.69
CA SER A 203 12.70 -34.37 -29.78
C SER A 203 12.08 -33.19 -29.03
N TYR A 204 10.76 -33.03 -29.16
CA TYR A 204 10.03 -32.15 -28.26
C TYR A 204 8.56 -32.51 -28.25
N GLU A 205 7.92 -32.10 -27.15
CA GLU A 205 6.51 -32.36 -26.91
C GLU A 205 5.75 -31.09 -27.22
N SER A 206 4.73 -31.23 -28.08
CA SER A 206 3.94 -30.09 -28.53
C SER A 206 2.76 -29.87 -27.58
N HIS A 207 2.70 -28.68 -26.97
CA HIS A 207 1.71 -28.39 -25.94
C HIS A 207 0.50 -27.64 -26.51
N GLY A 208 0.62 -27.12 -27.73
CA GLY A 208 -0.47 -26.36 -28.33
C GLY A 208 -0.34 -24.87 -28.03
N ASP A 209 0.77 -24.49 -27.39
CA ASP A 209 0.96 -23.13 -26.91
C ASP A 209 0.96 -22.15 -28.09
N GLY A 210 1.37 -22.59 -29.28
CA GLY A 210 1.51 -21.68 -30.40
C GLY A 210 2.95 -21.17 -30.54
N LEU A 211 3.83 -21.67 -29.67
CA LEU A 211 5.24 -21.30 -29.67
C LEU A 211 6.05 -22.29 -30.52
N GLN A 212 5.79 -23.59 -30.36
CA GLN A 212 6.46 -24.62 -31.13
C GLN A 212 5.47 -25.34 -32.03
N ALA A 213 5.88 -25.60 -33.28
CA ALA A 213 4.96 -26.13 -34.27
C ALA A 213 4.45 -27.50 -33.84
N GLU A 214 3.17 -27.74 -34.13
CA GLU A 214 2.48 -28.99 -33.78
C GLU A 214 2.86 -30.10 -34.77
N ASP A 215 3.30 -29.72 -35.97
CA ASP A 215 3.55 -30.66 -37.04
C ASP A 215 5.04 -30.74 -37.36
N GLY A 216 5.87 -30.04 -36.57
CA GLY A 216 7.31 -30.01 -36.77
C GLY A 216 7.71 -29.18 -37.99
N LEU A 217 6.79 -28.30 -38.41
CA LEU A 217 7.00 -27.52 -39.62
C LEU A 217 6.78 -26.05 -39.33
N ILE A 218 7.73 -25.25 -39.80
CA ILE A 218 7.64 -23.81 -39.67
C ILE A 218 6.84 -23.28 -40.86
N HIS A 219 5.56 -23.02 -40.64
CA HIS A 219 4.69 -22.53 -41.70
C HIS A 219 4.73 -21.01 -41.72
N THR A 220 5.88 -20.44 -42.06
CA THR A 220 6.02 -18.99 -41.96
C THR A 220 4.93 -18.32 -42.77
N PHE A 221 4.13 -17.49 -42.09
CA PHE A 221 3.11 -16.65 -42.70
C PHE A 221 1.97 -17.51 -43.27
N ASP A 222 2.01 -18.82 -43.05
CA ASP A 222 1.02 -19.71 -43.63
C ASP A 222 -0.10 -19.91 -42.62
N ALA A 223 -1.31 -20.13 -43.13
CA ALA A 223 -2.50 -20.32 -42.31
C ALA A 223 -2.30 -21.40 -41.25
N GLN A 224 -1.44 -22.38 -41.52
CA GLN A 224 -1.25 -23.49 -40.59
C GLN A 224 -0.12 -23.21 -39.61
N ALA A 225 0.45 -22.00 -39.61
CA ALA A 225 1.51 -21.66 -38.68
C ALA A 225 1.06 -22.01 -37.27
N SER A 226 1.76 -22.96 -36.63
CA SER A 226 1.41 -23.39 -35.29
C SER A 226 2.51 -23.04 -34.30
N GLY A 227 3.58 -22.44 -34.79
CA GLY A 227 4.76 -22.18 -33.99
C GLY A 227 6.05 -22.45 -34.77
N THR A 228 7.18 -22.29 -34.06
CA THR A 228 8.51 -22.45 -34.63
C THR A 228 9.08 -23.79 -34.21
N VAL A 229 10.28 -24.08 -34.71
CA VAL A 229 10.93 -25.36 -34.53
C VAL A 229 12.42 -25.10 -34.40
N TYR A 230 12.99 -25.47 -33.25
CA TYR A 230 14.36 -25.08 -32.96
C TYR A 230 15.33 -26.13 -33.49
N SER A 231 16.49 -25.67 -33.97
CA SER A 231 17.49 -26.54 -34.58
C SER A 231 18.88 -26.07 -34.16
N SER A 232 19.87 -26.93 -34.47
CA SER A 232 21.28 -26.59 -34.38
C SER A 232 21.66 -25.82 -35.64
N GLY A 233 22.68 -24.96 -35.51
CA GLY A 233 23.14 -24.17 -36.62
C GLY A 233 24.29 -23.23 -36.24
N LEU A 234 25.08 -22.87 -37.25
CA LEU A 234 26.23 -22.01 -37.05
C LEU A 234 26.38 -21.13 -38.27
N GLY A 235 26.73 -19.86 -38.04
CA GLY A 235 26.92 -18.94 -39.16
C GLY A 235 27.94 -17.87 -38.84
N MET A 236 28.65 -17.40 -39.88
CA MET A 236 29.62 -16.34 -39.67
C MET A 236 29.95 -15.69 -41.01
N VAL A 237 30.34 -14.41 -40.92
CA VAL A 237 30.76 -13.68 -42.09
C VAL A 237 32.00 -12.86 -41.75
N LEU A 238 32.68 -12.50 -42.84
CA LEU A 238 33.88 -11.72 -42.82
C LEU A 238 33.59 -10.43 -43.57
N LEU A 239 33.77 -9.32 -42.85
CA LEU A 239 33.36 -8.01 -43.27
C LEU A 239 34.57 -7.09 -43.31
N LYS A 240 34.55 -6.14 -44.25
CA LYS A 240 35.51 -5.05 -44.21
C LYS A 240 34.97 -3.88 -45.02
N ARG A 241 35.61 -2.73 -44.88
CA ARG A 241 35.14 -1.53 -45.55
C ARG A 241 35.15 -1.75 -47.06
N ALA A 242 33.96 -1.57 -47.67
CA ALA A 242 33.82 -1.80 -49.10
C ALA A 242 34.93 -1.10 -49.87
N THR A 243 35.12 0.19 -49.55
CA THR A 243 36.10 1.03 -50.22
C THR A 243 37.46 0.35 -50.25
N ASP A 244 37.82 -0.35 -49.18
CA ASP A 244 39.08 -1.08 -49.08
C ASP A 244 38.98 -2.37 -49.89
N ALA A 245 37.96 -3.17 -49.56
CA ALA A 245 37.76 -4.47 -50.18
C ALA A 245 37.89 -4.37 -51.70
N GLN A 246 37.39 -3.25 -52.25
CA GLN A 246 37.39 -2.99 -53.68
C GLN A 246 38.81 -3.14 -54.23
N VAL A 247 39.76 -2.46 -53.58
CA VAL A 247 41.12 -2.36 -54.08
C VAL A 247 42.02 -3.41 -53.44
N GLN A 248 41.53 -4.17 -52.45
CA GLN A 248 42.37 -5.17 -51.80
C GLN A 248 42.04 -6.59 -52.30
N GLY A 249 41.72 -6.69 -53.60
CA GLY A 249 41.52 -7.99 -54.25
C GLY A 249 40.61 -8.93 -53.46
N ASP A 250 39.56 -8.35 -52.89
CA ASP A 250 38.54 -9.14 -52.25
C ASP A 250 37.41 -9.40 -53.24
N ASN A 251 36.79 -10.58 -53.12
CA ASN A 251 35.56 -10.83 -53.83
C ASN A 251 34.40 -10.32 -52.97
N ILE A 252 33.94 -9.11 -53.28
CA ILE A 252 32.85 -8.49 -52.56
C ILE A 252 31.56 -9.18 -52.96
N LEU A 253 31.03 -9.99 -52.04
CA LEU A 253 29.83 -10.75 -52.32
C LEU A 253 28.61 -9.82 -52.30
N ALA A 254 28.51 -9.01 -51.25
CA ALA A 254 27.42 -8.07 -51.09
C ALA A 254 27.82 -6.97 -50.14
N VAL A 255 26.96 -5.95 -50.02
CA VAL A 255 27.28 -4.79 -49.21
C VAL A 255 26.15 -4.48 -48.23
N ILE A 256 26.50 -4.44 -46.95
CA ILE A 256 25.63 -3.86 -45.94
C ILE A 256 25.73 -2.34 -46.08
N LYS A 257 24.58 -1.72 -46.43
CA LYS A 257 24.54 -0.28 -46.63
C LYS A 257 24.34 0.39 -45.29
N GLY A 258 23.48 -0.22 -44.47
CA GLY A 258 23.16 0.30 -43.16
C GLY A 258 22.53 -0.77 -42.28
N SER A 259 22.67 -0.57 -40.97
CA SER A 259 22.19 -1.51 -39.98
C SER A 259 21.62 -0.78 -38.77
N ALA A 260 20.77 -1.47 -38.03
CA ALA A 260 20.28 -0.90 -36.78
C ALA A 260 19.85 -2.00 -35.82
N ILE A 261 19.95 -1.68 -34.52
CA ILE A 261 19.58 -2.58 -33.46
C ILE A 261 18.82 -1.79 -32.41
N ASN A 262 17.81 -2.41 -31.82
CA ASN A 262 17.04 -1.71 -30.81
C ASN A 262 16.34 -2.73 -29.93
N ASN A 263 15.36 -2.26 -29.17
CA ASN A 263 14.52 -3.14 -28.39
C ASN A 263 13.07 -2.62 -28.43
N ASP A 264 12.13 -3.56 -28.32
CA ASP A 264 10.71 -3.28 -28.36
C ASP A 264 10.32 -2.43 -27.16
N GLY A 265 11.26 -2.31 -26.21
CA GLY A 265 11.03 -1.59 -24.97
C GLY A 265 9.81 -2.14 -24.26
N GLY A 266 8.99 -1.21 -23.72
CA GLY A 266 7.79 -1.56 -23.01
C GLY A 266 6.57 -1.59 -23.92
N ALA A 267 6.76 -1.54 -25.25
CA ALA A 267 5.63 -1.48 -26.17
C ALA A 267 5.20 -2.89 -26.59
N ARG A 268 4.83 -3.71 -25.61
CA ARG A 268 4.45 -5.10 -25.87
C ARG A 268 3.60 -5.64 -24.72
N SER A 269 2.83 -6.70 -25.01
CA SER A 269 1.86 -7.24 -24.08
C SER A 269 2.50 -8.10 -22.98
N GLY A 270 3.81 -8.31 -23.05
CA GLY A 270 4.48 -9.18 -22.10
C GLY A 270 5.89 -9.52 -22.59
N TYR A 271 6.78 -9.86 -21.67
CA TYR A 271 8.21 -9.88 -21.99
C TYR A 271 8.48 -10.58 -23.32
N THR A 272 7.84 -11.74 -23.54
CA THR A 272 8.23 -12.61 -24.64
C THR A 272 7.38 -12.34 -25.88
N VAL A 273 6.79 -11.15 -25.97
CA VAL A 273 5.93 -10.83 -27.08
C VAL A 273 6.62 -9.79 -27.97
N PRO A 274 6.55 -9.97 -29.29
CA PRO A 274 7.03 -8.95 -30.22
C PRO A 274 6.29 -7.62 -30.13
N GLY A 275 6.99 -6.53 -30.50
CA GLY A 275 6.46 -5.17 -30.43
C GLY A 275 6.48 -4.48 -31.79
N VAL A 276 5.29 -4.38 -32.39
CA VAL A 276 5.16 -3.77 -33.70
C VAL A 276 6.00 -2.51 -33.72
N ASP A 277 5.74 -1.62 -32.74
CA ASP A 277 6.41 -0.34 -32.64
C ASP A 277 7.92 -0.52 -32.83
N GLY A 278 8.52 -1.42 -32.04
CA GLY A 278 9.96 -1.66 -32.06
C GLY A 278 10.47 -2.15 -33.41
N GLN A 279 9.84 -3.19 -33.97
CA GLN A 279 10.28 -3.72 -35.25
C GLN A 279 10.18 -2.62 -36.31
N GLU A 280 9.03 -1.95 -36.34
CA GLU A 280 8.85 -0.79 -37.19
C GLU A 280 10.07 0.11 -37.04
N ALA A 281 10.34 0.51 -35.79
CA ALA A 281 11.37 1.48 -35.48
C ALA A 281 12.71 1.05 -36.07
N VAL A 282 13.09 -0.20 -35.79
CA VAL A 282 14.42 -0.65 -36.18
C VAL A 282 14.54 -0.59 -37.70
N MET A 283 13.54 -1.14 -38.40
CA MET A 283 13.58 -1.15 -39.86
C MET A 283 13.77 0.28 -40.37
N ILE A 284 12.91 1.19 -39.89
CA ILE A 284 12.97 2.59 -40.28
C ILE A 284 14.39 3.12 -40.12
N GLU A 285 14.90 2.97 -38.89
CA GLU A 285 16.23 3.47 -38.59
C GLU A 285 17.22 2.92 -39.62
N ALA A 286 17.24 1.59 -39.78
CA ALA A 286 18.19 0.98 -40.70
C ALA A 286 18.06 1.61 -42.08
N HIS A 287 16.85 1.57 -42.64
CA HIS A 287 16.61 2.10 -43.98
C HIS A 287 17.14 3.53 -44.10
N SER A 288 16.92 4.33 -43.04
CA SER A 288 17.43 5.69 -42.98
C SER A 288 18.95 5.69 -43.14
N LEU A 289 19.63 4.88 -42.32
CA LEU A 289 21.08 4.88 -42.30
C LEU A 289 21.65 4.35 -43.60
N ALA A 290 20.95 3.40 -44.23
CA ALA A 290 21.34 2.90 -45.54
C ALA A 290 20.88 3.84 -46.63
N GLU A 291 20.23 4.95 -46.25
CA GLU A 291 19.75 5.92 -47.21
C GLU A 291 18.97 5.22 -48.31
N VAL A 292 17.92 4.47 -47.93
CA VAL A 292 17.05 3.87 -48.93
C VAL A 292 15.59 4.02 -48.52
N THR A 293 14.75 4.35 -49.51
CA THR A 293 13.32 4.26 -49.34
C THR A 293 12.94 2.79 -49.49
N PRO A 294 11.84 2.35 -48.83
CA PRO A 294 11.28 1.02 -49.05
C PRO A 294 11.17 0.64 -50.53
N GLN A 295 10.77 1.64 -51.33
CA GLN A 295 10.60 1.48 -52.76
C GLN A 295 11.89 0.98 -53.43
N GLN A 296 13.05 1.26 -52.82
CA GLN A 296 14.33 0.85 -53.38
C GLN A 296 14.77 -0.52 -52.85
N ILE A 297 13.92 -1.17 -52.06
CA ILE A 297 14.19 -2.53 -51.59
C ILE A 297 13.21 -3.46 -52.27
N GLN A 298 13.68 -4.62 -52.76
CA GLN A 298 12.78 -5.52 -53.48
C GLN A 298 12.41 -6.72 -52.61
N TYR A 299 13.37 -7.17 -51.80
CA TYR A 299 13.23 -8.40 -51.05
C TYR A 299 13.35 -8.08 -49.57
N LEU A 300 12.59 -8.84 -48.78
CA LEU A 300 12.81 -8.83 -47.36
C LEU A 300 12.94 -10.27 -46.89
N GLU A 301 14.02 -10.51 -46.14
CA GLU A 301 14.26 -11.76 -45.45
C GLU A 301 13.73 -11.61 -44.03
N LEU A 302 12.56 -12.23 -43.84
CA LEU A 302 11.79 -12.18 -42.61
C LEU A 302 12.55 -12.89 -41.50
N HIS A 303 12.16 -12.59 -40.26
CA HIS A 303 12.46 -13.42 -39.12
C HIS A 303 11.71 -14.73 -39.33
N GLY A 304 10.42 -14.63 -39.67
CA GLY A 304 9.63 -15.78 -40.08
C GLY A 304 9.69 -16.91 -39.07
N SER A 305 9.29 -16.63 -37.84
CA SER A 305 9.40 -17.57 -36.75
C SER A 305 8.47 -18.76 -36.99
N GLY A 306 7.29 -18.48 -37.56
CA GLY A 306 6.26 -19.50 -37.75
C GLY A 306 5.26 -19.52 -36.59
N THR A 307 5.39 -18.56 -35.67
CA THR A 307 4.43 -18.38 -34.61
C THR A 307 3.36 -17.41 -35.10
N PRO A 308 2.08 -17.76 -34.92
CA PRO A 308 1.00 -17.05 -35.58
C PRO A 308 1.11 -15.58 -35.23
N LEU A 309 1.26 -15.32 -33.93
CA LEU A 309 1.32 -13.98 -33.39
C LEU A 309 2.57 -13.27 -33.90
N GLY A 310 3.71 -13.97 -33.87
CA GLY A 310 4.98 -13.33 -34.22
C GLY A 310 4.98 -12.89 -35.68
N ASP A 311 4.54 -13.81 -36.54
CA ASP A 311 4.41 -13.55 -37.96
C ASP A 311 3.47 -12.35 -38.14
N ALA A 312 2.27 -12.47 -37.54
CA ALA A 312 1.25 -11.44 -37.61
C ALA A 312 1.84 -10.07 -37.30
N ILE A 313 2.59 -9.98 -36.19
CA ILE A 313 3.18 -8.73 -35.77
C ILE A 313 4.19 -8.27 -36.79
N GLU A 314 5.18 -9.14 -37.05
CA GLU A 314 6.24 -8.80 -37.98
C GLU A 314 5.64 -8.15 -39.22
N PHE A 315 4.65 -8.83 -39.80
CA PHE A 315 4.10 -8.35 -41.06
C PHE A 315 3.47 -6.98 -40.87
N ALA A 316 2.75 -6.79 -39.75
CA ALA A 316 2.16 -5.49 -39.46
C ALA A 316 3.24 -4.42 -39.52
N ALA A 317 4.31 -4.65 -38.76
CA ALA A 317 5.43 -3.73 -38.73
C ALA A 317 5.96 -3.50 -40.15
N ILE A 318 5.99 -4.55 -40.97
CA ILE A 318 6.46 -4.38 -42.33
C ILE A 318 5.54 -3.42 -43.08
N LYS A 319 4.23 -3.74 -43.08
CA LYS A 319 3.25 -2.92 -43.78
C LYS A 319 3.46 -1.47 -43.41
N ARG A 320 3.60 -1.22 -42.10
CA ARG A 320 3.81 0.14 -41.61
C ARG A 320 5.02 0.80 -42.26
N VAL A 321 6.11 0.07 -42.36
CA VAL A 321 7.35 0.67 -42.82
C VAL A 321 7.31 0.84 -44.34
N PHE A 322 6.70 -0.11 -45.07
CA PHE A 322 6.78 -0.08 -46.52
C PHE A 322 5.66 0.77 -47.11
N GLY A 323 4.43 0.63 -46.62
CA GLY A 323 3.33 1.43 -47.15
C GLY A 323 2.92 0.95 -48.55
N THR A 324 2.63 1.89 -49.45
CA THR A 324 2.20 1.59 -50.80
C THR A 324 3.34 1.84 -51.77
N PRO A 325 3.53 1.00 -52.82
CA PRO A 325 4.57 1.24 -53.81
C PRO A 325 4.10 2.13 -54.96
N ALA A 326 5.06 2.49 -55.84
CA ALA A 326 4.78 3.29 -57.03
C ALA A 326 3.80 2.54 -57.92
N PRO A 327 2.77 3.21 -58.48
CA PRO A 327 1.72 2.52 -59.24
C PRO A 327 2.28 1.54 -60.27
N ASN A 328 1.78 0.30 -60.25
CA ASN A 328 2.17 -0.75 -61.19
C ASN A 328 3.58 -1.27 -60.91
N ALA A 329 4.17 -0.93 -59.75
CA ALA A 329 5.45 -1.52 -59.39
C ALA A 329 5.20 -2.95 -58.93
N THR A 330 6.14 -3.85 -59.25
CA THR A 330 6.01 -5.23 -58.83
C THR A 330 5.94 -5.27 -57.30
N PRO A 331 5.27 -6.27 -56.70
CA PRO A 331 5.10 -6.32 -55.26
C PRO A 331 6.43 -6.57 -54.55
N TRP A 332 6.48 -6.28 -53.26
CA TRP A 332 7.66 -6.59 -52.47
C TRP A 332 7.69 -8.09 -52.23
N ARG A 333 8.90 -8.67 -52.38
CA ARG A 333 9.07 -10.10 -52.20
C ARG A 333 9.46 -10.38 -50.76
N LEU A 334 8.79 -11.36 -50.15
CA LEU A 334 9.08 -11.77 -48.79
C LEU A 334 9.62 -13.18 -48.78
N GLY A 335 10.65 -13.42 -47.97
CA GLY A 335 11.21 -14.76 -47.82
C GLY A 335 11.52 -15.09 -46.36
N ALA A 336 11.81 -16.37 -46.09
CA ALA A 336 12.15 -16.83 -44.75
C ALA A 336 12.94 -18.14 -44.85
N VAL A 337 13.96 -18.25 -44.01
CA VAL A 337 14.91 -19.34 -44.09
C VAL A 337 14.56 -20.40 -43.05
N LYS A 338 13.84 -19.98 -42.03
CA LYS A 338 13.61 -20.84 -40.88
C LYS A 338 12.86 -22.09 -41.31
N PRO A 339 11.93 -22.06 -42.29
CA PRO A 339 11.32 -23.31 -42.78
C PRO A 339 12.35 -24.33 -43.28
N ASN A 340 13.45 -23.84 -43.89
CA ASN A 340 14.45 -24.67 -44.52
C ASN A 340 15.32 -25.37 -43.46
N VAL A 341 15.87 -24.59 -42.51
CA VAL A 341 16.90 -25.13 -41.62
C VAL A 341 16.54 -24.99 -40.15
N GLY A 342 15.27 -24.69 -39.88
CA GLY A 342 14.80 -24.48 -38.52
C GLY A 342 15.16 -23.11 -37.99
N HIS A 343 14.74 -22.87 -36.74
CA HIS A 343 15.12 -21.69 -36.00
C HIS A 343 16.42 -22.01 -35.27
N VAL A 344 17.49 -21.25 -35.56
CA VAL A 344 18.78 -21.44 -34.94
C VAL A 344 19.03 -20.33 -33.91
N GLU A 345 18.70 -20.64 -32.66
CA GLU A 345 18.56 -19.63 -31.64
C GLU A 345 19.52 -18.47 -31.95
N MET A 346 20.83 -18.69 -32.09
CA MET A 346 21.77 -17.57 -32.11
C MET A 346 22.16 -17.20 -33.53
N ALA A 347 22.21 -18.23 -34.38
CA ALA A 347 22.74 -18.10 -35.72
C ALA A 347 21.59 -18.01 -36.72
N SER A 348 20.46 -17.53 -36.24
CA SER A 348 19.30 -17.32 -37.10
C SER A 348 19.59 -16.15 -38.02
N GLY A 349 19.94 -15.02 -37.41
CA GLY A 349 20.14 -13.78 -38.13
C GLY A 349 21.13 -13.97 -39.28
N ILE A 350 22.33 -14.42 -38.90
CA ILE A 350 23.42 -14.59 -39.86
C ILE A 350 23.01 -15.60 -40.92
N THR A 351 22.19 -16.59 -40.53
CA THR A 351 21.68 -17.54 -41.51
C THR A 351 20.85 -16.77 -42.54
N SER A 352 19.89 -15.97 -42.05
CA SER A 352 19.06 -15.18 -42.94
C SER A 352 19.94 -14.31 -43.84
N LEU A 353 20.98 -13.72 -43.24
CA LEU A 353 21.85 -12.85 -43.98
C LEU A 353 22.55 -13.62 -45.09
N ILE A 354 23.07 -14.78 -44.76
CA ILE A 354 23.72 -15.62 -45.76
C ILE A 354 22.72 -15.95 -46.87
N LYS A 355 21.55 -16.48 -46.48
CA LYS A 355 20.51 -16.75 -47.46
C LYS A 355 20.37 -15.55 -48.38
N THR A 356 20.31 -14.36 -47.78
CA THR A 356 20.15 -13.14 -48.56
C THR A 356 21.31 -12.98 -49.54
N VAL A 357 22.54 -13.03 -49.03
CA VAL A 357 23.71 -12.82 -49.85
C VAL A 357 23.68 -13.79 -51.03
N LEU A 358 23.39 -15.05 -50.74
CA LEU A 358 23.25 -16.04 -51.80
C LEU A 358 22.18 -15.60 -52.79
N SER A 359 21.01 -15.19 -52.26
CA SER A 359 19.90 -14.69 -53.08
C SER A 359 20.42 -13.63 -54.04
N LEU A 360 21.28 -12.73 -53.53
CA LEU A 360 21.83 -11.62 -54.30
C LEU A 360 22.82 -12.14 -55.34
N THR A 361 23.86 -12.86 -54.90
CA THR A 361 24.91 -13.32 -55.80
C THR A 361 24.33 -14.16 -56.91
N ASN A 362 23.40 -15.06 -56.56
CA ASN A 362 22.80 -15.94 -57.54
C ASN A 362 21.63 -15.22 -58.25
N ARG A 363 21.31 -13.99 -57.82
CA ARG A 363 20.25 -13.20 -58.43
C ARG A 363 18.96 -14.01 -58.50
N VAL A 364 18.60 -14.67 -57.38
CA VAL A 364 17.36 -15.42 -57.32
C VAL A 364 16.73 -15.21 -55.96
N PHE A 365 15.40 -15.27 -55.95
CA PHE A 365 14.67 -15.43 -54.71
C PHE A 365 14.46 -16.92 -54.55
N TYR A 366 14.95 -17.43 -53.42
CA TYR A 366 14.81 -18.83 -53.09
C TYR A 366 13.45 -19.07 -52.45
N PRO A 367 12.87 -20.27 -52.67
CA PRO A 367 11.56 -20.59 -52.11
C PRO A 367 11.57 -20.62 -50.59
N THR A 368 10.44 -20.16 -50.04
CA THR A 368 10.14 -20.25 -48.63
C THR A 368 9.15 -21.39 -48.45
N LEU A 369 9.50 -22.38 -47.63
CA LEU A 369 8.79 -23.63 -47.62
C LEU A 369 7.52 -23.53 -46.77
N ASN A 370 6.69 -24.57 -46.86
CA ASN A 370 5.52 -24.74 -45.99
C ASN A 370 4.49 -23.62 -46.20
N PHE A 371 4.65 -22.83 -47.27
CA PHE A 371 3.75 -21.73 -47.55
C PHE A 371 2.79 -22.13 -48.65
N GLN A 372 1.61 -22.62 -48.26
CA GLN A 372 0.59 -23.03 -49.23
C GLN A 372 -0.49 -21.97 -49.30
N ARG A 373 -0.68 -21.19 -48.23
CA ARG A 373 -1.82 -20.29 -48.15
C ARG A 373 -1.63 -19.26 -47.06
N ALA A 374 -1.59 -17.98 -47.48
CA ALA A 374 -1.31 -16.88 -46.57
C ALA A 374 -2.25 -16.94 -45.37
N ASN A 375 -1.72 -16.64 -44.19
CA ASN A 375 -2.50 -16.60 -42.96
C ASN A 375 -3.50 -15.44 -43.00
N PRO A 376 -4.82 -15.71 -42.86
CA PRO A 376 -5.84 -14.66 -42.97
C PRO A 376 -5.46 -13.30 -42.40
N GLN A 377 -4.99 -13.31 -41.15
CA GLN A 377 -4.78 -12.09 -40.38
C GLN A 377 -3.67 -11.23 -40.98
N LEU A 378 -2.88 -11.79 -41.88
CA LEU A 378 -1.87 -10.97 -42.54
C LEU A 378 -2.56 -10.08 -43.58
N GLY A 379 -3.60 -10.61 -44.24
CA GLY A 379 -4.21 -9.89 -45.35
C GLY A 379 -3.15 -9.55 -46.41
N LEU A 380 -2.36 -10.56 -46.76
CA LEU A 380 -1.26 -10.40 -47.69
C LEU A 380 -1.80 -10.10 -49.09
N GLU A 381 -2.92 -10.76 -49.43
CA GLU A 381 -3.50 -10.70 -50.76
C GLU A 381 -3.66 -9.25 -51.22
N ASP A 382 -4.31 -8.43 -50.40
CA ASP A 382 -4.55 -7.03 -50.73
C ASP A 382 -3.25 -6.24 -50.69
N SER A 383 -2.33 -6.69 -49.84
CA SER A 383 -1.09 -5.98 -49.63
C SER A 383 -0.20 -6.07 -50.86
N PRO A 384 0.71 -5.10 -51.05
CA PRO A 384 1.68 -5.13 -52.15
C PRO A 384 2.88 -6.00 -51.78
N PHE A 385 2.59 -7.14 -51.19
CA PHE A 385 3.61 -8.06 -50.72
C PHE A 385 3.32 -9.43 -51.26
N GLU A 386 4.38 -10.24 -51.38
CA GLU A 386 4.25 -11.55 -51.98
C GLU A 386 5.31 -12.46 -51.39
N VAL A 387 4.88 -13.53 -50.70
CA VAL A 387 5.82 -14.49 -50.17
C VAL A 387 6.33 -15.34 -51.32
N VAL A 388 7.64 -15.55 -51.35
CA VAL A 388 8.28 -16.32 -52.41
C VAL A 388 8.18 -17.80 -52.05
N SER A 389 7.53 -18.59 -52.92
CA SER A 389 7.38 -20.02 -52.68
C SER A 389 7.91 -20.84 -53.86
N ARG A 390 8.61 -20.18 -54.79
CA ARG A 390 9.21 -20.82 -55.95
C ARG A 390 10.54 -20.15 -56.23
N LEU A 391 11.57 -20.93 -56.47
CA LEU A 391 12.79 -20.35 -57.00
C LEU A 391 12.40 -19.43 -58.15
N THR A 392 12.61 -18.12 -58.00
CA THR A 392 12.30 -17.22 -59.10
C THR A 392 13.43 -16.21 -59.28
N PRO A 393 13.86 -15.92 -60.52
CA PRO A 393 15.00 -15.04 -60.75
C PRO A 393 14.68 -13.64 -60.24
N TRP A 394 15.72 -13.01 -59.67
CA TRP A 394 15.64 -11.67 -59.11
C TRP A 394 15.75 -10.65 -60.24
N PRO A 395 14.63 -10.03 -60.68
CA PRO A 395 14.66 -9.15 -61.84
C PRO A 395 15.56 -7.95 -61.55
N GLU A 396 16.04 -7.32 -62.63
CA GLU A 396 16.87 -6.15 -62.52
C GLU A 396 15.99 -4.93 -62.64
N GLY A 397 16.21 -3.96 -61.73
CA GLY A 397 15.48 -2.70 -61.75
C GLY A 397 16.42 -1.56 -62.16
N THR A 398 15.93 -0.32 -62.07
CA THR A 398 16.75 0.84 -62.36
C THR A 398 17.69 1.11 -61.19
N THR A 399 17.35 0.58 -60.02
CA THR A 399 18.23 0.70 -58.86
C THR A 399 18.84 -0.67 -58.55
N PRO A 400 19.95 -0.71 -57.78
CA PRO A 400 20.59 -1.97 -57.39
C PRO A 400 19.67 -2.98 -56.74
N ARG A 401 20.01 -4.25 -56.91
CA ARG A 401 19.35 -5.33 -56.20
C ARG A 401 19.60 -5.11 -54.71
N THR A 402 18.51 -4.97 -53.94
CA THR A 402 18.61 -4.56 -52.55
C THR A 402 17.52 -5.21 -51.73
N ALA A 403 17.93 -5.73 -50.56
CA ALA A 403 17.06 -6.47 -49.68
C ALA A 403 17.26 -6.05 -48.24
N GLY A 404 16.26 -6.36 -47.41
CA GLY A 404 16.36 -6.10 -45.99
C GLY A 404 16.37 -7.41 -45.18
N VAL A 405 17.15 -7.44 -44.09
CA VAL A 405 17.20 -8.64 -43.27
C VAL A 405 16.86 -8.31 -41.83
N SER A 406 15.84 -9.03 -41.30
CA SER A 406 15.34 -8.75 -39.97
C SER A 406 15.69 -9.90 -39.03
N ALA A 407 16.15 -9.55 -37.81
CA ALA A 407 16.27 -10.56 -36.75
C ALA A 407 15.73 -9.99 -35.45
N PHE A 408 14.59 -10.57 -35.02
CA PHE A 408 13.84 -10.09 -33.88
C PHE A 408 13.89 -11.13 -32.77
N GLY A 409 14.69 -10.83 -31.74
CA GLY A 409 14.96 -11.79 -30.69
C GLY A 409 13.90 -11.76 -29.60
N LEU A 410 13.62 -12.96 -29.07
CA LEU A 410 12.82 -13.07 -27.87
C LEU A 410 13.43 -12.16 -26.83
N GLY A 411 12.57 -11.39 -26.15
CA GLY A 411 13.02 -10.39 -25.19
C GLY A 411 13.00 -9.00 -25.82
N GLY A 412 12.75 -8.96 -27.13
CA GLY A 412 12.44 -7.71 -27.81
C GLY A 412 13.66 -7.02 -28.40
N THR A 413 14.84 -7.65 -28.32
CA THR A 413 16.02 -7.07 -28.94
C THR A 413 16.00 -7.36 -30.43
N ASN A 414 15.98 -6.29 -31.25
CA ASN A 414 15.82 -6.45 -32.69
C ASN A 414 17.03 -5.89 -33.44
N ALA A 415 17.20 -6.41 -34.67
CA ALA A 415 18.24 -5.98 -35.58
C ALA A 415 17.73 -6.00 -37.03
N HIS A 416 18.17 -5.02 -37.82
CA HIS A 416 17.77 -4.94 -39.22
C HIS A 416 18.95 -4.50 -40.08
N LEU A 417 19.03 -5.11 -41.28
CA LEU A 417 20.08 -4.82 -42.23
C LEU A 417 19.51 -4.42 -43.58
N VAL A 418 20.21 -3.51 -44.24
CA VAL A 418 19.98 -3.32 -45.65
C VAL A 418 21.21 -3.84 -46.38
N VAL A 419 20.96 -4.85 -47.23
CA VAL A 419 22.02 -5.51 -47.96
C VAL A 419 21.75 -5.35 -49.44
N GLN A 420 22.81 -4.99 -50.16
CA GLN A 420 22.71 -4.56 -51.54
C GLN A 420 23.74 -5.36 -52.33
N ALA A 421 23.36 -5.74 -53.54
CA ALA A 421 24.29 -6.29 -54.50
C ALA A 421 25.48 -5.33 -54.59
N PRO A 422 26.67 -5.84 -54.95
CA PRO A 422 27.86 -5.00 -55.01
C PRO A 422 27.90 -4.26 -56.33
N LEU A 423 28.82 -3.30 -56.45
CA LEU A 423 29.03 -2.65 -57.74
C LEU A 423 29.43 -3.73 -58.73
N SER A 424 28.84 -3.68 -59.95
CA SER A 424 29.22 -4.61 -60.99
C SER A 424 30.69 -4.37 -61.33
N THR A 425 31.47 -5.45 -61.42
CA THR A 425 32.92 -5.35 -61.40
C THR A 425 33.44 -5.06 -62.81
N PRO A 426 33.95 -3.85 -63.10
CA PRO A 426 34.43 -3.52 -64.44
C PRO A 426 35.75 -4.24 -64.67
N GLN A 427 35.67 -5.47 -65.21
CA GLN A 427 36.82 -6.36 -65.28
C GLN A 427 37.31 -6.48 -66.72
N ALA A 428 38.09 -5.46 -67.12
CA ALA A 428 38.89 -5.45 -68.33
C ALA A 428 40.22 -6.15 -68.06
N ARG A 429 40.16 -7.33 -67.44
CA ARG A 429 41.32 -7.98 -66.84
C ARG A 429 42.16 -8.69 -67.91
N ALA A 430 43.08 -7.95 -68.54
CA ALA A 430 44.05 -8.49 -69.48
C ALA A 430 45.00 -9.46 -68.75
N GLN A 431 44.49 -10.64 -68.37
CA GLN A 431 45.23 -11.57 -67.52
C GLN A 431 46.61 -11.84 -68.11
N GLN A 432 47.65 -11.41 -67.39
CA GLN A 432 49.01 -11.51 -67.89
C GLN A 432 49.59 -12.87 -67.52
N MET A 433 50.06 -13.61 -68.53
CA MET A 433 50.88 -14.77 -68.29
C MET A 433 52.25 -14.22 -67.87
N GLY A 434 52.88 -14.97 -66.99
CA GLY A 434 54.17 -14.62 -66.43
C GLY A 434 54.50 -15.56 -65.29
N PRO A 435 55.73 -15.51 -64.74
CA PRO A 435 56.11 -16.41 -63.66
C PRO A 435 55.39 -16.04 -62.37
N CYS A 436 54.80 -17.05 -61.72
CA CYS A 436 54.18 -16.89 -60.42
C CYS A 436 54.77 -17.87 -59.43
N VAL A 437 54.94 -17.40 -58.18
CA VAL A 437 55.45 -18.20 -57.08
C VAL A 437 54.27 -18.81 -56.33
N VAL A 438 54.15 -20.13 -56.51
CA VAL A 438 53.15 -20.96 -55.87
C VAL A 438 53.79 -21.67 -54.70
N VAL A 439 53.13 -21.58 -53.53
CA VAL A 439 53.68 -22.12 -52.30
C VAL A 439 52.62 -22.92 -51.58
N LEU A 440 53.01 -24.10 -51.11
CA LEU A 440 52.18 -24.91 -50.23
C LEU A 440 52.97 -25.24 -48.98
N SER A 441 52.26 -25.36 -47.86
CA SER A 441 52.88 -25.70 -46.61
C SER A 441 51.91 -26.55 -45.79
N ALA A 442 52.47 -27.37 -44.90
CA ALA A 442 51.68 -28.15 -43.97
C ALA A 442 52.52 -28.52 -42.76
N LYS A 443 51.88 -29.25 -41.84
CA LYS A 443 52.51 -29.64 -40.60
C LYS A 443 53.32 -30.91 -40.78
N ASN A 444 52.97 -31.70 -41.81
CA ASN A 444 53.69 -32.92 -42.12
C ASN A 444 53.46 -33.29 -43.57
N HIS A 445 54.42 -34.03 -44.13
CA HIS A 445 54.46 -34.36 -45.54
C HIS A 445 53.10 -34.90 -45.96
N ASN A 446 52.60 -35.84 -45.16
CA ASN A 446 51.38 -36.54 -45.49
C ASN A 446 50.25 -35.55 -45.76
N ALA A 447 50.22 -34.46 -44.98
CA ALA A 447 49.20 -33.44 -45.16
C ALA A 447 49.45 -32.71 -46.48
N LEU A 448 50.71 -32.33 -46.65
CA LEU A 448 51.13 -31.53 -47.78
C LEU A 448 50.71 -32.24 -49.06
N GLU A 449 50.96 -33.55 -49.10
CA GLU A 449 50.51 -34.36 -50.22
C GLU A 449 49.02 -34.08 -50.47
N GLN A 450 48.21 -34.28 -49.43
CA GLN A 450 46.76 -34.17 -49.58
C GLN A 450 46.40 -32.78 -50.11
N MET A 451 47.03 -31.76 -49.53
CA MET A 451 46.79 -30.39 -49.94
C MET A 451 47.07 -30.25 -51.44
N GLN A 452 48.27 -30.72 -51.83
CA GLN A 452 48.71 -30.75 -53.21
C GLN A 452 47.58 -31.29 -54.08
N ASN A 453 47.18 -32.53 -53.77
CA ASN A 453 46.23 -33.22 -54.63
C ASN A 453 44.92 -32.46 -54.69
N ALA A 454 44.48 -31.97 -53.52
CA ALA A 454 43.25 -31.18 -53.45
C ALA A 454 43.32 -29.99 -54.38
N LEU A 455 44.42 -29.24 -54.27
CA LEU A 455 44.61 -28.04 -55.07
C LEU A 455 44.55 -28.38 -56.55
N LEU A 456 45.41 -29.33 -56.94
CA LEU A 456 45.46 -29.71 -58.34
C LEU A 456 44.06 -30.11 -58.81
N ALA A 457 43.37 -30.88 -57.98
CA ALA A 457 42.00 -31.27 -58.26
C ALA A 457 41.16 -30.03 -58.56
N LYS A 458 41.20 -29.04 -57.65
CA LYS A 458 40.43 -27.83 -57.85
C LYS A 458 40.76 -27.19 -59.20
N LEU A 459 42.06 -26.95 -59.42
CA LEU A 459 42.51 -26.24 -60.62
C LEU A 459 42.03 -26.94 -61.89
N ALA A 460 42.17 -28.27 -61.85
CA ALA A 460 41.72 -29.11 -62.95
C ALA A 460 40.21 -28.95 -63.16
N ALA A 461 39.46 -28.82 -62.06
CA ALA A 461 38.02 -28.66 -62.14
C ALA A 461 37.65 -27.30 -62.70
N HIS A 462 38.45 -26.28 -62.34
CA HIS A 462 38.12 -24.92 -62.73
C HIS A 462 39.28 -24.34 -63.55
N PRO A 463 39.43 -24.77 -64.82
CA PRO A 463 40.53 -24.31 -65.65
C PRO A 463 40.53 -22.79 -65.83
N GLU A 464 39.42 -22.14 -65.48
CA GLU A 464 39.29 -20.70 -65.64
C GLU A 464 40.01 -19.96 -64.52
N ILE A 465 40.38 -20.66 -63.44
CA ILE A 465 41.11 -20.01 -62.36
C ILE A 465 42.45 -19.53 -62.89
N ARG A 466 42.79 -18.27 -62.62
CA ARG A 466 44.03 -17.73 -63.16
C ARG A 466 45.12 -17.76 -62.09
N LEU A 467 46.36 -17.98 -62.57
CA LEU A 467 47.47 -18.30 -61.69
C LEU A 467 47.78 -17.11 -60.78
N GLN A 468 47.87 -15.89 -61.33
CA GLN A 468 48.11 -14.73 -60.49
C GLN A 468 47.38 -14.88 -59.17
N ASP A 469 46.10 -15.27 -59.29
CA ASP A 469 45.20 -15.36 -58.15
C ASP A 469 45.76 -16.46 -57.25
N VAL A 470 45.82 -17.67 -57.79
CA VAL A 470 46.28 -18.80 -57.03
C VAL A 470 47.51 -18.40 -56.23
N ALA A 471 48.56 -18.03 -56.94
CA ALA A 471 49.85 -17.80 -56.31
C ALA A 471 49.70 -16.82 -55.16
N TYR A 472 48.85 -15.81 -55.36
CA TYR A 472 48.66 -14.73 -54.40
C TYR A 472 47.96 -15.28 -53.15
N THR A 473 46.81 -15.88 -53.41
CA THR A 473 46.00 -16.55 -52.41
C THR A 473 46.85 -17.50 -51.59
N LEU A 474 47.70 -18.29 -52.22
CA LEU A 474 48.42 -19.30 -51.47
C LEU A 474 49.53 -18.66 -50.63
N ARG A 475 49.81 -17.37 -50.87
CA ARG A 475 50.78 -16.67 -50.07
C ARG A 475 50.08 -15.97 -48.91
N HIS A 476 49.09 -15.12 -49.25
CA HIS A 476 48.50 -14.27 -48.24
C HIS A 476 47.45 -15.03 -47.43
N GLY A 477 46.76 -15.95 -48.07
CA GLY A 477 45.63 -16.59 -47.44
C GLY A 477 45.98 -17.92 -46.78
N ARG A 478 47.26 -18.19 -46.54
CA ARG A 478 47.62 -19.45 -45.93
C ARG A 478 48.81 -19.25 -45.00
N PHE A 479 48.88 -20.06 -43.94
CA PHE A 479 49.95 -19.93 -42.97
C PHE A 479 51.13 -20.76 -43.45
N SER A 480 52.35 -20.23 -43.21
CA SER A 480 53.58 -20.91 -43.57
C SER A 480 53.86 -21.98 -42.52
N ALA A 481 53.39 -23.18 -42.82
CA ALA A 481 53.61 -24.33 -41.97
C ALA A 481 55.05 -24.78 -42.09
N PRO A 482 55.53 -25.72 -41.24
CA PRO A 482 56.94 -26.13 -41.27
C PRO A 482 57.41 -27.03 -42.43
N VAL A 483 56.47 -27.73 -43.08
CA VAL A 483 56.80 -28.56 -44.23
C VAL A 483 56.34 -27.85 -45.49
N ARG A 484 57.28 -27.52 -46.38
CA ARG A 484 56.99 -26.54 -47.41
C ARG A 484 57.32 -27.04 -48.81
N LYS A 485 56.70 -26.40 -49.80
CA LYS A 485 56.90 -26.72 -51.20
C LYS A 485 56.63 -25.47 -52.01
N CYS A 486 57.59 -25.12 -52.87
CA CYS A 486 57.52 -23.87 -53.59
C CYS A 486 57.89 -24.10 -55.05
N VAL A 487 57.17 -23.44 -55.94
CA VAL A 487 57.33 -23.65 -57.37
C VAL A 487 57.12 -22.32 -58.06
N ILE A 488 57.83 -22.09 -59.18
CA ILE A 488 57.54 -20.94 -60.02
C ILE A 488 56.92 -21.46 -61.30
N ALA A 489 55.68 -21.07 -61.58
CA ALA A 489 55.00 -21.61 -62.76
C ALA A 489 54.57 -20.50 -63.70
N GLU A 490 54.19 -20.90 -64.92
CA GLU A 490 53.68 -19.97 -65.92
C GLU A 490 52.17 -20.14 -66.06
N ASN A 491 51.64 -21.34 -65.73
CA ASN A 491 50.21 -21.56 -65.80
C ASN A 491 49.77 -22.82 -65.06
N CYS A 492 48.49 -22.76 -64.63
CA CYS A 492 47.88 -23.71 -63.73
C CYS A 492 48.07 -25.14 -64.24
N THR A 493 48.03 -25.31 -65.56
CA THR A 493 48.33 -26.60 -66.18
C THR A 493 49.74 -27.04 -65.78
N GLN A 494 50.72 -26.27 -66.25
CA GLN A 494 52.13 -26.60 -66.07
C GLN A 494 52.35 -26.99 -64.60
N LEU A 495 51.85 -26.11 -63.72
CA LEU A 495 51.97 -26.25 -62.28
C LEU A 495 51.91 -27.71 -61.81
N ALA A 496 50.88 -28.46 -62.23
CA ALA A 496 50.72 -29.83 -61.74
C ALA A 496 52.06 -30.57 -61.76
N ARG A 497 52.66 -30.67 -62.95
CA ARG A 497 53.83 -31.53 -63.12
C ARG A 497 54.98 -30.95 -62.30
N GLN A 498 54.99 -29.63 -62.04
CA GLN A 498 56.06 -29.04 -61.25
C GLN A 498 55.85 -29.45 -59.79
N LEU A 499 54.69 -29.07 -59.23
CA LEU A 499 54.36 -29.41 -57.86
C LEU A 499 54.74 -30.86 -57.55
N ARG A 500 54.34 -31.78 -58.43
CA ARG A 500 54.59 -33.19 -58.17
C ARG A 500 56.10 -33.47 -58.11
N ASP A 501 56.86 -32.89 -59.05
CA ASP A 501 58.28 -33.20 -59.18
C ASP A 501 59.06 -32.47 -58.10
N ALA A 502 58.47 -31.41 -57.54
CA ALA A 502 59.16 -30.55 -56.61
C ALA A 502 59.37 -31.30 -55.31
N PRO A 503 60.38 -30.92 -54.50
CA PRO A 503 60.63 -31.55 -53.23
C PRO A 503 59.86 -30.85 -52.11
N MET A 504 59.60 -31.62 -51.06
CA MET A 504 59.04 -31.11 -49.83
C MET A 504 60.20 -30.85 -48.86
N VAL A 505 60.23 -29.66 -48.29
CA VAL A 505 61.35 -29.19 -47.52
C VAL A 505 60.90 -28.81 -46.11
N GLU A 506 61.50 -29.47 -45.12
CA GLU A 506 61.27 -29.16 -43.73
C GLU A 506 62.22 -28.05 -43.32
N ALA A 507 61.67 -26.89 -42.96
CA ALA A 507 62.49 -25.77 -42.52
C ALA A 507 63.50 -26.20 -41.44
N THR A 508 64.82 -26.14 -41.71
CA THR A 508 65.82 -26.29 -40.66
C THR A 508 66.25 -24.90 -40.19
N THR A 509 65.78 -24.51 -39.00
CA THR A 509 65.93 -23.17 -38.47
C THR A 509 67.40 -22.81 -38.19
N GLY A 510 67.81 -21.62 -38.68
CA GLY A 510 69.07 -21.00 -38.31
C GLY A 510 70.26 -21.50 -39.13
N CYS A 511 70.03 -21.84 -40.40
CA CYS A 511 71.14 -22.23 -41.28
C CYS A 511 71.82 -20.96 -41.81
N THR A 512 72.93 -21.15 -42.52
CA THR A 512 73.64 -20.05 -43.14
C THR A 512 72.95 -19.68 -44.45
N ILE A 513 72.65 -18.39 -44.60
CA ILE A 513 72.15 -17.84 -45.85
C ILE A 513 73.33 -17.23 -46.60
N TYR A 514 73.71 -17.84 -47.72
CA TYR A 514 74.82 -17.36 -48.52
C TYR A 514 74.28 -16.54 -49.68
N TRP A 515 74.89 -15.36 -49.88
CA TRP A 515 74.46 -14.42 -50.89
C TRP A 515 75.59 -14.14 -51.89
N ARG A 516 75.33 -14.49 -53.16
CA ARG A 516 76.21 -14.16 -54.27
C ARG A 516 75.59 -12.99 -55.05
N LEU A 517 76.26 -11.86 -55.02
CA LEU A 517 75.86 -10.68 -55.77
C LEU A 517 76.62 -10.66 -57.09
N GLY A 518 75.88 -10.85 -58.20
CA GLY A 518 76.49 -10.83 -59.53
C GLY A 518 76.68 -9.41 -60.03
N HIS A 519 77.52 -9.27 -61.07
CA HIS A 519 77.66 -8.00 -61.78
C HIS A 519 76.32 -7.28 -61.87
N ARG A 520 75.38 -7.79 -62.66
CA ARG A 520 74.13 -7.06 -62.92
C ARG A 520 72.94 -7.77 -62.30
N PHE A 521 72.03 -6.97 -61.71
CA PHE A 521 70.79 -7.43 -61.10
C PHE A 521 69.74 -6.32 -61.17
N VAL A 522 69.38 -5.92 -62.40
CA VAL A 522 68.51 -4.79 -62.63
C VAL A 522 67.06 -5.26 -62.67
N VAL A 523 66.41 -5.17 -61.51
CA VAL A 523 65.00 -5.51 -61.39
C VAL A 523 64.19 -4.30 -61.81
N ALA A 524 62.91 -4.54 -62.10
CA ALA A 524 62.02 -3.53 -62.65
C ALA A 524 61.79 -2.39 -61.66
N LEU A 525 61.63 -1.20 -62.26
CA LEU A 525 61.39 0.03 -61.53
C LEU A 525 60.29 -0.25 -60.49
N GLU A 526 59.16 -0.80 -60.96
CA GLU A 526 58.08 -1.20 -60.08
C GLU A 526 58.61 -1.98 -58.89
N THR A 527 59.30 -3.08 -59.17
CA THR A 527 59.79 -3.96 -58.12
C THR A 527 60.63 -3.15 -57.13
N LEU A 528 61.64 -2.43 -57.61
CA LEU A 528 62.55 -1.75 -56.69
C LEU A 528 61.79 -0.70 -55.88
N SER A 529 60.92 0.07 -56.55
CA SER A 529 60.16 1.10 -55.87
C SER A 529 59.26 0.48 -54.79
N ASP A 530 58.62 -0.66 -55.10
CA ASP A 530 57.79 -1.36 -54.14
C ASP A 530 58.62 -1.88 -52.97
N TRP A 531 59.76 -2.50 -53.30
CA TRP A 531 60.68 -2.99 -52.29
C TRP A 531 61.08 -1.86 -51.34
N LEU A 532 61.65 -0.79 -51.89
CA LEU A 532 62.05 0.32 -51.05
C LEU A 532 60.85 0.82 -50.26
N ALA A 533 59.70 0.94 -50.95
CA ALA A 533 58.46 1.40 -50.34
C ALA A 533 58.05 0.53 -49.15
N CYS A 534 58.73 -0.62 -48.94
CA CYS A 534 58.40 -1.48 -47.81
C CYS A 534 59.14 -1.06 -46.55
N SER A 535 60.10 -0.14 -46.61
CA SER A 535 60.76 0.24 -45.37
C SER A 535 61.23 1.68 -45.36
N GLU A 536 60.60 2.45 -44.48
CA GLU A 536 60.99 3.82 -44.17
C GLU A 536 62.50 3.92 -44.08
N VAL A 537 63.09 3.01 -43.29
CA VAL A 537 64.51 2.98 -43.02
C VAL A 537 65.27 3.08 -44.35
N LEU A 538 64.84 2.27 -45.32
CA LEU A 538 65.48 2.25 -46.63
C LEU A 538 65.14 3.51 -47.41
N SER A 539 63.84 3.74 -47.58
CA SER A 539 63.36 4.88 -48.35
C SER A 539 64.11 6.16 -47.97
N GLN A 540 64.46 6.30 -46.68
CA GLN A 540 65.23 7.44 -46.22
C GLN A 540 66.67 7.35 -46.71
N ALA A 541 67.33 6.23 -46.38
CA ALA A 541 68.74 6.01 -46.70
C ALA A 541 68.99 6.20 -48.19
N VAL A 542 68.03 5.78 -49.01
CA VAL A 542 68.12 5.92 -50.46
C VAL A 542 67.73 7.35 -50.86
N GLY A 543 66.64 7.86 -50.27
CA GLY A 543 66.23 9.26 -50.46
C GLY A 543 67.41 10.23 -50.29
N GLN A 544 68.31 9.91 -49.36
CA GLN A 544 69.50 10.71 -49.13
C GLN A 544 70.52 10.55 -50.26
N LEU A 545 70.70 9.32 -50.76
CA LEU A 545 71.61 9.08 -51.88
C LEU A 545 71.11 9.83 -53.12
N LEU A 546 69.79 9.76 -53.35
CA LEU A 546 69.20 10.34 -54.55
C LEU A 546 68.79 11.80 -54.33
N GLU A 547 69.00 12.33 -53.10
CA GLU A 547 68.73 13.73 -52.80
C GLU A 547 67.24 14.02 -53.05
N HIS A 548 66.38 13.00 -52.89
CA HIS A 548 64.98 13.12 -53.25
C HIS A 548 64.12 12.22 -52.37
N PHE A 549 63.61 12.79 -51.27
CA PHE A 549 62.69 12.12 -50.37
C PHE A 549 61.41 12.95 -50.33
N PRO A 550 60.19 12.37 -50.49
CA PRO A 550 60.00 10.94 -50.74
C PRO A 550 60.45 10.48 -52.13
N LEU A 551 60.76 9.19 -52.24
CA LEU A 551 61.19 8.57 -53.48
C LEU A 551 60.02 8.54 -54.46
N GLU A 552 60.34 8.74 -55.75
CA GLU A 552 59.35 8.66 -56.81
C GLU A 552 59.86 7.75 -57.91
N PRO A 553 58.97 6.94 -58.54
CA PRO A 553 59.37 6.02 -59.60
C PRO A 553 60.44 6.62 -60.55
N ALA A 554 60.12 7.73 -61.21
CA ALA A 554 61.02 8.41 -62.15
C ALA A 554 62.43 8.53 -61.57
N CYS A 555 62.49 8.96 -60.30
CA CYS A 555 63.72 9.18 -59.57
C CYS A 555 64.68 8.01 -59.76
N LEU A 556 64.14 6.78 -59.79
CA LEU A 556 64.94 5.57 -59.87
C LEU A 556 65.37 5.31 -61.31
N GLN A 557 64.48 5.64 -62.24
CA GLN A 557 64.70 5.39 -63.65
C GLN A 557 65.97 6.10 -64.13
N ASP A 558 66.31 7.23 -63.50
CA ASP A 558 67.51 7.97 -63.87
C ASP A 558 68.79 7.19 -63.54
N LEU A 559 68.69 6.18 -62.66
CA LEU A 559 69.85 5.45 -62.19
C LEU A 559 70.41 4.56 -63.30
N SER A 560 71.75 4.50 -63.37
CA SER A 560 72.42 3.67 -64.36
C SER A 560 72.20 2.20 -64.00
N PRO A 561 72.12 1.30 -65.00
CA PRO A 561 72.02 -0.13 -64.72
C PRO A 561 72.99 -0.59 -63.63
N ALA A 562 74.26 -0.20 -63.77
CA ALA A 562 75.33 -0.56 -62.85
C ALA A 562 75.00 -0.12 -61.42
N GLN A 563 74.27 1.00 -61.28
CA GLN A 563 73.86 1.50 -59.97
C GLN A 563 72.64 0.72 -59.48
N ARG A 564 71.61 0.65 -60.34
CA ARG A 564 70.36 -0.02 -59.99
C ARG A 564 70.63 -1.46 -59.55
N THR A 565 71.66 -2.09 -60.12
CA THR A 565 72.11 -3.38 -59.62
C THR A 565 72.40 -3.26 -58.11
N PHE A 566 73.40 -2.43 -57.78
CA PHE A 566 73.86 -2.25 -56.40
C PHE A 566 72.65 -1.97 -55.50
N ILE A 567 71.81 -1.02 -55.92
CA ILE A 567 70.71 -0.54 -55.10
C ILE A 567 69.68 -1.66 -54.90
N SER A 568 69.27 -2.30 -56.00
CA SER A 568 68.32 -3.40 -55.95
C SER A 568 68.85 -4.51 -55.04
N GLN A 569 70.04 -5.01 -55.38
CA GLN A 569 70.74 -5.99 -54.58
C GLN A 569 70.67 -5.60 -53.10
N TYR A 570 71.21 -4.42 -52.75
CA TYR A 570 71.21 -3.99 -51.36
C TYR A 570 69.80 -4.11 -50.79
N ALA A 571 68.89 -3.34 -51.38
CA ALA A 571 67.52 -3.18 -50.90
C ALA A 571 66.95 -4.51 -50.42
N LEU A 572 67.01 -5.53 -51.29
CA LEU A 572 66.41 -6.81 -50.97
C LEU A 572 67.00 -7.38 -49.68
N ILE A 573 68.32 -7.53 -49.64
CA ILE A 573 68.95 -8.21 -48.54
C ILE A 573 68.78 -7.39 -47.27
N ALA A 574 68.74 -6.06 -47.45
CA ALA A 574 68.49 -5.16 -46.34
C ALA A 574 67.08 -5.38 -45.78
N LEU A 575 66.08 -5.52 -46.66
CA LEU A 575 64.72 -5.82 -46.23
C LEU A 575 64.73 -7.10 -45.40
N ILE A 576 65.38 -8.13 -45.94
CA ILE A 576 65.45 -9.41 -45.26
C ILE A 576 66.09 -9.25 -43.88
N ASP A 577 67.24 -8.56 -43.83
CA ASP A 577 68.00 -8.44 -42.60
C ASP A 577 67.20 -7.63 -41.57
N GLU A 578 66.49 -6.59 -42.06
CA GLU A 578 65.58 -5.80 -41.23
C GLU A 578 64.55 -6.71 -40.56
N ARG A 579 63.77 -7.41 -41.40
CA ARG A 579 62.72 -8.26 -40.88
C ARG A 579 63.29 -9.34 -39.96
N GLU A 580 64.47 -9.87 -40.30
CA GLU A 580 65.09 -10.87 -39.44
C GLU A 580 66.59 -10.93 -39.69
N THR A 581 67.36 -10.44 -38.72
CA THR A 581 68.80 -10.62 -38.73
C THR A 581 69.08 -12.12 -38.65
N LEU A 582 69.35 -12.72 -39.81
CA LEU A 582 69.80 -14.10 -39.90
C LEU A 582 71.28 -14.11 -40.28
N ASN A 583 71.91 -15.28 -40.13
CA ASN A 583 73.27 -15.46 -40.56
C ASN A 583 73.33 -15.32 -42.07
N VAL A 584 73.74 -14.12 -42.53
CA VAL A 584 73.82 -13.80 -43.95
C VAL A 584 75.30 -13.59 -44.31
N VAL A 585 75.84 -14.50 -45.14
CA VAL A 585 77.19 -14.32 -45.68
C VAL A 585 77.04 -13.72 -47.07
N LEU A 586 78.05 -12.98 -47.53
CA LEU A 586 77.96 -12.32 -48.82
C LEU A 586 79.20 -12.61 -49.67
N CYS A 587 79.08 -12.34 -50.97
CA CYS A 587 80.16 -12.51 -51.93
C CYS A 587 79.79 -11.79 -53.24
N GLY A 588 80.60 -10.82 -53.67
CA GLY A 588 80.25 -9.94 -54.77
C GLY A 588 81.05 -10.19 -56.05
N ASP A 589 80.52 -9.68 -57.18
CA ASP A 589 81.12 -9.79 -58.50
C ASP A 589 80.90 -8.50 -59.27
N GLY A 590 82.01 -7.87 -59.64
CA GLY A 590 82.00 -6.54 -60.22
C GLY A 590 81.08 -5.62 -59.41
N ASP A 591 80.10 -5.04 -60.11
CA ASP A 591 79.12 -4.13 -59.53
C ASP A 591 78.49 -4.72 -58.25
N GLY A 592 78.50 -6.04 -58.10
CA GLY A 592 77.97 -6.65 -56.88
C GLY A 592 78.84 -6.31 -55.66
N GLY A 593 80.16 -6.47 -55.83
CA GLY A 593 81.11 -6.32 -54.73
C GLY A 593 80.79 -5.10 -53.86
N TYR A 594 80.42 -4.00 -54.53
CA TYR A 594 80.06 -2.76 -53.87
C TYR A 594 78.96 -3.02 -52.84
N ALA A 595 77.79 -3.49 -53.31
CA ALA A 595 76.68 -3.78 -52.41
C ALA A 595 77.15 -4.72 -51.30
N ALA A 596 77.87 -5.78 -51.71
CA ALA A 596 78.35 -6.80 -50.79
C ALA A 596 79.13 -6.17 -49.63
N ALA A 597 80.07 -5.27 -49.94
CA ALA A 597 80.87 -4.61 -48.91
C ALA A 597 79.99 -3.80 -47.96
N VAL A 598 78.90 -3.21 -48.49
CA VAL A 598 78.01 -2.38 -47.69
C VAL A 598 77.26 -3.29 -46.73
N LEU A 599 76.57 -4.29 -47.29
CA LEU A 599 75.75 -5.21 -46.52
C LEU A 599 76.60 -5.93 -45.47
N ARG A 600 77.81 -6.35 -45.87
CA ARG A 600 78.76 -6.95 -44.95
C ARG A 600 79.00 -5.99 -43.78
N GLY A 601 79.12 -4.69 -44.09
CA GLY A 601 79.34 -3.66 -43.10
C GLY A 601 80.80 -3.20 -43.09
N ASP A 602 81.47 -3.32 -44.24
CA ASP A 602 82.84 -2.83 -44.36
C ASP A 602 82.81 -1.31 -44.38
N CYS A 603 81.75 -0.77 -45.01
CA CYS A 603 81.56 0.66 -45.14
C CYS A 603 80.08 1.00 -44.98
N THR A 604 79.78 2.31 -45.05
CA THR A 604 78.41 2.79 -45.07
C THR A 604 77.93 2.87 -46.52
N LEU A 605 76.62 2.80 -46.69
CA LEU A 605 75.99 2.81 -48.01
C LEU A 605 76.63 3.87 -48.91
N GLU A 606 76.40 5.15 -48.56
CA GLU A 606 76.89 6.25 -49.37
C GLU A 606 78.40 6.09 -49.64
N GLN A 607 79.12 5.51 -48.66
CA GLN A 607 80.56 5.31 -48.82
C GLN A 607 80.81 4.50 -50.09
N ALA A 608 80.12 3.36 -50.23
CA ALA A 608 80.29 2.53 -51.40
C ALA A 608 79.65 3.21 -52.61
N TRP A 609 78.47 3.83 -52.43
CA TRP A 609 77.81 4.57 -53.49
C TRP A 609 78.80 5.50 -54.22
N HIS A 610 79.44 6.39 -53.44
CA HIS A 610 80.44 7.32 -53.98
C HIS A 610 81.57 6.52 -54.64
N ARG A 611 81.94 5.37 -54.04
CA ARG A 611 83.04 4.56 -54.53
C ARG A 611 82.65 3.86 -55.83
N LEU A 612 81.34 3.62 -56.02
CA LEU A 612 80.79 2.99 -57.21
C LEU A 612 80.72 4.03 -58.32
N ASN A 613 80.36 5.26 -57.95
CA ASN A 613 80.38 6.36 -58.90
C ASN A 613 81.82 6.73 -59.24
N ALA A 614 82.77 6.41 -58.35
CA ALA A 614 84.18 6.60 -58.64
C ALA A 614 84.77 5.41 -59.39
N GLY A 615 84.14 4.23 -59.27
CA GLY A 615 84.62 3.02 -59.92
C GLY A 615 85.80 2.40 -59.17
N GLN A 616 85.63 2.17 -57.87
CA GLN A 616 86.66 1.60 -57.01
C GLN A 616 86.16 0.30 -56.38
N PRO A 617 86.37 -0.87 -57.04
CA PRO A 617 85.77 -2.12 -56.56
C PRO A 617 86.38 -2.64 -55.26
N PHE A 618 85.82 -3.75 -54.75
CA PHE A 618 86.36 -4.46 -53.60
C PHE A 618 86.84 -5.84 -54.07
N ASP A 619 87.59 -6.53 -53.21
CA ASP A 619 88.16 -7.83 -53.58
C ASP A 619 87.35 -8.95 -52.92
N CYS A 632 72.61 -22.45 -47.36
CA CYS A 632 71.65 -22.15 -48.48
C CYS A 632 72.24 -21.04 -49.34
N SER A 633 72.76 -21.38 -50.54
CA SER A 633 73.41 -20.40 -51.40
C SER A 633 72.42 -19.85 -52.43
N LEU A 634 72.38 -18.52 -52.53
CA LEU A 634 71.50 -17.83 -53.45
C LEU A 634 72.34 -16.84 -54.23
N MET A 635 71.90 -16.52 -55.45
CA MET A 635 72.63 -15.56 -56.27
C MET A 635 71.66 -14.54 -56.84
N LEU A 636 72.22 -13.39 -57.23
CA LEU A 636 71.45 -12.28 -57.79
C LEU A 636 72.16 -11.78 -59.05
N ASP A 637 71.60 -12.12 -60.23
CA ASP A 637 72.33 -11.90 -61.47
C ASP A 637 71.46 -12.12 -62.71
N ASP A 638 71.33 -11.05 -63.51
CA ASP A 638 70.74 -11.11 -64.84
C ASP A 638 71.32 -12.28 -65.63
N ALA A 639 72.66 -12.37 -65.61
CA ALA A 639 73.38 -13.37 -66.37
C ALA A 639 72.64 -14.72 -66.31
N ALA A 640 72.23 -15.14 -65.11
CA ALA A 640 71.62 -16.46 -64.95
C ALA A 640 70.25 -16.51 -65.61
N SER A 641 69.45 -15.45 -65.38
CA SER A 641 68.09 -15.35 -65.88
C SER A 641 67.53 -13.99 -65.50
N ASP A 642 66.46 -13.56 -66.17
CA ASP A 642 65.78 -12.31 -65.88
C ASP A 642 65.93 -11.99 -64.39
N ALA A 643 66.51 -10.82 -64.07
CA ALA A 643 66.76 -10.42 -62.69
C ALA A 643 65.55 -10.74 -61.82
N ASN A 644 64.38 -10.17 -62.21
CA ASN A 644 63.13 -10.37 -61.49
C ASN A 644 62.90 -11.85 -61.19
N ARG A 645 63.05 -12.70 -62.20
CA ARG A 645 62.92 -14.13 -62.03
C ARG A 645 63.93 -14.62 -60.98
N THR A 646 65.20 -14.24 -61.17
CA THR A 646 66.26 -14.65 -60.27
C THR A 646 65.82 -14.33 -58.83
N ALA A 647 65.17 -13.18 -58.67
CA ALA A 647 64.68 -12.74 -57.36
C ALA A 647 63.58 -13.66 -56.84
N LEU A 648 62.64 -14.04 -57.71
CA LEU A 648 61.57 -14.93 -57.30
C LEU A 648 62.18 -16.22 -56.76
N GLU A 649 63.04 -16.84 -57.57
CA GLU A 649 63.65 -18.10 -57.15
C GLU A 649 64.42 -17.87 -55.86
N ALA A 650 65.21 -16.80 -55.83
CA ALA A 650 65.94 -16.44 -54.63
C ALA A 650 65.02 -16.48 -53.41
N LEU A 651 63.92 -15.72 -53.47
CA LEU A 651 62.99 -15.65 -52.35
C LEU A 651 62.43 -17.02 -52.02
N GLY A 652 61.91 -17.70 -53.05
CA GLY A 652 61.42 -19.06 -52.88
C GLY A 652 62.38 -19.93 -52.07
N GLN A 653 63.62 -20.07 -52.55
CA GLN A 653 64.56 -20.95 -51.87
C GLN A 653 64.81 -20.44 -50.44
N LEU A 654 64.63 -19.14 -50.20
CA LEU A 654 64.67 -18.60 -48.85
C LEU A 654 63.55 -19.19 -48.02
N TRP A 655 62.33 -18.97 -48.50
CA TRP A 655 61.14 -19.44 -47.82
C TRP A 655 61.27 -20.92 -47.53
N LEU A 656 61.71 -21.69 -48.53
CA LEU A 656 61.89 -23.11 -48.33
C LEU A 656 62.87 -23.35 -47.18
N ALA A 657 63.98 -22.61 -47.18
CA ALA A 657 65.01 -22.78 -46.17
C ALA A 657 64.44 -22.40 -44.82
N GLY A 658 63.23 -21.82 -44.84
CA GLY A 658 62.46 -21.55 -43.65
C GLY A 658 62.63 -20.12 -43.17
N VAL A 659 62.96 -19.20 -44.08
CA VAL A 659 63.04 -17.81 -43.67
C VAL A 659 61.63 -17.24 -43.68
N SER A 660 61.42 -16.25 -42.81
CA SER A 660 60.18 -15.52 -42.79
C SER A 660 60.29 -14.37 -43.79
N LEU A 661 59.36 -14.34 -44.74
CA LEU A 661 59.35 -13.30 -45.76
C LEU A 661 58.13 -12.42 -45.55
N ASP A 662 58.23 -11.16 -46.00
CA ASP A 662 57.06 -10.37 -46.25
C ASP A 662 56.66 -10.65 -47.70
N TRP A 663 55.53 -11.31 -47.90
CA TRP A 663 55.13 -11.75 -49.23
C TRP A 663 55.09 -10.57 -50.22
N ARG A 664 54.89 -9.34 -49.73
CA ARG A 664 54.92 -8.16 -50.59
C ARG A 664 56.19 -8.20 -51.45
N TRP A 665 57.30 -8.62 -50.85
CA TRP A 665 58.57 -8.78 -51.55
C TRP A 665 58.35 -9.57 -52.83
N VAL A 666 57.74 -10.75 -52.69
CA VAL A 666 57.50 -11.62 -53.81
C VAL A 666 56.50 -10.96 -54.76
N ASP A 667 55.41 -10.42 -54.20
CA ASP A 667 54.37 -9.79 -55.01
C ASP A 667 54.99 -8.76 -55.95
N ALA A 668 55.93 -7.98 -55.40
CA ALA A 668 56.59 -6.90 -56.11
C ALA A 668 57.52 -7.44 -57.18
N ALA A 669 58.12 -8.61 -56.94
CA ALA A 669 59.00 -9.22 -57.93
C ALA A 669 58.18 -9.85 -59.05
N GLU A 670 57.00 -10.37 -58.70
CA GLU A 670 56.08 -10.94 -59.66
C GLU A 670 55.42 -9.87 -60.52
N ARG A 671 55.06 -8.76 -59.89
CA ARG A 671 54.41 -7.65 -60.58
C ARG A 671 53.11 -8.10 -61.21
N MET A 672 52.42 -9.06 -60.59
CA MET A 672 51.15 -9.52 -61.14
C MET A 672 50.06 -8.53 -60.74
N LEU A 673 49.48 -7.86 -61.72
CA LEU A 673 48.52 -6.80 -61.46
C LEU A 673 47.13 -7.38 -61.33
N GLY A 674 46.34 -6.81 -60.42
CA GLY A 674 44.93 -7.12 -60.31
C GLY A 674 44.70 -8.52 -59.74
N SER A 675 45.74 -9.10 -59.14
CA SER A 675 45.63 -10.41 -58.53
C SER A 675 44.51 -10.38 -57.49
N GLN A 676 43.96 -11.56 -57.18
CA GLN A 676 42.68 -11.66 -56.49
C GLN A 676 42.72 -12.78 -55.45
N ARG A 677 42.04 -12.55 -54.32
CA ARG A 677 41.91 -13.61 -53.32
C ARG A 677 40.83 -14.57 -53.78
N ILE A 678 41.15 -15.88 -53.84
CA ILE A 678 40.20 -16.86 -54.34
C ILE A 678 40.06 -18.04 -53.41
N ALA A 679 38.94 -18.72 -53.56
CA ALA A 679 38.58 -19.78 -52.65
C ALA A 679 39.21 -21.07 -53.16
N LEU A 680 40.32 -21.47 -52.53
CA LEU A 680 40.98 -22.72 -52.91
C LEU A 680 40.89 -23.68 -51.74
N PRO A 681 41.29 -24.96 -51.92
CA PRO A 681 41.58 -25.84 -50.80
C PRO A 681 42.55 -25.14 -49.87
N GLY A 682 42.56 -25.61 -48.62
CA GLY A 682 43.42 -25.03 -47.61
C GLY A 682 43.80 -26.07 -46.56
N THR A 683 44.02 -25.57 -45.34
CA THR A 683 44.49 -26.39 -44.25
C THR A 683 43.66 -27.67 -44.20
N VAL A 684 44.37 -28.77 -43.98
CA VAL A 684 43.76 -30.08 -43.95
C VAL A 684 43.77 -30.58 -42.51
N PHE A 685 42.61 -30.48 -41.86
CA PHE A 685 42.50 -31.00 -40.49
C PHE A 685 42.18 -32.49 -40.52
N THR A 686 42.80 -33.24 -39.60
CA THR A 686 42.38 -34.60 -39.31
C THR A 686 41.93 -34.59 -37.85
N PRO A 687 40.62 -34.43 -37.60
CA PRO A 687 40.08 -34.24 -36.26
C PRO A 687 39.63 -35.53 -35.59
N GLN A 688 39.73 -35.57 -34.26
CA GLN A 688 39.28 -36.71 -33.49
C GLN A 688 38.02 -36.32 -32.76
N ARG A 689 37.36 -37.33 -32.20
CA ARG A 689 36.19 -37.12 -31.36
C ARG A 689 36.67 -36.68 -30.00
N TYR A 690 36.13 -35.57 -29.50
CA TYR A 690 36.37 -35.17 -28.13
C TYR A 690 35.02 -34.98 -27.48
N TRP A 691 34.64 -35.91 -26.59
CA TRP A 691 33.28 -35.95 -26.09
C TRP A 691 33.22 -36.53 -24.69
N VAL A 692 32.47 -35.86 -23.81
CA VAL A 692 32.19 -36.38 -22.48
C VAL A 692 30.76 -36.92 -22.48
N GLU A 693 30.60 -38.15 -22.01
CA GLU A 693 29.28 -38.75 -21.93
C GLU A 693 28.70 -38.53 -20.54
N ALA A 694 27.37 -38.46 -20.52
CA ALA A 694 26.64 -38.37 -19.29
C ALA A 694 26.60 -39.74 -18.60
N VAL A 695 27.10 -39.79 -17.36
CA VAL A 695 27.05 -41.00 -16.55
C VAL A 695 25.66 -41.09 -15.92
N ARG A 696 24.85 -42.04 -16.38
CA ARG A 696 23.50 -42.24 -15.86
C ARG A 696 23.57 -42.52 -14.34
N MET B 1 36.04 27.40 -21.30
CA MET B 1 36.24 26.16 -22.10
C MET B 1 35.05 25.22 -21.91
N THR B 2 34.69 24.49 -22.98
CA THR B 2 33.60 23.53 -22.95
C THR B 2 34.13 22.15 -23.32
N TYR B 3 33.28 21.13 -23.18
CA TYR B 3 33.66 19.74 -23.34
C TYR B 3 33.93 19.42 -24.82
N SER B 4 34.83 18.46 -25.04
CA SER B 4 35.16 17.99 -26.37
C SER B 4 34.04 17.10 -26.93
N GLU B 5 33.88 17.13 -28.25
CA GLU B 5 32.79 16.45 -28.94
C GLU B 5 32.81 14.96 -28.67
N SER B 6 33.99 14.41 -28.41
CA SER B 6 34.16 12.98 -28.18
C SER B 6 34.10 12.65 -26.68
N ASP B 7 33.78 13.64 -25.84
CA ASP B 7 33.85 13.45 -24.41
C ASP B 7 32.56 12.84 -23.89
N ILE B 8 32.70 11.71 -23.20
CA ILE B 8 31.54 11.06 -22.60
C ILE B 8 31.52 11.36 -21.11
N ALA B 9 30.40 11.91 -20.66
CA ALA B 9 30.18 12.22 -19.26
C ALA B 9 29.53 11.04 -18.55
N ILE B 10 30.07 10.75 -17.37
CA ILE B 10 29.44 9.88 -16.40
C ILE B 10 28.52 10.71 -15.53
N VAL B 11 27.23 10.39 -15.57
CA VAL B 11 26.24 11.17 -14.86
C VAL B 11 25.53 10.29 -13.87
N GLY B 12 25.95 9.02 -13.77
CA GLY B 12 25.33 8.13 -12.80
C GLY B 12 26.17 6.88 -12.55
N MET B 13 26.09 6.35 -11.33
CA MET B 13 26.81 5.14 -10.97
C MET B 13 25.95 4.32 -10.01
N ASN B 14 26.26 3.04 -9.91
CA ASN B 14 25.64 2.24 -8.89
C ASN B 14 26.40 0.94 -8.78
N CYS B 15 26.44 0.38 -7.57
CA CYS B 15 27.20 -0.82 -7.35
C CYS B 15 26.65 -1.58 -6.15
N ARG B 16 26.94 -2.86 -6.11
CA ARG B 16 26.60 -3.68 -4.95
C ARG B 16 27.72 -4.67 -4.68
N TYR B 17 28.05 -4.85 -3.39
CA TYR B 17 29.00 -5.89 -2.99
C TYR B 17 28.50 -6.48 -1.69
N PRO B 18 29.04 -7.62 -1.23
CA PRO B 18 28.62 -8.17 0.05
C PRO B 18 28.72 -7.10 1.14
N GLY B 19 27.57 -6.71 1.71
CA GLY B 19 27.51 -5.77 2.81
C GLY B 19 27.71 -4.33 2.36
N VAL B 20 27.71 -4.10 1.04
CA VAL B 20 27.89 -2.78 0.45
C VAL B 20 26.74 -2.54 -0.50
N HIS B 21 25.80 -1.68 -0.06
CA HIS B 21 24.50 -1.58 -0.69
C HIS B 21 24.30 -0.21 -1.34
N SER B 22 25.37 0.58 -1.43
CA SER B 22 25.29 1.84 -2.13
C SER B 22 26.69 2.33 -2.50
N VAL B 23 26.72 3.11 -3.57
CA VAL B 23 27.94 3.78 -3.99
C VAL B 23 28.56 4.46 -2.78
N ALA B 24 27.73 5.23 -2.09
CA ALA B 24 28.13 5.96 -0.89
C ALA B 24 28.88 5.02 0.06
N ALA B 25 28.33 3.81 0.27
CA ALA B 25 28.91 2.84 1.18
C ALA B 25 30.23 2.33 0.62
N PHE B 26 30.24 2.01 -0.67
CA PHE B 26 31.46 1.60 -1.34
C PHE B 26 32.58 2.62 -1.09
N GLU B 27 32.25 3.89 -1.35
CA GLU B 27 33.16 4.99 -1.11
C GLU B 27 33.75 4.84 0.28
N THR B 28 32.90 4.51 1.26
CA THR B 28 33.34 4.39 2.64
C THR B 28 34.39 3.29 2.79
N VAL B 29 34.15 2.17 2.09
CA VAL B 29 35.08 1.04 2.08
C VAL B 29 36.43 1.50 1.55
N LEU B 30 36.37 2.26 0.47
CA LEU B 30 37.58 2.75 -0.18
C LEU B 30 38.33 3.73 0.75
N ARG B 31 37.58 4.66 1.35
CA ARG B 31 38.13 5.69 2.23
C ARG B 31 38.77 5.06 3.45
N THR B 32 37.98 4.25 4.18
CA THR B 32 38.44 3.61 5.40
C THR B 32 39.41 2.48 5.07
N GLY B 33 39.52 2.13 3.78
CA GLY B 33 40.46 1.10 3.36
C GLY B 33 40.10 -0.23 3.99
N CYS B 34 38.91 -0.71 3.66
CA CYS B 34 38.36 -1.92 4.24
C CYS B 34 38.36 -3.08 3.24
N ASN B 35 38.51 -4.31 3.76
CA ASN B 35 38.52 -5.52 2.93
C ASN B 35 37.34 -6.40 3.30
N ILE B 36 36.28 -6.29 2.49
CA ILE B 36 34.97 -6.81 2.86
C ILE B 36 34.98 -8.34 2.91
N LEU B 37 35.98 -8.98 2.32
CA LEU B 37 35.97 -10.42 2.15
C LEU B 37 36.24 -11.12 3.48
N ASP B 38 36.97 -10.45 4.38
CA ASP B 38 37.24 -11.02 5.68
C ASP B 38 37.50 -12.55 5.56
N PRO B 39 38.62 -12.98 4.94
CA PRO B 39 38.84 -14.40 4.66
C PRO B 39 39.18 -15.22 5.88
N LYS B 40 39.05 -16.55 5.74
CA LYS B 40 39.38 -17.50 6.79
C LYS B 40 40.02 -18.74 6.16
N VAL B 41 41.29 -18.93 6.52
CA VAL B 41 42.17 -19.90 5.89
C VAL B 41 42.34 -21.09 6.83
N THR B 42 42.11 -22.29 6.32
CA THR B 42 42.36 -23.51 7.06
C THR B 42 43.29 -24.40 6.26
N PRO B 43 44.54 -24.67 6.70
CA PRO B 43 45.36 -25.68 6.06
C PRO B 43 44.59 -26.98 5.87
N SER B 44 44.70 -27.57 4.67
CA SER B 44 43.87 -28.68 4.24
C SER B 44 44.59 -29.56 3.22
N ASN B 45 45.11 -30.70 3.70
CA ASN B 45 45.73 -31.71 2.85
C ASN B 45 46.82 -31.06 2.01
N GLY B 46 47.73 -30.34 2.69
CA GLY B 46 48.85 -29.69 2.03
C GLY B 46 48.45 -28.44 1.25
N HIS B 47 47.14 -28.14 1.20
CA HIS B 47 46.62 -26.98 0.49
C HIS B 47 45.97 -26.05 1.51
N ASN B 48 45.24 -25.05 1.03
CA ASN B 48 44.57 -24.12 1.95
C ASN B 48 43.09 -24.03 1.59
N HIS B 49 42.21 -24.35 2.55
CA HIS B 49 40.78 -24.19 2.40
C HIS B 49 40.35 -22.81 2.87
N ILE B 50 39.82 -22.00 1.95
CA ILE B 50 39.57 -20.60 2.25
C ILE B 50 38.08 -20.32 2.17
N THR B 51 37.56 -19.67 3.23
CA THR B 51 36.16 -19.23 3.27
C THR B 51 36.13 -17.71 3.31
N LEU B 52 35.16 -17.14 2.61
CA LEU B 52 35.12 -15.69 2.40
C LEU B 52 33.76 -15.12 2.77
N ASN B 53 33.69 -13.79 2.71
CA ASN B 53 32.43 -13.07 2.72
C ASN B 53 32.20 -12.57 1.31
N ASN B 54 32.07 -13.49 0.37
CA ASN B 54 32.14 -13.18 -1.06
C ASN B 54 30.81 -13.46 -1.77
N VAL B 55 29.74 -13.63 -0.98
CA VAL B 55 28.41 -13.87 -1.53
C VAL B 55 27.53 -12.70 -1.14
N TYR B 56 26.81 -12.15 -2.12
CA TYR B 56 25.91 -11.03 -1.86
C TYR B 56 24.63 -11.55 -1.20
N GLU B 57 24.61 -11.45 0.14
CA GLU B 57 23.56 -12.00 0.99
C GLU B 57 22.15 -11.71 0.47
N HIS B 58 21.90 -10.49 -0.02
CA HIS B 58 20.55 -10.04 -0.29
C HIS B 58 20.06 -10.48 -1.67
N MET B 59 20.85 -11.26 -2.41
CA MET B 59 20.51 -11.55 -3.81
C MET B 59 19.09 -12.09 -3.91
N ALA B 60 18.63 -12.77 -2.86
CA ALA B 60 17.36 -13.47 -2.91
C ALA B 60 16.18 -12.48 -2.96
N GLU B 61 16.41 -11.24 -2.49
CA GLU B 61 15.36 -10.28 -2.28
C GLU B 61 15.03 -9.54 -3.58
N PHE B 62 13.74 -9.20 -3.75
CA PHE B 62 13.30 -8.56 -4.99
C PHE B 62 11.88 -8.02 -4.84
N ASP B 63 11.55 -6.93 -5.54
CA ASP B 63 10.18 -6.46 -5.57
C ASP B 63 9.55 -6.97 -6.85
N ALA B 64 9.41 -8.29 -6.89
CA ALA B 64 8.80 -8.95 -8.03
C ALA B 64 7.49 -8.24 -8.37
N ASN B 65 6.71 -8.03 -7.31
CA ASN B 65 5.45 -7.32 -7.38
C ASN B 65 5.66 -6.01 -8.16
N PHE B 66 6.61 -5.19 -7.71
CA PHE B 66 6.79 -3.87 -8.28
C PHE B 66 7.13 -3.95 -9.76
N PHE B 67 7.95 -4.94 -10.12
CA PHE B 67 8.44 -5.06 -11.49
C PHE B 67 7.55 -5.94 -12.34
N GLY B 68 6.46 -6.42 -11.76
CA GLY B 68 5.44 -7.11 -12.55
C GLY B 68 5.80 -8.57 -12.85
N TYR B 69 6.49 -9.19 -11.89
CA TYR B 69 6.85 -10.60 -12.00
C TYR B 69 5.92 -11.42 -11.13
N SER B 70 5.50 -12.58 -11.62
CA SER B 70 4.81 -13.53 -10.74
C SER B 70 5.85 -14.14 -9.81
N ARG B 71 5.41 -14.54 -8.63
CA ARG B 71 6.32 -15.10 -7.64
C ARG B 71 7.15 -16.22 -8.28
N ALA B 72 6.49 -17.04 -9.09
CA ALA B 72 7.18 -18.10 -9.82
C ALA B 72 8.25 -17.49 -10.71
N GLU B 73 7.85 -16.56 -11.58
CA GLU B 73 8.77 -15.94 -12.52
C GLU B 73 10.00 -15.45 -11.76
N ALA B 74 9.73 -14.80 -10.63
CA ALA B 74 10.77 -14.23 -9.79
C ALA B 74 11.67 -15.32 -9.24
N GLU B 75 11.08 -16.44 -8.82
CA GLU B 75 11.85 -17.49 -8.17
C GLU B 75 12.81 -18.14 -9.15
N ILE B 76 12.44 -18.25 -10.44
CA ILE B 76 13.34 -18.86 -11.41
C ILE B 76 14.24 -17.79 -12.03
N MET B 77 13.84 -16.53 -11.93
CA MET B 77 14.68 -15.50 -12.48
C MET B 77 15.99 -15.41 -11.71
N ASP B 78 17.09 -15.26 -12.45
CA ASP B 78 18.44 -15.21 -11.90
C ASP B 78 18.61 -13.98 -11.03
N PRO B 79 19.02 -14.16 -9.77
CA PRO B 79 19.28 -13.03 -8.88
C PRO B 79 20.04 -11.90 -9.56
N GLN B 80 21.08 -12.29 -10.30
CA GLN B 80 21.90 -11.32 -11.01
C GLN B 80 20.99 -10.37 -11.77
N GLN B 81 20.11 -10.94 -12.59
CA GLN B 81 19.20 -10.14 -13.41
C GLN B 81 18.32 -9.27 -12.53
N ARG B 82 17.82 -9.82 -11.40
CA ARG B 82 16.89 -9.07 -10.56
C ARG B 82 17.59 -7.86 -9.97
N VAL B 83 18.65 -8.13 -9.22
CA VAL B 83 19.36 -7.08 -8.52
C VAL B 83 19.87 -6.06 -9.52
N PHE B 84 20.31 -6.55 -10.68
CA PHE B 84 20.73 -5.62 -11.71
C PHE B 84 19.58 -4.66 -12.03
N LEU B 85 18.39 -5.21 -12.24
CA LEU B 85 17.24 -4.42 -12.61
C LEU B 85 16.95 -3.39 -11.52
N THR B 86 16.75 -3.88 -10.30
CA THR B 86 16.52 -3.02 -9.16
C THR B 86 17.54 -1.87 -9.17
N CYS B 87 18.82 -2.24 -9.32
CA CYS B 87 19.88 -1.25 -9.24
C CYS B 87 19.78 -0.24 -10.38
N ALA B 88 19.38 -0.71 -11.56
CA ALA B 88 19.24 0.18 -12.69
C ALA B 88 18.19 1.24 -12.35
N TRP B 89 16.99 0.76 -11.99
CA TRP B 89 15.90 1.65 -11.63
C TRP B 89 16.40 2.67 -10.62
N GLU B 90 17.05 2.17 -9.55
CA GLU B 90 17.61 3.05 -8.54
C GLU B 90 18.50 4.10 -9.19
N MET B 91 19.49 3.66 -9.97
CA MET B 91 20.52 4.57 -10.48
C MET B 91 19.86 5.63 -11.34
N PHE B 92 18.96 5.20 -12.22
CA PHE B 92 18.20 6.13 -13.03
C PHE B 92 17.56 7.20 -12.15
N GLU B 93 16.88 6.80 -11.09
CA GLU B 93 16.24 7.76 -10.22
C GLU B 93 17.26 8.71 -9.59
N GLN B 94 18.36 8.11 -9.08
CA GLN B 94 19.39 8.87 -8.41
C GLN B 94 20.08 9.84 -9.37
N SER B 95 20.02 9.56 -10.67
CA SER B 95 20.63 10.44 -11.65
C SER B 95 19.59 11.42 -12.19
N GLY B 96 18.37 11.35 -11.65
CA GLY B 96 17.34 12.30 -12.02
C GLY B 96 16.68 11.96 -13.35
N TYR B 97 16.54 10.65 -13.64
CA TYR B 97 15.90 10.21 -14.87
C TYR B 97 14.80 9.21 -14.57
N ASN B 98 13.62 9.49 -15.11
CA ASN B 98 12.46 8.64 -14.91
C ASN B 98 12.73 7.26 -15.54
N PRO B 99 12.97 6.24 -14.70
CA PRO B 99 13.34 4.90 -15.17
C PRO B 99 12.53 4.35 -16.32
N LYS B 100 11.20 4.56 -16.32
CA LYS B 100 10.36 3.88 -17.29
C LYS B 100 10.00 4.83 -18.44
N GLN B 101 10.44 6.08 -18.40
CA GLN B 101 10.05 6.99 -19.49
C GLN B 101 11.25 7.85 -19.90
N HIS B 102 11.54 7.85 -21.21
CA HIS B 102 12.82 8.37 -21.69
C HIS B 102 12.61 9.32 -22.85
N ASP B 103 13.02 10.59 -22.67
CA ASP B 103 12.90 11.59 -23.71
C ASP B 103 13.80 11.20 -24.87
N ALA B 104 15.05 10.86 -24.53
CA ALA B 104 16.05 10.51 -25.51
C ALA B 104 16.20 8.99 -25.55
N ARG B 105 16.79 8.48 -26.63
CA ARG B 105 17.12 7.07 -26.76
C ARG B 105 18.14 6.67 -25.71
N VAL B 106 17.86 5.50 -25.14
CA VAL B 106 18.69 4.95 -24.09
C VAL B 106 19.24 3.61 -24.57
N GLY B 107 20.53 3.43 -24.32
CA GLY B 107 21.22 2.21 -24.65
C GLY B 107 21.49 1.37 -23.41
N LEU B 108 21.52 0.05 -23.60
CA LEU B 108 21.86 -0.88 -22.55
C LEU B 108 23.03 -1.74 -23.01
N TYR B 109 24.13 -1.58 -22.31
CA TYR B 109 25.33 -2.34 -22.59
C TYR B 109 25.79 -2.99 -21.29
N ALA B 110 25.59 -4.30 -21.18
CA ALA B 110 25.91 -4.92 -19.91
C ALA B 110 26.11 -6.41 -20.02
N GLY B 111 26.80 -6.95 -19.02
CA GLY B 111 27.17 -8.35 -19.02
C GLY B 111 27.00 -9.01 -17.65
N VAL B 112 27.00 -10.34 -17.67
CA VAL B 112 26.63 -11.10 -16.50
C VAL B 112 27.36 -12.44 -16.51
N SER B 113 27.71 -12.92 -15.30
CA SER B 113 28.27 -14.26 -15.15
C SER B 113 27.21 -15.29 -15.50
N THR B 114 27.69 -16.51 -15.73
CA THR B 114 26.80 -17.65 -15.89
C THR B 114 25.93 -17.72 -14.65
N SER B 115 24.69 -18.22 -14.80
CA SER B 115 23.77 -18.29 -13.67
C SER B 115 24.02 -19.53 -12.83
N PHE B 116 24.89 -19.38 -11.83
CA PHE B 116 25.14 -20.47 -10.91
C PHE B 116 23.88 -20.74 -10.09
N TYR B 117 22.98 -19.75 -10.04
CA TYR B 117 21.66 -20.01 -9.49
C TYR B 117 21.03 -21.16 -10.26
N LEU B 118 21.05 -21.03 -11.59
CA LEU B 118 20.49 -22.06 -12.43
C LEU B 118 21.22 -23.37 -12.17
N LEU B 119 22.55 -23.30 -12.29
CA LEU B 119 23.36 -24.50 -12.28
C LEU B 119 23.23 -25.27 -10.97
N THR B 120 23.30 -24.55 -9.84
CA THR B 120 23.37 -25.17 -8.53
C THR B 120 21.98 -25.29 -7.90
N HIS B 121 21.23 -24.19 -7.90
CA HIS B 121 19.94 -24.17 -7.23
C HIS B 121 18.89 -24.74 -8.16
N LEU B 122 18.51 -24.00 -9.21
CA LEU B 122 17.33 -24.37 -10.00
C LEU B 122 17.43 -25.82 -10.43
N MET B 123 18.58 -26.17 -11.02
CA MET B 123 18.73 -27.47 -11.64
C MET B 123 18.69 -28.61 -10.61
N ASN B 124 18.65 -28.27 -9.32
CA ASN B 124 18.49 -29.28 -8.29
C ASN B 124 17.12 -29.14 -7.63
N ASN B 125 16.13 -28.68 -8.40
CA ASN B 125 14.77 -28.74 -7.94
C ASN B 125 13.91 -29.25 -9.08
N PRO B 126 14.05 -30.56 -9.39
CA PRO B 126 13.44 -31.18 -10.57
C PRO B 126 12.02 -30.71 -10.79
N ASP B 127 11.32 -30.47 -9.68
CA ASP B 127 9.97 -29.90 -9.68
C ASP B 127 9.97 -28.57 -10.44
N LYS B 128 10.44 -27.50 -9.77
CA LYS B 128 10.32 -26.16 -10.30
C LYS B 128 11.11 -26.05 -11.59
N LEU B 129 11.98 -27.06 -11.79
CA LEU B 129 12.82 -27.17 -12.97
C LEU B 129 11.98 -27.37 -14.23
N ALA B 130 10.77 -27.94 -14.11
CA ALA B 130 9.94 -28.13 -15.30
C ALA B 130 8.55 -27.55 -15.07
N GLN B 131 8.07 -27.59 -13.81
CA GLN B 131 6.73 -27.13 -13.46
C GLN B 131 6.49 -25.69 -13.93
N LEU B 132 7.56 -24.93 -14.22
CA LEU B 132 7.41 -23.53 -14.59
C LEU B 132 7.91 -23.29 -16.03
N GLY B 133 8.26 -24.37 -16.75
CA GLY B 133 8.50 -24.33 -18.19
C GLY B 133 9.94 -23.96 -18.57
N GLY B 134 10.67 -24.93 -19.17
CA GLY B 134 12.07 -24.76 -19.53
C GLY B 134 12.40 -23.42 -20.18
N LEU B 135 11.61 -23.03 -21.19
CA LEU B 135 11.76 -21.76 -21.88
C LEU B 135 11.88 -20.61 -20.89
N GLN B 136 10.99 -20.55 -19.88
CA GLN B 136 11.03 -19.46 -18.91
C GLN B 136 12.28 -19.61 -18.04
N ILE B 137 12.72 -20.86 -17.78
CA ILE B 137 13.97 -21.03 -17.04
C ILE B 137 15.08 -20.39 -17.85
N MET B 138 15.05 -20.58 -19.16
CA MET B 138 16.09 -19.96 -19.98
C MET B 138 15.93 -18.45 -19.91
N VAL B 139 14.72 -17.95 -20.12
CA VAL B 139 14.51 -16.51 -20.06
C VAL B 139 15.02 -15.94 -18.72
N GLY B 140 14.94 -16.77 -17.69
CA GLY B 140 15.33 -16.36 -16.35
C GLY B 140 16.84 -16.33 -16.16
N ASN B 141 17.61 -17.03 -17.01
CA ASN B 141 19.00 -17.27 -16.66
C ASN B 141 19.99 -17.02 -17.81
N ASP B 142 19.56 -17.19 -19.05
CA ASP B 142 20.44 -16.98 -20.19
C ASP B 142 20.88 -15.51 -20.22
N LYS B 143 22.21 -15.30 -20.19
CA LYS B 143 22.83 -13.99 -20.18
C LYS B 143 22.13 -13.01 -21.12
N ASP B 144 21.85 -13.47 -22.33
CA ASP B 144 21.16 -12.67 -23.32
C ASP B 144 20.09 -11.78 -22.70
N HIS B 145 19.30 -12.31 -21.77
CA HIS B 145 18.14 -11.59 -21.29
C HIS B 145 18.50 -10.42 -20.39
N LEU B 146 19.68 -10.45 -19.77
CA LEU B 146 20.04 -9.42 -18.83
C LEU B 146 19.59 -8.06 -19.33
N THR B 147 20.03 -7.69 -20.53
CA THR B 147 19.68 -6.40 -21.07
C THR B 147 18.20 -6.37 -21.45
N SER B 148 17.74 -7.40 -22.17
CA SER B 148 16.40 -7.41 -22.73
C SER B 148 15.34 -7.16 -21.66
N GLN B 149 15.51 -7.80 -20.50
CA GLN B 149 14.65 -7.60 -19.35
C GLN B 149 14.66 -6.13 -18.99
N LEU B 150 15.85 -5.58 -18.73
CA LEU B 150 15.94 -4.18 -18.33
C LEU B 150 15.24 -3.31 -19.36
N ALA B 151 15.43 -3.63 -20.64
CA ALA B 151 14.86 -2.87 -21.73
C ALA B 151 13.35 -2.91 -21.65
N TYR B 152 12.81 -4.07 -21.25
CA TYR B 152 11.37 -4.18 -21.07
C TYR B 152 10.96 -3.31 -19.90
N ARG B 153 11.50 -3.62 -18.73
CA ARG B 153 11.00 -3.06 -17.48
C ARG B 153 11.22 -1.56 -17.40
N LEU B 154 12.29 -1.04 -18.02
CA LEU B 154 12.57 0.39 -18.03
C LEU B 154 12.15 0.99 -19.37
N ASN B 155 11.39 0.23 -20.16
CA ASN B 155 10.85 0.74 -21.39
C ASN B 155 11.93 1.50 -22.16
N ILE B 156 13.03 0.79 -22.44
CA ILE B 156 14.16 1.31 -23.16
C ILE B 156 14.15 0.72 -24.56
N THR B 157 14.27 1.58 -25.58
CA THR B 157 14.20 1.13 -26.95
C THR B 157 15.51 1.38 -27.70
N GLY B 158 16.55 1.83 -27.00
CA GLY B 158 17.81 2.06 -27.67
C GLY B 158 18.51 0.75 -28.04
N PRO B 159 19.78 0.82 -28.47
CA PRO B 159 20.62 -0.36 -28.58
C PRO B 159 20.56 -1.15 -27.28
N CYS B 160 20.37 -2.45 -27.40
CA CYS B 160 20.24 -3.28 -26.22
C CYS B 160 21.08 -4.53 -26.44
N VAL B 161 22.22 -4.59 -25.73
CA VAL B 161 23.23 -5.61 -25.99
C VAL B 161 23.82 -6.15 -24.70
N THR B 162 23.65 -7.46 -24.52
CA THR B 162 24.38 -8.16 -23.49
C THR B 162 25.78 -8.41 -24.03
N VAL B 163 26.77 -7.76 -23.43
CA VAL B 163 28.15 -7.87 -23.86
C VAL B 163 28.89 -8.78 -22.87
N GLN B 164 29.78 -9.62 -23.39
CA GLN B 164 30.50 -10.59 -22.57
C GLN B 164 31.97 -10.64 -22.98
N ALA B 165 32.87 -10.49 -22.00
CA ALA B 165 34.30 -10.39 -22.25
C ALA B 165 35.05 -10.60 -20.93
N SER B 166 34.90 -11.82 -20.41
CA SER B 166 35.50 -12.24 -19.16
C SER B 166 35.57 -11.07 -18.21
N CYS B 167 36.77 -10.77 -17.67
CA CYS B 167 36.92 -9.79 -16.62
C CYS B 167 36.69 -8.37 -17.13
N ALA B 168 36.98 -8.16 -18.43
CA ALA B 168 36.86 -6.86 -19.07
C ALA B 168 35.41 -6.47 -19.34
N THR B 169 34.49 -7.45 -19.25
CA THR B 169 33.10 -7.27 -19.66
C THR B 169 32.61 -5.86 -19.32
N SER B 170 32.54 -5.51 -18.03
CA SER B 170 31.99 -4.22 -17.62
C SER B 170 32.59 -3.04 -18.41
N LEU B 171 33.92 -2.99 -18.59
CA LEU B 171 34.56 -1.88 -19.28
C LEU B 171 34.35 -1.98 -20.79
N VAL B 172 34.30 -3.21 -21.31
CA VAL B 172 33.99 -3.38 -22.71
C VAL B 172 32.61 -2.77 -22.96
N ALA B 173 31.67 -3.09 -22.06
CA ALA B 173 30.34 -2.50 -22.06
C ALA B 173 30.44 -0.97 -22.07
N VAL B 174 31.17 -0.43 -21.09
CA VAL B 174 31.34 1.02 -21.02
C VAL B 174 31.78 1.54 -22.38
N HIS B 175 32.78 0.88 -22.97
CA HIS B 175 33.30 1.30 -24.25
C HIS B 175 32.19 1.30 -25.29
N LEU B 176 31.59 0.12 -25.51
CA LEU B 176 30.54 -0.03 -26.52
C LEU B 176 29.44 1.01 -26.30
N ALA B 177 29.23 1.41 -25.04
CA ALA B 177 28.28 2.46 -24.72
C ALA B 177 28.76 3.78 -25.30
N CYS B 178 29.98 4.19 -24.94
CA CYS B 178 30.56 5.41 -25.47
C CYS B 178 30.41 5.39 -26.98
N GLU B 179 30.78 4.26 -27.56
CA GLU B 179 30.69 4.05 -29.00
C GLU B 179 29.28 4.37 -29.49
N GLY B 180 28.26 3.83 -28.80
CA GLY B 180 26.88 3.97 -29.22
C GLY B 180 26.36 5.39 -29.02
N LEU B 181 27.00 6.09 -28.09
CA LEU B 181 26.70 7.50 -27.87
C LEU B 181 27.28 8.31 -29.02
N LEU B 182 28.60 8.19 -29.21
CA LEU B 182 29.30 8.99 -30.20
C LEU B 182 28.77 8.68 -31.59
N SER B 183 28.48 7.41 -31.87
CA SER B 183 27.91 7.00 -33.14
C SER B 183 26.52 7.64 -33.32
N GLY B 184 25.87 7.94 -32.21
CA GLY B 184 24.56 8.57 -32.25
C GLY B 184 23.43 7.58 -32.05
N GLN B 185 23.77 6.29 -31.92
CA GLN B 185 22.76 5.25 -31.86
C GLN B 185 21.88 5.44 -30.63
N CYS B 186 22.47 5.95 -29.55
CA CYS B 186 21.67 6.32 -28.39
C CYS B 186 22.13 7.67 -27.87
N ASP B 187 21.36 8.22 -26.92
CA ASP B 187 21.61 9.56 -26.41
C ASP B 187 22.01 9.49 -24.94
N MET B 188 21.59 8.42 -24.25
CA MET B 188 22.12 8.14 -22.92
C MET B 188 22.23 6.63 -22.80
N ALA B 189 23.19 6.15 -22.03
CA ALA B 189 23.41 4.71 -22.01
C ALA B 189 23.79 4.21 -20.63
N LEU B 190 23.24 3.05 -20.29
CA LEU B 190 23.63 2.35 -19.08
C LEU B 190 24.59 1.23 -19.46
N ALA B 191 25.73 1.22 -18.76
CA ALA B 191 26.75 0.24 -19.03
C ALA B 191 27.14 -0.41 -17.73
N GLY B 192 27.27 -1.74 -17.71
CA GLY B 192 27.73 -2.35 -16.47
C GLY B 192 27.78 -3.88 -16.51
N GLY B 193 28.03 -4.43 -15.31
CA GLY B 193 28.24 -5.85 -15.15
C GLY B 193 27.74 -6.35 -13.80
N VAL B 194 27.53 -7.66 -13.72
CA VAL B 194 27.15 -8.26 -12.45
C VAL B 194 27.60 -9.71 -12.38
N THR B 195 28.14 -10.08 -11.22
CA THR B 195 28.61 -11.43 -10.94
C THR B 195 28.21 -11.84 -9.53
N PHE B 196 27.31 -12.82 -9.42
CA PHE B 196 26.92 -13.30 -8.10
C PHE B 196 27.40 -14.73 -7.92
N ARG B 197 28.04 -14.95 -6.78
CA ARG B 197 28.43 -16.28 -6.34
C ARG B 197 27.34 -16.86 -5.45
N MET B 198 27.01 -18.13 -5.68
CA MET B 198 26.07 -18.83 -4.82
C MET B 198 26.78 -19.22 -3.54
N GLU B 199 26.01 -19.61 -2.52
CA GLU B 199 26.57 -19.98 -1.23
C GLU B 199 27.55 -21.13 -1.43
N GLU B 200 27.19 -22.07 -2.30
CA GLU B 200 28.03 -23.21 -2.62
C GLU B 200 29.41 -22.77 -3.08
N GLN B 201 29.54 -21.51 -3.47
CA GLN B 201 30.79 -21.03 -4.02
C GLN B 201 31.53 -20.14 -3.01
N ARG B 202 31.06 -20.11 -1.77
CA ARG B 202 31.64 -19.21 -0.78
C ARG B 202 33.11 -19.58 -0.58
N SER B 203 33.36 -20.88 -0.37
CA SER B 203 34.71 -21.35 -0.09
C SER B 203 35.46 -21.60 -1.38
N TYR B 204 36.77 -21.88 -1.25
CA TYR B 204 37.54 -22.47 -2.33
C TYR B 204 38.78 -23.15 -1.79
N GLU B 205 39.29 -24.08 -2.59
CA GLU B 205 40.48 -24.84 -2.27
C GLU B 205 41.65 -24.25 -3.05
N SER B 206 42.70 -23.89 -2.32
CA SER B 206 43.90 -23.30 -2.87
C SER B 206 44.87 -24.40 -3.26
N HIS B 207 45.24 -24.42 -4.55
CA HIS B 207 46.05 -25.50 -5.10
C HIS B 207 47.54 -25.14 -5.16
N GLY B 208 47.89 -23.87 -4.93
CA GLY B 208 49.26 -23.41 -5.04
C GLY B 208 49.59 -22.97 -6.47
N ASP B 209 48.58 -22.97 -7.34
CA ASP B 209 48.77 -22.73 -8.76
C ASP B 209 49.30 -21.31 -8.99
N GLY B 210 48.98 -20.38 -8.09
CA GLY B 210 49.34 -18.99 -8.29
C GLY B 210 48.20 -18.20 -8.93
N LEU B 211 47.06 -18.87 -9.13
CA LEU B 211 45.86 -18.27 -9.69
C LEU B 211 44.96 -17.72 -8.59
N GLN B 212 44.75 -18.51 -7.52
CA GLN B 212 43.92 -18.09 -6.40
C GLN B 212 44.78 -17.96 -5.15
N ALA B 213 44.56 -16.87 -4.40
CA ALA B 213 45.42 -16.54 -3.28
C ALA B 213 45.36 -17.66 -2.24
N GLU B 214 46.54 -17.94 -1.65
CA GLU B 214 46.69 -18.98 -0.64
C GLU B 214 46.17 -18.48 0.71
N ASP B 215 46.15 -17.16 0.88
CA ASP B 215 45.83 -16.57 2.17
C ASP B 215 44.48 -15.85 2.11
N GLY B 216 43.77 -15.95 0.98
CA GLY B 216 42.49 -15.31 0.79
C GLY B 216 42.64 -13.79 0.63
N LEU B 217 43.84 -13.36 0.27
CA LEU B 217 44.16 -11.94 0.18
C LEU B 217 44.76 -11.63 -1.16
N ILE B 218 44.24 -10.57 -1.78
CA ILE B 218 44.77 -10.12 -3.04
C ILE B 218 45.90 -9.15 -2.77
N HIS B 219 47.14 -9.65 -2.84
CA HIS B 219 48.30 -8.83 -2.56
C HIS B 219 48.77 -8.16 -3.84
N THR B 220 47.96 -7.25 -4.38
CA THR B 220 48.29 -6.67 -5.66
C THR B 220 49.68 -6.05 -5.61
N PHE B 221 50.55 -6.54 -6.50
CA PHE B 221 51.89 -5.99 -6.69
C PHE B 221 52.76 -6.23 -5.46
N ASP B 222 52.24 -6.98 -4.47
CA ASP B 222 52.99 -7.19 -3.23
C ASP B 222 53.77 -8.47 -3.36
N ALA B 223 54.91 -8.52 -2.66
CA ALA B 223 55.80 -9.68 -2.70
C ALA B 223 55.05 -10.97 -2.36
N GLN B 224 53.99 -10.90 -1.56
CA GLN B 224 53.28 -12.08 -1.12
C GLN B 224 52.14 -12.44 -2.07
N ALA B 225 52.03 -11.75 -3.21
CA ALA B 225 50.96 -12.05 -4.16
C ALA B 225 50.98 -13.53 -4.49
N SER B 226 49.90 -14.24 -4.16
CA SER B 226 49.83 -15.68 -4.40
C SER B 226 48.72 -16.00 -5.39
N GLY B 227 48.01 -14.98 -5.85
CA GLY B 227 46.84 -15.17 -6.69
C GLY B 227 45.71 -14.21 -6.33
N THR B 228 44.58 -14.38 -7.02
CA THR B 228 43.40 -13.54 -6.87
C THR B 228 42.35 -14.29 -6.05
N VAL B 229 41.25 -13.59 -5.78
CA VAL B 229 40.21 -14.07 -4.89
C VAL B 229 38.89 -13.58 -5.45
N TYR B 230 38.00 -14.51 -5.79
CA TYR B 230 36.79 -14.15 -6.50
C TYR B 230 35.69 -13.83 -5.51
N SER B 231 34.85 -12.86 -5.89
CA SER B 231 33.78 -12.38 -5.02
C SER B 231 32.57 -12.09 -5.88
N SER B 232 31.44 -11.87 -5.19
CA SER B 232 30.24 -11.33 -5.79
C SER B 232 30.38 -9.81 -5.90
N GLY B 233 29.70 -9.25 -6.90
CA GLY B 233 29.74 -7.82 -7.12
C GLY B 233 28.91 -7.39 -8.31
N LEU B 234 28.50 -6.12 -8.29
CA LEU B 234 27.65 -5.57 -9.32
C LEU B 234 28.03 -4.11 -9.51
N GLY B 235 28.09 -3.68 -10.77
CA GLY B 235 28.44 -2.29 -11.04
C GLY B 235 27.78 -1.80 -12.33
N MET B 236 27.48 -0.49 -12.36
CA MET B 236 26.88 0.08 -13.54
C MET B 236 27.06 1.59 -13.50
N VAL B 237 27.08 2.17 -14.70
CA VAL B 237 27.15 3.60 -14.84
C VAL B 237 26.20 4.05 -15.94
N LEU B 238 25.89 5.34 -15.85
CA LEU B 238 25.02 6.03 -16.75
C LEU B 238 25.85 7.12 -17.42
N LEU B 239 25.89 7.01 -18.75
CA LEU B 239 26.76 7.81 -19.59
C LEU B 239 25.94 8.60 -20.57
N LYS B 240 26.45 9.79 -20.92
CA LYS B 240 25.89 10.51 -22.05
C LYS B 240 26.94 11.50 -22.55
N ARG B 241 26.69 12.07 -23.72
CA ARG B 241 27.63 13.01 -24.31
C ARG B 241 27.83 14.21 -23.38
N ALA B 242 29.09 14.43 -22.99
CA ALA B 242 29.42 15.50 -22.06
C ALA B 242 28.75 16.81 -22.50
N THR B 243 28.95 17.14 -23.77
CA THR B 243 28.43 18.36 -24.37
C THR B 243 26.95 18.54 -24.05
N ASP B 244 26.19 17.44 -24.04
CA ASP B 244 24.76 17.47 -23.73
C ASP B 244 24.59 17.60 -22.22
N ALA B 245 25.22 16.67 -21.50
CA ALA B 245 25.10 16.61 -20.05
C ALA B 245 25.31 17.99 -19.43
N GLN B 246 26.23 18.76 -20.02
CA GLN B 246 26.57 20.10 -19.54
C GLN B 246 25.32 20.96 -19.46
N VAL B 247 24.54 20.97 -20.54
CA VAL B 247 23.39 21.86 -20.63
C VAL B 247 22.09 21.16 -20.24
N GLN B 248 22.14 19.84 -19.97
CA GLN B 248 20.91 19.14 -19.59
C GLN B 248 20.86 18.88 -18.07
N GLY B 249 21.37 19.86 -17.31
CA GLY B 249 21.28 19.85 -15.85
C GLY B 249 21.72 18.52 -15.24
N ASP B 250 22.76 17.91 -15.82
CA ASP B 250 23.31 16.70 -15.24
C ASP B 250 24.46 17.05 -14.31
N ASN B 251 24.61 16.25 -13.25
CA ASN B 251 25.80 16.30 -12.42
C ASN B 251 26.85 15.41 -13.07
N ILE B 252 27.74 16.04 -13.83
CA ILE B 252 28.81 15.33 -14.52
C ILE B 252 29.86 14.95 -13.48
N LEU B 253 29.89 13.67 -13.14
CA LEU B 253 30.81 13.17 -12.13
C LEU B 253 32.22 13.18 -12.67
N ALA B 254 32.38 12.61 -13.86
CA ALA B 254 33.69 12.50 -14.51
C ALA B 254 33.49 12.30 -16.01
N VAL B 255 34.60 12.34 -16.74
CA VAL B 255 34.53 12.26 -18.18
C VAL B 255 35.50 11.21 -18.71
N ILE B 256 34.94 10.25 -19.45
CA ILE B 256 35.74 9.36 -20.28
C ILE B 256 36.17 10.13 -21.50
N LYS B 257 37.47 10.32 -21.65
CA LYS B 257 38.03 11.09 -22.76
C LYS B 257 38.16 10.17 -23.96
N GLY B 258 38.62 8.95 -23.69
CA GLY B 258 38.84 7.94 -24.70
C GLY B 258 38.90 6.54 -24.11
N SER B 259 38.58 5.55 -24.94
CA SER B 259 38.51 4.17 -24.51
C SER B 259 39.01 3.25 -25.62
N ALA B 260 39.43 2.05 -25.24
CA ALA B 260 39.83 1.08 -26.23
C ALA B 260 39.69 -0.33 -25.70
N ILE B 261 39.44 -1.27 -26.62
CA ILE B 261 39.27 -2.68 -26.31
C ILE B 261 40.00 -3.50 -27.36
N ASN B 262 40.61 -4.60 -26.92
CA ASN B 262 41.36 -5.41 -27.86
C ASN B 262 41.50 -6.79 -27.28
N ASN B 263 42.43 -7.56 -27.87
CA ASN B 263 42.78 -8.86 -27.35
C ASN B 263 44.29 -9.08 -27.48
N ASP B 264 44.85 -9.86 -26.55
CA ASP B 264 46.28 -10.15 -26.50
C ASP B 264 46.69 -10.97 -27.71
N GLY B 265 45.68 -11.42 -28.45
CA GLY B 265 45.90 -12.25 -29.62
C GLY B 265 46.70 -13.48 -29.26
N GLY B 266 47.64 -13.82 -30.15
CA GLY B 266 48.50 -14.98 -29.95
C GLY B 266 49.80 -14.60 -29.27
N ALA B 267 49.91 -13.39 -28.72
CA ALA B 267 51.17 -12.94 -28.14
C ALA B 267 51.22 -13.26 -26.65
N ARG B 268 51.11 -14.55 -26.33
CA ARG B 268 51.05 -15.00 -24.95
C ARG B 268 51.45 -16.47 -24.86
N SER B 269 51.88 -16.91 -23.68
CA SER B 269 52.43 -18.25 -23.50
C SER B 269 51.34 -19.31 -23.41
N GLY B 270 50.08 -18.92 -23.46
CA GLY B 270 48.98 -19.89 -23.33
C GLY B 270 47.67 -19.16 -23.06
N TYR B 271 46.56 -19.79 -23.41
CA TYR B 271 45.29 -19.09 -23.47
C TYR B 271 45.08 -18.18 -22.26
N THR B 272 45.37 -18.69 -21.06
CA THR B 272 44.97 -18.02 -19.83
C THR B 272 46.07 -17.10 -19.31
N VAL B 273 46.98 -16.70 -20.18
CA VAL B 273 48.10 -15.88 -19.75
C VAL B 273 47.96 -14.49 -20.35
N PRO B 274 48.23 -13.44 -19.55
CA PRO B 274 48.29 -12.08 -20.07
C PRO B 274 49.39 -11.85 -21.10
N GLY B 275 49.15 -10.88 -22.00
CA GLY B 275 50.03 -10.56 -23.10
C GLY B 275 50.51 -9.11 -23.06
N VAL B 276 51.76 -8.93 -22.64
CA VAL B 276 52.33 -7.61 -22.48
C VAL B 276 51.94 -6.79 -23.71
N ASP B 277 52.28 -7.33 -24.88
CA ASP B 277 52.02 -6.67 -26.15
C ASP B 277 50.61 -6.10 -26.18
N GLY B 278 49.62 -6.95 -25.91
CA GLY B 278 48.20 -6.58 -25.96
C GLY B 278 47.83 -5.45 -24.98
N GLN B 279 48.22 -5.63 -23.71
CA GLN B 279 47.90 -4.63 -22.71
C GLN B 279 48.54 -3.30 -23.10
N GLU B 280 49.83 -3.36 -23.47
CA GLU B 280 50.53 -2.21 -24.01
C GLU B 280 49.64 -1.57 -25.07
N ALA B 281 49.27 -2.38 -26.06
CA ALA B 281 48.53 -1.91 -27.23
C ALA B 281 47.29 -1.14 -26.82
N VAL B 282 46.49 -1.77 -25.96
CA VAL B 282 45.19 -1.19 -25.63
C VAL B 282 45.41 0.16 -24.95
N MET B 283 46.31 0.19 -23.96
CA MET B 283 46.57 1.43 -23.26
C MET B 283 46.94 2.53 -24.26
N ILE B 284 47.92 2.22 -25.12
CA ILE B 284 48.38 3.17 -26.12
C ILE B 284 47.20 3.70 -26.92
N GLU B 285 46.43 2.77 -27.48
CA GLU B 285 45.29 3.14 -28.30
C GLU B 285 44.41 4.12 -27.51
N ALA B 286 44.02 3.72 -26.29
CA ALA B 286 43.12 4.55 -25.51
C ALA B 286 43.72 5.95 -25.36
N HIS B 287 44.94 6.01 -24.82
CA HIS B 287 45.59 7.29 -24.56
C HIS B 287 45.60 8.15 -25.82
N SER B 288 45.85 7.51 -26.98
CA SER B 288 45.81 8.20 -28.26
C SER B 288 44.44 8.83 -28.48
N LEU B 289 43.38 8.03 -28.31
CA LEU B 289 42.04 8.49 -28.61
C LEU B 289 41.61 9.57 -27.63
N ALA B 290 42.08 9.48 -26.38
CA ALA B 290 41.80 10.51 -25.39
C ALA B 290 42.75 11.68 -25.57
N GLU B 291 43.64 11.59 -26.56
CA GLU B 291 44.59 12.65 -26.84
C GLU B 291 45.30 13.03 -25.55
N VAL B 292 45.93 12.06 -24.89
CA VAL B 292 46.74 12.38 -23.73
C VAL B 292 48.06 11.63 -23.76
N THR B 293 49.13 12.35 -23.42
CA THR B 293 50.40 11.72 -23.16
C THR B 293 50.33 11.12 -21.76
N PRO B 294 51.09 10.03 -21.51
CA PRO B 294 51.21 9.48 -20.15
C PRO B 294 51.47 10.55 -19.09
N GLN B 295 52.32 11.52 -19.45
CA GLN B 295 52.69 12.61 -18.57
C GLN B 295 51.46 13.38 -18.07
N GLN B 296 50.35 13.34 -18.84
CA GLN B 296 49.13 14.05 -18.47
C GLN B 296 48.19 13.18 -17.65
N ILE B 297 48.63 11.96 -17.32
CA ILE B 297 47.87 11.08 -16.45
C ILE B 297 48.60 10.96 -15.13
N GLN B 298 47.90 11.05 -13.99
CA GLN B 298 48.59 10.99 -12.70
C GLN B 298 48.38 9.63 -12.04
N TYR B 299 47.19 9.07 -12.24
CA TYR B 299 46.78 7.86 -11.55
C TYR B 299 46.49 6.77 -12.57
N LEU B 300 46.80 5.54 -12.18
CA LEU B 300 46.33 4.40 -12.92
C LEU B 300 45.66 3.43 -11.95
N GLU B 301 44.43 3.05 -12.32
CA GLU B 301 43.67 2.02 -11.64
C GLU B 301 43.95 0.71 -12.37
N LEU B 302 44.79 -0.09 -11.71
CA LEU B 302 45.28 -1.36 -12.21
C LEU B 302 44.12 -2.35 -12.30
N HIS B 303 44.36 -3.40 -13.08
CA HIS B 303 43.58 -4.62 -12.99
C HIS B 303 43.87 -5.23 -11.63
N GLY B 304 45.16 -5.32 -11.30
CA GLY B 304 45.61 -5.72 -9.97
C GLY B 304 44.97 -7.03 -9.52
N SER B 305 45.20 -8.08 -10.31
CA SER B 305 44.58 -9.37 -10.07
C SER B 305 45.11 -9.99 -8.79
N GLY B 306 46.39 -9.76 -8.51
CA GLY B 306 47.05 -10.37 -7.36
C GLY B 306 47.76 -11.67 -7.72
N THR B 307 47.75 -12.00 -9.01
CA THR B 307 48.49 -13.13 -9.53
C THR B 307 49.89 -12.68 -9.90
N PRO B 308 50.92 -13.41 -9.43
CA PRO B 308 52.29 -12.93 -9.49
C PRO B 308 52.61 -12.54 -10.93
N LEU B 309 52.30 -13.48 -11.83
CA LEU B 309 52.57 -13.33 -13.24
C LEU B 309 51.75 -12.18 -13.82
N GLY B 310 50.46 -12.14 -13.47
CA GLY B 310 49.56 -11.17 -14.07
C GLY B 310 50.00 -9.74 -13.73
N ASP B 311 50.27 -9.55 -12.44
CA ASP B 311 50.76 -8.28 -11.93
C ASP B 311 52.04 -7.92 -12.67
N ALA B 312 53.00 -8.87 -12.63
CA ALA B 312 54.30 -8.71 -13.26
C ALA B 312 54.14 -8.20 -14.70
N ILE B 313 53.28 -8.86 -15.47
CA ILE B 313 53.06 -8.50 -16.86
C ILE B 313 52.43 -7.11 -16.93
N GLU B 314 51.29 -6.95 -16.26
CA GLU B 314 50.59 -5.69 -16.31
C GLU B 314 51.58 -4.55 -16.12
N PHE B 315 52.39 -4.66 -15.06
CA PHE B 315 53.29 -3.57 -14.74
C PHE B 315 54.27 -3.35 -15.89
N ALA B 316 54.80 -4.43 -16.45
CA ALA B 316 55.71 -4.33 -17.59
C ALA B 316 55.06 -3.49 -18.68
N ALA B 317 53.85 -3.89 -19.06
CA ALA B 317 53.10 -3.17 -20.06
C ALA B 317 52.94 -1.70 -19.67
N ILE B 318 52.73 -1.43 -18.38
CA ILE B 318 52.59 -0.05 -17.94
C ILE B 318 53.90 0.69 -18.21
N LYS B 319 55.00 0.15 -17.69
CA LYS B 319 56.30 0.77 -17.84
C LYS B 319 56.52 1.14 -19.30
N ARG B 320 56.22 0.18 -20.19
CA ARG B 320 56.39 0.39 -21.62
C ARG B 320 55.60 1.60 -22.11
N VAL B 321 54.37 1.73 -21.65
CA VAL B 321 53.50 2.77 -22.18
C VAL B 321 53.87 4.11 -21.57
N PHE B 322 54.25 4.13 -20.29
CA PHE B 322 54.47 5.41 -19.61
C PHE B 322 55.90 5.93 -19.83
N GLY B 323 56.91 5.06 -19.73
CA GLY B 323 58.27 5.50 -19.96
C GLY B 323 58.79 6.35 -18.80
N THR B 324 59.51 7.43 -19.12
CA THR B 324 60.07 8.31 -18.10
C THR B 324 59.29 9.61 -18.03
N PRO B 325 59.05 10.19 -16.84
CA PRO B 325 58.38 11.49 -16.73
C PRO B 325 59.35 12.66 -16.82
N ALA B 326 58.79 13.88 -16.88
CA ALA B 326 59.56 15.12 -16.88
C ALA B 326 60.38 15.19 -15.59
N PRO B 327 61.66 15.61 -15.64
CA PRO B 327 62.51 15.64 -14.44
C PRO B 327 61.82 16.35 -13.27
N ASN B 328 61.83 15.69 -12.10
CA ASN B 328 61.26 16.22 -10.87
C ASN B 328 59.73 16.24 -10.91
N ALA B 329 59.12 15.56 -11.89
CA ALA B 329 57.68 15.38 -11.86
C ALA B 329 57.37 14.30 -10.84
N THR B 330 56.26 14.46 -10.12
CA THR B 330 55.85 13.48 -9.14
C THR B 330 55.71 12.13 -9.86
N PRO B 331 55.92 10.99 -9.15
CA PRO B 331 55.78 9.69 -9.77
C PRO B 331 54.32 9.40 -10.13
N TRP B 332 54.11 8.42 -10.99
CA TRP B 332 52.76 8.00 -11.32
C TRP B 332 52.21 7.21 -10.15
N ARG B 333 50.95 7.48 -9.81
CA ARG B 333 50.30 6.77 -8.72
C ARG B 333 49.59 5.54 -9.29
N LEU B 334 49.76 4.40 -8.62
CA LEU B 334 49.09 3.17 -9.00
C LEU B 334 48.14 2.73 -7.91
N GLY B 335 46.96 2.26 -8.32
CA GLY B 335 45.98 1.76 -7.36
C GLY B 335 45.30 0.48 -7.84
N ALA B 336 44.57 -0.18 -6.94
CA ALA B 336 43.84 -1.40 -7.26
C ALA B 336 42.71 -1.62 -6.25
N VAL B 337 41.57 -2.05 -6.77
CA VAL B 337 40.36 -2.12 -5.98
C VAL B 337 40.12 -3.56 -5.51
N LYS B 338 40.74 -4.50 -6.23
CA LYS B 338 40.44 -5.89 -6.03
C LYS B 338 40.81 -6.30 -4.61
N PRO B 339 41.88 -5.77 -3.98
CA PRO B 339 42.13 -6.06 -2.58
C PRO B 339 40.96 -5.73 -1.65
N ASN B 340 40.22 -4.65 -1.98
CA ASN B 340 39.14 -4.13 -1.15
C ASN B 340 37.91 -5.05 -1.23
N VAL B 341 37.46 -5.37 -2.46
CA VAL B 341 36.16 -6.02 -2.63
C VAL B 341 36.25 -7.31 -3.42
N GLY B 342 37.47 -7.83 -3.56
CA GLY B 342 37.72 -9.05 -4.31
C GLY B 342 37.70 -8.80 -5.82
N HIS B 343 37.92 -9.88 -6.57
CA HIS B 343 37.79 -9.87 -8.01
C HIS B 343 36.35 -10.22 -8.35
N VAL B 344 35.67 -9.30 -9.05
CA VAL B 344 34.28 -9.50 -9.44
C VAL B 344 34.20 -9.82 -10.94
N GLU B 345 34.17 -11.12 -11.22
CA GLU B 345 34.43 -11.60 -12.57
C GLU B 345 33.95 -10.55 -13.59
N MET B 346 32.68 -10.10 -13.57
CA MET B 346 32.16 -9.32 -14.68
C MET B 346 32.22 -7.83 -14.38
N ALA B 347 32.02 -7.52 -13.09
CA ALA B 347 31.85 -6.16 -12.64
C ALA B 347 33.15 -5.65 -12.03
N SER B 348 34.26 -6.21 -12.48
CA SER B 348 35.57 -5.79 -12.02
C SER B 348 35.87 -4.41 -12.59
N GLY B 349 35.77 -4.35 -13.92
CA GLY B 349 36.15 -3.13 -14.64
C GLY B 349 35.39 -1.93 -14.10
N ILE B 350 34.08 -2.05 -14.12
CA ILE B 350 33.20 -0.98 -13.71
C ILE B 350 33.46 -0.63 -12.25
N THR B 351 33.82 -1.64 -11.44
CA THR B 351 34.18 -1.38 -10.06
C THR B 351 35.39 -0.44 -10.05
N SER B 352 36.44 -0.84 -10.79
CA SER B 352 37.64 -0.01 -10.86
C SER B 352 37.28 1.40 -11.32
N LEU B 353 36.39 1.48 -12.31
CA LEU B 353 36.00 2.76 -12.85
C LEU B 353 35.32 3.60 -11.78
N ILE B 354 34.39 2.99 -11.05
CA ILE B 354 33.71 3.69 -9.97
C ILE B 354 34.74 4.17 -8.95
N LYS B 355 35.59 3.25 -8.47
CA LYS B 355 36.66 3.63 -7.56
C LYS B 355 37.33 4.89 -8.09
N THR B 356 37.66 4.87 -9.39
CA THR B 356 38.35 5.98 -10.01
C THR B 356 37.51 7.25 -9.90
N VAL B 357 36.25 7.19 -10.34
CA VAL B 357 35.39 8.36 -10.35
C VAL B 357 35.33 8.94 -8.94
N LEU B 358 35.16 8.08 -7.94
CA LEU B 358 35.16 8.53 -6.56
C LEU B 358 36.49 9.21 -6.25
N SER B 359 37.60 8.57 -6.63
CA SER B 359 38.94 9.11 -6.45
C SER B 359 39.00 10.53 -6.98
N LEU B 360 38.39 10.75 -8.16
CA LEU B 360 38.38 12.04 -8.82
C LEU B 360 37.52 13.04 -8.07
N THR B 361 36.23 12.71 -7.88
CA THR B 361 35.32 13.66 -7.27
C THR B 361 35.78 14.03 -5.87
N ASN B 362 36.27 13.06 -5.12
CA ASN B 362 36.75 13.32 -3.77
C ASN B 362 38.20 13.84 -3.80
N ARG B 363 38.81 13.88 -4.99
CA ARG B 363 40.15 14.40 -5.17
C ARG B 363 41.11 13.69 -4.22
N VAL B 364 41.02 12.37 -4.13
CA VAL B 364 41.93 11.60 -3.28
C VAL B 364 42.30 10.31 -4.01
N PHE B 365 43.51 9.84 -3.71
CA PHE B 365 43.89 8.49 -4.05
C PHE B 365 43.58 7.65 -2.82
N TYR B 366 42.74 6.64 -3.04
CA TYR B 366 42.35 5.73 -1.99
C TYR B 366 43.40 4.65 -1.85
N PRO B 367 43.62 4.15 -0.61
CA PRO B 367 44.62 3.13 -0.35
C PRO B 367 44.30 1.81 -1.07
N THR B 368 45.38 1.17 -1.51
CA THR B 368 45.37 -0.15 -2.08
C THR B 368 45.88 -1.12 -1.02
N LEU B 369 45.07 -2.13 -0.68
CA LEU B 369 45.32 -2.90 0.52
C LEU B 369 46.35 -4.00 0.26
N ASN B 370 46.79 -4.65 1.35
CA ASN B 370 47.66 -5.81 1.28
C ASN B 370 49.01 -5.50 0.64
N PHE B 371 49.33 -4.21 0.51
CA PHE B 371 50.59 -3.81 -0.09
C PHE B 371 51.58 -3.39 0.99
N GLN B 372 52.38 -4.34 1.46
CA GLN B 372 53.32 -4.13 2.55
C GLN B 372 54.73 -4.04 2.00
N ARG B 373 54.97 -4.59 0.80
CA ARG B 373 56.30 -4.61 0.20
C ARG B 373 56.21 -4.96 -1.29
N ALA B 374 56.64 -4.02 -2.14
CA ALA B 374 56.58 -4.19 -3.59
C ALA B 374 57.23 -5.52 -3.98
N ASN B 375 56.62 -6.21 -4.95
CA ASN B 375 57.15 -7.48 -5.44
C ASN B 375 58.46 -7.24 -6.21
N PRO B 376 59.58 -7.88 -5.80
CA PRO B 376 60.88 -7.67 -6.43
C PRO B 376 60.86 -7.49 -7.95
N GLN B 377 60.19 -8.42 -8.62
CA GLN B 377 60.21 -8.50 -10.08
C GLN B 377 59.56 -7.30 -10.74
N LEU B 378 58.81 -6.51 -9.98
CA LEU B 378 58.29 -5.29 -10.56
C LEU B 378 59.40 -4.24 -10.70
N GLY B 379 60.31 -4.23 -9.72
CA GLY B 379 61.31 -3.18 -9.65
C GLY B 379 60.65 -1.81 -9.63
N LEU B 380 59.63 -1.68 -8.77
CA LEU B 380 58.83 -0.48 -8.67
C LEU B 380 59.68 0.68 -8.13
N GLU B 381 60.55 0.35 -7.16
CA GLU B 381 61.33 1.34 -6.45
C GLU B 381 62.03 2.28 -7.41
N ASP B 382 62.79 1.70 -8.35
CA ASP B 382 63.54 2.50 -9.31
C ASP B 382 62.61 3.16 -10.32
N SER B 383 61.45 2.53 -10.55
CA SER B 383 60.50 3.02 -11.53
C SER B 383 59.89 4.33 -11.04
N PRO B 384 59.38 5.16 -11.97
CA PRO B 384 58.69 6.40 -11.62
C PRO B 384 57.22 6.13 -11.28
N PHE B 385 57.02 5.06 -10.53
CA PHE B 385 55.69 4.62 -10.17
C PHE B 385 55.65 4.42 -8.66
N GLU B 386 54.46 4.56 -8.07
CA GLU B 386 54.30 4.10 -6.71
C GLU B 386 52.86 3.75 -6.44
N VAL B 387 52.73 2.62 -5.77
CA VAL B 387 51.44 2.10 -5.36
C VAL B 387 50.95 2.92 -4.19
N VAL B 388 49.68 3.30 -4.24
CA VAL B 388 49.07 4.08 -3.19
C VAL B 388 48.63 3.15 -2.08
N SER B 389 49.14 3.35 -0.86
CA SER B 389 48.77 2.51 0.28
C SER B 389 48.28 3.35 1.45
N ARG B 390 48.01 4.64 1.20
CA ARG B 390 47.44 5.53 2.19
C ARG B 390 46.48 6.47 1.48
N LEU B 391 45.31 6.71 2.07
CA LEU B 391 44.49 7.80 1.59
C LEU B 391 45.39 9.01 1.43
N THR B 392 45.60 9.49 0.20
CA THR B 392 46.42 10.68 0.02
C THR B 392 45.74 11.63 -0.95
N PRO B 393 45.67 12.95 -0.65
CA PRO B 393 44.94 13.89 -1.48
C PRO B 393 45.55 13.93 -2.87
N TRP B 394 44.69 14.05 -3.87
CA TRP B 394 45.07 14.12 -5.27
C TRP B 394 45.51 15.54 -5.61
N PRO B 395 46.83 15.82 -5.70
CA PRO B 395 47.28 17.19 -5.88
C PRO B 395 46.78 17.72 -7.22
N GLU B 396 46.73 19.04 -7.33
CA GLU B 396 46.29 19.68 -8.55
C GLU B 396 47.53 20.01 -9.38
N GLY B 397 47.48 19.70 -10.67
CA GLY B 397 48.55 20.03 -11.60
C GLY B 397 48.12 21.15 -12.54
N THR B 398 48.97 21.44 -13.53
CA THR B 398 48.63 22.44 -14.53
C THR B 398 47.64 21.86 -15.53
N THR B 399 47.55 20.53 -15.60
CA THR B 399 46.57 19.88 -16.44
C THR B 399 45.51 19.22 -15.55
N PRO B 400 44.32 18.89 -16.11
CA PRO B 400 43.24 18.27 -15.35
C PRO B 400 43.64 17.01 -14.60
N ARG B 401 42.93 16.75 -13.49
CA ARG B 401 43.06 15.49 -12.79
C ARG B 401 42.60 14.39 -13.75
N THR B 402 43.51 13.44 -14.03
CA THR B 402 43.27 12.46 -15.07
C THR B 402 43.93 11.14 -14.72
N ALA B 403 43.17 10.07 -14.94
CA ALA B 403 43.58 8.72 -14.59
C ALA B 403 43.24 7.74 -15.71
N GLY B 404 43.93 6.59 -15.68
CA GLY B 404 43.65 5.51 -16.61
C GLY B 404 43.08 4.29 -15.90
N VAL B 405 42.13 3.60 -16.54
CA VAL B 405 41.53 2.42 -15.90
C VAL B 405 41.65 1.21 -16.82
N SER B 406 42.24 0.14 -16.27
CA SER B 406 42.54 -1.05 -17.06
C SER B 406 41.65 -2.21 -16.61
N ALA B 407 41.10 -2.95 -17.58
CA ALA B 407 40.46 -4.23 -17.28
C ALA B 407 40.91 -5.27 -18.28
N PHE B 408 41.70 -6.23 -17.80
CA PHE B 408 42.35 -7.24 -18.64
C PHE B 408 41.79 -8.61 -18.30
N GLY B 409 40.94 -9.10 -19.20
CA GLY B 409 40.17 -10.30 -18.93
C GLY B 409 40.92 -11.57 -19.26
N LEU B 410 40.68 -12.59 -18.45
CA LEU B 410 41.16 -13.91 -18.76
C LEU B 410 40.66 -14.25 -20.16
N GLY B 411 41.56 -14.80 -20.99
CA GLY B 411 41.27 -15.05 -22.38
C GLY B 411 41.84 -13.95 -23.27
N GLY B 412 42.37 -12.89 -22.62
CA GLY B 412 43.17 -11.89 -23.30
C GLY B 412 42.36 -10.72 -23.86
N THR B 413 41.05 -10.67 -23.59
CA THR B 413 40.27 -9.52 -24.01
C THR B 413 40.50 -8.39 -23.03
N ASN B 414 41.00 -7.25 -23.53
CA ASN B 414 41.37 -6.13 -22.67
C ASN B 414 40.56 -4.89 -23.00
N ALA B 415 40.48 -4.00 -21.99
CA ALA B 415 39.86 -2.69 -22.12
C ALA B 415 40.63 -1.65 -21.31
N HIS B 416 40.69 -0.42 -21.84
CA HIS B 416 41.35 0.67 -21.14
C HIS B 416 40.56 1.96 -21.30
N LEU B 417 40.54 2.76 -20.23
CA LEU B 417 39.85 4.04 -20.21
C LEU B 417 40.78 5.15 -19.81
N VAL B 418 40.56 6.33 -20.39
CA VAL B 418 41.09 7.53 -19.80
C VAL B 418 39.91 8.31 -19.21
N VAL B 419 39.98 8.53 -17.90
CA VAL B 419 38.94 9.23 -17.19
C VAL B 419 39.53 10.48 -16.55
N GLN B 420 38.80 11.58 -16.70
CA GLN B 420 39.28 12.89 -16.35
C GLN B 420 38.22 13.55 -15.48
N ALA B 421 38.68 14.33 -14.51
CA ALA B 421 37.81 15.21 -13.78
C ALA B 421 37.01 16.04 -14.78
N PRO B 422 35.81 16.49 -14.40
CA PRO B 422 34.99 17.31 -15.29
C PRO B 422 35.44 18.76 -15.22
N LEU B 423 34.90 19.58 -16.11
CA LEU B 423 35.17 21.01 -16.06
C LEU B 423 34.64 21.52 -14.72
N SER B 424 35.42 22.38 -14.07
CA SER B 424 34.96 23.06 -12.87
C SER B 424 33.76 23.92 -13.22
N THR B 425 32.72 23.85 -12.40
CA THR B 425 31.44 24.46 -12.72
C THR B 425 31.43 25.91 -12.28
N PRO B 426 31.47 26.90 -13.21
CA PRO B 426 31.46 28.32 -12.84
C PRO B 426 30.06 28.69 -12.36
N GLN B 427 29.81 28.57 -11.05
CA GLN B 427 28.46 28.67 -10.53
C GLN B 427 28.26 29.98 -9.74
N ALA B 428 28.03 31.06 -10.51
CA ALA B 428 27.54 32.31 -9.96
C ALA B 428 26.01 32.26 -9.91
N ARG B 429 25.49 31.20 -9.29
CA ARG B 429 24.07 30.84 -9.33
C ARG B 429 23.25 31.72 -8.39
N ALA B 430 22.80 32.87 -8.90
CA ALA B 430 21.86 33.73 -8.19
C ALA B 430 20.52 33.00 -8.00
N GLN B 431 20.50 31.99 -7.10
CA GLN B 431 19.34 31.12 -6.91
C GLN B 431 18.11 31.99 -6.68
N GLN B 432 17.16 31.93 -7.62
CA GLN B 432 15.98 32.76 -7.58
C GLN B 432 14.93 32.07 -6.72
N MET B 433 14.44 32.80 -5.70
CA MET B 433 13.27 32.37 -4.99
C MET B 433 12.09 32.62 -5.93
N GLY B 434 11.12 31.72 -5.87
CA GLY B 434 10.01 31.71 -6.78
C GLY B 434 9.21 30.45 -6.56
N PRO B 435 7.97 30.38 -7.09
CA PRO B 435 7.13 29.21 -6.89
C PRO B 435 7.67 28.03 -7.68
N CYS B 436 7.76 26.88 -7.00
CA CYS B 436 8.15 25.62 -7.63
C CYS B 436 7.11 24.54 -7.36
N VAL B 437 6.88 23.72 -8.40
CA VAL B 437 5.94 22.62 -8.32
C VAL B 437 6.68 21.35 -7.91
N VAL B 438 6.42 20.93 -6.67
CA VAL B 438 6.98 19.73 -6.08
C VAL B 438 5.91 18.64 -6.14
N VAL B 439 6.32 17.47 -6.66
CA VAL B 439 5.39 16.38 -6.92
C VAL B 439 5.99 15.08 -6.43
N LEU B 440 5.16 14.32 -5.70
CA LEU B 440 5.50 12.97 -5.29
C LEU B 440 4.40 12.03 -5.74
N SER B 441 4.80 10.80 -6.04
CA SER B 441 3.86 9.79 -6.46
C SER B 441 4.34 8.44 -5.94
N ALA B 442 3.37 7.54 -5.74
CA ALA B 442 3.66 6.18 -5.33
C ALA B 442 2.50 5.28 -5.74
N LYS B 443 2.67 3.98 -5.42
CA LYS B 443 1.70 2.97 -5.78
C LYS B 443 0.60 2.90 -4.73
N ASN B 444 0.91 3.35 -3.52
CA ASN B 444 -0.07 3.37 -2.45
C ASN B 444 0.33 4.40 -1.40
N HIS B 445 -0.69 4.88 -0.69
CA HIS B 445 -0.53 5.97 0.26
C HIS B 445 0.64 5.66 1.18
N ASN B 446 0.64 4.44 1.69
CA ASN B 446 1.63 4.04 2.67
C ASN B 446 3.04 4.31 2.16
N ALA B 447 3.26 4.08 0.87
CA ALA B 447 4.56 4.32 0.28
C ALA B 447 4.83 5.80 0.23
N LEU B 448 3.81 6.51 -0.26
CA LEU B 448 3.91 7.92 -0.51
C LEU B 448 4.32 8.60 0.79
N GLU B 449 3.69 8.20 1.89
CA GLU B 449 4.05 8.69 3.21
C GLU B 449 5.56 8.55 3.37
N GLN B 450 6.05 7.32 3.21
CA GLN B 450 7.45 7.04 3.46
C GLN B 450 8.33 7.93 2.58
N MET B 451 7.96 8.04 1.30
CA MET B 451 8.70 8.86 0.37
C MET B 451 8.76 10.30 0.90
N GLN B 452 7.59 10.82 1.25
CA GLN B 452 7.44 12.14 1.83
C GLN B 452 8.48 12.31 2.92
N ASN B 453 8.40 11.42 3.92
CA ASN B 453 9.21 11.59 5.11
C ASN B 453 10.69 11.50 4.75
N ALA B 454 11.04 10.56 3.87
CA ALA B 454 12.40 10.41 3.39
C ALA B 454 12.91 11.72 2.78
N LEU B 455 12.11 12.28 1.88
CA LEU B 455 12.50 13.52 1.22
C LEU B 455 12.69 14.64 2.24
N LEU B 456 11.67 14.87 3.06
CA LEU B 456 11.77 15.91 4.07
C LEU B 456 13.03 15.70 4.89
N ALA B 457 13.26 14.44 5.28
CA ALA B 457 14.47 14.07 6.02
C ALA B 457 15.70 14.54 5.27
N LYS B 458 15.79 14.20 3.98
CA LYS B 458 16.93 14.61 3.18
C LYS B 458 17.09 16.13 3.24
N LEU B 459 16.03 16.87 2.91
CA LEU B 459 16.08 18.32 2.82
C LEU B 459 16.55 18.93 4.15
N ALA B 460 15.99 18.39 5.23
CA ALA B 460 16.37 18.79 6.57
C ALA B 460 17.86 18.56 6.81
N ALA B 461 18.38 17.44 6.29
CA ALA B 461 19.78 17.09 6.45
C ALA B 461 20.66 18.02 5.61
N HIS B 462 20.17 18.40 4.43
CA HIS B 462 20.97 19.18 3.50
C HIS B 462 20.24 20.49 3.17
N PRO B 463 20.22 21.45 4.11
CA PRO B 463 19.52 22.72 3.91
C PRO B 463 20.03 23.47 2.67
N GLU B 464 21.19 23.06 2.15
CA GLU B 464 21.79 23.73 1.01
C GLU B 464 21.13 23.29 -0.30
N ILE B 465 20.35 22.21 -0.27
CA ILE B 465 19.68 21.78 -1.48
C ILE B 465 18.68 22.85 -1.89
N ARG B 466 18.68 23.26 -3.16
CA ARG B 466 17.78 24.32 -3.58
C ARG B 466 16.55 23.74 -4.27
N LEU B 467 15.43 24.45 -4.10
CA LEU B 467 14.13 23.95 -4.48
C LEU B 467 14.04 23.72 -5.98
N GLN B 468 14.45 24.72 -6.78
CA GLN B 468 14.45 24.57 -8.24
C GLN B 468 14.82 23.14 -8.59
N ASP B 469 15.91 22.68 -7.95
CA ASP B 469 16.50 21.40 -8.27
C ASP B 469 15.47 20.35 -7.90
N VAL B 470 15.13 20.33 -6.61
CA VAL B 470 14.21 19.34 -6.10
C VAL B 470 13.04 19.22 -7.07
N ALA B 471 12.31 20.32 -7.24
CA ALA B 471 11.06 20.29 -7.99
C ALA B 471 11.28 19.67 -9.36
N TYR B 472 12.43 19.98 -9.96
CA TYR B 472 12.75 19.55 -11.31
C TYR B 472 12.96 18.04 -11.33
N THR B 473 13.90 17.64 -10.48
CA THR B 473 14.26 16.26 -10.29
C THR B 473 13.01 15.42 -10.01
N LEU B 474 12.10 15.91 -9.16
CA LEU B 474 10.96 15.08 -8.80
C LEU B 474 9.97 14.97 -9.96
N ARG B 475 10.16 15.81 -10.99
CA ARG B 475 9.31 15.72 -12.16
C ARG B 475 9.95 14.80 -13.18
N HIS B 476 11.19 15.11 -13.57
CA HIS B 476 11.82 14.39 -14.67
C HIS B 476 12.36 13.03 -14.22
N GLY B 477 12.85 12.98 -12.99
CA GLY B 477 13.56 11.81 -12.52
C GLY B 477 12.70 10.81 -11.77
N ARG B 478 11.38 10.90 -11.89
CA ARG B 478 10.53 9.99 -11.16
C ARG B 478 9.30 9.66 -12.00
N PHE B 479 8.78 8.44 -11.84
CA PHE B 479 7.63 8.02 -12.60
C PHE B 479 6.35 8.48 -11.90
N SER B 480 5.35 8.87 -12.69
CA SER B 480 4.07 9.29 -12.14
C SER B 480 3.26 8.05 -11.77
N ALA B 481 3.39 7.67 -10.50
CA ALA B 481 2.63 6.57 -9.94
C ALA B 481 1.18 6.99 -9.77
N PRO B 482 0.27 6.05 -9.43
CA PRO B 482 -1.16 6.36 -9.30
C PRO B 482 -1.62 7.18 -8.09
N VAL B 483 -0.83 7.15 -6.99
CA VAL B 483 -1.17 7.92 -5.80
C VAL B 483 -0.25 9.12 -5.74
N ARG B 484 -0.83 10.32 -5.77
CA ARG B 484 -0.04 11.51 -6.07
C ARG B 484 -0.23 12.60 -5.04
N LYS B 485 0.77 13.49 -5.00
CA LYS B 485 0.76 14.61 -4.09
C LYS B 485 1.57 15.73 -4.74
N CYS B 486 0.96 16.91 -4.80
CA CYS B 486 1.55 18.02 -5.51
C CYS B 486 1.43 19.28 -4.66
N VAL B 487 2.49 20.07 -4.66
CA VAL B 487 2.57 21.26 -3.84
C VAL B 487 3.30 22.33 -4.63
N ILE B 488 2.93 23.60 -4.43
CA ILE B 488 3.70 24.70 -4.98
C ILE B 488 4.35 25.41 -3.81
N ALA B 489 5.69 25.43 -3.77
CA ALA B 489 6.37 26.01 -2.62
C ALA B 489 7.29 27.14 -3.05
N GLU B 490 7.74 27.92 -2.07
CA GLU B 490 8.71 28.98 -2.29
C GLU B 490 10.07 28.53 -1.76
N ASN B 491 10.11 27.61 -0.80
CA ASN B 491 11.38 27.12 -0.27
C ASN B 491 11.22 25.86 0.56
N CYS B 492 12.31 25.10 0.56
CA CYS B 492 12.41 23.75 1.10
C CYS B 492 11.87 23.71 2.54
N THR B 493 12.11 24.77 3.30
CA THR B 493 11.54 24.89 4.63
C THR B 493 10.02 24.82 4.53
N GLN B 494 9.44 25.83 3.89
CA GLN B 494 8.00 25.98 3.80
C GLN B 494 7.40 24.64 3.40
N LEU B 495 7.97 24.07 2.33
CA LEU B 495 7.53 22.78 1.78
C LEU B 495 7.05 21.78 2.84
N ALA B 496 7.84 21.53 3.88
CA ALA B 496 7.45 20.54 4.88
C ALA B 496 5.97 20.69 5.25
N ARG B 497 5.61 21.88 5.76
CA ARG B 497 4.29 22.06 6.33
C ARG B 497 3.24 21.92 5.23
N GLN B 498 3.62 22.20 3.97
CA GLN B 498 2.68 22.07 2.86
C GLN B 498 2.48 20.60 2.60
N LEU B 499 3.55 19.90 2.26
CA LEU B 499 3.50 18.47 1.97
C LEU B 499 2.62 17.75 2.97
N ARG B 500 2.85 18.01 4.27
CA ARG B 500 2.12 17.26 5.28
C ARG B 500 0.62 17.58 5.19
N ASP B 501 0.27 18.87 5.01
CA ASP B 501 -1.12 19.30 5.04
C ASP B 501 -1.82 18.94 3.73
N ALA B 502 -1.02 18.73 2.68
CA ALA B 502 -1.53 18.52 1.34
C ALA B 502 -2.18 17.16 1.26
N PRO B 503 -3.12 16.95 0.31
CA PRO B 503 -3.83 15.69 0.20
C PRO B 503 -3.12 14.73 -0.74
N MET B 504 -3.33 13.44 -0.50
CA MET B 504 -2.89 12.39 -1.39
C MET B 504 -4.07 12.01 -2.27
N VAL B 505 -3.83 12.01 -3.57
CA VAL B 505 -4.89 11.88 -4.56
C VAL B 505 -4.61 10.69 -5.45
N GLU B 506 -5.55 9.73 -5.43
CA GLU B 506 -5.53 8.57 -6.32
C GLU B 506 -6.22 8.98 -7.60
N ALA B 507 -5.47 8.99 -8.71
CA ALA B 507 -6.02 9.38 -9.99
C ALA B 507 -7.33 8.64 -10.29
N THR B 508 -8.46 9.37 -10.42
CA THR B 508 -9.69 8.77 -10.93
C THR B 508 -9.80 9.08 -12.43
N THR B 509 -9.51 8.07 -13.24
CA THR B 509 -9.27 8.23 -14.67
C THR B 509 -10.56 8.61 -15.42
N GLY B 510 -10.44 9.64 -16.29
CA GLY B 510 -11.47 9.96 -17.26
C GLY B 510 -12.60 10.82 -16.71
N CYS B 511 -12.29 11.71 -15.76
CA CYS B 511 -13.27 12.64 -15.25
C CYS B 511 -13.39 13.82 -16.21
N THR B 512 -14.33 14.72 -15.93
CA THR B 512 -14.51 15.94 -16.71
C THR B 512 -13.47 16.98 -16.26
N ILE B 513 -12.76 17.53 -17.25
CA ILE B 513 -11.89 18.67 -17.01
C ILE B 513 -12.64 19.94 -17.40
N TYR B 514 -12.98 20.76 -16.40
CA TYR B 514 -13.69 22.00 -16.64
C TYR B 514 -12.69 23.15 -16.70
N TRP B 515 -12.83 24.00 -17.73
CA TRP B 515 -11.92 25.11 -17.96
C TRP B 515 -12.69 26.45 -17.93
N ARG B 516 -12.31 27.30 -16.97
CA ARG B 516 -12.78 28.67 -16.88
C ARG B 516 -11.69 29.60 -17.38
N LEU B 517 -11.98 30.27 -18.51
CA LEU B 517 -11.08 31.26 -19.07
C LEU B 517 -11.51 32.65 -18.59
N GLY B 518 -10.66 33.28 -17.77
CA GLY B 518 -10.96 34.60 -17.24
C GLY B 518 -10.59 35.68 -18.23
N HIS B 519 -11.10 36.89 -18.00
CA HIS B 519 -10.71 38.07 -18.75
C HIS B 519 -9.21 38.01 -19.09
N ARG B 520 -8.32 38.17 -18.08
CA ARG B 520 -6.90 38.27 -18.35
C ARG B 520 -6.15 37.06 -17.82
N PHE B 521 -5.18 36.59 -18.64
CA PHE B 521 -4.29 35.47 -18.31
C PHE B 521 -2.96 35.66 -19.04
N VAL B 522 -2.25 36.75 -18.72
CA VAL B 522 -1.06 37.15 -19.45
C VAL B 522 0.16 36.51 -18.81
N VAL B 523 0.55 35.35 -19.33
CA VAL B 523 1.73 34.64 -18.84
C VAL B 523 2.95 35.22 -19.54
N ALA B 524 4.10 34.94 -18.93
CA ALA B 524 5.37 35.55 -19.30
C ALA B 524 5.79 35.11 -20.69
N LEU B 525 6.43 36.07 -21.37
CA LEU B 525 6.96 35.90 -22.70
C LEU B 525 7.67 34.54 -22.78
N GLU B 526 8.61 34.33 -21.86
CA GLU B 526 9.36 33.09 -21.77
C GLU B 526 8.39 31.90 -21.79
N THR B 527 7.45 31.91 -20.85
CA THR B 527 6.53 30.81 -20.69
C THR B 527 5.82 30.55 -22.01
N LEU B 528 5.20 31.59 -22.59
CA LEU B 528 4.37 31.37 -23.76
C LEU B 528 5.23 30.89 -24.92
N SER B 529 6.41 31.50 -25.08
CA SER B 529 7.31 31.12 -26.17
C SER B 529 7.75 29.66 -26.01
N ASP B 530 8.05 29.24 -24.78
CA ASP B 530 8.43 27.86 -24.51
C ASP B 530 7.27 26.91 -24.77
N TRP B 531 6.08 27.28 -24.28
CA TRP B 531 4.88 26.48 -24.52
C TRP B 531 4.68 26.28 -26.01
N LEU B 532 4.56 27.38 -26.76
CA LEU B 532 4.35 27.27 -28.19
C LEU B 532 5.48 26.43 -28.79
N ALA B 533 6.71 26.72 -28.36
CA ALA B 533 7.89 26.00 -28.83
C ALA B 533 7.79 24.49 -28.59
N CYS B 534 6.78 24.04 -27.84
CA CYS B 534 6.60 22.61 -27.61
C CYS B 534 5.80 21.93 -28.72
N SER B 535 5.18 22.69 -29.63
CA SER B 535 4.43 21.98 -30.67
C SER B 535 4.40 22.74 -31.99
N GLU B 536 5.05 22.10 -32.98
CA GLU B 536 5.04 22.51 -34.37
C GLU B 536 3.65 23.02 -34.76
N VAL B 537 2.66 22.16 -34.48
CA VAL B 537 1.28 22.38 -34.86
C VAL B 537 0.88 23.79 -34.41
N LEU B 538 1.21 24.12 -33.14
CA LEU B 538 0.88 25.42 -32.59
C LEU B 538 1.73 26.51 -33.21
N SER B 539 3.06 26.33 -33.11
CA SER B 539 4.02 27.31 -33.60
C SER B 539 3.62 27.79 -35.00
N GLN B 540 3.09 26.87 -35.82
CA GLN B 540 2.63 27.22 -37.16
C GLN B 540 1.36 28.07 -37.09
N ALA B 541 0.33 27.54 -36.43
CA ALA B 541 -0.97 28.17 -36.34
C ALA B 541 -0.85 29.60 -35.81
N VAL B 542 0.07 29.80 -34.86
CA VAL B 542 0.31 31.11 -34.27
C VAL B 542 1.20 31.93 -35.23
N GLY B 543 2.26 31.29 -35.75
CA GLY B 543 3.13 31.91 -36.75
C GLY B 543 2.33 32.57 -37.88
N GLN B 544 1.20 31.94 -38.24
CA GLN B 544 0.31 32.48 -39.26
C GLN B 544 -0.46 33.69 -38.76
N LEU B 545 -0.94 33.65 -37.50
CA LEU B 545 -1.63 34.79 -36.91
C LEU B 545 -0.67 35.98 -36.84
N LEU B 546 0.57 35.73 -36.42
CA LEU B 546 1.56 36.79 -36.21
C LEU B 546 2.36 37.08 -37.48
N GLU B 547 2.09 36.34 -38.57
CA GLU B 547 2.74 36.59 -39.84
C GLU B 547 4.26 36.42 -39.70
N HIS B 548 4.69 35.59 -38.75
CA HIS B 548 6.10 35.49 -38.42
C HIS B 548 6.43 34.09 -37.91
N PHE B 549 6.86 33.22 -38.83
CA PHE B 549 7.33 31.88 -38.50
C PHE B 549 8.78 31.77 -38.98
N PRO B 550 9.74 31.26 -38.16
CA PRO B 550 9.50 30.81 -36.79
C PRO B 550 9.20 31.94 -35.81
N LEU B 551 8.53 31.59 -34.71
CA LEU B 551 8.17 32.54 -33.67
C LEU B 551 9.43 32.97 -32.91
N GLU B 552 9.46 34.24 -32.53
CA GLU B 552 10.57 34.78 -31.76
C GLU B 552 10.04 35.55 -30.56
N PRO B 553 10.74 35.49 -29.40
CA PRO B 553 10.29 36.20 -28.19
C PRO B 553 9.66 37.57 -28.47
N ALA B 554 10.44 38.49 -29.05
CA ALA B 554 9.99 39.85 -29.35
C ALA B 554 8.61 39.85 -30.00
N CYS B 555 8.46 38.95 -30.99
CA CYS B 555 7.24 38.80 -31.78
C CYS B 555 6.01 38.79 -30.87
N LEU B 556 6.13 38.15 -29.70
CA LEU B 556 5.01 37.98 -28.78
C LEU B 556 4.81 39.24 -27.96
N GLN B 557 5.92 39.89 -27.61
CA GLN B 557 5.90 41.09 -26.77
C GLN B 557 5.04 42.17 -27.40
N ASP B 558 4.96 42.18 -28.75
CA ASP B 558 4.15 43.17 -29.46
C ASP B 558 2.65 42.97 -29.18
N LEU B 559 2.26 41.79 -28.71
CA LEU B 559 0.86 41.47 -28.53
C LEU B 559 0.29 42.20 -27.32
N SER B 560 -0.95 42.67 -27.47
CA SER B 560 -1.62 43.38 -26.40
C SER B 560 -1.96 42.37 -25.30
N PRO B 561 -1.96 42.80 -24.02
CA PRO B 561 -2.39 41.95 -22.91
C PRO B 561 -3.65 41.14 -23.26
N ALA B 562 -4.67 41.86 -23.76
CA ALA B 562 -5.97 41.28 -24.11
C ALA B 562 -5.81 40.14 -25.12
N GLN B 563 -4.80 40.25 -26.01
CA GLN B 563 -4.53 39.22 -27.00
C GLN B 563 -3.74 38.07 -26.38
N ARG B 564 -2.64 38.43 -25.69
CA ARG B 564 -1.77 37.44 -25.07
C ARG B 564 -2.56 36.56 -24.12
N THR B 565 -3.59 37.12 -23.48
CA THR B 565 -4.53 36.30 -22.73
C THR B 565 -5.06 35.17 -23.62
N PHE B 566 -5.78 35.55 -24.67
CA PHE B 566 -6.41 34.59 -25.58
C PHE B 566 -5.39 33.56 -26.03
N ILE B 567 -4.22 34.04 -26.47
CA ILE B 567 -3.22 33.17 -27.08
C ILE B 567 -2.65 32.20 -26.05
N SER B 568 -2.25 32.74 -24.89
CA SER B 568 -1.73 31.94 -23.80
C SER B 568 -2.75 30.87 -23.40
N GLN B 569 -3.95 31.35 -23.01
CA GLN B 569 -5.08 30.48 -22.70
C GLN B 569 -5.16 29.36 -23.72
N TYR B 570 -5.35 29.71 -25.00
CA TYR B 570 -5.49 28.70 -26.03
C TYR B 570 -4.33 27.71 -25.95
N ALA B 571 -3.12 28.25 -26.15
CA ALA B 571 -1.89 27.47 -26.27
C ALA B 571 -1.85 26.32 -25.25
N LEU B 572 -2.07 26.66 -23.98
CA LEU B 572 -1.97 25.66 -22.92
C LEU B 572 -2.93 24.50 -23.16
N ILE B 573 -4.22 24.84 -23.30
CA ILE B 573 -5.25 23.82 -23.36
C ILE B 573 -5.06 23.02 -24.64
N ALA B 574 -4.58 23.70 -25.69
CA ALA B 574 -4.28 23.06 -26.95
C ALA B 574 -3.14 22.04 -26.78
N LEU B 575 -2.09 22.42 -26.05
CA LEU B 575 -1.00 21.48 -25.77
C LEU B 575 -1.57 20.24 -25.09
N ILE B 576 -2.39 20.46 -24.05
CA ILE B 576 -2.98 19.38 -23.30
C ILE B 576 -3.80 18.49 -24.23
N ASP B 577 -4.67 19.12 -25.04
CA ASP B 577 -5.61 18.37 -25.89
C ASP B 577 -4.82 17.58 -26.94
N GLU B 578 -3.74 18.19 -27.46
CA GLU B 578 -2.82 17.52 -28.38
C GLU B 578 -2.29 16.24 -27.76
N ARG B 579 -1.61 16.38 -26.60
CA ARG B 579 -1.02 15.24 -25.93
C ARG B 579 -2.09 14.20 -25.58
N GLU B 580 -3.27 14.66 -25.18
CA GLU B 580 -4.35 13.73 -24.85
C GLU B 580 -5.70 14.42 -24.92
N THR B 581 -6.47 14.05 -25.95
CA THR B 581 -7.86 14.47 -26.04
C THR B 581 -8.61 13.87 -24.85
N LEU B 582 -8.82 14.69 -23.82
CA LEU B 582 -9.65 14.33 -22.68
C LEU B 582 -10.94 15.15 -22.73
N ASN B 583 -11.92 14.75 -21.90
CA ASN B 583 -13.17 15.46 -21.78
C ASN B 583 -12.90 16.86 -21.20
N VAL B 584 -12.84 17.87 -22.09
CA VAL B 584 -12.55 19.25 -21.72
C VAL B 584 -13.79 20.10 -21.98
N VAL B 585 -14.41 20.62 -20.91
CA VAL B 585 -15.49 21.60 -21.04
C VAL B 585 -14.89 22.99 -20.87
N LEU B 586 -15.51 24.01 -21.48
CA LEU B 586 -14.96 25.36 -21.40
C LEU B 586 -16.03 26.36 -20.97
N CYS B 587 -15.56 27.55 -20.55
CA CYS B 587 -16.43 28.64 -20.14
C CYS B 587 -15.59 29.93 -20.05
N GLY B 588 -15.96 30.96 -20.82
CA GLY B 588 -15.12 32.15 -20.97
C GLY B 588 -15.70 33.40 -20.28
N ASP B 589 -14.81 34.38 -20.07
CA ASP B 589 -15.15 35.65 -19.44
C ASP B 589 -14.38 36.78 -20.13
N GLY B 590 -15.14 37.73 -20.70
CA GLY B 590 -14.59 38.76 -21.54
C GLY B 590 -13.61 38.18 -22.54
N ASP B 591 -12.38 38.68 -22.52
CA ASP B 591 -11.31 38.25 -23.41
C ASP B 591 -11.16 36.72 -23.41
N GLY B 592 -11.61 36.04 -22.35
CA GLY B 592 -11.55 34.58 -22.33
C GLY B 592 -12.49 33.95 -23.36
N GLY B 593 -13.73 34.46 -23.38
CA GLY B 593 -14.79 33.91 -24.22
C GLY B 593 -14.30 33.56 -25.63
N TYR B 594 -13.46 34.46 -26.17
CA TYR B 594 -12.88 34.30 -27.49
C TYR B 594 -12.14 32.95 -27.56
N ALA B 595 -11.12 32.78 -26.72
CA ALA B 595 -10.35 31.54 -26.70
C ALA B 595 -11.30 30.35 -26.53
N ALA B 596 -12.22 30.50 -25.54
CA ALA B 596 -13.17 29.46 -25.21
C ALA B 596 -13.93 28.97 -26.45
N ALA B 597 -14.45 29.92 -27.24
CA ALA B 597 -15.20 29.58 -28.46
C ALA B 597 -14.32 28.81 -29.44
N VAL B 598 -13.02 29.15 -29.48
CA VAL B 598 -12.08 28.52 -30.41
C VAL B 598 -11.87 27.09 -29.96
N LEU B 599 -11.42 26.94 -28.71
CA LEU B 599 -11.11 25.63 -28.15
C LEU B 599 -12.34 24.72 -28.20
N ARG B 600 -13.51 25.28 -27.87
CA ARG B 600 -14.76 24.54 -27.98
C ARG B 600 -14.91 24.03 -29.41
N GLY B 601 -14.56 24.87 -30.39
CA GLY B 601 -14.64 24.53 -31.80
C GLY B 601 -15.84 25.17 -32.47
N ASP B 602 -16.28 26.31 -31.93
CA ASP B 602 -17.37 27.06 -32.54
C ASP B 602 -16.85 27.70 -33.82
N CYS B 603 -15.58 28.13 -33.78
CA CYS B 603 -14.93 28.76 -34.91
C CYS B 603 -13.47 28.30 -35.00
N THR B 604 -12.76 28.80 -36.02
CA THR B 604 -11.33 28.58 -36.16
C THR B 604 -10.58 29.69 -35.44
N LEU B 605 -9.34 29.39 -35.05
CA LEU B 605 -8.50 30.30 -34.30
C LEU B 605 -8.58 31.72 -34.89
N GLU B 606 -8.03 31.89 -36.10
CA GLU B 606 -7.97 33.19 -36.73
C GLU B 606 -9.36 33.84 -36.74
N GLN B 607 -10.41 33.01 -36.86
CA GLN B 607 -11.78 33.52 -36.89
C GLN B 607 -12.02 34.35 -35.63
N ALA B 608 -11.71 33.76 -34.46
CA ALA B 608 -11.90 34.46 -33.21
C ALA B 608 -10.85 35.57 -33.06
N TRP B 609 -9.60 35.28 -33.46
CA TRP B 609 -8.53 36.28 -33.44
C TRP B 609 -9.01 37.61 -34.05
N HIS B 610 -9.48 37.54 -35.30
CA HIS B 610 -10.00 38.70 -36.01
C HIS B 610 -11.18 39.30 -35.23
N ARG B 611 -12.01 38.42 -34.63
CA ARG B 611 -13.18 38.85 -33.89
C ARG B 611 -12.79 39.55 -32.59
N LEU B 612 -11.61 39.18 -32.06
CA LEU B 612 -11.08 39.74 -30.83
C LEU B 612 -10.45 41.10 -31.14
N ASN B 613 -9.80 41.18 -32.30
CA ASN B 613 -9.27 42.46 -32.78
C ASN B 613 -10.42 43.37 -33.18
N ALA B 614 -11.58 42.79 -33.54
CA ALA B 614 -12.78 43.57 -33.84
C ALA B 614 -13.56 43.91 -32.55
N GLY B 615 -13.38 43.11 -31.50
CA GLY B 615 -14.10 43.30 -30.25
C GLY B 615 -15.54 42.80 -30.35
N GLN B 616 -15.71 41.53 -30.73
CA GLN B 616 -17.01 40.90 -30.89
C GLN B 616 -17.11 39.67 -30.00
N PRO B 617 -17.55 39.80 -28.72
CA PRO B 617 -17.49 38.69 -27.76
C PRO B 617 -18.48 37.56 -28.06
N PHE B 618 -18.40 36.49 -27.25
CA PHE B 618 -19.34 35.39 -27.27
C PHE B 618 -20.06 35.34 -25.92
N ASP B 619 -21.14 34.54 -25.81
CA ASP B 619 -21.86 34.42 -24.56
C ASP B 619 -21.47 33.09 -23.89
N CYS B 632 -13.40 18.16 -12.40
CA CYS B 632 -12.20 18.93 -11.97
C CYS B 632 -12.20 20.32 -12.64
N SER B 633 -12.54 21.36 -11.87
CA SER B 633 -12.68 22.70 -12.41
C SER B 633 -11.38 23.48 -12.21
N LEU B 634 -10.91 24.09 -13.31
CA LEU B 634 -9.69 24.89 -13.31
C LEU B 634 -10.01 26.24 -13.92
N MET B 635 -9.25 27.27 -13.54
CA MET B 635 -9.50 28.59 -14.07
C MET B 635 -8.16 29.19 -14.50
N LEU B 636 -8.24 30.19 -15.39
CA LEU B 636 -7.08 30.88 -15.92
C LEU B 636 -7.34 32.38 -15.87
N ASP B 637 -6.70 33.07 -14.91
CA ASP B 637 -7.05 34.46 -14.62
C ASP B 637 -6.06 35.12 -13.66
N ASP B 638 -5.44 36.20 -14.14
CA ASP B 638 -4.63 37.09 -13.30
C ASP B 638 -5.37 37.43 -12.01
N ALA B 639 -6.64 37.82 -12.17
CA ALA B 639 -7.46 38.27 -11.06
C ALA B 639 -7.22 37.39 -9.83
N ALA B 640 -7.23 36.05 -10.03
CA ALA B 640 -7.14 35.13 -8.90
C ALA B 640 -5.73 35.16 -8.29
N SER B 641 -4.72 35.18 -9.16
CA SER B 641 -3.33 35.16 -8.73
C SER B 641 -2.45 35.27 -9.97
N ASP B 642 -1.18 35.67 -9.78
CA ASP B 642 -0.24 35.81 -10.89
C ASP B 642 -0.56 34.76 -11.95
N ALA B 643 -0.81 35.20 -13.20
CA ALA B 643 -1.17 34.29 -14.28
C ALA B 643 -0.31 33.02 -14.23
N ASN B 644 1.02 33.22 -14.32
CA ASN B 644 1.98 32.13 -14.31
C ASN B 644 1.70 31.16 -13.16
N ARG B 645 1.50 31.71 -11.96
CA ARG B 645 1.17 30.89 -10.82
C ARG B 645 -0.12 30.13 -11.09
N THR B 646 -1.17 30.86 -11.53
CA THR B 646 -2.46 30.25 -11.82
C THR B 646 -2.23 29.04 -12.73
N ALA B 647 -1.31 29.18 -13.68
CA ALA B 647 -0.98 28.10 -14.60
C ALA B 647 -0.34 26.91 -13.88
N LEU B 648 0.61 27.19 -12.98
CA LEU B 648 1.23 26.11 -12.23
C LEU B 648 0.17 25.33 -11.49
N GLU B 649 -0.66 26.04 -10.70
CA GLU B 649 -1.70 25.36 -9.93
C GLU B 649 -2.62 24.61 -10.88
N ALA B 650 -3.02 25.27 -11.97
CA ALA B 650 -3.84 24.63 -12.98
C ALA B 650 -3.25 23.28 -13.36
N LEU B 651 -1.98 23.28 -13.78
CA LEU B 651 -1.31 22.06 -14.20
C LEU B 651 -1.29 21.04 -13.06
N GLY B 652 -0.80 21.47 -11.90
CA GLY B 652 -0.79 20.63 -10.72
C GLY B 652 -2.12 19.89 -10.52
N GLN B 653 -3.23 20.64 -10.40
CA GLN B 653 -4.50 20.00 -10.13
C GLN B 653 -4.85 19.06 -11.28
N LEU B 654 -4.33 19.32 -12.49
CA LEU B 654 -4.49 18.39 -13.61
C LEU B 654 -3.79 17.08 -13.27
N TRP B 655 -2.49 17.20 -13.03
CA TRP B 655 -1.66 16.04 -12.75
C TRP B 655 -2.29 15.23 -11.62
N LEU B 656 -2.73 15.91 -10.57
CA LEU B 656 -3.35 15.22 -9.45
C LEU B 656 -4.58 14.46 -9.96
N ALA B 657 -5.39 15.11 -10.80
CA ALA B 657 -6.61 14.51 -11.31
C ALA B 657 -6.24 13.33 -12.18
N GLY B 658 -4.94 13.21 -12.46
CA GLY B 658 -4.40 12.04 -13.14
C GLY B 658 -4.23 12.28 -14.63
N VAL B 659 -4.07 13.53 -15.04
CA VAL B 659 -3.79 13.78 -16.44
C VAL B 659 -2.29 13.55 -16.66
N SER B 660 -1.95 13.16 -17.88
CA SER B 660 -0.55 13.04 -18.28
C SER B 660 -0.07 14.39 -18.80
N LEU B 661 0.99 14.93 -18.20
CA LEU B 661 1.56 16.20 -18.62
C LEU B 661 2.93 15.98 -19.25
N ASP B 662 3.33 16.88 -20.14
CA ASP B 662 4.74 17.02 -20.47
C ASP B 662 5.32 18.04 -19.50
N TRP B 663 6.22 17.59 -18.63
CA TRP B 663 6.73 18.43 -17.56
C TRP B 663 7.32 19.74 -18.08
N ARG B 664 7.78 19.76 -19.34
CA ARG B 664 8.28 21.00 -19.94
C ARG B 664 7.26 22.13 -19.74
N TRP B 665 5.98 21.79 -19.86
CA TRP B 665 4.88 22.72 -19.63
C TRP B 665 5.10 23.42 -18.29
N VAL B 666 5.27 22.61 -17.25
CA VAL B 666 5.45 23.12 -15.91
C VAL B 666 6.75 23.93 -15.85
N ASP B 667 7.83 23.32 -16.37
CA ASP B 667 9.15 23.95 -16.33
C ASP B 667 9.07 25.39 -16.87
N ALA B 668 8.33 25.53 -17.97
CA ALA B 668 8.19 26.79 -18.67
C ALA B 668 7.37 27.79 -17.85
N ALA B 669 6.41 27.28 -17.06
CA ALA B 669 5.58 28.15 -16.25
C ALA B 669 6.36 28.58 -15.01
N GLU B 670 7.23 27.70 -14.53
CA GLU B 670 8.09 27.98 -13.39
C GLU B 670 9.18 28.96 -13.77
N ARG B 671 9.75 28.79 -14.97
CA ARG B 671 10.81 29.67 -15.44
C ARG B 671 12.03 29.59 -14.53
N MET B 672 12.26 28.45 -13.89
CA MET B 672 13.39 28.32 -12.99
C MET B 672 14.64 28.06 -13.82
N LEU B 673 15.58 29.00 -13.78
CA LEU B 673 16.77 28.93 -14.62
C LEU B 673 17.85 28.12 -13.89
N GLY B 674 18.60 27.34 -14.67
CA GLY B 674 19.78 26.65 -14.16
C GLY B 674 19.42 25.49 -13.23
N SER B 675 18.16 25.06 -13.24
CA SER B 675 17.73 23.96 -12.40
C SER B 675 18.59 22.72 -12.72
N GLN B 676 18.66 21.78 -11.77
CA GLN B 676 19.66 20.73 -11.78
C GLN B 676 19.07 19.38 -11.35
N ARG B 677 19.51 18.29 -11.98
CA ARG B 677 19.12 16.95 -11.54
C ARG B 677 19.93 16.61 -10.28
N ILE B 678 19.25 16.21 -9.21
CA ILE B 678 19.91 15.91 -7.95
C ILE B 678 19.48 14.54 -7.40
N ALA B 679 20.34 14.03 -6.54
CA ALA B 679 20.14 12.70 -6.00
C ALA B 679 19.26 12.81 -4.78
N LEU B 680 17.98 12.47 -4.94
CA LEU B 680 17.06 12.50 -3.81
C LEU B 680 16.62 11.08 -3.48
N PRO B 681 15.91 10.88 -2.34
CA PRO B 681 15.16 9.64 -2.15
C PRO B 681 14.25 9.42 -3.35
N GLY B 682 13.84 8.17 -3.54
CA GLY B 682 13.03 7.81 -4.68
C GLY B 682 12.15 6.61 -4.37
N THR B 683 11.91 5.81 -5.40
CA THR B 683 10.98 4.70 -5.32
C THR B 683 11.27 3.90 -4.07
N VAL B 684 10.19 3.50 -3.40
CA VAL B 684 10.29 2.74 -2.19
C VAL B 684 9.84 1.32 -2.49
N PHE B 685 10.80 0.42 -2.70
CA PHE B 685 10.47 -0.98 -2.89
C PHE B 685 10.36 -1.65 -1.53
N THR B 686 9.36 -2.54 -1.39
CA THR B 686 9.34 -3.50 -0.28
C THR B 686 9.43 -4.87 -0.92
N PRO B 687 10.65 -5.44 -0.96
CA PRO B 687 10.92 -6.68 -1.66
C PRO B 687 10.81 -7.91 -0.79
N GLN B 688 10.42 -9.03 -1.40
CA GLN B 688 10.31 -10.29 -0.69
C GLN B 688 11.45 -11.17 -1.17
N ARG B 689 11.66 -12.27 -0.44
CA ARG B 689 12.60 -13.30 -0.83
C ARG B 689 11.99 -14.13 -1.93
N TYR B 690 12.71 -14.28 -3.03
CA TYR B 690 12.30 -15.22 -4.07
C TYR B 690 13.48 -16.14 -4.33
N TRP B 691 13.38 -17.39 -3.91
CA TRP B 691 14.52 -18.28 -3.88
C TRP B 691 14.13 -19.75 -4.04
N VAL B 692 14.86 -20.45 -4.90
CA VAL B 692 14.70 -21.88 -5.05
C VAL B 692 15.86 -22.56 -4.33
N GLU B 693 15.52 -23.52 -3.47
CA GLU B 693 16.54 -24.26 -2.75
C GLU B 693 16.87 -25.54 -3.52
N ALA B 694 18.12 -25.96 -3.36
CA ALA B 694 18.57 -27.20 -3.92
C ALA B 694 18.08 -28.35 -3.06
N VAL B 695 17.33 -29.29 -3.67
CA VAL B 695 16.85 -30.48 -2.99
C VAL B 695 17.99 -31.51 -2.93
N ARG B 696 18.54 -31.74 -1.73
CA ARG B 696 19.73 -32.55 -1.53
C ARG B 696 19.53 -33.96 -2.14
N MET C 1 -55.16 -13.17 37.74
CA MET C 1 -53.80 -13.00 37.15
C MET C 1 -53.27 -11.59 37.40
N THR C 2 -51.96 -11.49 37.64
CA THR C 2 -51.29 -10.22 37.90
C THR C 2 -50.17 -10.05 36.89
N TYR C 3 -49.58 -8.84 36.89
CA TYR C 3 -48.56 -8.46 35.92
C TYR C 3 -47.25 -9.17 36.20
N SER C 4 -46.49 -9.40 35.13
CA SER C 4 -45.19 -10.03 35.19
C SER C 4 -44.14 -9.06 35.76
N GLU C 5 -43.16 -9.64 36.46
CA GLU C 5 -42.10 -8.91 37.18
C GLU C 5 -41.38 -7.95 36.24
N SER C 6 -41.27 -8.33 34.96
CA SER C 6 -40.52 -7.55 33.98
C SER C 6 -41.42 -6.59 33.22
N ASP C 7 -42.70 -6.49 33.62
CA ASP C 7 -43.67 -5.75 32.83
C ASP C 7 -43.61 -4.27 33.20
N ILE C 8 -43.40 -3.43 32.17
CA ILE C 8 -43.40 -2.01 32.39
C ILE C 8 -44.72 -1.42 31.94
N ALA C 9 -45.39 -0.73 32.87
CA ALA C 9 -46.65 -0.07 32.60
C ALA C 9 -46.40 1.35 32.13
N ILE C 10 -47.13 1.71 31.06
CA ILE C 10 -47.27 3.09 30.62
C ILE C 10 -48.44 3.71 31.35
N VAL C 11 -48.15 4.75 32.13
CA VAL C 11 -49.15 5.36 32.97
C VAL C 11 -49.30 6.82 32.58
N GLY C 12 -48.57 7.26 31.56
CA GLY C 12 -48.70 8.62 31.09
C GLY C 12 -48.10 8.80 29.70
N MET C 13 -48.68 9.73 28.94
CA MET C 13 -48.18 10.07 27.61
C MET C 13 -48.35 11.56 27.40
N ASN C 14 -47.61 12.09 26.44
CA ASN C 14 -47.84 13.45 26.02
C ASN C 14 -47.11 13.67 24.71
N CYS C 15 -47.68 14.53 23.88
CA CYS C 15 -47.10 14.75 22.58
C CYS C 15 -47.50 16.12 22.07
N ARG C 16 -46.70 16.63 21.14
CA ARG C 16 -47.05 17.87 20.44
C ARG C 16 -46.66 17.74 18.99
N TYR C 17 -47.54 18.22 18.10
CA TYR C 17 -47.22 18.33 16.68
C TYR C 17 -47.79 19.65 16.18
N PRO C 18 -47.43 20.10 14.97
CA PRO C 18 -48.00 21.32 14.45
C PRO C 18 -49.54 21.22 14.49
N GLY C 19 -50.15 22.11 15.29
CA GLY C 19 -51.61 22.18 15.38
C GLY C 19 -52.22 21.03 16.19
N VAL C 20 -51.36 20.27 16.88
CA VAL C 20 -51.78 19.16 17.71
C VAL C 20 -51.17 19.36 19.08
N HIS C 21 -52.02 19.76 20.04
CA HIS C 21 -51.53 20.29 21.30
C HIS C 21 -51.89 19.37 22.47
N SER C 22 -52.37 18.16 22.18
CA SER C 22 -52.65 17.19 23.22
C SER C 22 -52.76 15.79 22.63
N VAL C 23 -52.45 14.82 23.48
CA VAL C 23 -52.60 13.42 23.12
C VAL C 23 -53.98 13.22 22.56
N ALA C 24 -54.98 13.71 23.30
CA ALA C 24 -56.37 13.65 22.89
C ALA C 24 -56.52 14.10 21.44
N ALA C 25 -55.89 15.23 21.10
CA ALA C 25 -55.97 15.81 19.77
C ALA C 25 -55.29 14.89 18.75
N PHE C 26 -54.10 14.42 19.11
CA PHE C 26 -53.38 13.48 18.27
C PHE C 26 -54.28 12.30 17.92
N GLU C 27 -54.89 11.70 18.96
CA GLU C 27 -55.82 10.60 18.79
C GLU C 27 -56.83 10.98 17.70
N THR C 28 -57.32 12.22 17.74
CA THR C 28 -58.33 12.67 16.80
C THR C 28 -57.76 12.61 15.37
N VAL C 29 -56.51 13.02 15.22
CA VAL C 29 -55.82 12.99 13.94
C VAL C 29 -55.77 11.56 13.42
N LEU C 30 -55.42 10.65 14.33
CA LEU C 30 -55.31 9.24 13.98
C LEU C 30 -56.67 8.68 13.59
N ARG C 31 -57.71 8.99 14.39
CA ARG C 31 -59.07 8.50 14.19
C ARG C 31 -59.61 9.02 12.86
N THR C 32 -59.60 10.35 12.69
CA THR C 32 -60.14 10.98 11.49
C THR C 32 -59.21 10.75 10.32
N GLY C 33 -58.02 10.21 10.58
CA GLY C 33 -57.08 9.89 9.52
C GLY C 33 -56.67 11.16 8.79
N CYS C 34 -56.05 12.06 9.55
CA CYS C 34 -55.69 13.38 9.05
C CYS C 34 -54.19 13.49 8.84
N ASN C 35 -53.79 14.29 7.84
CA ASN C 35 -52.37 14.52 7.52
C ASN C 35 -52.02 15.98 7.76
N ILE C 36 -51.43 16.23 8.93
CA ILE C 36 -51.34 17.58 9.45
C ILE C 36 -50.40 18.42 8.60
N LEU C 37 -49.57 17.78 7.78
CA LEU C 37 -48.53 18.48 7.04
C LEU C 37 -49.12 19.30 5.91
N ASP C 38 -50.28 18.86 5.39
CA ASP C 38 -50.96 19.61 4.34
C ASP C 38 -49.93 20.18 3.36
N PRO C 39 -49.24 19.33 2.57
CA PRO C 39 -48.15 19.81 1.72
C PRO C 39 -48.63 20.60 0.53
N LYS C 40 -47.69 21.37 -0.05
CA LYS C 40 -47.93 22.16 -1.24
C LYS C 40 -46.70 22.05 -2.14
N VAL C 41 -46.93 21.47 -3.32
CA VAL C 41 -45.87 21.06 -4.23
C VAL C 41 -45.84 22.01 -5.41
N THR C 42 -44.68 22.60 -5.68
CA THR C 42 -44.51 23.52 -6.80
C THR C 42 -43.35 23.04 -7.67
N PRO C 43 -43.56 22.65 -8.94
CA PRO C 43 -42.42 22.35 -9.82
C PRO C 43 -41.41 23.50 -9.78
N SER C 44 -40.11 23.15 -9.66
CA SER C 44 -39.05 24.12 -9.40
C SER C 44 -37.70 23.65 -9.94
N ASN C 45 -37.29 24.25 -11.07
CA ASN C 45 -35.96 24.03 -11.64
C ASN C 45 -35.75 22.53 -11.84
N GLY C 46 -36.71 21.89 -12.51
CA GLY C 46 -36.66 20.46 -12.81
C GLY C 46 -36.98 19.58 -11.59
N HIS C 47 -37.13 20.20 -10.41
CA HIS C 47 -37.34 19.47 -9.17
C HIS C 47 -38.71 19.86 -8.60
N ASN C 48 -38.96 19.52 -7.32
CA ASN C 48 -40.20 19.92 -6.70
C ASN C 48 -39.94 20.69 -5.41
N HIS C 49 -40.48 21.92 -5.33
CA HIS C 49 -40.41 22.72 -4.13
C HIS C 49 -41.62 22.46 -3.25
N ILE C 50 -41.38 21.94 -2.05
CA ILE C 50 -42.47 21.49 -1.20
C ILE C 50 -42.52 22.35 0.06
N THR C 51 -43.74 22.87 0.34
CA THR C 51 -43.98 23.61 1.56
C THR C 51 -44.96 22.83 2.44
N LEU C 52 -44.70 22.87 3.73
CA LEU C 52 -45.39 22.01 4.68
C LEU C 52 -45.94 22.83 5.83
N ASN C 53 -46.74 22.14 6.64
CA ASN C 53 -47.15 22.62 7.93
C ASN C 53 -46.37 21.81 8.97
N ASN C 54 -45.03 21.92 8.94
CA ASN C 54 -44.15 21.00 9.66
C ASN C 54 -43.36 21.71 10.75
N VAL C 55 -43.78 22.94 11.11
CA VAL C 55 -43.13 23.70 12.14
C VAL C 55 -44.13 23.89 13.27
N TYR C 56 -43.70 23.61 14.50
CA TYR C 56 -44.56 23.77 15.66
C TYR C 56 -44.66 25.26 16.01
N GLU C 57 -45.74 25.88 15.54
CA GLU C 57 -45.98 27.31 15.63
C GLU C 57 -45.69 27.88 17.03
N HIS C 58 -46.11 27.17 18.09
CA HIS C 58 -46.13 27.74 19.42
C HIS C 58 -44.76 27.63 20.12
N MET C 59 -43.74 27.11 19.44
CA MET C 59 -42.47 26.82 20.11
C MET C 59 -41.97 28.05 20.89
N ALA C 60 -42.30 29.24 20.39
CA ALA C 60 -41.75 30.46 20.96
C ALA C 60 -42.29 30.73 22.37
N GLU C 61 -43.46 30.16 22.68
CA GLU C 61 -44.23 30.52 23.86
C GLU C 61 -43.75 29.68 25.03
N PHE C 62 -43.75 30.28 26.24
CA PHE C 62 -43.20 29.61 27.41
C PHE C 62 -43.60 30.36 28.68
N ASP C 63 -43.77 29.61 29.79
CA ASP C 63 -44.00 30.27 31.07
C ASP C 63 -42.66 30.35 31.78
N ALA C 64 -41.76 31.12 31.22
CA ALA C 64 -40.44 31.34 31.79
C ALA C 64 -40.63 31.73 33.25
N ASN C 65 -41.55 32.69 33.46
CA ASN C 65 -41.92 33.14 34.79
C ASN C 65 -42.18 31.94 35.69
N PHE C 66 -43.08 31.05 35.23
CA PHE C 66 -43.51 29.94 36.06
C PHE C 66 -42.34 29.03 36.41
N PHE C 67 -41.45 28.81 35.45
CA PHE C 67 -40.36 27.87 35.62
C PHE C 67 -39.11 28.55 36.17
N GLY C 68 -39.20 29.85 36.46
CA GLY C 68 -38.13 30.53 37.16
C GLY C 68 -36.97 30.91 36.25
N TYR C 69 -37.29 31.23 35.00
CA TYR C 69 -36.31 31.66 34.03
C TYR C 69 -36.37 33.17 33.87
N SER C 70 -35.21 33.81 33.77
CA SER C 70 -35.18 35.21 33.39
C SER C 70 -35.53 35.30 31.92
N ARG C 71 -36.12 36.42 31.52
CA ARG C 71 -36.54 36.58 30.14
C ARG C 71 -35.38 36.28 29.21
N ALA C 72 -34.19 36.74 29.58
CA ALA C 72 -32.98 36.46 28.83
C ALA C 72 -32.76 34.96 28.74
N GLU C 73 -32.70 34.31 29.90
CA GLU C 73 -32.44 32.88 29.97
C GLU C 73 -33.40 32.16 29.01
N ALA C 74 -34.66 32.58 29.07
CA ALA C 74 -35.72 31.98 28.28
C ALA C 74 -35.48 32.22 26.79
N GLU C 75 -35.03 33.43 26.45
CA GLU C 75 -34.91 33.79 25.05
C GLU C 75 -33.78 32.98 24.39
N ILE C 76 -32.72 32.66 25.13
CA ILE C 76 -31.62 31.89 24.56
C ILE C 76 -31.89 30.39 24.73
N MET C 77 -32.77 30.04 25.66
CA MET C 77 -33.06 28.63 25.85
C MET C 77 -33.76 28.07 24.60
N ASP C 78 -33.33 26.88 24.18
CA ASP C 78 -33.85 26.20 23.01
C ASP C 78 -35.31 25.84 23.18
N PRO C 79 -36.18 26.28 22.26
CA PRO C 79 -37.59 25.94 22.30
C PRO C 79 -37.86 24.48 22.64
N GLN C 80 -37.09 23.61 22.00
CA GLN C 80 -37.21 22.17 22.24
C GLN C 80 -37.23 21.91 23.74
N GLN C 81 -36.20 22.41 24.42
CA GLN C 81 -36.07 22.21 25.85
C GLN C 81 -37.28 22.78 26.57
N ARG C 82 -37.74 23.97 26.15
CA ARG C 82 -38.81 24.64 26.87
C ARG C 82 -40.09 23.81 26.78
N VAL C 83 -40.52 23.59 25.54
CA VAL C 83 -41.77 22.90 25.31
C VAL C 83 -41.71 21.51 25.93
N PHE C 84 -40.53 20.90 25.84
CA PHE C 84 -40.38 19.60 26.48
C PHE C 84 -40.70 19.72 27.98
N LEU C 85 -40.14 20.74 28.63
CA LEU C 85 -40.31 20.93 30.05
C LEU C 85 -41.80 21.11 30.36
N THR C 86 -42.41 22.12 29.72
CA THR C 86 -43.81 22.37 29.91
C THR C 86 -44.61 21.08 29.76
N CYS C 87 -44.31 20.33 28.71
CA CYS C 87 -45.05 19.10 28.44
C CYS C 87 -44.83 18.07 29.54
N ALA C 88 -43.62 18.02 30.08
CA ALA C 88 -43.34 17.08 31.15
C ALA C 88 -44.24 17.41 32.34
N TRP C 89 -44.14 18.66 32.79
CA TRP C 89 -44.95 19.13 33.90
C TRP C 89 -46.41 18.75 33.67
N GLU C 90 -46.91 19.08 32.47
CA GLU C 90 -48.27 18.73 32.10
C GLU C 90 -48.51 17.24 32.31
N MET C 91 -47.68 16.40 31.70
CA MET C 91 -47.94 14.97 31.68
C MET C 91 -47.95 14.43 33.10
N PHE C 92 -46.97 14.86 33.89
CA PHE C 92 -46.93 14.50 35.29
C PHE C 92 -48.27 14.79 35.95
N GLU C 93 -48.80 16.00 35.75
CA GLU C 93 -50.06 16.36 36.38
C GLU C 93 -51.17 15.47 35.86
N GLN C 94 -51.21 15.28 34.54
CA GLN C 94 -52.26 14.50 33.91
C GLN C 94 -52.21 13.04 34.35
N SER C 95 -51.04 12.59 34.81
CA SER C 95 -50.91 11.22 35.28
C SER C 95 -51.13 11.16 36.79
N GLY C 96 -51.43 12.31 37.40
CA GLY C 96 -51.72 12.34 38.82
C GLY C 96 -50.45 12.31 39.68
N TYR C 97 -49.38 12.95 39.20
CA TYR C 97 -48.15 13.04 39.96
C TYR C 97 -47.70 14.48 40.08
N ASN C 98 -47.42 14.89 41.33
CA ASN C 98 -46.96 16.23 41.60
C ASN C 98 -45.60 16.46 40.93
N PRO C 99 -45.56 17.25 39.84
CA PRO C 99 -44.35 17.45 39.05
C PRO C 99 -43.08 17.75 39.83
N LYS C 100 -43.16 18.57 40.88
CA LYS C 100 -41.94 19.02 41.53
C LYS C 100 -41.66 18.21 42.80
N GLN C 101 -42.55 17.26 43.16
CA GLN C 101 -42.29 16.52 44.40
C GLN C 101 -42.59 15.05 44.17
N HIS C 102 -41.62 14.20 44.52
CA HIS C 102 -41.66 12.82 44.08
C HIS C 102 -41.40 11.89 45.25
N ASP C 103 -42.40 11.07 45.57
CA ASP C 103 -42.32 10.13 46.68
C ASP C 103 -41.27 9.09 46.32
N ALA C 104 -41.37 8.55 45.11
CA ALA C 104 -40.42 7.56 44.61
C ALA C 104 -39.43 8.23 43.66
N ARG C 105 -38.27 7.58 43.45
CA ARG C 105 -37.26 8.06 42.53
C ARG C 105 -37.78 8.09 41.10
N VAL C 106 -37.42 9.18 40.42
CA VAL C 106 -37.84 9.40 39.05
C VAL C 106 -36.62 9.48 38.15
N GLY C 107 -36.74 8.80 37.01
CA GLY C 107 -35.71 8.81 36.00
C GLY C 107 -36.11 9.65 34.78
N LEU C 108 -35.10 10.22 34.12
CA LEU C 108 -35.30 11.01 32.92
C LEU C 108 -34.44 10.43 31.81
N TYR C 109 -35.13 9.94 30.79
CA TYR C 109 -34.47 9.39 29.62
C TYR C 109 -35.05 10.05 28.39
N ALA C 110 -34.28 10.96 27.78
CA ALA C 110 -34.85 11.68 26.66
C ALA C 110 -33.79 12.28 25.75
N GLY C 111 -34.24 12.56 24.51
CA GLY C 111 -33.35 13.04 23.46
C GLY C 111 -33.94 14.17 22.64
N VAL C 112 -33.07 14.87 21.91
CA VAL C 112 -33.44 16.11 21.26
C VAL C 112 -32.59 16.31 20.01
N SER C 113 -33.19 16.91 18.98
CA SER C 113 -32.46 17.31 17.79
C SER C 113 -31.48 18.43 18.13
N THR C 114 -30.53 18.64 17.24
CA THR C 114 -29.64 19.79 17.32
C THR C 114 -30.50 21.05 17.37
N SER C 115 -30.01 22.10 18.04
CA SER C 115 -30.77 23.33 18.19
C SER C 115 -30.61 24.25 16.98
N PHE C 116 -31.50 24.07 16.01
CA PHE C 116 -31.51 24.93 14.85
C PHE C 116 -31.91 26.34 15.28
N TYR C 117 -32.54 26.46 16.45
CA TYR C 117 -32.74 27.76 17.03
C TYR C 117 -31.38 28.44 17.19
N LEU C 118 -30.45 27.70 17.80
CA LEU C 118 -29.10 28.21 17.98
C LEU C 118 -28.50 28.54 16.64
N LEU C 119 -28.51 27.55 15.76
CA LEU C 119 -27.80 27.65 14.50
C LEU C 119 -28.30 28.79 13.63
N THR C 120 -29.63 28.92 13.51
CA THR C 120 -30.23 29.86 12.59
C THR C 120 -30.56 31.19 13.27
N HIS C 121 -31.24 31.12 14.43
CA HIS C 121 -31.69 32.31 15.10
C HIS C 121 -30.55 32.87 15.95
N LEU C 122 -30.21 32.19 17.06
CA LEU C 122 -29.33 32.80 18.05
C LEU C 122 -28.07 33.31 17.39
N MET C 123 -27.44 32.43 16.61
CA MET C 123 -26.13 32.73 16.04
C MET C 123 -26.18 33.88 15.05
N ASN C 124 -27.38 34.39 14.73
CA ASN C 124 -27.51 35.56 13.88
C ASN C 124 -28.04 36.73 14.70
N ASN C 125 -27.72 36.78 16.00
CA ASN C 125 -28.02 37.97 16.77
C ASN C 125 -26.79 38.30 17.61
N PRO C 126 -25.71 38.76 16.94
CA PRO C 126 -24.39 38.95 17.56
C PRO C 126 -24.50 39.57 18.95
N ASP C 127 -25.49 40.46 19.11
CA ASP C 127 -25.82 41.07 20.38
C ASP C 127 -26.08 39.99 21.43
N LYS C 128 -27.30 39.39 21.38
CA LYS C 128 -27.76 38.49 22.42
C LYS C 128 -26.85 37.26 22.44
N LEU C 129 -26.09 37.12 21.36
CA LEU C 129 -25.14 36.04 21.18
C LEU C 129 -24.00 36.12 22.20
N ALA C 130 -23.70 37.31 22.74
CA ALA C 130 -22.66 37.41 23.76
C ALA C 130 -23.15 38.17 24.98
N GLN C 131 -24.08 39.12 24.76
CA GLN C 131 -24.57 39.96 25.84
C GLN C 131 -25.15 39.13 27.00
N LEU C 132 -25.46 37.85 26.75
CA LEU C 132 -26.07 37.01 27.76
C LEU C 132 -25.16 35.82 28.10
N GLY C 133 -23.92 35.82 27.58
CA GLY C 133 -22.85 34.92 28.04
C GLY C 133 -22.81 33.56 27.32
N GLY C 134 -21.74 33.30 26.55
CA GLY C 134 -21.59 32.08 25.76
C GLY C 134 -22.00 30.79 26.49
N LEU C 135 -21.47 30.62 27.71
CA LEU C 135 -21.78 29.48 28.56
C LEU C 135 -23.28 29.26 28.65
N GLN C 136 -24.06 30.32 28.90
CA GLN C 136 -25.50 30.19 29.03
C GLN C 136 -26.09 29.83 27.66
N ILE C 137 -25.50 30.33 26.57
CA ILE C 137 -25.96 29.94 25.25
C ILE C 137 -25.81 28.43 25.12
N MET C 138 -24.68 27.92 25.60
CA MET C 138 -24.50 26.48 25.54
C MET C 138 -25.52 25.79 26.43
N VAL C 139 -25.67 26.24 27.67
CA VAL C 139 -26.63 25.64 28.58
C VAL C 139 -28.02 25.63 27.93
N GLY C 140 -28.26 26.63 27.10
CA GLY C 140 -29.56 26.78 26.48
C GLY C 140 -29.78 25.83 25.32
N ASN C 141 -28.70 25.25 24.75
CA ASN C 141 -28.87 24.59 23.45
C ASN C 141 -28.17 23.23 23.35
N ASP C 142 -27.11 22.99 24.13
CA ASP C 142 -26.46 21.71 24.14
C ASP C 142 -27.46 20.62 24.62
N LYS C 143 -27.67 19.61 23.77
CA LYS C 143 -28.59 18.51 24.02
C LYS C 143 -28.50 18.00 25.46
N ASP C 144 -27.28 17.84 25.94
CA ASP C 144 -27.02 17.40 27.31
C ASP C 144 -28.05 17.98 28.28
N HIS C 145 -28.38 19.27 28.14
CA HIS C 145 -29.14 19.94 29.18
C HIS C 145 -30.60 19.50 29.18
N LEU C 146 -31.10 19.00 28.04
CA LEU C 146 -32.50 18.65 27.94
C LEU C 146 -32.99 18.01 29.22
N THR C 147 -32.33 16.91 29.63
CA THR C 147 -32.77 16.20 30.82
C THR C 147 -32.44 17.03 32.06
N SER C 148 -31.20 17.54 32.15
CA SER C 148 -30.74 18.17 33.38
C SER C 148 -31.67 19.33 33.78
N GLN C 149 -32.14 20.11 32.80
CA GLN C 149 -33.12 21.15 33.04
C GLN C 149 -34.36 20.55 33.69
N LEU C 150 -34.95 19.55 33.03
CA LEU C 150 -36.16 18.93 33.55
C LEU C 150 -35.91 18.46 34.97
N ALA C 151 -34.73 17.88 35.21
CA ALA C 151 -34.38 17.34 36.51
C ALA C 151 -34.34 18.45 37.53
N TYR C 152 -33.89 19.64 37.12
CA TYR C 152 -33.88 20.77 38.01
C TYR C 152 -35.32 21.17 38.29
N ARG C 153 -36.04 21.52 37.22
CA ARG C 153 -37.33 22.17 37.33
C ARG C 153 -38.37 21.25 37.97
N LEU C 154 -38.26 19.94 37.75
CA LEU C 154 -39.19 18.99 38.34
C LEU C 154 -38.55 18.31 39.54
N ASN C 155 -37.42 18.87 40.01
CA ASN C 155 -36.79 18.38 41.23
C ASN C 155 -36.75 16.85 41.20
N ILE C 156 -36.11 16.33 40.14
CA ILE C 156 -35.93 14.91 39.92
C ILE C 156 -34.49 14.58 40.22
N THR C 157 -34.26 13.56 41.05
CA THR C 157 -32.92 13.16 41.43
C THR C 157 -32.60 11.75 40.97
N GLY C 158 -33.49 11.12 40.17
CA GLY C 158 -33.20 9.79 39.66
C GLY C 158 -32.10 9.81 38.60
N PRO C 159 -31.87 8.68 37.91
CA PRO C 159 -31.05 8.67 36.70
C PRO C 159 -31.50 9.76 35.75
N CYS C 160 -30.56 10.52 35.22
CA CYS C 160 -30.92 11.63 34.36
C CYS C 160 -29.98 11.60 33.17
N VAL C 161 -30.53 11.21 32.00
CA VAL C 161 -29.70 10.91 30.84
C VAL C 161 -30.35 11.43 29.56
N THR C 162 -29.64 12.33 28.89
CA THR C 162 -29.97 12.70 27.53
C THR C 162 -29.44 11.60 26.62
N VAL C 163 -30.37 10.88 26.00
CA VAL C 163 -30.03 9.77 25.13
C VAL C 163 -30.20 10.22 23.69
N GLN C 164 -29.29 9.79 22.81
CA GLN C 164 -29.30 10.21 21.40
C GLN C 164 -28.99 9.02 20.48
N ALA C 165 -29.87 8.79 19.48
CA ALA C 165 -29.79 7.65 18.59
C ALA C 165 -30.70 7.89 17.38
N SER C 166 -30.30 8.90 16.62
CA SER C 166 -31.01 9.33 15.41
C SER C 166 -32.51 9.12 15.59
N CYS C 167 -33.14 8.39 14.66
CA CYS C 167 -34.60 8.26 14.62
C CYS C 167 -35.11 7.38 15.78
N ALA C 168 -34.25 6.47 16.24
CA ALA C 168 -34.61 5.54 17.30
C ALA C 168 -34.61 6.21 18.68
N THR C 169 -34.00 7.40 18.77
CA THR C 169 -33.78 8.06 20.05
C THR C 169 -34.93 7.79 21.01
N SER C 170 -36.14 8.28 20.70
CA SER C 170 -37.27 8.17 21.62
C SER C 170 -37.44 6.75 22.18
N LEU C 171 -37.38 5.72 21.32
CA LEU C 171 -37.59 4.34 21.77
C LEU C 171 -36.37 3.81 22.52
N VAL C 172 -35.18 4.25 22.10
CA VAL C 172 -33.99 3.89 22.85
C VAL C 172 -34.17 4.41 24.29
N ALA C 173 -34.61 5.66 24.40
CA ALA C 173 -34.95 6.26 25.68
C ALA C 173 -35.93 5.37 26.44
N VAL C 174 -37.07 5.04 25.79
CA VAL C 174 -38.04 4.19 26.43
C VAL C 174 -37.36 2.95 26.98
N HIS C 175 -36.51 2.33 26.16
CA HIS C 175 -35.83 1.12 26.59
C HIS C 175 -34.99 1.40 27.82
N LEU C 176 -34.05 2.33 27.70
CA LEU C 176 -33.15 2.63 28.82
C LEU C 176 -33.96 2.96 30.08
N ALA C 177 -35.17 3.51 29.91
CA ALA C 177 -36.08 3.75 31.01
C ALA C 177 -36.49 2.42 31.64
N CYS C 178 -37.06 1.53 30.81
CA CYS C 178 -37.45 0.22 31.30
C CYS C 178 -36.28 -0.37 32.07
N GLU C 179 -35.11 -0.31 31.45
CA GLU C 179 -33.90 -0.82 32.05
C GLU C 179 -33.71 -0.24 33.46
N GLY C 180 -33.86 1.09 33.58
CA GLY C 180 -33.59 1.77 34.85
C GLY C 180 -34.65 1.47 35.89
N LEU C 181 -35.84 1.10 35.39
CA LEU C 181 -36.90 0.67 36.28
C LEU C 181 -36.59 -0.72 36.79
N LEU C 182 -36.39 -1.66 35.87
CA LEU C 182 -36.19 -3.05 36.23
C LEU C 182 -34.92 -3.20 37.07
N SER C 183 -33.89 -2.46 36.71
CA SER C 183 -32.64 -2.45 37.48
C SER C 183 -32.89 -1.93 38.88
N GLY C 184 -33.90 -1.08 39.04
CA GLY C 184 -34.26 -0.54 40.33
C GLY C 184 -33.73 0.87 40.52
N GLN C 185 -32.98 1.37 39.53
CA GLN C 185 -32.31 2.66 39.69
C GLN C 185 -33.35 3.76 39.86
N CYS C 186 -34.51 3.60 39.24
CA CYS C 186 -35.60 4.52 39.50
C CYS C 186 -36.91 3.75 39.68
N ASP C 187 -37.96 4.45 40.11
CA ASP C 187 -39.22 3.81 40.43
C ASP C 187 -40.30 4.27 39.44
N MET C 188 -40.11 5.47 38.88
CA MET C 188 -40.95 5.91 37.78
C MET C 188 -40.06 6.69 36.83
N ALA C 189 -40.35 6.65 35.54
CA ALA C 189 -39.42 7.24 34.59
C ALA C 189 -40.15 7.91 33.44
N LEU C 190 -39.61 9.06 33.05
CA LEU C 190 -40.10 9.77 31.89
C LEU C 190 -39.13 9.52 30.75
N ALA C 191 -39.70 9.09 29.62
CA ALA C 191 -38.90 8.76 28.46
C ALA C 191 -39.48 9.49 27.27
N GLY C 192 -38.63 10.12 26.46
CA GLY C 192 -39.19 10.76 25.28
C GLY C 192 -38.18 11.47 24.39
N GLY C 193 -38.75 12.14 23.37
CA GLY C 193 -37.95 12.82 22.37
C GLY C 193 -38.63 14.10 21.88
N VAL C 194 -37.82 15.00 21.28
CA VAL C 194 -38.38 16.19 20.69
C VAL C 194 -37.49 16.67 19.55
N THR C 195 -38.16 17.08 18.47
CA THR C 195 -37.51 17.62 17.28
C THR C 195 -38.32 18.81 16.75
N PHE C 196 -37.73 20.02 16.83
CA PHE C 196 -38.40 21.19 16.29
C PHE C 196 -37.63 21.70 15.09
N ARG C 197 -38.39 21.96 14.01
CA ARG C 197 -37.86 22.60 12.83
C ARG C 197 -38.10 24.09 12.93
N MET C 198 -37.08 24.88 12.57
CA MET C 198 -37.23 26.31 12.50
C MET C 198 -38.00 26.65 11.24
N GLU C 199 -38.49 27.90 11.16
CA GLU C 199 -39.27 28.34 10.02
C GLU C 199 -38.44 28.17 8.76
N GLU C 200 -37.14 28.51 8.87
CA GLU C 200 -36.20 28.41 7.78
C GLU C 200 -36.18 26.99 7.19
N GLN C 201 -36.72 26.02 7.94
CA GLN C 201 -36.65 24.65 7.52
C GLN C 201 -38.01 24.18 6.99
N ARG C 202 -38.99 25.08 6.89
CA ARG C 202 -40.36 24.66 6.60
C ARG C 202 -40.40 23.95 5.25
N SER C 203 -39.90 24.63 4.22
CA SER C 203 -39.93 24.12 2.87
C SER C 203 -38.78 23.14 2.66
N TYR C 204 -38.80 22.46 1.52
CA TYR C 204 -37.62 21.75 1.07
C TYR C 204 -37.69 21.51 -0.42
N GLU C 205 -36.50 21.31 -0.99
CA GLU C 205 -36.35 21.07 -2.41
C GLU C 205 -36.14 19.57 -2.62
N SER C 206 -36.96 19.01 -3.50
CA SER C 206 -36.95 17.60 -3.79
C SER C 206 -36.00 17.34 -4.94
N HIS C 207 -34.98 16.50 -4.68
CA HIS C 207 -33.90 16.28 -5.63
C HIS C 207 -34.13 15.01 -6.45
N GLY C 208 -35.07 14.16 -6.03
CA GLY C 208 -35.30 12.88 -6.70
C GLY C 208 -34.46 11.78 -6.06
N ASP C 209 -33.77 12.11 -4.96
CA ASP C 209 -32.81 11.20 -4.36
C ASP C 209 -33.50 9.92 -3.89
N GLY C 210 -34.78 10.01 -3.51
CA GLY C 210 -35.48 8.87 -2.94
C GLY C 210 -35.48 8.91 -1.41
N LEU C 211 -34.85 9.96 -0.86
CA LEU C 211 -34.81 10.22 0.58
C LEU C 211 -36.02 11.05 1.03
N GLN C 212 -36.33 12.12 0.29
CA GLN C 212 -37.44 13.00 0.63
C GLN C 212 -38.51 12.91 -0.46
N ALA C 213 -39.77 12.83 -0.02
CA ALA C 213 -40.87 12.61 -0.94
C ALA C 213 -40.96 13.76 -1.95
N GLU C 214 -41.29 13.39 -3.20
CA GLU C 214 -41.43 14.33 -4.30
C GLU C 214 -42.75 15.08 -4.23
N ASP C 215 -43.73 14.47 -3.54
CA ASP C 215 -45.08 14.99 -3.52
C ASP C 215 -45.45 15.48 -2.12
N GLY C 216 -44.48 15.48 -1.20
CA GLY C 216 -44.71 15.93 0.17
C GLY C 216 -45.55 14.93 0.96
N LEU C 217 -45.59 13.69 0.47
CA LEU C 217 -46.41 12.66 1.06
C LEU C 217 -45.58 11.43 1.33
N ILE C 218 -45.72 10.93 2.55
CA ILE C 218 -45.06 9.71 2.96
C ILE C 218 -45.96 8.54 2.55
N HIS C 219 -45.63 7.92 1.42
CA HIS C 219 -46.44 6.83 0.92
C HIS C 219 -45.90 5.53 1.49
N THR C 220 -46.02 5.35 2.81
CA THR C 220 -45.41 4.19 3.44
C THR C 220 -45.92 2.93 2.77
N PHE C 221 -44.97 2.15 2.24
CA PHE C 221 -45.23 0.84 1.66
C PHE C 221 -46.07 0.96 0.39
N ASP C 222 -46.35 2.20 -0.07
CA ASP C 222 -47.20 2.39 -1.23
C ASP C 222 -46.29 2.48 -2.46
N ALA C 223 -46.85 2.05 -3.60
CA ALA C 223 -46.13 2.04 -4.86
C ALA C 223 -45.51 3.41 -5.19
N GLN C 224 -46.13 4.49 -4.72
CA GLN C 224 -45.66 5.84 -5.06
C GLN C 224 -44.63 6.35 -4.04
N ALA C 225 -44.20 5.50 -3.09
CA ALA C 225 -43.24 5.93 -2.09
C ALA C 225 -42.03 6.56 -2.78
N SER C 226 -41.79 7.85 -2.54
CA SER C 226 -40.68 8.56 -3.16
C SER C 226 -39.66 9.02 -2.13
N GLY C 227 -39.95 8.73 -0.85
CA GLY C 227 -39.14 9.25 0.24
C GLY C 227 -40.00 9.68 1.42
N THR C 228 -39.34 10.22 2.45
CA THR C 228 -39.95 10.66 3.69
C THR C 228 -40.08 12.18 3.69
N VAL C 229 -40.68 12.69 4.75
CA VAL C 229 -41.02 14.09 4.89
C VAL C 229 -40.85 14.45 6.36
N TYR C 230 -39.94 15.39 6.64
CA TYR C 230 -39.57 15.65 8.01
C TYR C 230 -40.48 16.72 8.58
N SER C 231 -40.79 16.57 9.89
CA SER C 231 -41.70 17.48 10.56
C SER C 231 -41.17 17.75 11.96
N SER C 232 -41.78 18.75 12.60
CA SER C 232 -41.61 18.99 14.01
C SER C 232 -42.50 18.04 14.79
N GLY C 233 -42.07 17.71 15.99
CA GLY C 233 -42.83 16.82 16.84
C GLY C 233 -42.16 16.58 18.18
N LEU C 234 -43.00 16.20 19.15
CA LEU C 234 -42.53 15.97 20.49
C LEU C 234 -43.35 14.84 21.07
N GLY C 235 -42.68 13.94 21.81
CA GLY C 235 -43.38 12.84 22.43
C GLY C 235 -42.70 12.41 23.73
N MET C 236 -43.51 11.92 24.67
CA MET C 236 -42.96 11.46 25.93
C MET C 236 -43.97 10.55 26.61
N VAL C 237 -43.45 9.63 27.42
CA VAL C 237 -44.27 8.75 28.21
C VAL C 237 -43.69 8.65 29.61
N LEU C 238 -44.59 8.22 30.50
CA LEU C 238 -44.34 8.00 31.90
C LEU C 238 -44.55 6.53 32.15
N LEU C 239 -43.48 5.90 32.64
CA LEU C 239 -43.39 4.47 32.80
C LEU C 239 -43.12 4.13 34.25
N LYS C 240 -43.65 2.97 34.67
CA LYS C 240 -43.26 2.42 35.95
C LYS C 240 -43.56 0.93 35.94
N ARG C 241 -43.05 0.23 36.94
CA ARG C 241 -43.25 -1.20 37.04
C ARG C 241 -44.74 -1.52 37.15
N ALA C 242 -45.23 -2.33 36.19
CA ALA C 242 -46.64 -2.66 36.14
C ALA C 242 -47.15 -3.09 37.51
N THR C 243 -46.40 -4.02 38.10
CA THR C 243 -46.73 -4.60 39.39
C THR C 243 -47.05 -3.52 40.42
N ASP C 244 -46.31 -2.41 40.37
CA ASP C 244 -46.51 -1.28 41.27
C ASP C 244 -47.73 -0.48 40.82
N ALA C 245 -47.69 -0.07 39.55
CA ALA C 245 -48.75 0.75 38.98
C ALA C 245 -50.12 0.18 39.32
N GLN C 246 -50.22 -1.15 39.32
CA GLN C 246 -51.47 -1.84 39.59
C GLN C 246 -52.05 -1.39 40.93
N VAL C 247 -51.22 -1.38 41.97
CA VAL C 247 -51.68 -1.11 43.31
C VAL C 247 -51.46 0.36 43.70
N GLN C 248 -50.81 1.14 42.84
CA GLN C 248 -50.60 2.56 43.14
C GLN C 248 -51.59 3.44 42.39
N GLY C 249 -52.83 2.95 42.25
CA GLY C 249 -53.93 3.70 41.66
C GLY C 249 -53.55 4.41 40.36
N ASP C 250 -52.75 3.73 39.54
CA ASP C 250 -52.42 4.26 38.23
C ASP C 250 -53.40 3.72 37.20
N ASN C 251 -53.68 4.58 36.20
CA ASN C 251 -54.38 4.14 35.02
C ASN C 251 -53.34 3.60 34.06
N ILE C 252 -53.19 2.27 34.07
CA ILE C 252 -52.23 1.59 33.22
C ILE C 252 -52.80 1.54 31.83
N LEU C 253 -52.22 2.36 30.95
CA LEU C 253 -52.70 2.50 29.59
C LEU C 253 -52.35 1.24 28.80
N ALA C 254 -51.09 0.84 28.89
CA ALA C 254 -50.59 -0.33 28.18
C ALA C 254 -49.30 -0.81 28.84
N VAL C 255 -48.82 -1.97 28.39
CA VAL C 255 -47.66 -2.58 29.02
C VAL C 255 -46.61 -2.94 27.98
N ILE C 256 -45.41 -2.40 28.16
CA ILE C 256 -44.24 -2.87 27.45
C ILE C 256 -43.82 -4.19 28.10
N LYS C 257 -43.88 -5.26 27.32
CA LYS C 257 -43.54 -6.59 27.82
C LYS C 257 -42.03 -6.78 27.73
N GLY C 258 -41.46 -6.30 26.63
CA GLY C 258 -40.04 -6.41 26.37
C GLY C 258 -39.58 -5.42 25.29
N SER C 259 -38.30 -5.09 25.35
CA SER C 259 -37.72 -4.10 24.46
C SER C 259 -36.31 -4.51 24.05
N ALA C 260 -35.83 -3.97 22.93
CA ALA C 260 -34.45 -4.21 22.54
C ALA C 260 -33.94 -3.10 21.64
N ILE C 261 -32.61 -2.86 21.72
CA ILE C 261 -31.95 -1.85 20.92
C ILE C 261 -30.65 -2.41 20.41
N ASN C 262 -30.30 -2.06 19.18
CA ASN C 262 -29.08 -2.60 18.62
C ASN C 262 -28.61 -1.68 17.51
N ASN C 263 -27.70 -2.19 16.68
CA ASN C 263 -27.26 -1.49 15.49
C ASN C 263 -27.07 -2.48 14.35
N ASP C 264 -27.30 -2.00 13.12
CA ASP C 264 -27.17 -2.82 11.91
C ASP C 264 -25.73 -3.25 11.71
N GLY C 265 -24.84 -2.66 12.53
CA GLY C 265 -23.42 -2.92 12.42
C GLY C 265 -22.92 -2.62 11.01
N GLY C 266 -22.03 -3.48 10.52
CA GLY C 266 -21.47 -3.33 9.19
C GLY C 266 -22.25 -4.13 8.15
N ALA C 267 -23.48 -4.57 8.46
CA ALA C 267 -24.22 -5.43 7.54
C ALA C 267 -25.11 -4.60 6.61
N ARG C 268 -24.49 -3.67 5.87
CA ARG C 268 -25.23 -2.68 5.08
C ARG C 268 -24.32 -2.13 3.98
N SER C 269 -24.95 -1.59 2.93
CA SER C 269 -24.22 -1.13 1.76
C SER C 269 -23.59 0.24 1.96
N GLY C 270 -23.79 0.87 3.11
CA GLY C 270 -23.26 2.21 3.34
C GLY C 270 -23.90 2.84 4.56
N TYR C 271 -23.21 3.79 5.19
CA TYR C 271 -23.59 4.25 6.52
C TYR C 271 -25.10 4.45 6.64
N THR C 272 -25.69 5.11 5.64
CA THR C 272 -27.04 5.62 5.75
C THR C 272 -28.06 4.62 5.21
N VAL C 273 -27.68 3.35 5.13
CA VAL C 273 -28.55 2.34 4.57
C VAL C 273 -29.00 1.38 5.67
N PRO C 274 -30.30 1.00 5.68
CA PRO C 274 -30.79 -0.01 6.59
C PRO C 274 -30.17 -1.40 6.38
N GLY C 275 -30.13 -2.18 7.47
CA GLY C 275 -29.58 -3.53 7.49
C GLY C 275 -30.64 -4.55 7.92
N VAL C 276 -31.18 -5.27 6.94
CA VAL C 276 -32.16 -6.32 7.19
C VAL C 276 -31.73 -7.10 8.42
N ASP C 277 -30.49 -7.60 8.39
CA ASP C 277 -29.92 -8.40 9.46
C ASP C 277 -30.21 -7.77 10.82
N GLY C 278 -29.84 -6.48 10.96
CA GLY C 278 -29.99 -5.75 12.21
C GLY C 278 -31.45 -5.63 12.66
N GLN C 279 -32.32 -5.18 11.75
CA GLN C 279 -33.72 -5.02 12.10
C GLN C 279 -34.30 -6.37 12.53
N GLU C 280 -34.03 -7.39 11.72
CA GLU C 280 -34.37 -8.76 12.07
C GLU C 280 -33.95 -9.02 13.52
N ALA C 281 -32.65 -8.80 13.77
CA ALA C 281 -32.05 -9.13 15.05
C ALA C 281 -32.80 -8.48 16.19
N VAL C 282 -33.02 -7.16 16.05
CA VAL C 282 -33.59 -6.41 17.17
C VAL C 282 -34.99 -6.96 17.47
N MET C 283 -35.80 -7.12 16.41
CA MET C 283 -37.15 -7.62 16.61
C MET C 283 -37.11 -8.94 17.36
N ILE C 284 -36.29 -9.87 16.85
CA ILE C 284 -36.17 -11.19 17.46
C ILE C 284 -35.87 -11.04 18.94
N GLU C 285 -34.80 -10.29 19.23
CA GLU C 285 -34.39 -10.11 20.60
C GLU C 285 -35.59 -9.63 21.42
N ALA C 286 -36.23 -8.55 20.98
CA ALA C 286 -37.34 -7.99 21.73
C ALA C 286 -38.39 -9.07 21.99
N HIS C 287 -38.88 -9.69 20.91
CA HIS C 287 -39.92 -10.71 21.02
C HIS C 287 -39.54 -11.77 22.05
N SER C 288 -38.25 -12.15 22.03
CA SER C 288 -37.73 -13.10 23.00
C SER C 288 -37.91 -12.58 24.41
N LEU C 289 -37.49 -11.35 24.67
CA LEU C 289 -37.52 -10.78 26.00
C LEU C 289 -38.96 -10.59 26.48
N ALA C 290 -39.86 -10.27 25.55
CA ALA C 290 -41.27 -10.15 25.89
C ALA C 290 -41.92 -11.54 25.93
N GLU C 291 -41.13 -12.58 25.66
CA GLU C 291 -41.63 -13.95 25.67
C GLU C 291 -42.89 -14.03 24.81
N VAL C 292 -42.78 -13.63 23.53
CA VAL C 292 -43.91 -13.79 22.64
C VAL C 292 -43.46 -14.30 21.26
N THR C 293 -44.23 -15.25 20.73
CA THR C 293 -44.08 -15.66 19.35
C THR C 293 -44.74 -14.60 18.48
N PRO C 294 -44.28 -14.43 17.23
CA PRO C 294 -44.95 -13.57 16.26
C PRO C 294 -46.46 -13.78 16.20
N GLN C 295 -46.86 -15.05 16.28
CA GLN C 295 -48.25 -15.44 16.24
C GLN C 295 -49.07 -14.76 17.34
N GLN C 296 -48.41 -14.35 18.44
CA GLN C 296 -49.09 -13.70 19.56
C GLN C 296 -49.10 -12.19 19.41
N ILE C 297 -48.59 -11.68 18.28
CA ILE C 297 -48.64 -10.26 17.98
C ILE C 297 -49.60 -10.07 16.82
N GLN C 298 -50.50 -9.07 16.89
CA GLN C 298 -51.48 -8.89 15.81
C GLN C 298 -51.08 -7.70 14.94
N TYR C 299 -50.52 -6.67 15.58
CA TYR C 299 -50.25 -5.41 14.92
C TYR C 299 -48.76 -5.14 14.97
N LEU C 300 -48.28 -4.51 13.90
CA LEU C 300 -46.97 -3.94 13.94
C LEU C 300 -47.04 -2.48 13.46
N GLU C 301 -46.46 -1.62 14.32
CA GLU C 301 -46.29 -0.22 14.02
C GLU C 301 -44.90 -0.07 13.41
N LEU C 302 -44.92 0.11 12.09
CA LEU C 302 -43.72 0.21 11.27
C LEU C 302 -42.97 1.49 11.60
N HIS C 303 -41.70 1.51 11.21
CA HIS C 303 -40.94 2.74 11.06
C HIS C 303 -41.61 3.54 9.93
N GLY C 304 -41.85 2.85 8.80
CA GLY C 304 -42.61 3.40 7.71
C GLY C 304 -42.09 4.76 7.26
N SER C 305 -40.82 4.77 6.83
CA SER C 305 -40.14 6.01 6.48
C SER C 305 -40.77 6.60 5.23
N GLY C 306 -41.18 5.73 4.30
CA GLY C 306 -41.72 6.17 3.02
C GLY C 306 -40.64 6.22 1.92
N THR C 307 -39.43 5.77 2.28
CA THR C 307 -38.34 5.62 1.34
C THR C 307 -38.42 4.24 0.75
N PRO C 308 -38.35 4.14 -0.59
CA PRO C 308 -38.68 2.90 -1.28
C PRO C 308 -37.83 1.78 -0.70
N LEU C 309 -36.53 2.05 -0.63
CA LEU C 309 -35.55 1.10 -0.16
C LEU C 309 -35.79 0.78 1.32
N GLY C 310 -36.02 1.83 2.13
CA GLY C 310 -36.15 1.63 3.57
C GLY C 310 -37.33 0.75 3.91
N ASP C 311 -38.47 1.08 3.27
CA ASP C 311 -39.69 0.30 3.40
C ASP C 311 -39.39 -1.15 2.98
N ALA C 312 -38.85 -1.28 1.76
CA ALA C 312 -38.52 -2.57 1.19
C ALA C 312 -37.73 -3.43 2.18
N ILE C 313 -36.69 -2.84 2.77
CA ILE C 313 -35.85 -3.57 3.70
C ILE C 313 -36.64 -3.92 4.96
N GLU C 314 -37.22 -2.89 5.59
CA GLU C 314 -37.97 -3.11 6.81
C GLU C 314 -38.88 -4.31 6.63
N PHE C 315 -39.64 -4.30 5.53
CA PHE C 315 -40.63 -5.36 5.33
C PHE C 315 -39.94 -6.70 5.22
N ALA C 316 -38.83 -6.76 4.50
CA ALA C 316 -38.06 -8.00 4.39
C ALA C 316 -37.76 -8.53 5.79
N ALA C 317 -37.16 -7.67 6.61
CA ALA C 317 -36.84 -8.03 7.98
C ALA C 317 -38.09 -8.50 8.73
N ILE C 318 -39.23 -7.86 8.46
CA ILE C 318 -40.45 -8.30 9.11
C ILE C 318 -40.78 -9.73 8.70
N LYS C 319 -40.86 -9.94 7.38
CA LYS C 319 -41.21 -11.25 6.85
C LYS C 319 -40.33 -12.31 7.51
N ARG C 320 -39.02 -12.02 7.57
CA ARG C 320 -38.08 -12.94 8.18
C ARG C 320 -38.47 -13.30 9.61
N VAL C 321 -38.86 -12.29 10.39
CA VAL C 321 -39.09 -12.52 11.80
C VAL C 321 -40.43 -13.20 11.99
N PHE C 322 -41.45 -12.83 11.19
CA PHE C 322 -42.80 -13.33 11.44
C PHE C 322 -43.02 -14.69 10.77
N GLY C 323 -42.60 -14.86 9.51
CA GLY C 323 -42.77 -16.15 8.87
C GLY C 323 -44.23 -16.42 8.51
N THR C 324 -44.73 -17.66 8.75
CA THR C 324 -46.10 -18.01 8.40
C THR C 324 -46.96 -18.09 9.67
N PRO C 325 -48.24 -17.63 9.63
CA PRO C 325 -49.13 -17.76 10.79
C PRO C 325 -49.88 -19.09 10.79
N ALA C 326 -50.62 -19.35 11.88
CA ALA C 326 -51.45 -20.54 12.00
C ALA C 326 -52.50 -20.53 10.89
N PRO C 327 -52.76 -21.67 10.21
CA PRO C 327 -53.69 -21.69 9.07
C PRO C 327 -55.03 -21.03 9.42
N ASN C 328 -55.48 -20.11 8.55
CA ASN C 328 -56.75 -19.40 8.70
C ASN C 328 -56.70 -18.39 9.85
N ALA C 329 -55.51 -18.08 10.37
CA ALA C 329 -55.39 -16.97 11.30
C ALA C 329 -55.42 -15.69 10.48
N THR C 330 -56.04 -14.65 11.05
CA THR C 330 -56.12 -13.38 10.37
C THR C 330 -54.69 -12.92 10.07
N PRO C 331 -54.48 -12.12 9.00
CA PRO C 331 -53.14 -11.66 8.65
C PRO C 331 -52.61 -10.70 9.70
N TRP C 332 -51.30 -10.48 9.69
CA TRP C 332 -50.72 -9.47 10.56
C TRP C 332 -51.08 -8.09 10.03
N ARG C 333 -51.46 -7.22 10.95
CA ARG C 333 -51.83 -5.87 10.57
C ARG C 333 -50.59 -5.00 10.67
N LEU C 334 -50.37 -4.18 9.63
CA LEU C 334 -49.26 -3.27 9.60
C LEU C 334 -49.79 -1.83 9.57
N GLY C 335 -49.11 -0.97 10.33
CA GLY C 335 -49.48 0.43 10.36
C GLY C 335 -48.27 1.35 10.37
N ALA C 336 -48.52 2.65 10.15
CA ALA C 336 -47.47 3.66 10.17
C ALA C 336 -48.07 5.03 10.43
N VAL C 337 -47.35 5.79 11.26
CA VAL C 337 -47.85 7.05 11.75
C VAL C 337 -47.27 8.19 10.93
N LYS C 338 -46.12 7.92 10.29
CA LYS C 338 -45.37 8.96 9.66
C LYS C 338 -46.19 9.63 8.56
N PRO C 339 -47.05 8.92 7.81
CA PRO C 339 -47.96 9.61 6.88
C PRO C 339 -48.83 10.69 7.52
N ASN C 340 -49.26 10.45 8.78
CA ASN C 340 -50.18 11.32 9.49
C ASN C 340 -49.48 12.61 9.94
N VAL C 341 -48.32 12.47 10.62
CA VAL C 341 -47.71 13.62 11.28
C VAL C 341 -46.28 13.87 10.83
N GLY C 342 -45.89 13.24 9.74
CA GLY C 342 -44.53 13.35 9.22
C GLY C 342 -43.54 12.48 9.98
N HIS C 343 -42.29 12.50 9.53
CA HIS C 343 -41.17 11.91 10.24
C HIS C 343 -40.64 12.92 11.25
N VAL C 344 -40.66 12.54 12.54
CA VAL C 344 -40.17 13.40 13.61
C VAL C 344 -38.82 12.89 14.12
N GLU C 345 -37.76 13.48 13.57
CA GLU C 345 -36.44 12.91 13.68
C GLU C 345 -36.31 12.18 15.03
N MET C 346 -36.57 12.82 16.18
CA MET C 346 -36.21 12.20 17.45
C MET C 346 -37.40 11.52 18.10
N ALA C 347 -38.58 12.12 17.86
CA ALA C 347 -39.79 11.74 18.54
C ALA C 347 -40.65 10.88 17.63
N SER C 348 -40.00 10.20 16.71
CA SER C 348 -40.67 9.31 15.79
C SER C 348 -41.15 8.08 16.56
N GLY C 349 -40.19 7.43 17.21
CA GLY C 349 -40.45 6.19 17.90
C GLY C 349 -41.60 6.33 18.88
N ILE C 350 -41.44 7.30 19.79
CA ILE C 350 -42.40 7.53 20.85
C ILE C 350 -43.75 7.88 20.23
N THR C 351 -43.72 8.57 19.08
CA THR C 351 -44.96 8.86 18.38
C THR C 351 -45.63 7.55 18.00
N SER C 352 -44.86 6.67 17.34
CA SER C 352 -45.40 5.37 16.94
C SER C 352 -45.95 4.63 18.16
N LEU C 353 -45.21 4.71 19.27
CA LEU C 353 -45.61 4.02 20.48
C LEU C 353 -46.94 4.58 20.99
N ILE C 354 -47.05 5.90 21.02
CA ILE C 354 -48.29 6.53 21.43
C ILE C 354 -49.42 6.06 20.52
N LYS C 355 -49.23 6.21 19.19
CA LYS C 355 -50.22 5.72 18.25
C LYS C 355 -50.65 4.32 18.67
N THR C 356 -49.67 3.47 18.96
CA THR C 356 -49.96 2.09 19.32
C THR C 356 -50.84 2.05 20.59
N VAL C 357 -50.40 2.72 21.65
CA VAL C 357 -51.13 2.69 22.90
C VAL C 357 -52.57 3.12 22.67
N LEU C 358 -52.75 4.20 21.89
CA LEU C 358 -54.09 4.65 21.56
C LEU C 358 -54.83 3.51 20.84
N SER C 359 -54.16 2.92 19.84
CA SER C 359 -54.71 1.80 19.08
C SER C 359 -55.24 0.73 20.04
N LEU C 360 -54.47 0.46 21.10
CA LEU C 360 -54.79 -0.56 22.10
C LEU C 360 -55.99 -0.12 22.94
N THR C 361 -55.87 1.03 23.61
CA THR C 361 -56.90 1.46 24.54
C THR C 361 -58.23 1.63 23.81
N ASN C 362 -58.18 2.19 22.60
CA ASN C 362 -59.39 2.40 21.83
C ASN C 362 -59.76 1.12 21.07
N ARG C 363 -58.91 0.08 21.16
CA ARG C 363 -59.19 -1.21 20.54
C ARG C 363 -59.48 -1.03 19.06
N VAL C 364 -58.68 -0.20 18.37
CA VAL C 364 -58.85 0.00 16.94
C VAL C 364 -57.48 0.06 16.28
N PHE C 365 -57.46 -0.38 15.02
CA PHE C 365 -56.33 -0.07 14.16
C PHE C 365 -56.71 1.19 13.41
N TYR C 366 -55.85 2.20 13.56
CA TYR C 366 -56.03 3.48 12.91
C TYR C 366 -55.50 3.39 11.49
N PRO C 367 -56.14 4.14 10.56
CA PRO C 367 -55.71 4.11 9.17
C PRO C 367 -54.30 4.66 8.99
N THR C 368 -53.60 4.04 8.04
CA THR C 368 -52.31 4.47 7.57
C THR C 368 -52.51 5.17 6.23
N LEU C 369 -52.10 6.43 6.13
CA LEU C 369 -52.53 7.27 5.02
C LEU C 369 -51.64 7.03 3.79
N ASN C 370 -52.07 7.59 2.66
CA ASN C 370 -51.27 7.58 1.42
C ASN C 370 -51.03 6.17 0.91
N PHE C 371 -51.74 5.18 1.46
CA PHE C 371 -51.60 3.81 1.05
C PHE C 371 -52.78 3.43 0.17
N GLN C 372 -52.59 3.55 -1.15
CA GLN C 372 -53.65 3.18 -2.08
C GLN C 372 -53.31 1.84 -2.70
N ARG C 373 -52.02 1.48 -2.76
CA ARG C 373 -51.60 0.30 -3.49
C ARG C 373 -50.20 -0.15 -3.08
N ALA C 374 -50.13 -1.38 -2.56
CA ALA C 374 -48.90 -1.91 -2.03
C ALA C 374 -47.78 -1.81 -3.07
N ASN C 375 -46.58 -1.48 -2.60
CA ASN C 375 -45.40 -1.38 -3.47
C ASN C 375 -45.01 -2.76 -3.98
N PRO C 376 -44.94 -2.97 -5.31
CA PRO C 376 -44.64 -4.27 -5.90
C PRO C 376 -43.60 -5.11 -5.15
N GLN C 377 -42.45 -4.48 -4.87
CA GLN C 377 -41.29 -5.18 -4.35
C GLN C 377 -41.53 -5.71 -2.94
N LEU C 378 -42.59 -5.25 -2.28
CA LEU C 378 -42.90 -5.82 -0.98
C LEU C 378 -43.52 -7.21 -1.17
N GLY C 379 -44.30 -7.38 -2.25
CA GLY C 379 -45.06 -8.60 -2.43
C GLY C 379 -45.94 -8.86 -1.21
N LEU C 380 -46.65 -7.80 -0.78
CA LEU C 380 -47.49 -7.84 0.41
C LEU C 380 -48.67 -8.79 0.18
N GLU C 381 -49.21 -8.75 -1.05
CA GLU C 381 -50.42 -9.48 -1.39
C GLU C 381 -50.31 -10.94 -0.98
N ASP C 382 -49.23 -11.59 -1.41
CA ASP C 382 -49.00 -13.00 -1.12
C ASP C 382 -48.71 -13.20 0.36
N SER C 383 -48.10 -12.17 0.97
CA SER C 383 -47.65 -12.27 2.35
C SER C 383 -48.85 -12.31 3.28
N PRO C 384 -48.69 -12.87 4.49
CA PRO C 384 -49.73 -12.86 5.52
C PRO C 384 -49.75 -11.53 6.28
N PHE C 385 -49.60 -10.45 5.53
CA PHE C 385 -49.53 -9.12 6.08
C PHE C 385 -50.54 -8.25 5.39
N GLU C 386 -50.99 -7.19 6.08
CA GLU C 386 -52.05 -6.33 5.57
C GLU C 386 -51.86 -4.95 6.17
N VAL C 387 -51.62 -3.94 5.32
CA VAL C 387 -51.51 -2.58 5.81
C VAL C 387 -52.92 -2.07 6.11
N VAL C 388 -53.06 -1.42 7.26
CA VAL C 388 -54.35 -0.89 7.68
C VAL C 388 -54.57 0.47 7.01
N SER C 389 -55.65 0.59 6.22
CA SER C 389 -55.94 1.84 5.53
C SER C 389 -57.34 2.38 5.87
N ARG C 390 -58.00 1.77 6.87
CA ARG C 390 -59.29 2.18 7.36
C ARG C 390 -59.34 1.99 8.86
N LEU C 391 -59.90 2.95 9.59
CA LEU C 391 -60.21 2.71 10.99
C LEU C 391 -60.92 1.36 11.05
N THR C 392 -60.31 0.35 11.69
CA THR C 392 -60.98 -0.94 11.80
C THR C 392 -60.81 -1.48 13.21
N PRO C 393 -61.89 -2.03 13.83
CA PRO C 393 -61.82 -2.44 15.23
C PRO C 393 -60.80 -3.55 15.40
N TRP C 394 -60.08 -3.50 16.52
CA TRP C 394 -59.06 -4.46 16.87
C TRP C 394 -59.72 -5.69 17.48
N PRO C 395 -59.88 -6.80 16.72
CA PRO C 395 -60.64 -7.94 17.20
C PRO C 395 -59.97 -8.51 18.45
N GLU C 396 -60.75 -9.25 19.22
CA GLU C 396 -60.26 -9.88 20.42
C GLU C 396 -59.84 -11.30 20.06
N GLY C 397 -58.67 -11.70 20.55
CA GLY C 397 -58.16 -13.06 20.35
C GLY C 397 -58.18 -13.84 21.66
N THR C 398 -57.66 -15.07 21.64
CA THR C 398 -57.54 -15.85 22.84
C THR C 398 -56.38 -15.34 23.69
N THR C 399 -55.45 -14.62 23.06
CA THR C 399 -54.35 -14.01 23.81
C THR C 399 -54.55 -12.50 23.78
N PRO C 400 -53.88 -11.76 24.71
CA PRO C 400 -54.03 -10.31 24.79
C PRO C 400 -53.77 -9.57 23.49
N ARG C 401 -54.41 -8.41 23.37
CA ARG C 401 -54.13 -7.49 22.28
C ARG C 401 -52.67 -7.07 22.42
N THR C 402 -51.88 -7.33 21.39
CA THR C 402 -50.44 -7.19 21.47
C THR C 402 -49.86 -6.77 20.13
N ALA C 403 -48.95 -5.81 20.19
CA ALA C 403 -48.38 -5.18 19.01
C ALA C 403 -46.90 -4.95 19.19
N GLY C 404 -46.21 -4.80 18.05
CA GLY C 404 -44.78 -4.51 18.06
C GLY C 404 -44.50 -3.12 17.50
N VAL C 405 -43.52 -2.40 18.07
CA VAL C 405 -43.23 -1.06 17.61
C VAL C 405 -41.75 -0.96 17.24
N SER C 406 -41.49 -0.54 16.00
CA SER C 406 -40.12 -0.48 15.48
C SER C 406 -39.67 0.96 15.32
N ALA C 407 -38.44 1.26 15.73
CA ALA C 407 -37.82 2.53 15.36
C ALA C 407 -36.40 2.29 14.90
N PHE C 408 -36.18 2.51 13.59
CA PHE C 408 -34.91 2.22 12.94
C PHE C 408 -34.26 3.51 12.47
N GLY C 409 -33.22 3.92 13.21
CA GLY C 409 -32.61 5.21 13.01
C GLY C 409 -31.57 5.21 11.90
N LEU C 410 -31.52 6.31 11.15
CA LEU C 410 -30.44 6.52 10.21
C LEU C 410 -29.13 6.36 10.99
N GLY C 411 -28.19 5.61 10.41
CA GLY C 411 -26.96 5.29 11.10
C GLY C 411 -27.02 3.88 11.67
N GLY C 412 -28.21 3.26 11.58
CA GLY C 412 -28.37 1.84 11.83
C GLY C 412 -28.70 1.51 13.28
N THR C 413 -28.89 2.52 14.14
CA THR C 413 -29.28 2.24 15.51
C THR C 413 -30.77 1.95 15.54
N ASN C 414 -31.15 0.74 16.00
CA ASN C 414 -32.53 0.29 15.96
C ASN C 414 -33.06 -0.01 17.35
N ALA C 415 -34.41 0.04 17.44
CA ALA C 415 -35.13 -0.27 18.66
C ALA C 415 -36.45 -0.96 18.32
N HIS C 416 -36.86 -1.90 19.19
CA HIS C 416 -38.12 -2.60 19.02
C HIS C 416 -38.81 -2.83 20.36
N LEU C 417 -40.13 -2.71 20.35
CA LEU C 417 -40.95 -2.88 21.53
C LEU C 417 -42.03 -3.92 21.30
N VAL C 418 -42.33 -4.66 22.36
CA VAL C 418 -43.59 -5.38 22.38
C VAL C 418 -44.49 -4.71 23.42
N VAL C 419 -45.64 -4.24 22.93
CA VAL C 419 -46.59 -3.54 23.76
C VAL C 419 -47.90 -4.29 23.74
N GLN C 420 -48.48 -4.45 24.93
CA GLN C 420 -49.63 -5.29 25.16
C GLN C 420 -50.68 -4.48 25.91
N ALA C 421 -51.94 -4.74 25.57
CA ALA C 421 -53.05 -4.27 26.37
C ALA C 421 -52.79 -4.65 27.82
N PRO C 422 -53.34 -3.88 28.79
CA PRO C 422 -53.16 -4.17 30.19
C PRO C 422 -54.16 -5.23 30.63
N LEU C 423 -54.02 -5.70 31.86
CA LEU C 423 -55.00 -6.59 32.43
C LEU C 423 -56.32 -5.84 32.51
N SER C 424 -57.41 -6.51 32.16
CA SER C 424 -58.75 -5.97 32.33
C SER C 424 -59.00 -5.74 33.81
N THR C 425 -59.54 -4.57 34.15
CA THR C 425 -59.66 -4.15 35.53
C THR C 425 -60.96 -4.70 36.14
N PRO C 426 -60.89 -5.69 37.05
CA PRO C 426 -62.11 -6.24 37.67
C PRO C 426 -62.68 -5.23 38.67
N GLN C 427 -63.58 -4.36 38.20
CA GLN C 427 -64.01 -3.22 38.98
C GLN C 427 -65.44 -3.41 39.51
N ALA C 428 -65.54 -4.16 40.60
CA ALA C 428 -66.75 -4.24 41.42
C ALA C 428 -66.72 -3.11 42.46
N ARG C 429 -66.52 -1.88 41.95
CA ARG C 429 -66.24 -0.71 42.79
C ARG C 429 -67.51 -0.18 43.44
N ALA C 430 -67.85 -0.72 44.62
CA ALA C 430 -68.93 -0.19 45.44
C ALA C 430 -68.59 1.22 45.91
N GLN C 431 -68.63 2.20 44.99
CA GLN C 431 -68.15 3.56 45.27
C GLN C 431 -68.87 4.08 46.52
N GLN C 432 -68.08 4.32 47.56
CA GLN C 432 -68.63 4.73 48.85
C GLN C 432 -68.80 6.24 48.85
N MET C 433 -70.03 6.71 49.14
CA MET C 433 -70.24 8.09 49.47
C MET C 433 -69.64 8.28 50.85
N GLY C 434 -69.03 9.44 51.04
CA GLY C 434 -68.23 9.71 52.22
C GLY C 434 -67.54 11.04 52.02
N PRO C 435 -67.03 11.66 53.09
CA PRO C 435 -66.38 12.95 52.97
C PRO C 435 -65.03 12.81 52.27
N CYS C 436 -64.79 13.68 51.29
CA CYS C 436 -63.51 13.76 50.59
C CYS C 436 -62.96 15.18 50.64
N VAL C 437 -61.64 15.27 50.83
CA VAL C 437 -60.94 16.54 50.90
C VAL C 437 -60.41 16.89 49.52
N VAL C 438 -61.06 17.90 48.94
CA VAL C 438 -60.73 18.43 47.62
C VAL C 438 -59.93 19.71 47.82
N VAL C 439 -58.79 19.78 47.12
CA VAL C 439 -57.85 20.88 47.33
C VAL C 439 -57.37 21.42 45.99
N LEU C 440 -57.38 22.75 45.85
CA LEU C 440 -56.77 23.43 44.72
C LEU C 440 -55.79 24.46 45.23
N SER C 441 -54.76 24.69 44.43
CA SER C 441 -53.75 25.68 44.76
C SER C 441 -53.24 26.32 43.48
N ALA C 442 -52.76 27.55 43.60
CA ALA C 442 -52.14 28.25 42.50
C ALA C 442 -51.21 29.34 43.05
N LYS C 443 -50.58 30.06 42.11
CA LYS C 443 -49.63 31.09 42.46
C LYS C 443 -50.34 32.40 42.74
N ASN C 444 -51.55 32.55 42.21
CA ASN C 444 -52.34 33.74 42.46
C ASN C 444 -53.81 33.44 42.26
N HIS C 445 -54.64 34.25 42.94
CA HIS C 445 -56.07 34.03 42.99
C HIS C 445 -56.59 33.84 41.56
N ASN C 446 -56.17 34.75 40.70
CA ASN C 446 -56.67 34.78 39.34
C ASN C 446 -56.51 33.42 38.67
N ALA C 447 -55.39 32.75 38.96
CA ALA C 447 -55.15 31.43 38.38
C ALA C 447 -56.10 30.43 39.02
N LEU C 448 -56.17 30.51 40.34
CA LEU C 448 -56.93 29.56 41.11
C LEU C 448 -58.37 29.58 40.62
N GLU C 449 -58.90 30.78 40.38
CA GLU C 449 -60.22 30.93 39.79
C GLU C 449 -60.30 30.07 38.54
N GLN C 450 -59.37 30.30 37.61
CA GLN C 450 -59.41 29.61 36.33
C GLN C 450 -59.40 28.10 36.54
N MET C 451 -58.52 27.65 37.43
CA MET C 451 -58.41 26.23 37.72
C MET C 451 -59.76 25.72 38.22
N GLN C 452 -60.33 26.43 39.20
CA GLN C 452 -61.64 26.15 39.75
C GLN C 452 -62.60 25.91 38.60
N ASN C 453 -62.75 26.94 37.74
CA ASN C 453 -63.77 26.90 36.71
C ASN C 453 -63.50 25.74 35.76
N ALA C 454 -62.24 25.54 35.40
CA ALA C 454 -61.84 24.43 34.55
C ALA C 454 -62.29 23.10 35.14
N LEU C 455 -61.96 22.90 36.41
CA LEU C 455 -62.31 21.66 37.08
C LEU C 455 -63.82 21.46 37.10
N LEU C 456 -64.55 22.47 37.62
CA LEU C 456 -66.00 22.38 37.65
C LEU C 456 -66.52 22.02 36.25
N ALA C 457 -65.99 22.71 35.24
CA ALA C 457 -66.34 22.44 33.86
C ALA C 457 -66.15 20.95 33.56
N LYS C 458 -64.97 20.43 33.86
CA LYS C 458 -64.70 19.02 33.59
C LYS C 458 -65.75 18.14 34.29
N LEU C 459 -65.92 18.33 35.60
CA LEU C 459 -66.80 17.48 36.39
C LEU C 459 -68.22 17.51 35.82
N ALA C 460 -68.67 18.72 35.46
CA ALA C 460 -69.96 18.91 34.84
C ALA C 460 -70.06 18.11 33.54
N ALA C 461 -68.96 18.09 32.78
CA ALA C 461 -68.92 17.36 31.52
C ALA C 461 -68.96 15.85 31.77
N HIS C 462 -68.29 15.40 32.82
CA HIS C 462 -68.16 13.98 33.09
C HIS C 462 -68.71 13.64 34.48
N PRO C 463 -70.06 13.64 34.63
CA PRO C 463 -70.67 13.37 35.93
C PRO C 463 -70.27 12.01 36.50
N GLU C 464 -69.69 11.15 35.64
CA GLU C 464 -69.31 9.80 36.05
C GLU C 464 -68.00 9.81 36.82
N ILE C 465 -67.25 10.92 36.76
CA ILE C 465 -66.00 10.98 37.51
C ILE C 465 -66.34 10.92 39.00
N ARG C 466 -65.65 10.05 39.76
CA ARG C 466 -66.02 9.92 41.16
C ARG C 466 -65.06 10.73 42.03
N LEU C 467 -65.62 11.23 43.13
CA LEU C 467 -64.96 12.20 43.98
C LEU C 467 -63.70 11.61 44.58
N GLN C 468 -63.78 10.40 45.16
CA GLN C 468 -62.61 9.77 45.72
C GLN C 468 -61.40 10.05 44.85
N ASP C 469 -61.60 9.86 43.54
CA ASP C 469 -60.53 9.98 42.58
C ASP C 469 -60.07 11.43 42.59
N VAL C 470 -61.01 12.32 42.25
CA VAL C 470 -60.70 13.73 42.18
C VAL C 470 -59.87 14.11 43.39
N ALA C 471 -60.44 13.95 44.58
CA ALA C 471 -59.82 14.43 45.81
C ALA C 471 -58.39 13.93 45.90
N TYR C 472 -58.19 12.68 45.50
CA TYR C 472 -56.90 12.01 45.60
C TYR C 472 -55.89 12.65 44.67
N THR C 473 -56.31 12.64 43.40
CA THR C 473 -55.55 13.23 42.32
C THR C 473 -55.16 14.67 42.66
N LEU C 474 -56.08 15.46 43.21
CA LEU C 474 -55.76 16.86 43.44
C LEU C 474 -54.80 17.02 44.61
N ARG C 475 -54.59 15.94 45.37
CA ARG C 475 -53.62 15.98 46.45
C ARG C 475 -52.26 15.53 45.95
N HIS C 476 -52.22 14.31 45.40
CA HIS C 476 -50.94 13.73 45.04
C HIS C 476 -50.40 14.30 43.72
N GLY C 477 -51.30 14.59 42.80
CA GLY C 477 -50.91 14.96 41.46
C GLY C 477 -50.80 16.46 41.21
N ARG C 478 -50.71 17.27 42.27
CA ARG C 478 -50.61 18.70 42.07
C ARG C 478 -49.70 19.29 43.15
N PHE C 479 -49.02 20.38 42.81
CA PHE C 479 -48.11 21.02 43.76
C PHE C 479 -48.90 21.97 44.65
N SER C 480 -48.53 22.04 45.93
CA SER C 480 -49.18 22.95 46.85
C SER C 480 -48.62 24.35 46.65
N ALA C 481 -49.32 25.11 45.81
CA ALA C 481 -48.96 26.48 45.53
C ALA C 481 -49.32 27.35 46.72
N PRO C 482 -48.92 28.63 46.73
CA PRO C 482 -49.19 29.52 47.87
C PRO C 482 -50.62 30.00 48.10
N VAL C 483 -51.44 30.01 47.01
CA VAL C 483 -52.82 30.42 47.12
C VAL C 483 -53.70 29.20 47.07
N ARG C 484 -54.47 28.94 48.15
CA ARG C 484 -55.06 27.63 48.33
C ARG C 484 -56.55 27.70 48.57
N LYS C 485 -57.21 26.58 48.29
CA LYS C 485 -58.64 26.44 48.47
C LYS C 485 -58.94 24.98 48.76
N CYS C 486 -59.66 24.75 49.85
CA CYS C 486 -59.90 23.40 50.32
C CYS C 486 -61.37 23.25 50.69
N VAL C 487 -61.95 22.11 50.33
CA VAL C 487 -63.30 21.81 50.73
C VAL C 487 -63.39 20.35 51.07
N ILE C 488 -64.34 20.01 51.94
CA ILE C 488 -64.66 18.62 52.20
C ILE C 488 -66.05 18.39 51.61
N ALA C 489 -66.17 17.50 50.63
CA ALA C 489 -67.45 17.30 49.96
C ALA C 489 -67.90 15.85 50.06
N GLU C 490 -69.19 15.63 49.75
CA GLU C 490 -69.75 14.29 49.72
C GLU C 490 -69.91 13.83 48.27
N ASN C 491 -70.05 14.77 47.32
CA ASN C 491 -70.17 14.40 45.92
C ASN C 491 -69.95 15.58 44.99
N CYS C 492 -69.50 15.22 43.77
CA CYS C 492 -69.02 16.14 42.76
C CYS C 492 -70.04 17.24 42.50
N THR C 493 -71.33 16.91 42.56
CA THR C 493 -72.39 17.89 42.46
C THR C 493 -72.21 18.94 43.56
N GLN C 494 -72.38 18.48 44.81
CA GLN C 494 -72.36 19.36 45.97
C GLN C 494 -71.16 20.30 45.85
N LEU C 495 -70.00 19.68 45.59
CA LEU C 495 -68.72 20.37 45.47
C LEU C 495 -68.84 21.75 44.81
N ALA C 496 -69.48 21.86 43.65
CA ALA C 496 -69.58 23.15 42.97
C ALA C 496 -69.90 24.27 43.96
N ARG C 497 -71.06 24.16 44.64
CA ARG C 497 -71.56 25.26 45.46
C ARG C 497 -70.58 25.49 46.60
N GLN C 498 -69.83 24.45 47.03
CA GLN C 498 -68.87 24.63 48.11
C GLN C 498 -67.70 25.41 47.57
N LEU C 499 -67.02 24.87 46.56
CA LEU C 499 -65.86 25.50 45.97
C LEU C 499 -66.11 26.99 45.76
N ARG C 500 -67.26 27.34 45.18
CA ARG C 500 -67.51 28.75 44.87
C ARG C 500 -67.59 29.56 46.16
N ASP C 501 -68.29 29.04 47.18
CA ASP C 501 -68.52 29.78 48.40
C ASP C 501 -67.27 29.78 49.29
N ALA C 502 -66.37 28.83 49.04
CA ALA C 502 -65.22 28.60 49.88
C ALA C 502 -64.24 29.73 49.68
N PRO C 503 -63.36 30.00 50.66
CA PRO C 503 -62.42 31.09 50.57
C PRO C 503 -61.11 30.63 49.94
N MET C 504 -60.45 31.59 49.30
CA MET C 504 -59.09 31.42 48.81
C MET C 504 -58.16 32.00 49.86
N VAL C 505 -57.18 31.20 50.26
CA VAL C 505 -56.33 31.53 51.38
C VAL C 505 -54.88 31.53 50.93
N GLU C 506 -54.24 32.72 51.08
CA GLU C 506 -52.81 32.88 50.87
C GLU C 506 -52.13 32.49 52.17
N ALA C 507 -51.31 31.44 52.12
CA ALA C 507 -50.61 30.98 53.30
C ALA C 507 -49.90 32.15 54.01
N THR C 508 -50.28 32.46 55.25
CA THR C 508 -49.52 33.40 56.08
C THR C 508 -48.57 32.59 56.97
N THR C 509 -47.29 32.59 56.59
CA THR C 509 -46.33 31.59 57.04
C THR C 509 -45.96 31.82 58.51
N GLY C 510 -46.00 30.73 59.30
CA GLY C 510 -45.44 30.69 60.66
C GLY C 510 -46.35 31.29 61.73
N CYS C 511 -47.67 31.13 61.58
CA CYS C 511 -48.60 31.63 62.59
C CYS C 511 -48.69 30.62 63.73
N THR C 512 -49.45 30.97 64.77
CA THR C 512 -49.69 30.07 65.88
C THR C 512 -50.75 29.03 65.49
N ILE C 513 -50.39 27.76 65.71
CA ILE C 513 -51.33 26.67 65.57
C ILE C 513 -51.84 26.32 66.97
N TYR C 514 -53.13 26.59 67.20
CA TYR C 514 -53.74 26.32 68.47
C TYR C 514 -54.49 24.99 68.40
N TRP C 515 -54.25 24.14 69.41
CA TRP C 515 -54.81 22.80 69.46
C TRP C 515 -55.68 22.63 70.71
N ARG C 516 -56.97 22.38 70.48
CA ARG C 516 -57.92 22.03 71.52
C ARG C 516 -58.18 20.53 71.45
N LEU C 517 -57.77 19.83 72.50
CA LEU C 517 -58.00 18.40 72.63
C LEU C 517 -59.26 18.19 73.47
N GLY C 518 -60.32 17.67 72.84
CA GLY C 518 -61.57 17.42 73.53
C GLY C 518 -61.53 16.10 74.30
N HIS C 519 -62.49 15.92 75.21
CA HIS C 519 -62.69 14.65 75.89
C HIS C 519 -62.44 13.49 74.93
N ARG C 520 -63.33 13.28 73.95
CA ARG C 520 -63.25 12.11 73.09
C ARG C 520 -62.88 12.51 71.67
N PHE C 521 -62.01 11.69 71.06
CA PHE C 521 -61.56 11.83 69.67
C PHE C 521 -61.17 10.46 69.10
N VAL C 522 -62.14 9.56 69.04
CA VAL C 522 -61.88 8.17 68.69
C VAL C 522 -62.01 7.99 67.17
N VAL C 523 -60.89 8.09 66.48
CA VAL C 523 -60.84 7.91 65.05
C VAL C 523 -60.73 6.42 64.75
N ALA C 524 -61.04 6.07 63.50
CA ALA C 524 -61.18 4.69 63.08
C ALA C 524 -59.85 3.95 63.12
N LEU C 525 -59.97 2.67 63.47
CA LEU C 525 -58.85 1.76 63.59
C LEU C 525 -57.94 1.93 62.38
N GLU C 526 -58.50 1.80 61.19
CA GLU C 526 -57.76 2.02 59.95
C GLU C 526 -56.95 3.32 60.04
N THR C 527 -57.65 4.42 60.29
CA THR C 527 -57.00 5.72 60.31
C THR C 527 -55.83 5.69 61.28
N LEU C 528 -56.07 5.30 62.54
CA LEU C 528 -55.03 5.40 63.55
C LEU C 528 -53.85 4.49 63.17
N SER C 529 -54.16 3.26 62.72
CA SER C 529 -53.13 2.32 62.36
C SER C 529 -52.29 2.87 61.20
N ASP C 530 -52.95 3.48 60.20
CA ASP C 530 -52.23 4.07 59.07
C ASP C 530 -51.39 5.25 59.53
N TRP C 531 -51.97 6.12 60.36
CA TRP C 531 -51.24 7.26 60.90
C TRP C 531 -49.97 6.79 61.59
N LEU C 532 -50.14 5.91 62.60
CA LEU C 532 -48.98 5.40 63.32
C LEU C 532 -48.00 4.77 62.33
N ALA C 533 -48.56 3.98 61.40
CA ALA C 533 -47.78 3.29 60.39
C ALA C 533 -46.96 4.27 59.52
N CYS C 534 -47.19 5.58 59.68
CA CYS C 534 -46.42 6.55 58.92
C CYS C 534 -45.10 6.90 59.60
N SER C 535 -44.88 6.50 60.85
CA SER C 535 -43.63 6.91 61.48
C SER C 535 -43.13 5.91 62.49
N GLU C 536 -41.98 5.33 62.13
CA GLU C 536 -41.19 4.44 62.97
C GLU C 536 -41.18 4.96 64.40
N VAL C 537 -40.81 6.25 64.51
CA VAL C 537 -40.63 6.92 65.78
C VAL C 537 -41.86 6.66 66.65
N LEU C 538 -43.05 6.85 66.03
CA LEU C 538 -44.32 6.67 66.74
C LEU C 538 -44.56 5.20 66.99
N SER C 539 -44.58 4.42 65.90
CA SER C 539 -44.88 3.00 65.96
C SER C 539 -44.11 2.34 67.11
N GLN C 540 -42.86 2.80 67.36
CA GLN C 540 -42.06 2.29 68.46
C GLN C 540 -42.63 2.74 69.81
N ALA C 541 -42.75 4.07 69.96
CA ALA C 541 -43.18 4.69 71.20
C ALA C 541 -44.53 4.11 71.66
N VAL C 542 -45.40 3.81 70.68
CA VAL C 542 -46.71 3.22 70.95
C VAL C 542 -46.55 1.71 71.19
N GLY C 543 -45.77 1.05 70.31
CA GLY C 543 -45.44 -0.35 70.47
C GLY C 543 -44.99 -0.69 71.89
N GLN C 544 -44.27 0.26 72.52
CA GLN C 544 -43.81 0.10 73.89
C GLN C 544 -44.97 0.24 74.89
N LEU C 545 -45.87 1.19 74.65
CA LEU C 545 -47.04 1.35 75.51
C LEU C 545 -47.91 0.10 75.44
N LEU C 546 -48.09 -0.44 74.23
CA LEU C 546 -48.97 -1.58 74.01
C LEU C 546 -48.22 -2.90 74.16
N GLU C 547 -46.90 -2.85 74.42
CA GLU C 547 -46.11 -4.05 74.66
C GLU C 547 -46.15 -4.95 73.42
N HIS C 548 -46.35 -4.35 72.24
CA HIS C 548 -46.59 -5.13 71.03
C HIS C 548 -46.08 -4.37 69.81
N PHE C 549 -44.84 -4.66 69.43
CA PHE C 549 -44.21 -4.13 68.22
C PHE C 549 -43.82 -5.33 67.35
N PRO C 550 -44.14 -5.36 66.02
CA PRO C 550 -44.88 -4.29 65.33
C PRO C 550 -46.36 -4.20 65.75
N LEU C 551 -46.94 -3.02 65.54
CA LEU C 551 -48.33 -2.75 65.85
C LEU C 551 -49.23 -3.51 64.87
N GLU C 552 -50.35 -4.02 65.39
CA GLU C 552 -51.32 -4.72 64.56
C GLU C 552 -52.71 -4.15 64.82
N PRO C 553 -53.56 -4.04 63.77
CA PRO C 553 -54.91 -3.50 63.92
C PRO C 553 -55.60 -3.92 65.23
N ALA C 554 -55.78 -5.24 65.43
CA ALA C 554 -56.44 -5.78 66.61
C ALA C 554 -55.92 -5.12 67.89
N CYS C 555 -54.57 -5.04 67.96
CA CYS C 555 -53.85 -4.48 69.10
C CYS C 555 -54.48 -3.17 69.56
N LEU C 556 -54.93 -2.34 68.61
CA LEU C 556 -55.47 -1.03 68.89
C LEU C 556 -56.92 -1.14 69.37
N GLN C 557 -57.64 -2.08 68.76
CA GLN C 557 -59.06 -2.26 69.05
C GLN C 557 -59.28 -2.55 70.52
N ASP C 558 -58.29 -3.18 71.18
CA ASP C 558 -58.39 -3.48 72.60
C ASP C 558 -58.40 -2.21 73.45
N LEU C 559 -57.94 -1.08 72.89
CA LEU C 559 -57.82 0.16 73.65
C LEU C 559 -59.19 0.74 73.92
N SER C 560 -59.36 1.27 75.14
CA SER C 560 -60.61 1.86 75.55
C SER C 560 -60.79 3.16 74.77
N PRO C 561 -62.05 3.55 74.45
CA PRO C 561 -62.30 4.83 73.81
C PRO C 561 -61.48 5.96 74.44
N ALA C 562 -61.55 6.05 75.78
CA ALA C 562 -60.86 7.08 76.55
C ALA C 562 -59.35 7.09 76.27
N GLN C 563 -58.78 5.92 75.98
CA GLN C 563 -57.37 5.79 75.65
C GLN C 563 -57.12 6.17 74.20
N ARG C 564 -57.91 5.54 73.30
CA ARG C 564 -57.76 5.76 71.88
C ARG C 564 -57.89 7.24 71.53
N THR C 565 -58.71 7.97 72.31
CA THR C 565 -58.72 9.41 72.21
C THR C 565 -57.30 9.94 72.35
N PHE C 566 -56.71 9.75 73.54
CA PHE C 566 -55.39 10.24 73.86
C PHE C 566 -54.40 9.87 72.76
N ILE C 567 -54.41 8.58 72.38
CA ILE C 567 -53.43 8.04 71.44
C ILE C 567 -53.62 8.66 70.06
N SER C 568 -54.87 8.67 69.56
CA SER C 568 -55.19 9.26 68.27
C SER C 568 -54.77 10.73 68.25
N GLN C 569 -55.32 11.50 69.22
CA GLN C 569 -54.96 12.89 69.42
C GLN C 569 -53.44 13.04 69.31
N TYR C 570 -52.70 12.36 70.20
CA TYR C 570 -51.25 12.48 70.20
C TYR C 570 -50.71 12.24 68.78
N ALA C 571 -50.96 11.02 68.28
CA ALA C 571 -50.40 10.54 67.03
C ALA C 571 -50.42 11.63 65.95
N LEU C 572 -51.59 12.22 65.73
CA LEU C 572 -51.74 13.21 64.67
C LEU C 572 -50.77 14.38 64.87
N ILE C 573 -50.85 15.02 66.05
CA ILE C 573 -50.11 16.24 66.29
C ILE C 573 -48.62 15.90 66.26
N ALA C 574 -48.30 14.69 66.72
CA ALA C 574 -46.92 14.22 66.71
C ALA C 574 -46.43 14.07 65.27
N LEU C 575 -47.25 13.49 64.39
CA LEU C 575 -46.88 13.40 62.97
C LEU C 575 -46.58 14.81 62.43
N ILE C 576 -47.50 15.74 62.69
CA ILE C 576 -47.34 17.12 62.23
C ILE C 576 -46.03 17.70 62.76
N ASP C 577 -45.80 17.55 64.08
CA ASP C 577 -44.65 18.17 64.72
C ASP C 577 -43.36 17.56 64.18
N GLU C 578 -43.38 16.23 63.94
CA GLU C 578 -42.28 15.51 63.30
C GLU C 578 -41.94 16.16 61.97
N ARG C 579 -42.92 16.19 61.06
CA ARG C 579 -42.70 16.72 59.73
C ARG C 579 -42.27 18.18 59.81
N GLU C 580 -42.85 18.95 60.74
CA GLU C 580 -42.47 20.34 60.88
C GLU C 580 -42.82 20.86 62.26
N THR C 581 -41.78 21.08 63.07
CA THR C 581 -41.94 21.76 64.34
C THR C 581 -42.41 23.19 64.04
N LEU C 582 -43.74 23.39 64.20
CA LEU C 582 -44.35 24.71 64.13
C LEU C 582 -44.75 25.15 65.53
N ASN C 583 -45.08 26.44 65.66
CA ASN C 583 -45.60 26.98 66.90
C ASN C 583 -46.95 26.32 67.19
N VAL C 584 -46.93 25.30 68.08
CA VAL C 584 -48.12 24.55 68.44
C VAL C 584 -48.46 24.82 69.91
N VAL C 585 -49.59 25.49 70.16
CA VAL C 585 -50.10 25.66 71.51
C VAL C 585 -51.16 24.58 71.74
N LEU C 586 -51.34 24.17 73.00
CA LEU C 586 -52.29 23.09 73.30
C LEU C 586 -53.23 23.50 74.42
N CYS C 587 -54.33 22.75 74.53
CA CYS C 587 -55.35 22.97 75.55
C CYS C 587 -56.27 21.75 75.60
N GLY C 588 -56.35 21.09 76.76
CA GLY C 588 -57.04 19.80 76.86
C GLY C 588 -58.37 19.86 77.63
N ASP C 589 -59.19 18.81 77.43
CA ASP C 589 -60.48 18.65 78.09
C ASP C 589 -60.69 17.19 78.45
N GLY C 590 -60.82 16.95 79.77
CA GLY C 590 -60.86 15.60 80.31
C GLY C 590 -59.75 14.76 79.70
N ASP C 591 -60.14 13.65 79.08
CA ASP C 591 -59.22 12.71 78.45
C ASP C 591 -58.24 13.41 77.50
N GLY C 592 -58.60 14.61 76.99
CA GLY C 592 -57.68 15.36 76.16
C GLY C 592 -56.45 15.85 76.95
N GLY C 593 -56.72 16.43 78.13
CA GLY C 593 -55.70 17.03 78.96
C GLY C 593 -54.43 16.19 79.03
N TYR C 594 -54.62 14.88 79.14
CA TYR C 594 -53.53 13.91 79.20
C TYR C 594 -52.63 14.09 77.97
N ALA C 595 -53.18 13.88 76.77
CA ALA C 595 -52.40 14.04 75.55
C ALA C 595 -51.74 15.41 75.53
N ALA C 596 -52.55 16.44 75.84
CA ALA C 596 -52.10 17.83 75.83
C ALA C 596 -50.82 18.01 76.67
N ALA C 597 -50.83 17.48 77.91
CA ALA C 597 -49.67 17.57 78.79
C ALA C 597 -48.44 16.90 78.17
N VAL C 598 -48.67 15.80 77.44
CA VAL C 598 -47.58 15.05 76.82
C VAL C 598 -46.98 15.88 75.70
N LEU C 599 -47.85 16.26 74.75
CA LEU C 599 -47.42 17.03 73.58
C LEU C 599 -46.76 18.34 74.01
N ARG C 600 -47.35 19.01 75.02
CA ARG C 600 -46.75 20.21 75.59
C ARG C 600 -45.33 19.90 76.05
N GLY C 601 -45.15 18.72 76.65
CA GLY C 601 -43.86 18.28 77.15
C GLY C 601 -43.74 18.45 78.67
N ASP C 602 -44.89 18.40 79.36
CA ASP C 602 -44.88 18.47 80.81
C ASP C 602 -44.34 17.14 81.34
N CYS C 603 -44.68 16.06 80.63
CA CYS C 603 -44.29 14.72 81.00
C CYS C 603 -43.94 13.93 79.74
N THR C 604 -43.51 12.68 79.94
CA THR C 604 -43.29 11.73 78.86
C THR C 604 -44.59 10.97 78.59
N LEU C 605 -44.70 10.46 77.36
CA LEU C 605 -45.88 9.74 76.92
C LEU C 605 -46.38 8.77 77.99
N GLU C 606 -45.60 7.72 78.23
CA GLU C 606 -45.95 6.67 79.17
C GLU C 606 -46.33 7.29 80.52
N GLN C 607 -45.69 8.41 80.89
CA GLN C 607 -45.98 9.06 82.15
C GLN C 607 -47.46 9.40 82.21
N ALA C 608 -47.96 10.06 81.15
CA ALA C 608 -49.37 10.42 81.11
C ALA C 608 -50.22 9.17 80.89
N TRP C 609 -49.76 8.26 80.02
CA TRP C 609 -50.44 6.99 79.79
C TRP C 609 -50.83 6.32 81.11
N HIS C 610 -49.82 6.08 81.97
CA HIS C 610 -50.03 5.48 83.29
C HIS C 610 -50.99 6.35 84.09
N ARG C 611 -50.87 7.69 83.95
CA ARG C 611 -51.69 8.62 84.70
C ARG C 611 -53.14 8.61 84.21
N LEU C 612 -53.33 8.23 82.94
CA LEU C 612 -54.63 8.13 82.31
C LEU C 612 -55.29 6.84 82.73
N ASN C 613 -54.47 5.78 82.82
CA ASN C 613 -54.95 4.50 83.34
C ASN C 613 -55.22 4.62 84.85
N ALA C 614 -54.56 5.58 85.51
CA ALA C 614 -54.82 5.87 86.92
C ALA C 614 -56.01 6.82 87.08
N GLY C 615 -56.28 7.63 86.05
CA GLY C 615 -57.36 8.61 86.10
C GLY C 615 -56.95 9.86 86.90
N GLN C 616 -55.81 10.47 86.52
CA GLN C 616 -55.27 11.64 87.19
C GLN C 616 -55.13 12.78 86.18
N PRO C 617 -56.17 13.62 86.00
CA PRO C 617 -56.16 14.64 84.94
C PRO C 617 -55.17 15.78 85.19
N PHE C 618 -55.07 16.68 84.21
CA PHE C 618 -54.28 17.91 84.33
C PHE C 618 -55.23 19.12 84.29
N ASP C 619 -54.69 20.32 84.53
CA ASP C 619 -55.51 21.52 84.56
C ASP C 619 -55.35 22.29 83.24
N CYS C 632 -54.43 30.21 64.31
CA CYS C 632 -55.28 29.16 63.67
C CYS C 632 -55.70 28.12 64.72
N SER C 633 -56.95 28.19 65.18
CA SER C 633 -57.42 27.32 66.26
C SER C 633 -58.12 26.10 65.67
N LEU C 634 -57.72 24.92 66.14
CA LEU C 634 -58.28 23.66 65.70
C LEU C 634 -58.68 22.87 66.93
N MET C 635 -59.68 22.01 66.78
CA MET C 635 -60.12 21.19 67.90
C MET C 635 -60.23 19.75 67.44
N LEU C 636 -60.20 18.83 68.41
CA LEU C 636 -60.29 17.40 68.16
C LEU C 636 -61.29 16.79 69.14
N ASP C 637 -62.48 16.45 68.63
CA ASP C 637 -63.58 16.07 69.51
C ASP C 637 -64.76 15.51 68.72
N ASP C 638 -65.12 14.26 69.05
CA ASP C 638 -66.36 13.63 68.61
C ASP C 638 -67.54 14.58 68.81
N ALA C 639 -67.61 15.15 70.02
CA ALA C 639 -68.71 16.01 70.43
C ALA C 639 -69.11 16.91 69.27
N ALA C 640 -68.12 17.56 68.62
CA ALA C 640 -68.43 18.54 67.58
C ALA C 640 -68.98 17.85 66.33
N SER C 641 -68.35 16.75 65.94
CA SER C 641 -68.69 16.02 64.73
C SER C 641 -67.83 14.75 64.66
N ASP C 642 -68.26 13.78 63.85
CA ASP C 642 -67.54 12.53 63.69
C ASP C 642 -66.03 12.79 63.80
N ALA C 643 -65.37 12.11 64.76
CA ALA C 643 -63.93 12.32 64.99
C ALA C 643 -63.18 12.44 63.67
N ASN C 644 -63.29 11.38 62.85
CA ASN C 644 -62.61 11.32 61.55
C ASN C 644 -62.85 12.59 60.75
N ARG C 645 -64.11 13.02 60.68
CA ARG C 645 -64.45 14.24 59.97
C ARG C 645 -63.69 15.42 60.62
N THR C 646 -63.80 15.53 61.96
CA THR C 646 -63.14 16.59 62.70
C THR C 646 -61.68 16.65 62.26
N ALA C 647 -61.07 15.46 62.09
CA ALA C 647 -59.68 15.35 61.66
C ALA C 647 -59.47 15.89 60.24
N LEU C 648 -60.37 15.54 59.31
CA LEU C 648 -60.23 16.04 57.95
C LEU C 648 -60.27 17.55 57.96
N GLU C 649 -61.29 18.12 58.61
CA GLU C 649 -61.40 19.57 58.64
C GLU C 649 -60.14 20.14 59.30
N ALA C 650 -59.76 19.54 60.44
CA ALA C 650 -58.54 19.94 61.12
C ALA C 650 -57.39 20.05 60.13
N LEU C 651 -57.12 18.96 59.40
CA LEU C 651 -56.02 18.94 58.44
C LEU C 651 -56.20 20.02 57.38
N GLY C 652 -57.38 20.04 56.75
CA GLY C 652 -57.70 21.06 55.76
C GLY C 652 -57.31 22.45 56.25
N GLN C 653 -57.87 22.87 57.41
CA GLN C 653 -57.60 24.24 57.88
C GLN C 653 -56.10 24.40 58.12
N LEU C 654 -55.39 23.32 58.43
CA LEU C 654 -53.93 23.36 58.53
C LEU C 654 -53.34 23.72 57.18
N TRP C 655 -53.63 22.88 56.20
CA TRP C 655 -53.11 23.07 54.86
C TRP C 655 -53.41 24.48 54.39
N LEU C 656 -54.64 24.94 54.60
CA LEU C 656 -54.99 26.29 54.19
C LEU C 656 -54.08 27.29 54.89
N ALA C 657 -53.87 27.09 56.19
CA ALA C 657 -53.07 28.01 56.99
C ALA C 657 -51.63 27.97 56.49
N GLY C 658 -51.38 27.01 55.59
CA GLY C 658 -50.12 26.93 54.87
C GLY C 658 -49.15 25.96 55.53
N VAL C 659 -49.68 24.98 56.27
CA VAL C 659 -48.79 23.97 56.81
C VAL C 659 -48.53 22.96 55.69
N SER C 660 -47.37 22.34 55.76
CA SER C 660 -47.01 21.27 54.86
C SER C 660 -47.53 19.96 55.44
N LEU C 661 -48.35 19.23 54.69
CA LEU C 661 -48.90 17.97 55.15
C LEU C 661 -48.32 16.82 54.32
N ASP C 662 -48.26 15.64 54.91
CA ASP C 662 -48.12 14.41 54.13
C ASP C 662 -49.52 13.93 53.81
N TRP C 663 -49.88 13.94 52.53
CA TRP C 663 -51.25 13.66 52.13
C TRP C 663 -51.75 12.30 52.65
N ARG C 664 -50.83 11.36 52.89
CA ARG C 664 -51.20 10.08 53.48
C ARG C 664 -52.08 10.29 54.72
N TRP C 665 -51.72 11.31 55.50
CA TRP C 665 -52.49 11.68 56.68
C TRP C 665 -53.95 11.79 56.32
N VAL C 666 -54.22 12.60 55.29
CA VAL C 666 -55.57 12.86 54.85
C VAL C 666 -56.16 11.56 54.31
N ASP C 667 -55.41 10.87 53.44
CA ASP C 667 -55.89 9.65 52.82
C ASP C 667 -56.44 8.69 53.88
N ALA C 668 -55.67 8.57 54.97
CA ALA C 668 -55.98 7.66 56.06
C ALA C 668 -57.22 8.10 56.82
N ALA C 669 -57.44 9.42 56.90
CA ALA C 669 -58.60 9.96 57.60
C ALA C 669 -59.85 9.81 56.75
N GLU C 670 -59.66 9.92 55.43
CA GLU C 670 -60.72 9.73 54.46
C GLU C 670 -61.13 8.27 54.36
N ARG C 671 -60.14 7.38 54.38
CA ARG C 671 -60.41 5.95 54.28
C ARG C 671 -61.13 5.62 52.98
N MET C 672 -60.87 6.40 51.92
CA MET C 672 -61.52 6.13 50.65
C MET C 672 -60.79 5.01 49.94
N LEU C 673 -61.48 3.88 49.75
CA LEU C 673 -60.85 2.69 49.21
C LEU C 673 -60.87 2.74 47.69
N GLY C 674 -59.79 2.27 47.06
CA GLY C 674 -59.73 2.08 45.64
C GLY C 674 -59.65 3.39 44.86
N SER C 675 -59.33 4.48 45.55
CA SER C 675 -59.19 5.77 44.89
C SER C 675 -58.16 5.66 43.77
N GLN C 676 -58.23 6.58 42.79
CA GLN C 676 -57.55 6.41 41.51
C GLN C 676 -56.97 7.73 41.00
N ARG C 677 -55.80 7.67 40.35
CA ARG C 677 -55.23 8.86 39.72
C ARG C 677 -55.96 9.11 38.40
N ILE C 678 -56.49 10.34 38.21
CA ILE C 678 -57.26 10.66 37.02
C ILE C 678 -56.77 11.95 36.38
N ALA C 679 -57.09 12.08 35.10
CA ALA C 679 -56.63 13.18 34.30
C ALA C 679 -57.60 14.33 34.45
N LEU C 680 -57.21 15.32 35.24
CA LEU C 680 -58.05 16.50 35.42
C LEU C 680 -57.35 17.71 34.84
N PRO C 681 -58.02 18.88 34.73
CA PRO C 681 -57.32 20.13 34.54
C PRO C 681 -56.23 20.26 35.59
N GLY C 682 -55.23 21.07 35.26
CA GLY C 682 -54.06 21.22 36.11
C GLY C 682 -53.51 22.63 35.99
N THR C 683 -52.20 22.73 36.22
CA THR C 683 -51.52 24.01 36.27
C THR C 683 -51.93 24.83 35.06
N VAL C 684 -52.19 26.11 35.33
CA VAL C 684 -52.61 27.03 34.30
C VAL C 684 -51.45 27.98 34.07
N PHE C 685 -50.70 27.71 32.99
CA PHE C 685 -49.65 28.61 32.58
C PHE C 685 -50.24 29.75 31.77
N THR C 686 -49.71 30.96 31.99
CA THR C 686 -49.91 32.06 31.06
C THR C 686 -48.51 32.39 30.53
N PRO C 687 -48.17 31.83 29.35
CA PRO C 687 -46.82 31.93 28.80
C PRO C 687 -46.67 33.12 27.85
N GLN C 688 -45.45 33.66 27.83
CA GLN C 688 -45.15 34.76 26.94
C GLN C 688 -44.28 34.21 25.82
N ARG C 689 -44.12 35.03 24.79
CA ARG C 689 -43.23 34.70 23.69
C ARG C 689 -41.81 35.02 24.14
N TYR C 690 -40.91 34.04 23.99
CA TYR C 690 -39.51 34.29 24.23
C TYR C 690 -38.77 33.85 22.99
N TRP C 691 -38.30 34.83 22.20
CA TRP C 691 -37.80 34.52 20.87
C TRP C 691 -36.71 35.49 20.43
N VAL C 692 -35.64 34.95 19.89
CA VAL C 692 -34.58 35.73 19.30
C VAL C 692 -34.74 35.64 17.79
N GLU C 693 -34.75 36.80 17.13
CA GLU C 693 -34.87 36.84 15.69
C GLU C 693 -33.49 36.88 15.08
N ALA C 694 -33.40 36.35 13.86
CA ALA C 694 -32.19 36.47 13.08
C ALA C 694 -32.09 37.87 12.49
N VAL C 695 -31.00 38.59 12.81
CA VAL C 695 -30.74 39.91 12.26
C VAL C 695 -30.13 39.74 10.87
N ARG C 696 -30.93 40.07 9.83
CA ARG C 696 -30.52 39.87 8.44
C ARG C 696 -29.21 40.61 8.17
N MET D 1 -10.49 -16.76 45.98
CA MET D 1 -11.62 -15.85 45.65
C MET D 1 -11.65 -15.54 44.14
N THR D 2 -12.87 -15.43 43.61
CA THR D 2 -13.11 -15.03 42.23
C THR D 2 -13.95 -13.76 42.23
N TYR D 3 -14.16 -13.20 41.03
CA TYR D 3 -14.83 -11.93 40.88
C TYR D 3 -16.32 -12.06 41.17
N SER D 4 -16.90 -10.96 41.67
CA SER D 4 -18.31 -10.87 41.96
C SER D 4 -19.11 -10.74 40.67
N GLU D 5 -20.33 -11.28 40.69
CA GLU D 5 -21.19 -11.35 39.51
C GLU D 5 -21.46 -9.97 38.93
N SER D 6 -21.43 -8.95 39.79
CA SER D 6 -21.72 -7.58 39.39
C SER D 6 -20.44 -6.82 39.05
N ASP D 7 -19.30 -7.52 39.01
CA ASP D 7 -18.02 -6.85 38.85
C ASP D 7 -17.72 -6.66 37.38
N ILE D 8 -17.47 -5.40 37.00
CA ILE D 8 -17.11 -5.10 35.63
C ILE D 8 -15.62 -4.85 35.55
N ALA D 9 -14.97 -5.60 34.66
CA ALA D 9 -13.53 -5.47 34.43
C ALA D 9 -13.26 -4.48 33.32
N ILE D 10 -12.27 -3.61 33.58
CA ILE D 10 -11.68 -2.75 32.56
C ILE D 10 -10.54 -3.52 31.93
N VAL D 11 -10.64 -3.75 30.62
CA VAL D 11 -9.65 -4.54 29.90
C VAL D 11 -9.01 -3.70 28.81
N GLY D 12 -9.40 -2.43 28.72
CA GLY D 12 -8.80 -1.56 27.72
C GLY D 12 -9.07 -0.09 28.00
N MET D 13 -8.13 0.76 27.60
CA MET D 13 -8.26 2.20 27.78
C MET D 13 -7.64 2.90 26.58
N ASN D 14 -8.01 4.16 26.38
CA ASN D 14 -7.33 4.98 25.41
C ASN D 14 -7.73 6.43 25.65
N CYS D 15 -6.81 7.34 25.35
CA CYS D 15 -7.08 8.73 25.61
C CYS D 15 -6.23 9.61 24.72
N ARG D 16 -6.67 10.87 24.52
CA ARG D 16 -5.88 11.83 23.80
C ARG D 16 -6.03 13.20 24.44
N TYR D 17 -4.93 13.95 24.54
CA TYR D 17 -4.96 15.33 25.02
C TYR D 17 -3.98 16.12 24.19
N PRO D 18 -4.00 17.47 24.23
CA PRO D 18 -3.02 18.24 23.47
C PRO D 18 -1.61 17.74 23.81
N GLY D 19 -0.92 17.16 22.83
CA GLY D 19 0.46 16.73 23.01
C GLY D 19 0.58 15.42 23.77
N VAL D 20 -0.55 14.75 24.00
CA VAL D 20 -0.59 13.48 24.72
C VAL D 20 -1.35 12.48 23.85
N HIS D 21 -0.60 11.55 23.26
CA HIS D 21 -1.11 10.74 22.16
C HIS D 21 -1.21 9.26 22.54
N SER D 22 -1.02 8.94 23.82
CA SER D 22 -1.22 7.58 24.28
C SER D 22 -1.42 7.55 25.79
N VAL D 23 -2.13 6.50 26.22
CA VAL D 23 -2.34 6.26 27.63
C VAL D 23 -1.00 6.34 28.34
N ALA D 24 -0.02 5.60 27.79
CA ALA D 24 1.33 5.57 28.29
C ALA D 24 1.84 7.00 28.53
N ALA D 25 1.62 7.89 27.56
CA ALA D 25 2.09 9.26 27.62
C ALA D 25 1.34 10.00 28.74
N PHE D 26 0.03 9.83 28.77
CA PHE D 26 -0.79 10.42 29.81
C PHE D 26 -0.21 10.07 31.19
N GLU D 27 0.01 8.77 31.38
CA GLU D 27 0.61 8.25 32.61
C GLU D 27 1.83 9.10 32.94
N THR D 28 2.64 9.40 31.92
CA THR D 28 3.89 10.12 32.13
C THR D 28 3.58 11.52 32.67
N VAL D 29 2.53 12.15 32.13
CA VAL D 29 2.12 13.47 32.56
C VAL D 29 1.74 13.42 34.04
N LEU D 30 0.99 12.37 34.40
CA LEU D 30 0.54 12.19 35.77
C LEU D 30 1.73 11.96 36.70
N ARG D 31 2.65 11.09 36.29
CA ARG D 31 3.82 10.72 37.07
C ARG D 31 4.73 11.92 37.28
N THR D 32 5.14 12.56 36.16
CA THR D 32 6.04 13.69 36.22
C THR D 32 5.29 14.93 36.73
N GLY D 33 3.96 14.82 36.86
CA GLY D 33 3.17 15.91 37.42
C GLY D 33 3.29 17.14 36.52
N CYS D 34 2.84 16.97 35.27
CA CYS D 34 2.96 18.00 34.26
C CYS D 34 1.60 18.64 33.97
N ASN D 35 1.62 19.93 33.60
CA ASN D 35 0.42 20.68 33.27
C ASN D 35 0.47 21.11 31.81
N ILE D 36 -0.19 20.33 30.97
CA ILE D 36 0.01 20.40 29.53
C ILE D 36 -0.51 21.72 28.97
N LEU D 37 -1.33 22.44 29.73
CA LEU D 37 -1.98 23.64 29.22
C LEU D 37 -0.98 24.78 29.11
N ASP D 38 0.05 24.74 29.97
CA ASP D 38 1.10 25.75 29.94
C ASP D 38 0.50 27.13 29.65
N PRO D 39 -0.28 27.71 30.59
CA PRO D 39 -1.00 28.95 30.33
C PRO D 39 -0.09 30.16 30.24
N LYS D 40 -0.64 31.22 29.63
CA LYS D 40 0.05 32.50 29.51
C LYS D 40 -0.95 33.62 29.77
N VAL D 41 -0.62 34.40 30.81
CA VAL D 41 -1.48 35.41 31.38
C VAL D 41 -0.99 36.77 30.94
N THR D 42 -1.89 37.57 30.36
CA THR D 42 -1.57 38.93 29.97
C THR D 42 -2.58 39.87 30.59
N PRO D 43 -2.20 40.78 31.51
CA PRO D 43 -3.15 41.80 31.97
C PRO D 43 -3.84 42.47 30.78
N SER D 44 -5.17 42.63 30.89
CA SER D 44 -5.99 43.08 29.78
C SER D 44 -7.25 43.80 30.27
N ASN D 45 -7.24 45.14 30.18
CA ASN D 45 -8.41 45.96 30.45
C ASN D 45 -8.96 45.61 31.83
N GLY D 46 -8.08 45.69 32.83
CA GLY D 46 -8.44 45.43 34.21
C GLY D 46 -8.63 43.93 34.51
N HIS D 47 -8.56 43.09 33.47
CA HIS D 47 -8.78 41.66 33.61
C HIS D 47 -7.51 40.92 33.23
N ASN D 48 -7.62 39.61 33.04
CA ASN D 48 -6.49 38.82 32.58
C ASN D 48 -6.89 38.05 31.32
N HIS D 49 -6.11 38.26 30.25
CA HIS D 49 -6.25 37.52 29.01
C HIS D 49 -5.36 36.28 29.06
N ILE D 50 -5.99 35.10 28.97
CA ILE D 50 -5.26 33.87 29.17
C ILE D 50 -5.22 33.05 27.88
N THR D 51 -4.00 32.62 27.51
CA THR D 51 -3.81 31.75 26.35
C THR D 51 -3.30 30.39 26.81
N LEU D 52 -3.79 29.34 26.17
CA LEU D 52 -3.57 27.99 26.63
C LEU D 52 -3.03 27.10 25.52
N ASN D 53 -2.61 25.90 25.91
CA ASN D 53 -2.34 24.83 24.97
C ASN D 53 -3.47 23.81 25.10
N ASN D 54 -4.70 24.25 24.78
CA ASN D 54 -5.90 23.49 25.12
C ASN D 54 -6.63 22.99 23.88
N VAL D 55 -5.95 23.01 22.73
CA VAL D 55 -6.50 22.54 21.47
C VAL D 55 -5.70 21.33 20.98
N TYR D 56 -6.41 20.25 20.62
CA TYR D 56 -5.74 19.04 20.17
C TYR D 56 -5.30 19.20 18.72
N GLU D 57 -4.02 19.55 18.57
CA GLU D 57 -3.39 19.88 17.30
C GLU D 57 -3.77 18.92 16.15
N HIS D 58 -3.77 17.61 16.42
CA HIS D 58 -3.84 16.62 15.35
C HIS D 58 -5.28 16.32 14.92
N MET D 59 -6.27 17.04 15.48
CA MET D 59 -7.66 16.69 15.22
C MET D 59 -7.94 16.54 13.72
N ALA D 60 -7.21 17.32 12.92
CA ALA D 60 -7.47 17.43 11.50
C ALA D 60 -7.13 16.15 10.74
N GLU D 61 -6.26 15.31 11.34
CA GLU D 61 -5.68 14.16 10.67
C GLU D 61 -6.62 12.97 10.76
N PHE D 62 -6.64 12.14 9.71
CA PHE D 62 -7.53 10.98 9.66
C PHE D 62 -7.18 10.06 8.50
N ASP D 63 -7.42 8.74 8.66
CA ASP D 63 -7.24 7.82 7.54
C ASP D 63 -8.61 7.57 6.93
N ALA D 64 -9.13 8.64 6.34
CA ALA D 64 -10.43 8.59 5.70
C ALA D 64 -10.47 7.37 4.80
N ASN D 65 -9.41 7.28 4.00
CA ASN D 65 -9.19 6.19 3.08
C ASN D 65 -9.41 4.86 3.79
N PHE D 66 -8.71 4.65 4.92
CA PHE D 66 -8.75 3.36 5.61
C PHE D 66 -10.17 3.04 6.06
N PHE D 67 -10.87 4.07 6.55
CA PHE D 67 -12.19 3.86 7.13
C PHE D 67 -13.30 4.00 6.08
N GLY D 68 -12.93 4.22 4.83
CA GLY D 68 -13.87 4.15 3.74
C GLY D 68 -14.67 5.44 3.57
N TYR D 69 -14.05 6.57 3.89
CA TYR D 69 -14.69 7.87 3.77
C TYR D 69 -14.18 8.56 2.52
N SER D 70 -15.06 9.23 1.78
CA SER D 70 -14.61 10.11 0.74
C SER D 70 -13.99 11.35 1.39
N ARG D 71 -13.04 11.97 0.70
CA ARG D 71 -12.36 13.12 1.25
C ARG D 71 -13.38 14.16 1.67
N ALA D 72 -14.44 14.34 0.90
CA ALA D 72 -15.52 15.23 1.27
C ALA D 72 -16.12 14.79 2.60
N GLU D 73 -16.56 13.53 2.65
CA GLU D 73 -17.19 12.98 3.85
C GLU D 73 -16.31 13.30 5.05
N ALA D 74 -15.02 13.06 4.87
CA ALA D 74 -14.04 13.28 5.93
C ALA D 74 -13.95 14.74 6.29
N GLU D 75 -13.99 15.63 5.31
CA GLU D 75 -13.80 17.05 5.58
C GLU D 75 -14.97 17.62 6.38
N ILE D 76 -16.19 17.12 6.15
CA ILE D 76 -17.34 17.61 6.90
C ILE D 76 -17.48 16.82 8.19
N MET D 77 -16.92 15.62 8.25
CA MET D 77 -17.04 14.83 9.45
C MET D 77 -16.31 15.52 10.59
N ASP D 78 -16.97 15.53 11.77
CA ASP D 78 -16.48 16.20 12.95
C ASP D 78 -15.20 15.52 13.43
N PRO D 79 -14.09 16.26 13.59
CA PRO D 79 -12.86 15.70 14.10
C PRO D 79 -13.08 14.80 15.30
N GLN D 80 -13.94 15.26 16.23
CA GLN D 80 -14.26 14.51 17.42
C GLN D 80 -14.57 13.06 17.01
N GLN D 81 -15.54 12.93 16.10
CA GLN D 81 -15.99 11.63 15.63
C GLN D 81 -14.82 10.87 15.02
N ARG D 82 -13.99 11.54 14.22
CA ARG D 82 -12.92 10.85 13.50
C ARG D 82 -11.91 10.27 14.48
N VAL D 83 -11.33 11.16 15.28
CA VAL D 83 -10.29 10.77 16.22
C VAL D 83 -10.85 9.72 17.17
N PHE D 84 -12.12 9.89 17.55
CA PHE D 84 -12.74 8.90 18.41
C PHE D 84 -12.66 7.54 17.72
N LEU D 85 -13.05 7.50 16.44
CA LEU D 85 -13.10 6.25 15.69
C LEU D 85 -11.71 5.62 15.66
N THR D 86 -10.76 6.38 15.14
CA THR D 86 -9.38 5.93 15.06
C THR D 86 -8.95 5.35 16.41
N CYS D 87 -9.23 6.09 17.49
CA CYS D 87 -8.81 5.66 18.81
C CYS D 87 -9.51 4.38 19.23
N ALA D 88 -10.77 4.23 18.85
CA ALA D 88 -11.51 3.02 19.17
C ALA D 88 -10.81 1.83 18.53
N TRP D 89 -10.64 1.91 17.21
CA TRP D 89 -9.98 0.86 16.47
C TRP D 89 -8.65 0.51 17.15
N GLU D 90 -7.85 1.56 17.44
CA GLU D 90 -6.60 1.35 18.14
C GLU D 90 -6.83 0.56 19.44
N MET D 91 -7.73 1.04 20.30
CA MET D 91 -7.88 0.47 21.63
C MET D 91 -8.30 -1.00 21.51
N PHE D 92 -9.26 -1.25 20.62
CA PHE D 92 -9.66 -2.61 20.33
C PHE D 92 -8.44 -3.48 20.03
N GLU D 93 -7.59 -3.02 19.11
CA GLU D 93 -6.41 -3.80 18.75
C GLU D 93 -5.50 -4.00 19.96
N GLN D 94 -5.26 -2.90 20.69
CA GLN D 94 -4.36 -2.95 21.82
C GLN D 94 -4.91 -3.85 22.92
N SER D 95 -6.22 -4.08 22.95
CA SER D 95 -6.81 -4.95 23.95
C SER D 95 -6.93 -6.37 23.39
N GLY D 96 -6.43 -6.57 22.17
CA GLY D 96 -6.40 -7.90 21.57
C GLY D 96 -7.75 -8.31 21.00
N TYR D 97 -8.50 -7.34 20.46
CA TYR D 97 -9.80 -7.64 19.87
C TYR D 97 -9.86 -7.09 18.46
N ASN D 98 -10.25 -7.96 17.53
CA ASN D 98 -10.35 -7.61 16.12
C ASN D 98 -11.44 -6.56 15.93
N PRO D 99 -11.04 -5.30 15.66
CA PRO D 99 -11.98 -4.19 15.58
C PRO D 99 -13.25 -4.43 14.77
N LYS D 100 -13.13 -5.11 13.62
CA LYS D 100 -14.27 -5.19 12.73
C LYS D 100 -14.98 -6.54 12.89
N GLN D 101 -14.50 -7.45 13.74
CA GLN D 101 -15.17 -8.74 13.87
C GLN D 101 -15.26 -9.16 15.33
N HIS D 102 -16.49 -9.50 15.76
CA HIS D 102 -16.78 -9.63 17.17
C HIS D 102 -17.57 -10.90 17.44
N ASP D 103 -17.02 -11.80 18.27
CA ASP D 103 -17.69 -13.04 18.63
C ASP D 103 -18.92 -12.71 19.45
N ALA D 104 -18.73 -11.82 20.42
CA ALA D 104 -19.76 -11.43 21.34
C ALA D 104 -20.37 -10.11 20.92
N ARG D 105 -21.57 -9.81 21.47
CA ARG D 105 -22.18 -8.50 21.31
C ARG D 105 -21.31 -7.44 21.96
N VAL D 106 -21.18 -6.34 21.24
CA VAL D 106 -20.39 -5.22 21.67
C VAL D 106 -21.30 -4.00 21.78
N GLY D 107 -21.16 -3.29 22.89
CA GLY D 107 -21.92 -2.09 23.15
C GLY D 107 -21.07 -0.85 22.95
N LEU D 108 -21.74 0.22 22.52
CA LEU D 108 -21.12 1.52 22.38
C LEU D 108 -21.89 2.53 23.22
N TYR D 109 -21.19 3.06 24.21
CA TYR D 109 -21.75 4.07 25.07
C TYR D 109 -20.79 5.25 25.08
N ALA D 110 -21.18 6.33 24.41
CA ALA D 110 -20.23 7.42 24.30
C ALA D 110 -20.89 8.75 24.00
N GLY D 111 -20.16 9.82 24.34
CA GLY D 111 -20.70 11.17 24.23
C GLY D 111 -19.66 12.16 23.70
N VAL D 112 -20.18 13.29 23.25
CA VAL D 112 -19.36 14.23 22.50
C VAL D 112 -19.88 15.65 22.70
N SER D 113 -18.95 16.61 22.71
CA SER D 113 -19.33 18.02 22.74
C SER D 113 -20.03 18.38 21.44
N THR D 114 -20.74 19.51 21.47
CA THR D 114 -21.28 20.06 20.24
C THR D 114 -20.10 20.24 19.28
N SER D 115 -20.37 20.11 17.97
CA SER D 115 -19.30 20.25 16.99
C SER D 115 -18.99 21.71 16.69
N PHE D 116 -18.02 22.25 17.44
CA PHE D 116 -17.58 23.61 17.19
C PHE D 116 -16.89 23.65 15.84
N TYR D 117 -16.45 22.50 15.34
CA TYR D 117 -16.02 22.42 13.97
C TYR D 117 -17.14 22.91 13.07
N LEU D 118 -18.32 22.34 13.27
CA LEU D 118 -19.48 22.74 12.49
C LEU D 118 -19.74 24.22 12.70
N LEU D 119 -19.86 24.61 13.96
CA LEU D 119 -20.30 25.95 14.31
C LEU D 119 -19.34 27.01 13.77
N THR D 120 -18.03 26.81 13.95
CA THR D 120 -17.04 27.81 13.65
C THR D 120 -16.46 27.62 12.25
N HIS D 121 -16.05 26.40 11.92
CA HIS D 121 -15.39 26.14 10.65
C HIS D 121 -16.45 25.93 9.57
N LEU D 122 -17.15 24.79 9.60
CA LEU D 122 -18.02 24.43 8.47
C LEU D 122 -18.97 25.58 8.15
N MET D 123 -19.65 26.10 9.18
CA MET D 123 -20.72 27.07 8.95
C MET D 123 -20.18 28.39 8.45
N ASN D 124 -18.84 28.53 8.38
CA ASN D 124 -18.25 29.70 7.78
C ASN D 124 -17.59 29.33 6.46
N ASN D 125 -18.14 28.34 5.77
CA ASN D 125 -17.73 28.07 4.40
C ASN D 125 -19.00 27.86 3.59
N PRO D 126 -19.74 28.96 3.33
CA PRO D 126 -21.08 28.90 2.75
C PRO D 126 -21.15 27.89 1.61
N ASP D 127 -20.04 27.79 0.88
CA ASP D 127 -19.87 26.81 -0.17
C ASP D 127 -20.10 25.39 0.38
N LYS D 128 -19.08 24.85 1.07
CA LYS D 128 -19.11 23.45 1.47
C LYS D 128 -20.25 23.24 2.45
N LEU D 129 -20.79 24.36 2.96
CA LEU D 129 -21.90 24.38 3.88
C LEU D 129 -23.17 23.80 3.22
N ALA D 130 -23.28 23.90 1.88
CA ALA D 130 -24.45 23.33 1.22
C ALA D 130 -24.03 22.41 0.07
N GLN D 131 -22.90 22.72 -0.56
CA GLN D 131 -22.40 21.97 -1.70
C GLN D 131 -22.26 20.47 -1.41
N LEU D 132 -22.28 20.09 -0.12
CA LEU D 132 -22.11 18.68 0.24
C LEU D 132 -23.38 18.11 0.88
N GLY D 133 -24.46 18.93 0.94
CA GLY D 133 -25.78 18.49 1.37
C GLY D 133 -25.98 18.56 2.88
N GLY D 134 -26.87 19.45 3.35
CA GLY D 134 -27.11 19.67 4.78
C GLY D 134 -27.16 18.39 5.61
N LEU D 135 -27.98 17.44 5.15
CA LEU D 135 -28.15 16.13 5.77
C LEU D 135 -26.79 15.51 6.12
N GLN D 136 -25.84 15.50 5.16
CA GLN D 136 -24.54 14.89 5.40
C GLN D 136 -23.76 15.74 6.39
N ILE D 137 -23.94 17.07 6.36
CA ILE D 137 -23.30 17.90 7.35
C ILE D 137 -23.80 17.46 8.72
N MET D 138 -25.10 17.18 8.82
CA MET D 138 -25.63 16.74 10.11
C MET D 138 -25.04 15.37 10.43
N VAL D 139 -25.05 14.44 9.50
CA VAL D 139 -24.46 13.12 9.76
C VAL D 139 -23.02 13.27 10.26
N GLY D 140 -22.35 14.32 9.77
CA GLY D 140 -20.97 14.56 10.15
C GLY D 140 -20.80 15.15 11.54
N ASN D 141 -21.87 15.74 12.13
CA ASN D 141 -21.65 16.57 13.30
C ASN D 141 -22.67 16.34 14.43
N ASP D 142 -23.86 15.85 14.12
CA ASP D 142 -24.87 15.61 15.13
C ASP D 142 -24.35 14.51 16.07
N LYS D 143 -24.28 14.85 17.37
CA LYS D 143 -23.78 13.97 18.41
C LYS D 143 -24.27 12.53 18.21
N ASP D 144 -25.57 12.39 17.92
CA ASP D 144 -26.17 11.09 17.67
C ASP D 144 -25.22 10.16 16.93
N HIS D 145 -24.55 10.65 15.89
CA HIS D 145 -23.81 9.76 15.01
C HIS D 145 -22.56 9.19 15.67
N LEU D 146 -22.02 9.88 16.68
CA LEU D 146 -20.76 9.45 17.27
C LEU D 146 -20.72 7.93 17.39
N THR D 147 -21.70 7.37 18.09
CA THR D 147 -21.73 5.92 18.29
C THR D 147 -22.05 5.22 16.98
N SER D 148 -23.08 5.67 16.27
CA SER D 148 -23.59 4.92 15.12
C SER D 148 -22.51 4.74 14.07
N GLN D 149 -21.67 5.76 13.86
CA GLN D 149 -20.52 5.67 12.97
C GLN D 149 -19.62 4.53 13.45
N LEU D 150 -19.20 4.59 14.71
CA LEU D 150 -18.30 3.58 15.23
C LEU D 150 -18.92 2.21 15.02
N ALA D 151 -20.24 2.10 15.26
CA ALA D 151 -20.94 0.84 15.14
C ALA D 151 -20.87 0.34 13.71
N TYR D 152 -20.93 1.28 12.76
CA TYR D 152 -20.78 0.90 11.36
C TYR D 152 -19.36 0.41 11.13
N ARG D 153 -18.40 1.30 11.38
CA ARG D 153 -17.03 1.08 10.96
C ARG D 153 -16.39 -0.12 11.67
N LEU D 154 -16.79 -0.39 12.92
CA LEU D 154 -16.27 -1.53 13.67
C LEU D 154 -17.28 -2.67 13.65
N ASN D 155 -18.29 -2.55 12.78
CA ASN D 155 -19.23 -3.63 12.60
C ASN D 155 -19.69 -4.16 13.95
N ILE D 156 -20.22 -3.26 14.77
CA ILE D 156 -20.74 -3.55 16.10
C ILE D 156 -22.25 -3.54 16.04
N THR D 157 -22.89 -4.57 16.60
CA THR D 157 -24.35 -4.66 16.56
C THR D 157 -24.97 -4.61 17.95
N GLY D 158 -24.18 -4.35 18.99
CA GLY D 158 -24.75 -4.31 20.33
C GLY D 158 -25.57 -3.05 20.55
N PRO D 159 -25.96 -2.77 21.81
CA PRO D 159 -26.49 -1.47 22.17
C PRO D 159 -25.59 -0.37 21.66
N CYS D 160 -26.20 0.64 21.07
CA CYS D 160 -25.44 1.72 20.51
C CYS D 160 -26.10 3.02 20.90
N VAL D 161 -25.48 3.74 21.84
CA VAL D 161 -26.10 4.88 22.48
C VAL D 161 -25.10 6.02 22.64
N THR D 162 -25.42 7.14 21.99
CA THR D 162 -24.74 8.38 22.29
C THR D 162 -25.37 8.93 23.56
N VAL D 163 -24.56 8.95 24.62
CA VAL D 163 -25.01 9.39 25.92
C VAL D 163 -24.47 10.79 26.14
N GLN D 164 -25.31 11.66 26.73
CA GLN D 164 -24.93 13.05 26.97
C GLN D 164 -25.35 13.43 28.38
N ALA D 165 -24.42 14.04 29.12
CA ALA D 165 -24.63 14.44 30.50
C ALA D 165 -23.52 15.39 30.92
N SER D 166 -23.49 16.55 30.27
CA SER D 166 -22.54 17.60 30.54
C SER D 166 -21.19 16.99 30.91
N CYS D 167 -20.62 17.39 32.05
CA CYS D 167 -19.28 16.98 32.44
C CYS D 167 -19.21 15.49 32.80
N ALA D 168 -20.34 14.95 33.28
CA ALA D 168 -20.45 13.56 33.70
C ALA D 168 -20.50 12.59 32.53
N THR D 169 -20.74 13.12 31.32
CA THR D 169 -21.01 12.30 30.16
C THR D 169 -20.21 11.00 30.18
N SER D 170 -18.88 11.11 30.07
CA SER D 170 -18.01 9.94 29.97
C SER D 170 -18.32 8.88 31.04
N LEU D 171 -18.50 9.29 32.31
CA LEU D 171 -18.76 8.33 33.39
C LEU D 171 -20.19 7.81 33.32
N VAL D 172 -21.12 8.68 32.90
CA VAL D 172 -22.49 8.20 32.72
C VAL D 172 -22.46 7.08 31.70
N ALA D 173 -21.72 7.31 30.61
CA ALA D 173 -21.44 6.30 29.60
C ALA D 173 -20.91 5.02 30.23
N VAL D 174 -19.83 5.16 30.99
CA VAL D 174 -19.24 4.01 31.66
C VAL D 174 -20.32 3.26 32.42
N HIS D 175 -21.13 4.00 33.17
CA HIS D 175 -22.20 3.40 33.96
C HIS D 175 -23.12 2.62 33.05
N LEU D 176 -23.74 3.32 32.09
CA LEU D 176 -24.71 2.69 31.19
C LEU D 176 -24.11 1.47 30.54
N ALA D 177 -22.78 1.49 30.33
CA ALA D 177 -22.07 0.35 29.78
C ALA D 177 -22.13 -0.83 30.76
N CYS D 178 -21.67 -0.58 31.99
CA CYS D 178 -21.72 -1.60 33.02
C CYS D 178 -23.13 -2.17 33.06
N GLU D 179 -24.10 -1.27 33.08
CA GLU D 179 -25.50 -1.64 33.10
C GLU D 179 -25.79 -2.61 31.97
N GLY D 180 -25.34 -2.27 30.76
CA GLY D 180 -25.66 -3.06 29.58
C GLY D 180 -24.94 -4.40 29.56
N LEU D 181 -23.82 -4.45 30.29
CA LEU D 181 -23.11 -5.69 30.48
C LEU D 181 -23.87 -6.57 31.45
N LEU D 182 -24.12 -6.04 32.65
CA LEU D 182 -24.74 -6.83 33.70
C LEU D 182 -26.13 -7.26 33.27
N SER D 183 -26.86 -6.36 32.60
CA SER D 183 -28.19 -6.66 32.08
C SER D 183 -28.10 -7.78 31.06
N GLY D 184 -26.96 -7.90 30.40
CA GLY D 184 -26.74 -8.94 29.41
C GLY D 184 -26.92 -8.42 27.99
N GLN D 185 -27.28 -7.13 27.85
CA GLN D 185 -27.59 -6.58 26.54
C GLN D 185 -26.36 -6.67 25.64
N CYS D 186 -25.17 -6.53 26.24
CA CYS D 186 -23.94 -6.74 25.48
C CYS D 186 -22.96 -7.57 26.30
N ASP D 187 -21.87 -8.00 25.67
CA ASP D 187 -20.90 -8.89 26.29
C ASP D 187 -19.56 -8.18 26.45
N MET D 188 -19.29 -7.19 25.59
CA MET D 188 -18.16 -6.31 25.82
C MET D 188 -18.59 -4.92 25.38
N ALA D 189 -18.04 -3.87 26.00
CA ALA D 189 -18.57 -2.54 25.72
C ALA D 189 -17.47 -1.51 25.71
N LEU D 190 -17.60 -0.56 24.78
CA LEU D 190 -16.74 0.60 24.77
C LEU D 190 -17.52 1.78 25.31
N ALA D 191 -16.91 2.46 26.28
CA ALA D 191 -17.55 3.61 26.89
C ALA D 191 -16.57 4.77 26.84
N GLY D 192 -17.04 5.95 26.43
CA GLY D 192 -16.10 7.07 26.40
C GLY D 192 -16.70 8.40 25.99
N GLY D 193 -15.81 9.40 25.99
CA GLY D 193 -16.19 10.77 25.67
C GLY D 193 -15.11 11.50 24.86
N VAL D 194 -15.53 12.59 24.21
CA VAL D 194 -14.57 13.41 23.50
C VAL D 194 -15.06 14.84 23.40
N THR D 195 -14.12 15.77 23.63
CA THR D 195 -14.37 17.21 23.56
C THR D 195 -13.20 17.90 22.87
N PHE D 196 -13.43 18.44 21.67
CA PHE D 196 -12.37 19.16 20.99
C PHE D 196 -12.73 20.63 20.92
N ARG D 197 -11.77 21.47 21.32
CA ARG D 197 -11.86 22.91 21.16
C ARG D 197 -11.19 23.29 19.84
N MET D 198 -11.85 24.17 19.10
CA MET D 198 -11.26 24.70 17.88
C MET D 198 -10.25 25.77 18.29
N GLU D 199 -9.42 26.19 17.34
CA GLU D 199 -8.39 27.18 17.59
C GLU D 199 -9.02 28.45 18.17
N GLU D 200 -10.17 28.82 17.59
CA GLU D 200 -10.87 30.03 17.97
C GLU D 200 -11.21 29.99 19.46
N GLN D 201 -11.13 28.79 20.07
CA GLN D 201 -11.52 28.63 21.46
C GLN D 201 -10.28 28.47 22.35
N ARG D 202 -9.10 28.80 21.83
CA ARG D 202 -7.89 28.64 22.61
C ARG D 202 -7.86 29.58 23.80
N SER D 203 -7.93 30.89 23.55
CA SER D 203 -7.71 31.88 24.59
C SER D 203 -9.01 32.10 25.35
N TYR D 204 -8.95 32.88 26.44
CA TYR D 204 -10.16 33.34 27.07
C TYR D 204 -9.88 34.54 27.96
N GLU D 205 -10.95 35.30 28.19
CA GLU D 205 -10.91 36.49 29.00
C GLU D 205 -11.46 36.15 30.39
N SER D 206 -10.67 36.50 31.40
CA SER D 206 -11.05 36.27 32.78
C SER D 206 -11.87 37.43 33.31
N HIS D 207 -13.11 37.14 33.75
CA HIS D 207 -14.05 38.17 34.16
C HIS D 207 -14.06 38.36 35.68
N GLY D 208 -13.45 37.42 36.42
CA GLY D 208 -13.48 37.44 37.86
C GLY D 208 -14.70 36.70 38.41
N ASP D 209 -15.45 36.06 37.51
CA ASP D 209 -16.71 35.43 37.85
C ASP D 209 -16.49 34.34 38.90
N GLY D 210 -15.30 33.72 38.90
CA GLY D 210 -15.03 32.59 39.78
C GLY D 210 -15.29 31.26 39.07
N LEU D 211 -15.65 31.34 37.78
CA LEU D 211 -15.96 30.19 36.95
C LEU D 211 -14.71 29.73 36.21
N GLN D 212 -13.97 30.67 35.62
CA GLN D 212 -12.74 30.37 34.90
C GLN D 212 -11.55 31.00 35.62
N ALA D 213 -10.46 30.24 35.73
CA ALA D 213 -9.33 30.67 36.53
C ALA D 213 -8.74 31.97 36.00
N GLU D 214 -8.32 32.84 36.93
CA GLU D 214 -7.73 34.14 36.62
C GLU D 214 -6.28 33.98 36.16
N ASP D 215 -5.65 32.88 36.56
CA ASP D 215 -4.23 32.68 36.32
C ASP D 215 -4.00 31.53 35.34
N GLY D 216 -5.09 30.99 34.78
CA GLY D 216 -5.01 29.88 33.84
C GLY D 216 -4.65 28.56 34.50
N LEU D 217 -4.85 28.51 35.83
CA LEU D 217 -4.45 27.36 36.62
C LEU D 217 -5.64 26.87 37.44
N ILE D 218 -5.84 25.56 37.38
CA ILE D 218 -6.87 24.94 38.17
C ILE D 218 -6.29 24.61 39.55
N HIS D 219 -6.56 25.48 40.53
CA HIS D 219 -6.04 25.31 41.87
C HIS D 219 -7.01 24.46 42.68
N THR D 220 -7.18 23.19 42.30
CA THR D 220 -8.19 22.38 42.94
C THR D 220 -7.98 22.39 44.44
N PHE D 221 -9.01 22.84 45.17
CA PHE D 221 -9.05 22.80 46.63
C PHE D 221 -8.02 23.76 47.23
N ASP D 222 -7.32 24.53 46.39
CA ASP D 222 -6.27 25.42 46.88
C ASP D 222 -6.87 26.79 47.14
N ALA D 223 -6.30 27.50 48.11
CA ALA D 223 -6.77 28.83 48.51
C ALA D 223 -6.87 29.77 47.31
N GLN D 224 -6.04 29.57 46.29
CA GLN D 224 -6.02 30.46 45.14
C GLN D 224 -6.99 30.01 44.05
N ALA D 225 -7.80 28.98 44.32
CA ALA D 225 -8.77 28.52 43.34
C ALA D 225 -9.61 29.70 42.87
N SER D 226 -9.51 30.03 41.59
CA SER D 226 -10.22 31.17 41.03
C SER D 226 -11.23 30.71 39.98
N GLY D 227 -11.29 29.40 39.75
CA GLY D 227 -12.11 28.86 38.68
C GLY D 227 -11.40 27.72 37.96
N THR D 228 -12.08 27.21 36.92
CA THR D 228 -11.59 26.08 36.12
C THR D 228 -11.07 26.61 34.79
N VAL D 229 -10.56 25.68 33.99
CA VAL D 229 -9.89 25.99 32.74
C VAL D 229 -10.22 24.89 31.75
N TYR D 230 -10.89 25.24 30.65
CA TYR D 230 -11.42 24.22 29.75
C TYR D 230 -10.37 23.87 28.70
N SER D 231 -10.35 22.58 28.32
CA SER D 231 -9.36 22.06 27.38
C SER D 231 -10.02 21.06 26.45
N SER D 232 -9.26 20.67 25.41
CA SER D 232 -9.59 19.54 24.56
C SER D 232 -9.15 18.25 25.24
N GLY D 233 -9.83 17.16 24.90
CA GLY D 233 -9.51 15.86 25.46
C GLY D 233 -10.44 14.75 24.93
N LEU D 234 -9.94 13.52 24.98
CA LEU D 234 -10.68 12.35 24.53
C LEU D 234 -10.33 11.18 25.43
N GLY D 235 -11.33 10.36 25.76
CA GLY D 235 -11.08 9.19 26.59
C GLY D 235 -12.07 8.07 26.31
N MET D 236 -11.62 6.84 26.50
CA MET D 236 -12.50 5.70 26.30
C MET D 236 -11.92 4.46 26.97
N VAL D 237 -12.82 3.55 27.34
CA VAL D 237 -12.43 2.30 27.95
C VAL D 237 -13.25 1.17 27.36
N LEU D 238 -12.70 -0.02 27.54
CA LEU D 238 -13.23 -1.27 27.08
C LEU D 238 -13.49 -2.12 28.30
N LEU D 239 -14.77 -2.48 28.45
CA LEU D 239 -15.29 -3.09 29.65
C LEU D 239 -15.90 -4.44 29.29
N LYS D 240 -15.81 -5.39 30.23
CA LYS D 240 -16.57 -6.61 30.11
C LYS D 240 -16.70 -7.25 31.49
N ARG D 241 -17.57 -8.25 31.59
CA ARG D 241 -17.86 -8.86 32.88
C ARG D 241 -16.58 -9.48 33.44
N ALA D 242 -16.20 -9.05 34.64
CA ALA D 242 -14.95 -9.52 35.25
C ALA D 242 -14.87 -11.03 35.16
N THR D 243 -15.95 -11.70 35.60
CA THR D 243 -16.04 -13.15 35.65
C THR D 243 -15.61 -13.76 34.31
N ASP D 244 -15.99 -13.11 33.20
CA ASP D 244 -15.62 -13.57 31.87
C ASP D 244 -14.17 -13.20 31.58
N ALA D 245 -13.87 -11.91 31.72
CA ALA D 245 -12.53 -11.40 31.42
C ALA D 245 -11.45 -12.27 32.05
N GLN D 246 -11.76 -12.78 33.26
CA GLN D 246 -10.84 -13.62 34.01
C GLN D 246 -10.38 -14.80 33.16
N VAL D 247 -11.36 -15.50 32.56
CA VAL D 247 -11.09 -16.74 31.86
C VAL D 247 -10.94 -16.50 30.36
N GLN D 248 -11.17 -15.27 29.87
CA GLN D 248 -11.04 -15.01 28.45
C GLN D 248 -9.72 -14.29 28.11
N GLY D 249 -8.67 -14.65 28.84
CA GLY D 249 -7.32 -14.17 28.52
C GLY D 249 -7.24 -12.65 28.36
N ASP D 250 -7.99 -11.96 29.21
CA ASP D 250 -7.90 -10.51 29.24
C ASP D 250 -6.95 -10.11 30.35
N ASN D 251 -6.24 -9.00 30.14
CA ASN D 251 -5.51 -8.35 31.22
C ASN D 251 -6.47 -7.39 31.92
N ILE D 252 -7.01 -7.84 33.05
CA ILE D 252 -7.94 -7.03 33.82
C ILE D 252 -7.15 -5.95 34.54
N LEU D 253 -7.31 -4.71 34.07
CA LEU D 253 -6.58 -3.59 34.62
C LEU D 253 -7.14 -3.21 35.97
N ALA D 254 -8.47 -3.09 36.05
CA ALA D 254 -9.14 -2.72 37.29
C ALA D 254 -10.60 -3.13 37.18
N VAL D 255 -11.31 -3.00 38.31
CA VAL D 255 -12.68 -3.44 38.38
C VAL D 255 -13.58 -2.33 38.92
N ILE D 256 -14.59 -2.00 38.13
CA ILE D 256 -15.70 -1.21 38.62
C ILE D 256 -16.58 -2.13 39.45
N LYS D 257 -16.69 -1.82 40.75
CA LYS D 257 -17.47 -2.65 41.66
C LYS D 257 -18.92 -2.21 41.58
N GLY D 258 -19.11 -0.90 41.52
CA GLY D 258 -20.43 -0.30 41.48
C GLY D 258 -20.37 1.13 40.96
N SER D 259 -21.52 1.56 40.43
CA SER D 259 -21.64 2.87 39.82
C SER D 259 -23.02 3.45 40.10
N ALA D 260 -23.12 4.78 40.01
CA ALA D 260 -24.42 5.41 40.14
C ALA D 260 -24.42 6.76 39.42
N ILE D 261 -25.62 7.15 38.96
CA ILE D 261 -25.82 8.41 38.27
C ILE D 261 -27.12 9.03 38.77
N ASN D 262 -27.11 10.35 38.94
CA ASN D 262 -28.30 10.99 39.48
C ASN D 262 -28.29 12.45 39.04
N ASN D 263 -29.15 13.23 39.69
CA ASN D 263 -29.16 14.66 39.49
C ASN D 263 -29.41 15.37 40.83
N ASP D 264 -28.83 16.57 40.96
CA ASP D 264 -28.94 17.37 42.17
C ASP D 264 -30.38 17.81 42.38
N GLY D 265 -31.21 17.56 41.36
CA GLY D 265 -32.60 17.96 41.40
C GLY D 265 -32.72 19.45 41.67
N GLY D 266 -33.68 19.83 42.53
CA GLY D 266 -33.90 21.22 42.87
C GLY D 266 -33.13 21.64 44.12
N ALA D 267 -32.18 20.82 44.57
CA ALA D 267 -31.51 21.09 45.84
C ALA D 267 -30.24 21.89 45.60
N ARG D 268 -30.40 23.08 45.02
CA ARG D 268 -29.28 23.92 44.62
C ARG D 268 -29.74 25.37 44.45
N SER D 269 -28.78 26.30 44.55
CA SER D 269 -29.09 27.73 44.57
C SER D 269 -29.39 28.27 43.17
N GLY D 270 -29.29 27.45 42.14
CA GLY D 270 -29.52 27.89 40.78
C GLY D 270 -29.00 26.86 39.79
N TYR D 271 -29.55 26.87 38.58
CA TYR D 271 -29.36 25.76 37.67
C TYR D 271 -27.91 25.28 37.63
N THR D 272 -26.96 26.21 37.52
CA THR D 272 -25.58 25.83 37.22
C THR D 272 -24.76 25.65 38.48
N VAL D 273 -25.43 25.42 39.61
CA VAL D 273 -24.74 25.28 40.87
C VAL D 273 -24.80 23.83 41.33
N PRO D 274 -23.68 23.30 41.84
CA PRO D 274 -23.67 21.99 42.47
C PRO D 274 -24.57 21.88 43.71
N GLY D 275 -25.04 20.66 43.97
CA GLY D 275 -25.97 20.36 45.05
C GLY D 275 -25.39 19.32 46.00
N VAL D 276 -24.96 19.81 47.18
CA VAL D 276 -24.35 18.95 48.17
C VAL D 276 -25.17 17.68 48.27
N ASP D 277 -26.48 17.87 48.53
CA ASP D 277 -27.41 16.77 48.71
C ASP D 277 -27.21 15.72 47.61
N GLY D 278 -27.25 16.17 46.35
CA GLY D 278 -27.15 15.28 45.19
C GLY D 278 -25.83 14.52 45.12
N GLN D 279 -24.70 15.25 45.24
CA GLN D 279 -23.41 14.59 45.18
C GLN D 279 -23.30 13.58 46.30
N GLU D 280 -23.67 14.01 47.53
CA GLU D 280 -23.76 13.09 48.65
C GLU D 280 -24.51 11.84 48.19
N ALA D 281 -25.73 12.05 47.69
CA ALA D 281 -26.64 10.97 47.33
C ALA D 281 -25.96 9.99 46.38
N VAL D 282 -25.38 10.51 45.31
CA VAL D 282 -24.84 9.64 44.27
C VAL D 282 -23.73 8.79 44.86
N MET D 283 -22.80 9.44 45.57
CA MET D 283 -21.69 8.71 46.16
C MET D 283 -22.24 7.57 47.04
N ILE D 284 -23.17 7.92 47.94
CA ILE D 284 -23.78 6.94 48.84
C ILE D 284 -24.30 5.76 48.03
N GLU D 285 -25.15 6.08 47.05
CA GLU D 285 -25.75 5.04 46.23
C GLU D 285 -24.64 4.16 45.67
N ALA D 286 -23.66 4.76 45.00
CA ALA D 286 -22.61 3.98 44.38
C ALA D 286 -21.96 3.06 45.40
N HIS D 287 -21.45 3.66 46.50
CA HIS D 287 -20.76 2.89 47.53
C HIS D 287 -21.61 1.71 47.99
N SER D 288 -22.93 1.96 48.12
CA SER D 288 -23.87 0.91 48.47
C SER D 288 -23.82 -0.22 47.45
N LEU D 289 -23.93 0.12 46.17
CA LEU D 289 -24.00 -0.87 45.11
C LEU D 289 -22.68 -1.62 44.99
N ALA D 290 -21.57 -0.94 45.24
CA ALA D 290 -20.26 -1.58 45.24
C ALA D 290 -20.03 -2.30 46.57
N GLU D 291 -21.01 -2.23 47.47
CA GLU D 291 -20.91 -2.88 48.77
C GLU D 291 -19.59 -2.51 49.43
N VAL D 292 -19.37 -1.20 49.61
CA VAL D 292 -18.20 -0.76 50.35
C VAL D 292 -18.55 0.37 51.30
N THR D 293 -18.00 0.30 52.52
CA THR D 293 -18.01 1.43 53.41
C THR D 293 -16.94 2.40 52.95
N PRO D 294 -17.11 3.71 53.22
CA PRO D 294 -16.05 4.70 53.00
C PRO D 294 -14.68 4.24 53.52
N GLN D 295 -14.70 3.60 54.69
CA GLN D 295 -13.50 3.10 55.34
C GLN D 295 -12.73 2.14 54.44
N GLN D 296 -13.41 1.50 53.48
CA GLN D 296 -12.78 0.55 52.58
C GLN D 296 -12.32 1.22 51.28
N ILE D 297 -12.45 2.55 51.21
CA ILE D 297 -11.93 3.31 50.08
C ILE D 297 -10.76 4.14 50.58
N GLN D 298 -9.64 4.19 49.82
CA GLN D 298 -8.48 4.93 50.31
C GLN D 298 -8.33 6.25 49.55
N TYR D 299 -8.67 6.22 48.27
CA TYR D 299 -8.46 7.34 47.38
C TYR D 299 -9.79 7.81 46.83
N LEU D 300 -9.87 9.12 46.64
CA LEU D 300 -10.97 9.66 45.85
C LEU D 300 -10.39 10.57 44.78
N GLU D 301 -10.84 10.30 43.55
CA GLU D 301 -10.56 11.13 42.40
C GLU D 301 -11.72 12.11 42.26
N LEU D 302 -11.42 13.35 42.66
CA LEU D 302 -12.37 14.45 42.71
C LEU D 302 -12.79 14.82 41.29
N HIS D 303 -13.90 15.52 41.19
CA HIS D 303 -14.22 16.33 40.03
C HIS D 303 -13.17 17.44 39.96
N GLY D 304 -12.96 18.12 41.09
CA GLY D 304 -11.87 19.09 41.24
C GLY D 304 -11.89 20.13 40.13
N SER D 305 -13.00 20.86 40.04
CA SER D 305 -13.22 21.83 38.99
C SER D 305 -12.23 22.99 39.14
N GLY D 306 -11.94 23.39 40.39
CA GLY D 306 -11.10 24.53 40.65
C GLY D 306 -11.90 25.81 40.88
N THR D 307 -13.23 25.66 40.90
CA THR D 307 -14.12 26.76 41.25
C THR D 307 -14.35 26.74 42.75
N PRO D 308 -14.21 27.91 43.40
CA PRO D 308 -14.15 27.97 44.86
C PRO D 308 -15.38 27.26 45.41
N LEU D 309 -16.53 27.66 44.86
CA LEU D 309 -17.81 27.15 45.32
C LEU D 309 -17.92 25.66 45.02
N GLY D 310 -17.54 25.27 43.81
CA GLY D 310 -17.73 23.89 43.38
C GLY D 310 -16.91 22.92 44.24
N ASP D 311 -15.65 23.31 44.44
CA ASP D 311 -14.73 22.55 45.28
C ASP D 311 -15.34 22.47 46.70
N ALA D 312 -15.68 23.66 47.23
CA ALA D 312 -16.27 23.79 48.56
C ALA D 312 -17.41 22.80 48.73
N ILE D 313 -18.34 22.77 47.76
CA ILE D 313 -19.49 21.90 47.81
C ILE D 313 -19.04 20.44 47.77
N GLU D 314 -18.31 20.11 46.71
CA GLU D 314 -17.88 18.74 46.55
C GLU D 314 -17.32 18.21 47.87
N PHE D 315 -16.40 18.97 48.45
CA PHE D 315 -15.74 18.49 49.65
C PHE D 315 -16.75 18.29 50.77
N ALA D 316 -17.70 19.23 50.91
CA ALA D 316 -18.74 19.10 51.92
C ALA D 316 -19.43 17.75 51.75
N ALA D 317 -19.89 17.51 50.51
CA ALA D 317 -20.55 16.25 50.20
C ALA D 317 -19.65 15.07 50.55
N ILE D 318 -18.35 15.20 50.31
CA ILE D 318 -17.43 14.12 50.66
C ILE D 318 -17.46 13.90 52.17
N LYS D 319 -17.20 14.96 52.94
CA LYS D 319 -17.16 14.87 54.39
C LYS D 319 -18.40 14.14 54.87
N ARG D 320 -19.57 14.55 54.33
CA ARG D 320 -20.82 13.93 54.72
C ARG D 320 -20.82 12.43 54.48
N VAL D 321 -20.31 12.00 53.34
CA VAL D 321 -20.39 10.60 52.98
C VAL D 321 -19.36 9.79 53.77
N PHE D 322 -18.18 10.37 54.00
CA PHE D 322 -17.09 9.60 54.60
C PHE D 322 -17.16 9.61 56.13
N GLY D 323 -17.41 10.79 56.73
CA GLY D 323 -17.49 10.88 58.18
C GLY D 323 -16.11 10.76 58.80
N THR D 324 -16.02 10.04 59.93
CA THR D 324 -14.77 9.84 60.65
C THR D 324 -14.25 8.43 60.40
N PRO D 325 -12.93 8.22 60.26
CA PRO D 325 -12.37 6.87 60.10
C PRO D 325 -12.07 6.18 61.43
N ALA D 326 -11.68 4.90 61.34
CA ALA D 326 -11.29 4.10 62.48
C ALA D 326 -10.08 4.74 63.15
N PRO D 327 -10.04 4.83 64.51
CA PRO D 327 -8.94 5.51 65.21
C PRO D 327 -7.57 5.08 64.69
N ASN D 328 -6.72 6.08 64.37
CA ASN D 328 -5.36 5.87 63.91
C ASN D 328 -5.32 5.31 62.48
N ALA D 329 -6.44 5.33 61.76
CA ALA D 329 -6.41 4.97 60.35
C ALA D 329 -5.81 6.13 59.56
N THR D 330 -5.04 5.81 58.53
CA THR D 330 -4.44 6.84 57.69
C THR D 330 -5.56 7.68 57.09
N PRO D 331 -5.32 8.97 56.76
CA PRO D 331 -6.37 9.82 56.22
C PRO D 331 -6.77 9.38 54.82
N TRP D 332 -7.94 9.82 54.38
CA TRP D 332 -8.37 9.56 53.02
C TRP D 332 -7.57 10.43 52.07
N ARG D 333 -7.13 9.83 50.96
CA ARG D 333 -6.35 10.57 49.98
C ARG D 333 -7.28 11.15 48.92
N LEU D 334 -7.07 12.43 48.60
CA LEU D 334 -7.86 13.11 47.58
C LEU D 334 -6.96 13.50 46.43
N GLY D 335 -7.46 13.30 45.20
CA GLY D 335 -6.70 13.69 44.01
C GLY D 335 -7.60 14.35 42.96
N ALA D 336 -6.98 14.96 41.94
CA ALA D 336 -7.69 15.63 40.86
C ALA D 336 -6.80 15.74 39.63
N VAL D 337 -7.39 15.50 38.47
CA VAL D 337 -6.64 15.38 37.23
C VAL D 337 -6.74 16.69 36.45
N LYS D 338 -7.77 17.47 36.76
CA LYS D 338 -8.08 18.63 35.97
C LYS D 338 -6.92 19.61 36.01
N PRO D 339 -6.16 19.77 37.13
CA PRO D 339 -4.96 20.60 37.10
C PRO D 339 -3.97 20.22 36.01
N ASN D 340 -3.86 18.90 35.75
CA ASN D 340 -2.87 18.34 34.84
C ASN D 340 -3.25 18.61 33.38
N VAL D 341 -4.49 18.29 33.00
CA VAL D 341 -4.86 18.29 31.58
C VAL D 341 -6.08 19.18 31.30
N GLY D 342 -6.42 20.03 32.26
CA GLY D 342 -7.56 20.90 32.14
C GLY D 342 -8.88 20.17 32.38
N HIS D 343 -9.97 20.94 32.30
CA HIS D 343 -11.31 20.40 32.33
C HIS D 343 -11.72 20.03 30.91
N VAL D 344 -12.01 18.74 30.69
CA VAL D 344 -12.40 18.25 29.37
C VAL D 344 -13.91 17.97 29.34
N GLU D 345 -14.64 18.97 28.86
CA GLU D 345 -16.07 19.01 29.06
C GLU D 345 -16.64 17.58 29.11
N MET D 346 -16.40 16.73 28.10
CA MET D 346 -17.15 15.46 28.03
C MET D 346 -16.32 14.31 28.56
N ALA D 347 -15.02 14.43 28.34
CA ALA D 347 -14.10 13.34 28.60
C ALA D 347 -13.36 13.60 29.90
N SER D 348 -14.01 14.35 30.80
CA SER D 348 -13.45 14.62 32.10
C SER D 348 -13.50 13.35 32.93
N GLY D 349 -14.72 12.80 33.02
CA GLY D 349 -14.97 11.65 33.86
C GLY D 349 -14.00 10.52 33.54
N ILE D 350 -14.03 10.11 32.28
CA ILE D 350 -13.22 8.99 31.81
C ILE D 350 -11.75 9.29 32.02
N THR D 351 -11.38 10.58 31.91
CA THR D 351 -10.01 10.96 32.19
C THR D 351 -9.71 10.64 33.65
N SER D 352 -10.56 11.13 34.55
CA SER D 352 -10.36 10.86 35.98
C SER D 352 -10.29 9.35 36.21
N LEU D 353 -11.15 8.60 35.53
CA LEU D 353 -11.19 7.15 35.69
C LEU D 353 -9.86 6.55 35.25
N ILE D 354 -9.38 6.96 34.11
CA ILE D 354 -8.11 6.46 33.63
C ILE D 354 -7.01 6.81 34.63
N LYS D 355 -6.92 8.09 35.03
CA LYS D 355 -5.97 8.49 36.05
C LYS D 355 -6.05 7.49 37.20
N THR D 356 -7.27 7.20 37.63
CA THR D 356 -7.47 6.28 38.75
C THR D 356 -6.87 4.92 38.43
N VAL D 357 -7.27 4.33 37.30
CA VAL D 357 -6.82 3.01 36.93
C VAL D 357 -5.29 2.97 36.93
N LEU D 358 -4.68 3.99 36.33
CA LEU D 358 -3.23 4.08 36.35
C LEU D 358 -2.73 4.12 37.80
N SER D 359 -3.35 4.98 38.63
CA SER D 359 -3.02 5.09 40.05
C SER D 359 -3.01 3.70 40.69
N LEU D 360 -4.00 2.87 40.33
CA LEU D 360 -4.17 1.53 40.87
C LEU D 360 -3.07 0.61 40.35
N THR D 361 -2.98 0.48 39.03
CA THR D 361 -2.04 -0.46 38.43
C THR D 361 -0.61 -0.14 38.85
N ASN D 362 -0.27 1.15 38.86
CA ASN D 362 1.06 1.55 39.26
C ASN D 362 1.18 1.65 40.78
N ARG D 363 0.06 1.43 41.50
CA ARG D 363 0.05 1.45 42.95
C ARG D 363 0.65 2.74 43.48
N VAL D 364 0.25 3.89 42.90
CA VAL D 364 0.74 5.17 43.37
C VAL D 364 -0.42 6.16 43.34
N PHE D 365 -0.34 7.12 44.26
CA PHE D 365 -1.15 8.32 44.17
C PHE D 365 -0.30 9.34 43.42
N TYR D 366 -0.84 9.81 42.30
CA TYR D 366 -0.17 10.80 41.49
C TYR D 366 -0.45 12.18 42.05
N PRO D 367 0.52 13.11 41.91
CA PRO D 367 0.35 14.47 42.42
C PRO D 367 -0.79 15.22 41.74
N THR D 368 -1.46 16.01 42.56
CA THR D 368 -2.48 16.96 42.13
C THR D 368 -1.84 18.34 42.16
N LEU D 369 -1.84 19.02 41.01
CA LEU D 369 -1.00 20.20 40.85
C LEU D 369 -1.66 21.42 41.46
N ASN D 370 -0.87 22.51 41.55
CA ASN D 370 -1.37 23.82 41.93
C ASN D 370 -1.90 23.82 43.37
N PHE D 371 -1.59 22.77 44.15
CA PHE D 371 -2.06 22.69 45.52
C PHE D 371 -0.93 23.04 46.48
N GLN D 372 -0.87 24.31 46.88
CA GLN D 372 0.16 24.78 47.78
C GLN D 372 -0.42 24.96 49.18
N ARG D 373 -1.74 25.18 49.29
CA ARG D 373 -2.35 25.51 50.56
C ARG D 373 -3.87 25.34 50.50
N ALA D 374 -4.39 24.44 51.34
CA ALA D 374 -5.80 24.10 51.34
C ALA D 374 -6.64 25.37 51.47
N ASN D 375 -7.76 25.43 50.75
CA ASN D 375 -8.68 26.55 50.82
C ASN D 375 -9.35 26.59 52.19
N PRO D 376 -9.24 27.71 52.95
CA PRO D 376 -9.79 27.80 54.30
C PRO D 376 -11.12 27.09 54.52
N GLN D 377 -12.09 27.39 53.64
CA GLN D 377 -13.47 26.95 53.82
C GLN D 377 -13.61 25.44 53.71
N LEU D 378 -12.60 24.76 53.22
CA LEU D 378 -12.65 23.31 53.23
C LEU D 378 -12.40 22.80 54.64
N GLY D 379 -11.54 23.48 55.40
CA GLY D 379 -11.09 23.00 56.70
C GLY D 379 -10.58 21.57 56.59
N LEU D 380 -9.70 21.36 55.61
CA LEU D 380 -9.15 20.06 55.31
C LEU D 380 -8.26 19.57 56.47
N GLU D 381 -7.52 20.51 57.05
CA GLU D 381 -6.54 20.23 58.09
C GLU D 381 -7.14 19.36 59.18
N ASP D 382 -8.26 19.81 59.76
CA ASP D 382 -8.91 19.08 60.84
C ASP D 382 -9.55 17.80 60.30
N SER D 383 -9.94 17.82 59.04
CA SER D 383 -10.61 16.69 58.44
C SER D 383 -9.66 15.51 58.27
N PRO D 384 -10.19 14.27 58.23
CA PRO D 384 -9.38 13.08 57.98
C PRO D 384 -9.13 12.88 56.49
N PHE D 385 -8.81 13.99 55.82
CA PHE D 385 -8.60 13.99 54.39
C PHE D 385 -7.27 14.64 54.09
N GLU D 386 -6.70 14.28 52.94
CA GLU D 386 -5.39 14.77 52.57
C GLU D 386 -5.29 14.81 51.04
N VAL D 387 -5.09 16.00 50.48
CA VAL D 387 -4.90 16.13 49.04
C VAL D 387 -3.50 15.66 48.71
N VAL D 388 -3.39 14.87 47.66
CA VAL D 388 -2.11 14.32 47.25
C VAL D 388 -1.40 15.35 46.36
N SER D 389 -0.21 15.80 46.77
CA SER D 389 0.54 16.79 46.01
C SER D 389 1.95 16.30 45.67
N ARG D 390 2.21 15.01 45.91
CA ARG D 390 3.49 14.38 45.62
C ARG D 390 3.21 12.96 45.17
N LEU D 391 3.89 12.52 44.12
CA LEU D 391 3.87 11.10 43.82
C LEU D 391 4.13 10.34 45.11
N THR D 392 3.15 9.58 45.60
CA THR D 392 3.39 8.80 46.82
C THR D 392 2.84 7.39 46.63
N PRO D 393 3.60 6.34 47.04
CA PRO D 393 3.18 4.96 46.78
C PRO D 393 1.89 4.67 47.53
N TRP D 394 1.03 3.88 46.88
CA TRP D 394 -0.27 3.49 47.42
C TRP D 394 -0.10 2.32 48.38
N PRO D 395 -0.12 2.54 49.71
CA PRO D 395 0.18 1.46 50.64
C PRO D 395 -0.88 0.37 50.53
N GLU D 396 -0.53 -0.84 50.96
CA GLU D 396 -1.48 -1.94 50.95
C GLU D 396 -2.07 -2.04 52.34
N GLY D 397 -3.41 -2.17 52.42
CA GLY D 397 -4.10 -2.44 53.67
C GLY D 397 -4.66 -3.85 53.69
N THR D 398 -5.55 -4.13 54.65
CA THR D 398 -6.10 -5.46 54.80
C THR D 398 -7.17 -5.71 53.73
N THR D 399 -7.71 -4.63 53.16
CA THR D 399 -8.67 -4.77 52.07
C THR D 399 -8.03 -4.29 50.77
N PRO D 400 -8.61 -4.69 49.60
CA PRO D 400 -8.10 -4.29 48.29
C PRO D 400 -7.90 -2.79 48.12
N ARG D 401 -6.95 -2.44 47.24
CA ARG D 401 -6.76 -1.06 46.83
C ARG D 401 -8.04 -0.62 46.12
N THR D 402 -8.67 0.44 46.64
CA THR D 402 -9.99 0.83 46.18
C THR D 402 -10.15 2.34 46.27
N ALA D 403 -10.72 2.90 45.20
CA ALA D 403 -10.88 4.33 45.05
C ALA D 403 -12.26 4.66 44.50
N GLY D 404 -12.65 5.93 44.71
CA GLY D 404 -13.90 6.42 44.15
C GLY D 404 -13.67 7.49 43.09
N VAL D 405 -14.49 7.50 42.03
CA VAL D 405 -14.33 8.51 40.99
C VAL D 405 -15.62 9.27 40.78
N SER D 406 -15.52 10.60 40.88
CA SER D 406 -16.70 11.45 40.81
C SER D 406 -16.68 12.25 39.51
N ALA D 407 -17.83 12.33 38.83
CA ALA D 407 -18.01 13.30 37.76
C ALA D 407 -19.33 14.02 37.93
N PHE D 408 -19.26 15.32 38.25
CA PHE D 408 -20.41 16.15 38.57
C PHE D 408 -20.58 17.19 37.49
N GLY D 409 -21.59 16.99 36.63
CA GLY D 409 -21.78 17.82 35.46
C GLY D 409 -22.59 19.08 35.77
N LEU D 410 -22.20 20.16 35.11
CA LEU D 410 -23.01 21.36 35.10
C LEU D 410 -24.43 20.95 34.70
N GLY D 411 -25.41 21.46 35.45
CA GLY D 411 -26.80 21.10 35.25
C GLY D 411 -27.21 20.06 36.30
N GLY D 412 -26.23 19.58 37.07
CA GLY D 412 -26.49 18.80 38.27
C GLY D 412 -26.57 17.30 38.01
N THR D 413 -26.26 16.87 36.78
CA THR D 413 -26.22 15.45 36.50
C THR D 413 -24.88 14.89 37.01
N ASN D 414 -24.95 13.94 37.95
CA ASN D 414 -23.75 13.44 38.61
C ASN D 414 -23.59 11.94 38.36
N ALA D 415 -22.33 11.50 38.49
CA ALA D 415 -21.95 10.10 38.35
C ALA D 415 -20.81 9.75 39.28
N HIS D 416 -20.87 8.55 39.87
CA HIS D 416 -19.84 8.11 40.81
C HIS D 416 -19.51 6.64 40.58
N LEU D 417 -18.21 6.33 40.70
CA LEU D 417 -17.71 4.99 40.51
C LEU D 417 -16.92 4.52 41.72
N VAL D 418 -17.04 3.23 42.00
CA VAL D 418 -16.09 2.59 42.88
C VAL D 418 -15.23 1.67 42.03
N VAL D 419 -13.93 1.97 42.04
CA VAL D 419 -12.98 1.24 41.23
C VAL D 419 -11.96 0.61 42.15
N GLN D 420 -11.69 -0.66 41.90
CA GLN D 420 -10.91 -1.49 42.78
C GLN D 420 -9.83 -2.15 41.95
N ALA D 421 -8.64 -2.27 42.54
CA ALA D 421 -7.59 -3.06 41.95
C ALA D 421 -8.17 -4.43 41.67
N PRO D 422 -7.64 -5.18 40.68
CA PRO D 422 -8.20 -6.47 40.31
C PRO D 422 -7.67 -7.54 41.25
N LEU D 423 -8.23 -8.76 41.16
CA LEU D 423 -7.67 -9.87 41.90
C LEU D 423 -6.25 -10.05 41.42
N SER D 424 -5.34 -10.30 42.37
CA SER D 424 -3.94 -10.57 42.04
C SER D 424 -3.92 -11.83 41.17
N THR D 425 -3.15 -11.79 40.08
CA THR D 425 -3.25 -12.81 39.05
C THR D 425 -2.37 -13.98 39.45
N PRO D 426 -2.95 -15.15 39.83
CA PRO D 426 -2.15 -16.27 40.32
C PRO D 426 -1.47 -16.93 39.13
N GLN D 427 -0.27 -16.43 38.78
CA GLN D 427 0.36 -16.81 37.53
C GLN D 427 1.58 -17.67 37.77
N ALA D 428 1.31 -18.96 38.07
CA ALA D 428 2.31 -20.01 38.03
C ALA D 428 2.38 -20.56 36.61
N ARG D 429 2.60 -19.64 35.65
CA ARG D 429 2.45 -19.93 34.22
C ARG D 429 3.65 -20.69 33.66
N ALA D 430 3.62 -22.03 33.78
CA ALA D 430 4.67 -22.88 33.24
C ALA D 430 4.68 -22.82 31.70
N GLN D 431 5.14 -21.69 31.14
CA GLN D 431 4.98 -21.41 29.71
C GLN D 431 5.54 -22.57 28.89
N GLN D 432 4.65 -23.23 28.15
CA GLN D 432 4.99 -24.41 27.38
C GLN D 432 5.54 -24.00 26.01
N MET D 433 6.73 -24.50 25.67
CA MET D 433 7.29 -24.23 24.36
C MET D 433 6.57 -25.15 23.38
N GLY D 434 6.35 -24.66 22.16
CA GLY D 434 5.64 -25.40 21.14
C GLY D 434 5.39 -24.53 19.90
N PRO D 435 4.91 -25.13 18.80
CA PRO D 435 4.69 -24.39 17.57
C PRO D 435 3.49 -23.44 17.71
N CYS D 436 3.70 -22.19 17.27
CA CYS D 436 2.63 -21.20 17.22
C CYS D 436 2.52 -20.62 15.81
N VAL D 437 1.27 -20.35 15.41
CA VAL D 437 0.96 -19.73 14.13
C VAL D 437 0.86 -18.22 14.33
N VAL D 438 1.86 -17.56 13.75
CA VAL D 438 1.94 -16.11 13.72
C VAL D 438 1.47 -15.64 12.34
N VAL D 439 0.56 -14.67 12.37
CA VAL D 439 -0.06 -14.15 11.16
C VAL D 439 -0.05 -12.64 11.22
N LEU D 440 0.37 -12.04 10.08
CA LEU D 440 0.26 -10.61 9.88
C LEU D 440 -0.49 -10.37 8.59
N SER D 441 -1.23 -9.25 8.56
CA SER D 441 -1.98 -8.86 7.38
C SER D 441 -1.99 -7.35 7.27
N ALA D 442 -2.15 -6.86 6.05
CA ALA D 442 -2.29 -5.44 5.80
C ALA D 442 -3.00 -5.22 4.47
N LYS D 443 -3.20 -3.94 4.14
CA LYS D 443 -3.91 -3.56 2.93
C LYS D 443 -2.96 -3.53 1.75
N ASN D 444 -1.66 -3.37 2.02
CA ASN D 444 -0.66 -3.39 0.97
C ASN D 444 0.69 -3.77 1.57
N HIS D 445 1.54 -4.30 0.71
CA HIS D 445 2.82 -4.85 1.09
C HIS D 445 3.56 -3.86 1.97
N ASN D 446 3.61 -2.62 1.50
CA ASN D 446 4.38 -1.60 2.17
C ASN D 446 3.97 -1.48 3.63
N ALA D 447 2.68 -1.64 3.90
CA ALA D 447 2.19 -1.57 5.27
C ALA D 447 2.69 -2.79 6.04
N LEU D 448 2.50 -3.94 5.39
CA LEU D 448 2.79 -5.22 6.00
C LEU D 448 4.25 -5.20 6.47
N GLU D 449 5.14 -4.70 5.61
CA GLU D 449 6.53 -4.53 5.97
C GLU D 449 6.61 -3.79 7.31
N GLN D 450 6.00 -2.60 7.36
CA GLN D 450 6.10 -1.75 8.52
C GLN D 450 5.60 -2.50 9.76
N MET D 451 4.46 -3.17 9.61
CA MET D 451 3.88 -3.92 10.71
C MET D 451 4.89 -4.93 11.22
N GLN D 452 5.43 -5.69 10.27
CA GLN D 452 6.45 -6.68 10.55
C GLN D 452 7.52 -6.06 11.44
N ASN D 453 8.13 -4.99 10.94
CA ASN D 453 9.28 -4.42 11.60
C ASN D 453 8.88 -3.90 12.98
N ALA D 454 7.70 -3.27 13.07
CA ALA D 454 7.17 -2.79 14.34
C ALA D 454 7.10 -3.93 15.34
N LEU D 455 6.48 -5.05 14.91
CA LEU D 455 6.32 -6.20 15.78
C LEU D 455 7.68 -6.69 16.28
N LEU D 456 8.56 -6.97 15.32
CA LEU D 456 9.88 -7.45 15.69
C LEU D 456 10.52 -6.49 16.70
N ALA D 457 10.41 -5.18 16.40
CA ALA D 457 10.90 -4.16 17.31
C ALA D 457 10.35 -4.38 18.70
N LYS D 458 9.02 -4.52 18.81
CA LYS D 458 8.41 -4.70 20.12
C LYS D 458 9.02 -5.92 20.81
N LEU D 459 9.00 -7.06 20.11
CA LEU D 459 9.44 -8.32 20.68
C LEU D 459 10.89 -8.21 21.20
N ALA D 460 11.72 -7.59 20.36
CA ALA D 460 13.10 -7.34 20.71
C ALA D 460 13.20 -6.50 21.98
N ALA D 461 12.30 -5.52 22.12
CA ALA D 461 12.31 -4.63 23.28
C ALA D 461 11.86 -5.39 24.52
N HIS D 462 10.89 -6.30 24.35
CA HIS D 462 10.31 -7.01 25.47
C HIS D 462 10.49 -8.51 25.28
N PRO D 463 11.71 -9.02 25.48
CA PRO D 463 11.99 -10.44 25.28
C PRO D 463 11.12 -11.34 26.16
N GLU D 464 10.49 -10.73 27.18
CA GLU D 464 9.67 -11.49 28.11
C GLU D 464 8.32 -11.82 27.52
N ILE D 465 7.94 -11.15 26.40
CA ILE D 465 6.68 -11.45 25.76
C ILE D 465 6.69 -12.89 25.28
N ARG D 466 5.66 -13.66 25.59
CA ARG D 466 5.68 -15.08 25.24
C ARG D 466 4.87 -15.31 23.97
N LEU D 467 5.31 -16.27 23.17
CA LEU D 467 4.80 -16.45 21.83
C LEU D 467 3.32 -16.85 21.85
N GLN D 468 2.95 -17.82 22.70
CA GLN D 468 1.55 -18.19 22.83
C GLN D 468 0.69 -16.95 22.67
N ASP D 469 1.08 -15.92 23.45
CA ASP D 469 0.32 -14.69 23.54
C ASP D 469 0.32 -14.06 22.16
N VAL D 470 1.52 -13.73 21.69
CA VAL D 470 1.67 -13.06 20.41
C VAL D 470 0.76 -13.74 19.40
N ALA D 471 1.00 -15.01 19.15
CA ALA D 471 0.32 -15.70 18.06
C ALA D 471 -1.19 -15.55 18.20
N TYR D 472 -1.65 -15.59 19.46
CA TYR D 472 -3.08 -15.55 19.77
C TYR D 472 -3.63 -14.17 19.44
N THR D 473 -2.98 -13.19 20.06
CA THR D 473 -3.28 -11.78 19.86
C THR D 473 -3.31 -11.46 18.37
N LEU D 474 -2.35 -11.93 17.60
CA LEU D 474 -2.30 -11.55 16.20
C LEU D 474 -3.40 -12.23 15.40
N ARG D 475 -4.07 -13.21 15.99
CA ARG D 475 -5.20 -13.85 15.33
C ARG D 475 -6.48 -13.17 15.73
N HIS D 476 -6.74 -13.11 17.04
CA HIS D 476 -8.03 -12.65 17.50
C HIS D 476 -8.09 -11.13 17.49
N GLY D 477 -6.98 -10.48 17.78
CA GLY D 477 -6.98 -9.04 17.97
C GLY D 477 -6.63 -8.26 16.72
N ARG D 478 -6.68 -8.88 15.54
CA ARG D 478 -6.32 -8.19 14.34
C ARG D 478 -7.21 -8.66 13.18
N PHE D 479 -7.50 -7.75 12.25
CA PHE D 479 -8.36 -8.09 11.13
C PHE D 479 -7.51 -8.69 10.02
N SER D 480 -8.09 -9.68 9.34
CA SER D 480 -7.45 -10.32 8.21
C SER D 480 -7.55 -9.42 6.99
N ALA D 481 -6.52 -8.60 6.81
CA ALA D 481 -6.41 -7.72 5.65
C ALA D 481 -6.10 -8.55 4.42
N PRO D 482 -6.14 -7.96 3.20
CA PRO D 482 -5.93 -8.73 1.97
C PRO D 482 -4.49 -9.18 1.64
N VAL D 483 -3.48 -8.49 2.19
CA VAL D 483 -2.09 -8.88 1.98
C VAL D 483 -1.57 -9.56 3.23
N ARG D 484 -1.17 -10.83 3.12
CA ARG D 484 -1.01 -11.65 4.31
C ARG D 484 0.35 -12.33 4.38
N LYS D 485 0.71 -12.72 5.60
CA LYS D 485 1.96 -13.41 5.86
C LYS D 485 1.77 -14.28 7.09
N CYS D 486 2.16 -15.55 6.95
CA CYS D 486 1.91 -16.54 7.98
C CYS D 486 3.16 -17.38 8.23
N VAL D 487 3.43 -17.68 9.49
CA VAL D 487 4.64 -18.36 9.89
C VAL D 487 4.32 -19.25 11.08
N ILE D 488 5.00 -20.40 11.20
CA ILE D 488 4.89 -21.22 12.40
C ILE D 488 6.22 -21.13 13.13
N ALA D 489 6.22 -20.62 14.36
CA ALA D 489 7.49 -20.45 15.07
C ALA D 489 7.47 -21.19 16.40
N GLU D 490 8.66 -21.31 17.01
CA GLU D 490 8.81 -21.92 18.32
C GLU D 490 9.08 -20.84 19.37
N ASN D 491 9.64 -19.68 18.95
CA ASN D 491 9.89 -18.60 19.89
C ASN D 491 10.15 -17.27 19.18
N CYS D 492 9.83 -16.21 19.93
CA CYS D 492 9.80 -14.82 19.46
C CYS D 492 11.11 -14.47 18.77
N THR D 493 12.23 -15.00 19.28
CA THR D 493 13.52 -14.83 18.63
C THR D 493 13.46 -15.40 17.22
N GLN D 494 13.28 -16.72 17.13
CA GLN D 494 13.29 -17.43 15.87
C GLN D 494 12.44 -16.67 14.86
N LEU D 495 11.21 -16.35 15.30
CA LEU D 495 10.22 -15.66 14.49
C LEU D 495 10.83 -14.63 13.53
N ALA D 496 11.67 -13.71 14.05
CA ALA D 496 12.22 -12.65 13.21
C ALA D 496 12.66 -13.20 11.86
N ARG D 497 13.60 -14.16 11.89
CA ARG D 497 14.25 -14.59 10.66
C ARG D 497 13.22 -15.28 9.77
N GLN D 498 12.16 -15.87 10.37
CA GLN D 498 11.14 -16.51 9.54
C GLN D 498 10.33 -15.43 8.86
N LEU D 499 9.71 -14.57 9.66
CA LEU D 499 8.89 -13.48 9.12
C LEU D 499 9.58 -12.81 7.93
N ARG D 500 10.86 -12.47 8.10
CA ARG D 500 11.56 -11.75 7.06
C ARG D 500 11.65 -12.59 5.78
N ASP D 501 11.97 -13.87 5.93
CA ASP D 501 12.21 -14.73 4.77
C ASP D 501 10.89 -15.14 4.13
N ALA D 502 9.80 -15.06 4.90
CA ALA D 502 8.52 -15.57 4.48
C ALA D 502 7.96 -14.68 3.38
N PRO D 503 7.04 -15.19 2.54
CA PRO D 503 6.46 -14.42 1.44
C PRO D 503 5.20 -13.70 1.86
N MET D 504 4.92 -12.59 1.16
CA MET D 504 3.68 -11.84 1.31
C MET D 504 2.73 -12.30 0.22
N VAL D 505 1.52 -12.68 0.63
CA VAL D 505 0.55 -13.30 -0.27
C VAL D 505 -0.74 -12.48 -0.31
N GLU D 506 -1.08 -11.99 -1.51
CA GLU D 506 -2.32 -11.27 -1.74
C GLU D 506 -3.40 -12.30 -2.04
N ALA D 507 -4.39 -12.38 -1.15
CA ALA D 507 -5.46 -13.35 -1.32
C ALA D 507 -6.08 -13.24 -2.72
N THR D 508 -5.98 -14.30 -3.55
CA THR D 508 -6.77 -14.36 -4.79
C THR D 508 -8.02 -15.20 -4.52
N THR D 509 -9.17 -14.51 -4.36
CA THR D 509 -10.37 -15.09 -3.80
C THR D 509 -10.99 -16.15 -4.74
N GLY D 510 -11.34 -17.30 -4.15
CA GLY D 510 -12.16 -18.31 -4.81
C GLY D 510 -11.38 -19.25 -5.73
N CYS D 511 -10.12 -19.56 -5.37
CA CYS D 511 -9.35 -20.54 -6.12
C CYS D 511 -9.73 -21.96 -5.65
N THR D 512 -9.13 -22.98 -6.27
CA THR D 512 -9.41 -24.36 -5.90
C THR D 512 -8.59 -24.75 -4.67
N ILE D 513 -9.29 -25.29 -3.67
CA ILE D 513 -8.65 -25.85 -2.49
C ILE D 513 -8.55 -27.36 -2.68
N TYR D 514 -7.32 -27.85 -2.81
CA TYR D 514 -7.08 -29.27 -2.99
C TYR D 514 -6.69 -29.91 -1.65
N TRP D 515 -7.35 -31.04 -1.34
CA TRP D 515 -7.16 -31.73 -0.08
C TRP D 515 -6.64 -33.16 -0.29
N ARG D 516 -5.44 -33.41 0.25
CA ARG D 516 -4.85 -34.74 0.30
C ARG D 516 -4.98 -35.31 1.71
N LEU D 517 -5.78 -36.36 1.84
CA LEU D 517 -5.95 -37.07 3.09
C LEU D 517 -4.98 -38.26 3.14
N GLY D 518 -4.00 -38.20 4.04
CA GLY D 518 -3.03 -39.27 4.17
C GLY D 518 -3.55 -40.41 5.04
N HIS D 519 -2.86 -41.55 4.98
CA HIS D 519 -3.15 -42.68 5.87
C HIS D 519 -3.52 -42.17 7.28
N ARG D 520 -2.54 -41.63 8.02
CA ARG D 520 -2.78 -41.29 9.42
C ARG D 520 -2.75 -39.77 9.62
N PHE D 521 -3.69 -39.28 10.47
CA PHE D 521 -3.80 -37.88 10.83
C PHE D 521 -4.42 -37.77 12.23
N VAL D 522 -3.74 -38.34 13.23
CA VAL D 522 -4.27 -38.44 14.58
C VAL D 522 -3.90 -37.20 15.38
N VAL D 523 -4.80 -36.23 15.39
CA VAL D 523 -4.61 -35.02 16.17
C VAL D 523 -5.04 -35.29 17.60
N ALA D 524 -4.60 -34.41 18.51
CA ALA D 524 -4.77 -34.62 19.94
C ALA D 524 -6.24 -34.57 20.34
N LEU D 525 -6.54 -35.37 21.37
CA LEU D 525 -7.87 -35.44 21.96
C LEU D 525 -8.41 -34.01 22.11
N GLU D 526 -7.63 -33.15 22.78
CA GLU D 526 -7.99 -31.75 22.96
C GLU D 526 -8.42 -31.15 21.63
N THR D 527 -7.53 -31.23 20.65
CA THR D 527 -7.77 -30.62 19.36
C THR D 527 -9.09 -31.13 18.79
N LEU D 528 -9.25 -32.44 18.68
CA LEU D 528 -10.43 -32.97 18.02
C LEU D 528 -11.70 -32.60 18.80
N SER D 529 -11.65 -32.70 20.12
CA SER D 529 -12.80 -32.37 20.95
C SER D 529 -13.17 -30.91 20.78
N ASP D 530 -12.17 -30.01 20.74
CA ASP D 530 -12.40 -28.59 20.53
C ASP D 530 -12.98 -28.35 19.14
N TRP D 531 -12.39 -28.98 18.13
CA TRP D 531 -12.87 -28.87 16.75
C TRP D 531 -14.34 -29.27 16.69
N LEU D 532 -14.65 -30.49 17.11
CA LEU D 532 -16.02 -30.95 17.06
C LEU D 532 -16.89 -29.97 17.86
N ALA D 533 -16.40 -29.57 19.04
CA ALA D 533 -17.10 -28.64 19.91
C ALA D 533 -17.40 -27.31 19.21
N CYS D 534 -16.85 -27.10 18.01
CA CYS D 534 -17.12 -25.87 17.27
C CYS D 534 -18.38 -25.96 16.45
N SER D 535 -18.99 -27.15 16.30
CA SER D 535 -20.21 -27.18 15.52
C SER D 535 -21.18 -28.26 15.98
N GLU D 536 -22.33 -27.77 16.49
CA GLU D 536 -23.47 -28.60 16.82
C GLU D 536 -23.68 -29.68 15.76
N VAL D 537 -23.73 -29.20 14.50
CA VAL D 537 -23.99 -30.05 13.35
C VAL D 537 -23.08 -31.27 13.40
N LEU D 538 -21.79 -31.03 13.68
CA LEU D 538 -20.81 -32.12 13.74
C LEU D 538 -21.01 -32.93 15.02
N SER D 539 -20.98 -32.23 16.16
CA SER D 539 -21.09 -32.89 17.45
C SER D 539 -22.25 -33.89 17.45
N GLN D 540 -23.34 -33.55 16.74
CA GLN D 540 -24.48 -34.46 16.62
C GLN D 540 -24.11 -35.66 15.72
N ALA D 541 -23.66 -35.37 14.50
CA ALA D 541 -23.36 -36.40 13.51
C ALA D 541 -22.35 -37.41 14.07
N VAL D 542 -21.40 -36.92 14.88
CA VAL D 542 -20.41 -37.77 15.51
C VAL D 542 -21.02 -38.44 16.74
N GLY D 543 -21.75 -37.66 17.55
CA GLY D 543 -22.49 -38.19 18.69
C GLY D 543 -23.31 -39.44 18.33
N GLN D 544 -23.85 -39.43 17.09
CA GLN D 544 -24.61 -40.57 16.57
C GLN D 544 -23.70 -41.74 16.25
N LEU D 545 -22.52 -41.48 15.65
CA LEU D 545 -21.57 -42.54 15.36
C LEU D 545 -21.11 -43.19 16.66
N LEU D 546 -20.81 -42.37 17.67
CA LEU D 546 -20.26 -42.85 18.94
C LEU D 546 -21.37 -43.21 19.93
N GLU D 547 -22.64 -43.01 19.55
CA GLU D 547 -23.77 -43.38 20.39
C GLU D 547 -23.69 -42.62 21.71
N HIS D 548 -23.08 -41.43 21.69
CA HIS D 548 -22.81 -40.70 22.92
C HIS D 548 -22.85 -39.20 22.66
N PHE D 549 -24.03 -38.60 22.87
CA PHE D 549 -24.22 -37.16 22.78
C PHE D 549 -24.75 -36.70 24.15
N PRO D 550 -24.18 -35.64 24.78
CA PRO D 550 -23.06 -34.86 24.25
C PRO D 550 -21.74 -35.62 24.23
N LEU D 551 -20.84 -35.19 23.33
CA LEU D 551 -19.51 -35.77 23.21
C LEU D 551 -18.68 -35.42 24.44
N GLU D 552 -17.85 -36.37 24.86
CA GLU D 552 -16.95 -36.15 25.97
C GLU D 552 -15.54 -36.55 25.56
N PRO D 553 -14.51 -35.80 25.99
CA PRO D 553 -13.11 -36.12 25.68
C PRO D 553 -12.84 -37.63 25.65
N ALA D 554 -13.03 -38.31 26.80
CA ALA D 554 -12.79 -39.74 26.95
C ALA D 554 -13.37 -40.52 25.77
N CYS D 555 -14.62 -40.19 25.43
CA CYS D 555 -15.37 -40.82 24.35
C CYS D 555 -14.52 -41.00 23.10
N LEU D 556 -13.70 -39.98 22.81
CA LEU D 556 -12.91 -39.94 21.59
C LEU D 556 -11.65 -40.78 21.75
N GLN D 557 -11.09 -40.75 22.95
CA GLN D 557 -9.85 -41.44 23.26
C GLN D 557 -9.98 -42.94 22.99
N ASP D 558 -11.20 -43.48 23.13
CA ASP D 558 -11.44 -44.89 22.88
C ASP D 558 -11.29 -45.24 21.40
N LEU D 559 -11.32 -44.23 20.51
CA LEU D 559 -11.28 -44.47 19.08
C LEU D 559 -9.88 -44.94 18.66
N SER D 560 -9.84 -45.88 17.72
CA SER D 560 -8.59 -46.40 17.21
C SER D 560 -7.90 -45.30 16.39
N PRO D 561 -6.55 -45.26 16.38
CA PRO D 561 -5.83 -44.31 15.54
C PRO D 561 -6.41 -44.22 14.12
N ALA D 562 -6.60 -45.40 13.49
CA ALA D 562 -7.11 -45.51 12.13
C ALA D 562 -8.47 -44.83 11.99
N GLN D 563 -9.27 -44.82 13.06
CA GLN D 563 -10.58 -44.17 13.07
C GLN D 563 -10.40 -42.66 13.29
N ARG D 564 -9.65 -42.32 14.35
CA ARG D 564 -9.42 -40.92 14.71
C ARG D 564 -8.84 -40.15 13.54
N THR D 565 -8.04 -40.82 12.71
CA THR D 565 -7.62 -40.21 11.46
C THR D 565 -8.84 -39.74 10.67
N PHE D 566 -9.67 -40.71 10.27
CA PHE D 566 -10.85 -40.43 9.46
C PHE D 566 -11.67 -39.31 10.07
N ILE D 567 -11.92 -39.42 11.38
CA ILE D 567 -12.82 -38.49 12.08
C ILE D 567 -12.20 -37.10 12.11
N SER D 568 -10.93 -37.02 12.53
CA SER D 568 -10.19 -35.76 12.58
C SER D 568 -10.19 -35.11 11.20
N GLN D 569 -9.66 -35.84 10.22
CA GLN D 569 -9.67 -35.42 8.83
C GLN D 569 -11.03 -34.86 8.45
N TYR D 570 -12.09 -35.67 8.57
CA TYR D 570 -13.42 -35.21 8.21
C TYR D 570 -13.71 -33.87 8.91
N ALA D 571 -13.72 -33.94 10.25
CA ALA D 571 -14.11 -32.82 11.11
C ALA D 571 -13.57 -31.49 10.58
N LEU D 572 -12.25 -31.44 10.35
CA LEU D 572 -11.63 -30.20 9.93
C LEU D 572 -12.27 -29.67 8.64
N ILE D 573 -12.26 -30.49 7.60
CA ILE D 573 -12.70 -30.03 6.29
C ILE D 573 -14.20 -29.71 6.34
N ALA D 574 -14.90 -30.46 7.18
CA ALA D 574 -16.32 -30.22 7.39
C ALA D 574 -16.53 -28.86 8.04
N LEU D 575 -15.72 -28.52 9.06
CA LEU D 575 -15.79 -27.21 9.68
C LEU D 575 -15.60 -26.14 8.62
N ILE D 576 -14.55 -26.30 7.80
CA ILE D 576 -14.24 -25.35 6.75
C ILE D 576 -15.42 -25.20 5.82
N ASP D 577 -15.96 -26.33 5.35
CA ASP D 577 -17.02 -26.32 4.35
C ASP D 577 -18.29 -25.69 4.94
N GLU D 578 -18.56 -25.98 6.22
CA GLU D 578 -19.66 -25.36 6.96
C GLU D 578 -19.53 -23.84 6.92
N ARG D 579 -18.40 -23.34 7.44
CA ARG D 579 -18.19 -21.90 7.51
C ARG D 579 -18.23 -21.29 6.12
N GLU D 580 -17.69 -22.00 5.12
CA GLU D 580 -17.72 -21.48 3.77
C GLU D 580 -17.56 -22.61 2.76
N THR D 581 -18.65 -22.94 2.07
CA THR D 581 -18.59 -23.85 0.94
C THR D 581 -17.71 -23.18 -0.13
N LEU D 582 -16.44 -23.61 -0.18
CA LEU D 582 -15.52 -23.23 -1.24
C LEU D 582 -15.27 -24.44 -2.12
N ASN D 583 -14.67 -24.20 -3.28
CA ASN D 583 -14.31 -25.28 -4.18
C ASN D 583 -13.23 -26.14 -3.51
N VAL D 584 -13.68 -27.28 -2.94
CA VAL D 584 -12.81 -28.20 -2.22
C VAL D 584 -12.75 -29.51 -3.00
N VAL D 585 -11.57 -29.83 -3.55
CA VAL D 585 -11.33 -31.12 -4.19
C VAL D 585 -10.63 -32.02 -3.17
N LEU D 586 -10.81 -33.35 -3.30
CA LEU D 586 -10.27 -34.26 -2.32
C LEU D 586 -9.47 -35.38 -2.99
N CYS D 587 -8.66 -36.09 -2.18
CA CYS D 587 -7.87 -37.23 -2.62
C CYS D 587 -7.31 -37.97 -1.42
N GLY D 588 -7.64 -39.27 -1.27
CA GLY D 588 -7.34 -40.03 -0.05
C GLY D 588 -6.24 -41.07 -0.22
N ASP D 589 -5.70 -41.53 0.93
CA ASP D 589 -4.66 -42.53 1.01
C ASP D 589 -4.90 -43.44 2.20
N GLY D 590 -5.08 -44.73 1.91
CA GLY D 590 -5.49 -45.70 2.91
C GLY D 590 -6.67 -45.16 3.72
N ASP D 591 -6.46 -45.12 5.04
CA ASP D 591 -7.46 -44.64 5.99
C ASP D 591 -8.02 -43.26 5.58
N GLY D 592 -7.28 -42.49 4.78
CA GLY D 592 -7.78 -41.22 4.29
C GLY D 592 -8.96 -41.39 3.33
N GLY D 593 -8.78 -42.30 2.36
CA GLY D 593 -9.76 -42.51 1.29
C GLY D 593 -11.20 -42.49 1.81
N TYR D 594 -11.38 -43.13 2.97
CA TYR D 594 -12.68 -43.22 3.63
C TYR D 594 -13.24 -41.81 3.83
N ALA D 595 -12.53 -40.98 4.61
CA ALA D 595 -12.97 -39.63 4.87
C ALA D 595 -13.22 -38.91 3.55
N ALA D 596 -12.25 -39.04 2.63
CA ALA D 596 -12.30 -38.39 1.32
C ALA D 596 -13.62 -38.68 0.61
N ALA D 597 -14.01 -39.97 0.56
CA ALA D 597 -15.25 -40.36 -0.09
C ALA D 597 -16.46 -39.71 0.58
N VAL D 598 -16.39 -39.53 1.91
CA VAL D 598 -17.51 -38.95 2.66
C VAL D 598 -17.62 -37.48 2.29
N LEU D 599 -16.51 -36.76 2.49
CA LEU D 599 -16.47 -35.31 2.22
C LEU D 599 -16.83 -35.01 0.77
N ARG D 600 -16.30 -35.83 -0.15
CA ARG D 600 -16.65 -35.72 -1.56
C ARG D 600 -18.16 -35.82 -1.71
N GLY D 601 -18.77 -36.74 -0.95
CA GLY D 601 -20.20 -36.96 -0.99
C GLY D 601 -20.56 -38.22 -1.78
N ASP D 602 -19.63 -39.18 -1.84
CA ASP D 602 -19.90 -40.46 -2.49
C ASP D 602 -20.86 -41.24 -1.61
N CYS D 603 -20.70 -41.09 -0.29
CA CYS D 603 -21.53 -41.77 0.69
C CYS D 603 -21.80 -40.83 1.87
N THR D 604 -22.58 -41.32 2.83
CA THR D 604 -22.82 -40.63 4.09
C THR D 604 -21.76 -41.06 5.10
N LEU D 605 -21.54 -40.19 6.10
CA LEU D 605 -20.53 -40.40 7.12
C LEU D 605 -20.57 -41.86 7.62
N GLU D 606 -21.65 -42.20 8.33
CA GLU D 606 -21.79 -43.52 8.93
C GLU D 606 -21.54 -44.60 7.88
N GLN D 607 -21.93 -44.33 6.62
CA GLN D 607 -21.75 -45.30 5.56
C GLN D 607 -20.27 -45.67 5.47
N ALA D 608 -19.40 -44.66 5.42
CA ALA D 608 -17.97 -44.91 5.34
C ALA D 608 -17.47 -45.41 6.69
N TRP D 609 -17.95 -44.84 7.79
CA TRP D 609 -17.60 -45.29 9.13
C TRP D 609 -17.69 -46.82 9.23
N HIS D 610 -18.89 -47.35 8.92
CA HIS D 610 -19.12 -48.80 8.94
C HIS D 610 -18.16 -49.49 7.98
N ARG D 611 -17.89 -48.85 6.83
CA ARG D 611 -17.03 -49.42 5.79
C ARG D 611 -15.57 -49.43 6.24
N LEU D 612 -15.22 -48.49 7.13
CA LEU D 612 -13.88 -48.36 7.68
C LEU D 612 -13.70 -49.40 8.77
N ASN D 613 -14.77 -49.61 9.55
CA ASN D 613 -14.75 -50.67 10.55
C ASN D 613 -14.79 -52.04 9.86
N ALA D 614 -15.30 -52.08 8.62
CA ALA D 614 -15.30 -53.31 7.83
C ALA D 614 -13.97 -53.47 7.08
N GLY D 615 -13.27 -52.36 6.82
CA GLY D 615 -12.03 -52.38 6.06
C GLY D 615 -12.28 -52.53 4.56
N GLN D 616 -13.10 -51.63 4.01
CA GLN D 616 -13.45 -51.63 2.59
C GLN D 616 -13.06 -50.29 1.96
N PRO D 617 -11.82 -50.15 1.44
CA PRO D 617 -11.31 -48.85 0.98
C PRO D 617 -11.99 -48.35 -0.30
N PHE D 618 -11.62 -47.12 -0.71
CA PHE D 618 -12.05 -46.54 -1.97
C PHE D 618 -10.82 -46.36 -2.88
N ASP D 619 -11.05 -46.02 -4.16
CA ASP D 619 -9.96 -45.90 -5.12
C ASP D 619 -9.67 -44.41 -5.36
N CYS D 632 -4.55 -24.57 -4.79
CA CYS D 632 -3.84 -24.59 -3.48
C CYS D 632 -3.94 -25.98 -2.86
N SER D 633 -2.85 -26.76 -2.92
CA SER D 633 -2.86 -28.14 -2.46
C SER D 633 -2.38 -28.25 -1.02
N LEU D 634 -3.16 -28.96 -0.20
CA LEU D 634 -2.85 -29.15 1.21
C LEU D 634 -2.93 -30.64 1.53
N MET D 635 -2.22 -31.10 2.56
CA MET D 635 -2.26 -32.50 2.93
C MET D 635 -2.47 -32.65 4.43
N LEU D 636 -2.94 -33.84 4.85
CA LEU D 636 -3.20 -34.16 6.25
C LEU D 636 -2.60 -35.53 6.56
N ASP D 637 -1.47 -35.57 7.27
CA ASP D 637 -0.71 -36.80 7.41
C ASP D 637 0.43 -36.70 8.42
N ASP D 638 0.38 -37.56 9.45
CA ASP D 638 1.46 -37.76 10.40
C ASP D 638 2.78 -37.92 9.68
N ALA D 639 2.78 -38.78 8.65
CA ALA D 639 3.97 -39.10 7.88
C ALA D 639 4.81 -37.84 7.65
N ALA D 640 4.18 -36.73 7.22
CA ALA D 640 4.91 -35.54 6.87
C ALA D 640 5.50 -34.87 8.12
N SER D 641 4.69 -34.79 9.18
CA SER D 641 5.05 -34.14 10.43
C SER D 641 3.91 -34.32 11.42
N ASP D 642 4.19 -34.14 12.72
CA ASP D 642 3.17 -34.21 13.76
C ASP D 642 1.83 -33.76 13.19
N ALA D 643 0.80 -34.62 13.26
CA ALA D 643 -0.51 -34.33 12.73
C ALA D 643 -0.92 -32.89 13.06
N ASN D 644 -0.94 -32.57 14.36
CA ASN D 644 -1.31 -31.24 14.83
C ASN D 644 -0.57 -30.16 14.06
N ARG D 645 0.74 -30.32 13.93
CA ARG D 645 1.53 -29.38 13.16
C ARG D 645 1.04 -29.33 11.70
N THR D 646 0.87 -30.51 11.10
CA THR D 646 0.39 -30.60 9.72
C THR D 646 -0.87 -29.76 9.58
N ALA D 647 -1.73 -29.83 10.60
CA ALA D 647 -2.97 -29.06 10.63
C ALA D 647 -2.69 -27.55 10.68
N LEU D 648 -1.75 -27.12 11.52
CA LEU D 648 -1.41 -25.72 11.61
C LEU D 648 -0.99 -25.22 10.23
N GLU D 649 -0.02 -25.91 9.62
CA GLU D 649 0.45 -25.48 8.31
C GLU D 649 -0.70 -25.49 7.32
N ALA D 650 -1.47 -26.58 7.34
CA ALA D 650 -2.64 -26.68 6.49
C ALA D 650 -3.48 -25.41 6.59
N LEU D 651 -3.88 -25.06 7.83
CA LEU D 651 -4.73 -23.90 8.06
C LEU D 651 -4.04 -22.64 7.54
N GLY D 652 -2.79 -22.43 7.99
CA GLY D 652 -1.99 -21.31 7.52
C GLY D 652 -2.09 -21.12 6.01
N GLN D 653 -1.72 -22.15 5.24
CA GLN D 653 -1.70 -21.99 3.79
C GLN D 653 -3.12 -21.72 3.29
N LEU D 654 -4.14 -22.16 4.02
CA LEU D 654 -5.52 -21.80 3.71
C LEU D 654 -5.71 -20.30 3.84
N TRP D 655 -5.43 -19.82 5.05
CA TRP D 655 -5.60 -18.41 5.35
C TRP D 655 -4.85 -17.58 4.33
N LEU D 656 -3.61 -17.98 4.01
CA LEU D 656 -2.84 -17.26 3.03
C LEU D 656 -3.59 -17.22 1.71
N ALA D 657 -4.13 -18.38 1.31
CA ALA D 657 -4.84 -18.49 0.04
C ALA D 657 -6.09 -17.62 0.09
N GLY D 658 -6.39 -17.12 1.29
CA GLY D 658 -7.44 -16.15 1.48
C GLY D 658 -8.75 -16.79 1.94
N VAL D 659 -8.67 -17.94 2.59
CA VAL D 659 -9.88 -18.50 3.14
C VAL D 659 -10.19 -17.83 4.47
N SER D 660 -11.47 -17.78 4.81
CA SER D 660 -11.90 -17.29 6.11
C SER D 660 -11.90 -18.47 7.08
N LEU D 661 -11.14 -18.32 8.18
CA LEU D 661 -11.04 -19.37 9.18
C LEU D 661 -11.68 -18.89 10.47
N ASP D 662 -12.17 -19.83 11.27
CA ASP D 662 -12.45 -19.58 12.66
C ASP D 662 -11.16 -19.89 13.41
N TRP D 663 -10.54 -18.86 13.97
CA TRP D 663 -9.23 -19.01 14.59
C TRP D 663 -9.23 -20.08 15.68
N ARG D 664 -10.39 -20.36 16.29
CA ARG D 664 -10.49 -21.42 17.28
C ARG D 664 -9.89 -22.70 16.72
N TRP D 665 -10.11 -22.94 15.42
CA TRP D 665 -9.53 -24.08 14.72
C TRP D 665 -8.04 -24.15 14.99
N VAL D 666 -7.36 -23.04 14.73
CA VAL D 666 -5.92 -22.97 14.90
C VAL D 666 -5.60 -23.10 16.38
N ASP D 667 -6.31 -22.35 17.22
CA ASP D 667 -6.05 -22.35 18.66
C ASP D 667 -6.03 -23.78 19.19
N ALA D 668 -7.00 -24.57 18.72
CA ALA D 668 -7.19 -25.94 19.15
C ALA D 668 -6.06 -26.82 18.64
N ALA D 669 -5.52 -26.50 17.46
CA ALA D 669 -4.43 -27.29 16.90
C ALA D 669 -3.12 -26.93 17.59
N GLU D 670 -3.00 -25.68 18.02
CA GLU D 670 -1.85 -25.21 18.78
C GLU D 670 -1.85 -25.75 20.19
N ARG D 671 -3.03 -25.80 20.80
CA ARG D 671 -3.18 -26.31 22.15
C ARG D 671 -2.39 -25.46 23.14
N MET D 672 -2.22 -24.18 22.86
CA MET D 672 -1.48 -23.31 23.76
C MET D 672 -2.39 -22.91 24.91
N LEU D 673 -2.05 -23.37 26.13
CA LEU D 673 -2.90 -23.13 27.28
C LEU D 673 -2.53 -21.79 27.90
N GLY D 674 -3.56 -21.09 28.39
CA GLY D 674 -3.35 -19.89 29.18
C GLY D 674 -2.87 -18.72 28.33
N SER D 675 -2.99 -18.84 27.00
CA SER D 675 -2.59 -17.76 26.11
C SER D 675 -3.35 -16.49 26.49
N GLN D 676 -2.81 -15.34 26.10
CA GLN D 676 -3.21 -14.07 26.68
C GLN D 676 -3.29 -12.99 25.60
N ARG D 677 -4.26 -12.09 25.73
CA ARG D 677 -4.34 -10.96 24.81
C ARG D 677 -3.32 -9.91 25.26
N ILE D 678 -2.45 -9.48 24.35
CA ILE D 678 -1.38 -8.56 24.72
C ILE D 678 -1.32 -7.37 23.77
N ALA D 679 -0.72 -6.30 24.29
CA ALA D 679 -0.67 -5.06 23.57
C ALA D 679 0.53 -5.08 22.64
N LEU D 680 0.27 -5.33 21.35
CA LEU D 680 1.34 -5.32 20.37
C LEU D 680 1.09 -4.19 19.39
N PRO D 681 2.05 -3.91 18.48
CA PRO D 681 1.79 -3.10 17.31
C PRO D 681 0.58 -3.67 16.58
N GLY D 682 -0.06 -2.82 15.78
CA GLY D 682 -1.21 -3.22 15.01
C GLY D 682 -1.35 -2.39 13.74
N THR D 683 -2.60 -2.18 13.34
CA THR D 683 -2.92 -1.54 12.08
C THR D 683 -2.08 -0.27 11.93
N VAL D 684 -1.58 -0.09 10.72
CA VAL D 684 -0.72 1.04 10.42
C VAL D 684 -1.48 2.00 9.52
N PHE D 685 -2.03 3.05 10.11
CA PHE D 685 -2.73 4.07 9.34
C PHE D 685 -1.72 5.08 8.82
N THR D 686 -1.93 5.56 7.59
CA THR D 686 -1.27 6.76 7.09
C THR D 686 -2.38 7.77 6.82
N PRO D 687 -2.62 8.69 7.78
CA PRO D 687 -3.72 9.64 7.70
C PRO D 687 -3.36 10.98 7.08
N GLN D 688 -4.33 11.60 6.41
CA GLN D 688 -4.13 12.88 5.79
C GLN D 688 -4.92 13.91 6.59
N ARG D 689 -4.65 15.19 6.27
CA ARG D 689 -5.38 16.31 6.84
C ARG D 689 -6.72 16.40 6.13
N TYR D 690 -7.81 16.42 6.89
CA TYR D 690 -9.11 16.71 6.32
C TYR D 690 -9.70 17.85 7.10
N TRP D 691 -9.77 19.04 6.49
CA TRP D 691 -10.08 20.24 7.24
C TRP D 691 -10.79 21.30 6.39
N VAL D 692 -11.85 21.88 6.94
CA VAL D 692 -12.52 23.00 6.31
C VAL D 692 -12.11 24.28 7.03
N GLU D 693 -11.69 25.29 6.27
CA GLU D 693 -11.29 26.55 6.86
C GLU D 693 -12.46 27.54 6.86
N ALA D 694 -12.42 28.43 7.84
CA ALA D 694 -13.41 29.49 7.92
C ALA D 694 -13.06 30.60 6.92
N VAL D 695 -13.98 30.91 6.01
CA VAL D 695 -13.86 32.05 5.11
C VAL D 695 -14.26 33.32 5.88
N ARG D 696 -13.29 34.20 6.17
CA ARG D 696 -13.54 35.43 6.92
C ARG D 696 -14.66 36.26 6.26
N ASN E 706 31.19 -51.72 0.68
CA ASN E 706 30.49 -53.03 0.85
C ASN E 706 31.28 -54.20 0.24
N ASN E 707 32.40 -53.90 -0.45
CA ASN E 707 33.30 -54.92 -0.97
C ASN E 707 34.52 -55.03 -0.03
N LEU E 708 34.72 -54.02 0.83
CA LEU E 708 35.66 -54.07 1.93
C LEU E 708 34.96 -54.60 3.18
N LEU E 709 33.63 -54.77 3.09
CA LEU E 709 32.83 -55.46 4.10
C LEU E 709 32.55 -56.89 3.59
N SER E 710 31.95 -56.99 2.40
CA SER E 710 31.51 -58.26 1.84
C SER E 710 32.70 -59.21 1.61
N ARG E 711 33.92 -58.76 1.91
CA ARG E 711 35.10 -59.60 1.79
C ARG E 711 36.00 -59.50 3.03
N ALA E 712 35.53 -58.80 4.08
CA ALA E 712 36.24 -58.75 5.35
C ALA E 712 35.68 -59.82 6.29
N THR E 713 36.13 -59.81 7.55
CA THR E 713 35.57 -60.67 8.58
C THR E 713 35.23 -59.82 9.81
N LYS E 714 34.39 -60.40 10.68
CA LYS E 714 33.96 -59.75 11.91
C LYS E 714 35.18 -59.27 12.70
N SER E 715 36.27 -60.05 12.64
CA SER E 715 37.50 -59.72 13.34
C SER E 715 38.16 -58.48 12.71
N ASP E 716 38.12 -58.37 11.37
CA ASP E 716 38.62 -57.21 10.65
C ASP E 716 37.80 -55.97 10.98
N ILE E 717 36.46 -56.14 10.97
CA ILE E 717 35.56 -55.04 11.34
C ILE E 717 35.84 -54.62 12.79
N ILE E 718 36.07 -55.60 13.70
CA ILE E 718 36.40 -55.32 15.10
C ILE E 718 37.74 -54.55 15.18
N ALA E 719 38.74 -54.95 14.36
CA ALA E 719 40.01 -54.23 14.33
C ALA E 719 39.83 -52.79 13.87
N VAL E 720 39.15 -52.62 12.71
CA VAL E 720 38.94 -51.29 12.14
C VAL E 720 38.13 -50.39 13.10
N VAL E 721 36.98 -50.90 13.59
CA VAL E 721 36.12 -50.13 14.48
C VAL E 721 36.86 -49.84 15.80
N THR E 722 37.61 -50.83 16.34
CA THR E 722 38.41 -50.62 17.55
C THR E 722 39.42 -49.50 17.30
N GLU E 723 40.03 -49.49 16.09
CA GLU E 723 40.96 -48.43 15.75
C GLU E 723 40.27 -47.07 15.68
N ILE E 724 39.12 -47.00 14.99
CA ILE E 724 38.34 -45.76 14.91
C ILE E 724 38.06 -45.24 16.34
N TRP E 725 37.48 -46.13 17.16
CA TRP E 725 37.21 -45.82 18.58
C TRP E 725 38.47 -45.29 19.26
N GLU E 726 39.59 -46.01 19.13
CA GLU E 726 40.86 -45.65 19.76
C GLU E 726 41.36 -44.28 19.30
N ARG E 727 41.11 -43.96 18.03
CA ARG E 727 41.61 -42.70 17.48
C ARG E 727 40.69 -41.54 17.84
N THR E 728 39.38 -41.80 17.95
CA THR E 728 38.43 -40.76 18.34
C THR E 728 38.51 -40.48 19.85
N LEU E 729 38.63 -41.55 20.66
CA LEU E 729 38.64 -41.42 22.12
C LEU E 729 40.05 -41.12 22.63
N GLY E 730 41.07 -41.70 21.97
CA GLY E 730 42.47 -41.40 22.23
C GLY E 730 43.17 -42.44 23.08
N VAL E 731 42.40 -43.34 23.71
CA VAL E 731 42.96 -44.37 24.58
C VAL E 731 43.31 -45.59 23.73
N SER E 732 43.71 -46.68 24.39
CA SER E 732 43.99 -47.97 23.77
C SER E 732 42.94 -48.97 24.25
N ILE E 733 42.16 -49.55 23.32
CA ILE E 733 40.92 -50.24 23.66
C ILE E 733 40.97 -51.72 23.25
N ASP E 734 40.74 -52.60 24.24
CA ASP E 734 40.66 -54.04 24.03
C ASP E 734 39.24 -54.56 24.28
N ASP E 735 38.48 -53.93 25.19
CA ASP E 735 37.19 -54.45 25.64
C ASP E 735 36.07 -54.03 24.67
N HIS E 736 35.90 -54.87 23.64
CA HIS E 736 34.96 -54.63 22.54
C HIS E 736 33.53 -54.47 23.06
N HIS E 737 33.29 -54.86 24.34
CA HIS E 737 32.00 -54.79 25.01
C HIS E 737 31.75 -53.49 25.77
N ALA E 738 32.79 -52.67 25.98
CA ALA E 738 32.64 -51.50 26.85
C ALA E 738 31.76 -50.43 26.20
N SER E 739 30.95 -49.77 27.03
CA SER E 739 30.06 -48.71 26.58
C SER E 739 30.89 -47.50 26.14
N PHE E 740 30.46 -46.89 25.02
CA PHE E 740 31.12 -45.76 24.39
C PHE E 740 31.11 -44.56 25.33
N PHE E 741 30.22 -44.62 26.33
CA PHE E 741 30.15 -43.64 27.39
C PHE E 741 31.12 -44.03 28.51
N GLU E 742 31.21 -45.35 28.80
CA GLU E 742 32.13 -45.87 29.81
C GLU E 742 33.58 -45.84 29.33
N LEU E 743 33.80 -45.53 28.05
CA LEU E 743 35.14 -45.22 27.57
C LEU E 743 35.25 -43.72 27.23
N GLY E 744 34.22 -42.94 27.60
CA GLY E 744 34.24 -41.49 27.48
C GLY E 744 33.88 -40.97 26.08
N GLY E 745 32.58 -40.96 25.76
CA GLY E 745 32.08 -40.41 24.51
C GLY E 745 30.84 -39.54 24.70
N HIS E 746 30.41 -38.87 23.63
CA HIS E 746 29.18 -38.07 23.66
C HIS E 746 28.65 -37.89 22.23
N SER E 747 27.46 -37.26 22.16
CA SER E 747 26.70 -37.01 20.93
C SER E 747 27.60 -36.52 19.79
N LEU E 748 28.71 -35.82 20.12
CA LEU E 748 29.68 -35.35 19.13
C LEU E 748 30.57 -36.51 18.66
N LEU E 749 31.27 -37.15 19.61
CA LEU E 749 32.29 -38.14 19.29
C LEU E 749 31.64 -39.34 18.59
N ALA E 750 30.36 -39.62 18.92
CA ALA E 750 29.60 -40.64 18.22
C ALA E 750 29.47 -40.31 16.73
N SER E 751 29.21 -39.03 16.41
CA SER E 751 29.02 -38.58 15.03
C SER E 751 30.32 -38.68 14.23
N THR E 752 31.47 -38.37 14.88
CA THR E 752 32.77 -38.54 14.22
C THR E 752 33.00 -40.01 13.87
N ILE E 753 32.83 -40.91 14.86
CA ILE E 753 33.03 -42.35 14.64
C ILE E 753 32.17 -42.81 13.45
N LEU E 754 30.85 -42.51 13.50
CA LEU E 754 29.93 -42.92 12.45
C LEU E 754 30.37 -42.34 11.10
N TYR E 755 30.69 -41.02 11.10
CA TYR E 755 31.19 -40.36 9.91
C TYR E 755 32.36 -41.17 9.33
N ASP E 756 33.33 -41.56 10.18
CA ASP E 756 34.49 -42.32 9.73
C ASP E 756 34.06 -43.70 9.18
N ILE E 757 33.19 -44.40 9.91
CA ILE E 757 32.76 -45.74 9.52
C ILE E 757 32.28 -45.75 8.06
N GLN E 758 31.40 -44.81 7.68
CA GLN E 758 30.95 -44.75 6.29
C GLN E 758 32.12 -44.41 5.36
N GLN E 759 33.00 -43.51 5.83
CA GLN E 759 34.14 -43.04 5.04
C GLN E 759 35.11 -44.18 4.76
N ARG E 760 35.05 -45.26 5.56
CA ARG E 760 35.92 -46.42 5.34
C ARG E 760 35.17 -47.56 4.62
N TYR E 761 33.92 -47.85 5.01
CA TYR E 761 33.23 -49.03 4.51
C TYR E 761 32.15 -48.70 3.47
N GLY E 762 31.43 -47.59 3.70
CA GLY E 762 30.35 -47.18 2.83
C GLY E 762 28.95 -47.48 3.38
N ILE E 763 28.86 -47.87 4.68
CA ILE E 763 27.57 -48.08 5.34
C ILE E 763 27.40 -47.06 6.48
N THR E 764 26.28 -46.33 6.42
CA THR E 764 25.89 -45.40 7.48
C THR E 764 25.18 -46.17 8.59
N CYS E 765 25.28 -45.62 9.79
CA CYS E 765 24.56 -46.12 10.95
C CYS E 765 23.98 -44.89 11.65
N THR E 766 22.63 -44.84 11.75
CA THR E 766 21.95 -43.72 12.38
C THR E 766 22.34 -43.65 13.86
N LEU E 767 22.52 -42.43 14.38
CA LEU E 767 22.95 -42.22 15.76
C LEU E 767 22.14 -43.11 16.72
N SER E 768 20.80 -43.08 16.59
CA SER E 768 19.91 -43.84 17.48
C SER E 768 20.23 -45.34 17.47
N ALA E 769 20.68 -45.87 16.32
CA ALA E 769 21.02 -47.29 16.20
C ALA E 769 22.40 -47.59 16.80
N PHE E 770 23.23 -46.53 16.96
CA PHE E 770 24.54 -46.66 17.60
C PHE E 770 24.37 -46.59 19.11
N PHE E 771 23.63 -45.55 19.56
CA PHE E 771 23.38 -45.34 20.98
C PHE E 771 22.44 -46.44 21.51
N ALA E 772 21.63 -47.03 20.61
CA ALA E 772 20.90 -48.25 20.93
C ALA E 772 21.89 -49.31 21.42
N ASP E 773 23.05 -49.36 20.75
CA ASP E 773 24.09 -50.33 21.02
C ASP E 773 25.45 -49.61 20.99
N PRO E 774 25.83 -48.89 22.07
CA PRO E 774 27.05 -48.07 22.06
C PRO E 774 28.33 -48.85 22.36
N THR E 775 28.66 -49.85 21.55
CA THR E 775 29.78 -50.74 21.86
C THR E 775 30.41 -51.31 20.59
N ILE E 776 31.72 -51.58 20.66
CA ILE E 776 32.49 -51.95 19.49
C ILE E 776 31.89 -53.19 18.85
N GLU E 777 31.69 -54.22 19.70
CA GLU E 777 31.06 -55.46 19.29
C GLU E 777 29.73 -55.14 18.60
N GLY E 778 28.94 -54.25 19.22
CA GLY E 778 27.59 -53.95 18.77
C GLY E 778 27.54 -53.26 17.41
N LEU E 779 28.46 -52.31 17.22
CA LEU E 779 28.55 -51.53 15.99
C LEU E 779 29.18 -52.35 14.87
N SER E 780 30.15 -53.20 15.25
CA SER E 780 30.69 -54.20 14.34
C SER E 780 29.60 -55.19 13.90
N CYS E 781 28.66 -55.52 14.82
CA CYS E 781 27.56 -56.43 14.54
C CYS E 781 26.42 -55.75 13.77
N TYR E 782 26.25 -54.43 13.94
CA TYR E 782 25.30 -53.68 13.12
C TYR E 782 25.88 -53.47 11.72
N LEU E 783 27.21 -53.33 11.62
CA LEU E 783 27.89 -53.30 10.31
C LEU E 783 27.89 -54.70 9.69
N ASN F 706 -28.15 30.89 -4.65
CA ASN F 706 -27.09 31.80 -5.20
C ASN F 706 -26.02 31.04 -5.97
N ASN F 707 -26.05 29.70 -5.95
CA ASN F 707 -25.19 28.87 -6.81
C ASN F 707 -26.00 28.40 -8.02
N LEU F 708 -27.34 28.52 -7.93
CA LEU F 708 -28.25 28.33 -9.05
C LEU F 708 -28.45 29.67 -9.78
N LEU F 709 -27.94 30.75 -9.16
CA LEU F 709 -27.85 32.07 -9.77
C LEU F 709 -26.41 32.30 -10.25
N SER F 710 -25.44 32.16 -9.33
CA SER F 710 -24.02 32.42 -9.60
C SER F 710 -23.48 31.51 -10.70
N ARG F 711 -24.31 30.60 -11.24
CA ARG F 711 -23.90 29.74 -12.34
C ARG F 711 -24.95 29.70 -13.44
N ALA F 712 -26.00 30.51 -13.32
CA ALA F 712 -27.02 30.62 -14.37
C ALA F 712 -26.67 31.80 -15.28
N THR F 713 -27.56 32.11 -16.23
CA THR F 713 -27.42 33.27 -17.08
C THR F 713 -28.74 34.05 -17.09
N LYS F 714 -28.66 35.32 -17.53
CA LYS F 714 -29.81 36.21 -17.57
C LYS F 714 -30.94 35.54 -18.36
N SER F 715 -30.56 34.77 -19.38
CA SER F 715 -31.52 34.04 -20.21
C SER F 715 -32.23 32.95 -19.39
N ASP F 716 -31.46 32.24 -18.53
CA ASP F 716 -32.01 31.23 -17.63
C ASP F 716 -32.95 31.86 -16.62
N ILE F 717 -32.51 32.99 -16.02
CA ILE F 717 -33.36 33.70 -15.06
C ILE F 717 -34.64 34.17 -15.78
N ILE F 718 -34.52 34.66 -17.03
CA ILE F 718 -35.69 35.09 -17.81
C ILE F 718 -36.62 33.89 -18.08
N ALA F 719 -36.03 32.71 -18.39
CA ALA F 719 -36.84 31.50 -18.60
C ALA F 719 -37.59 31.12 -17.31
N VAL F 720 -36.84 31.01 -16.19
CA VAL F 720 -37.41 30.61 -14.91
C VAL F 720 -38.49 31.61 -14.47
N VAL F 721 -38.17 32.92 -14.47
CA VAL F 721 -39.11 33.95 -14.03
C VAL F 721 -40.32 33.99 -14.99
N THR F 722 -40.08 33.86 -16.32
CA THR F 722 -41.18 33.81 -17.29
C THR F 722 -42.09 32.60 -16.97
N GLU F 723 -41.49 31.46 -16.61
CA GLU F 723 -42.25 30.28 -16.23
C GLU F 723 -43.09 30.55 -14.97
N ILE F 724 -42.45 31.11 -13.91
CA ILE F 724 -43.15 31.45 -12.67
C ILE F 724 -44.34 32.34 -13.01
N TRP F 725 -44.06 33.46 -13.72
CA TRP F 725 -45.10 34.39 -14.16
C TRP F 725 -46.23 33.63 -14.88
N GLU F 726 -45.87 32.78 -15.87
CA GLU F 726 -46.84 32.05 -16.68
C GLU F 726 -47.71 31.13 -15.82
N ARG F 727 -47.10 30.55 -14.78
CA ARG F 727 -47.79 29.60 -13.94
C ARG F 727 -48.66 30.32 -12.91
N THR F 728 -48.22 31.49 -12.43
CA THR F 728 -49.01 32.26 -11.46
C THR F 728 -50.16 32.98 -12.15
N LEU F 729 -49.92 33.55 -13.34
CA LEU F 729 -50.91 34.33 -14.07
C LEU F 729 -51.81 33.42 -14.90
N GLY F 730 -51.21 32.36 -15.47
CA GLY F 730 -51.96 31.34 -16.18
C GLY F 730 -51.90 31.47 -17.70
N VAL F 731 -51.41 32.63 -18.19
CA VAL F 731 -51.33 32.88 -19.63
C VAL F 731 -50.00 32.33 -20.14
N SER F 732 -49.76 32.57 -21.43
CA SER F 732 -48.51 32.25 -22.09
C SER F 732 -47.79 33.56 -22.43
N ILE F 733 -46.56 33.76 -21.90
CA ILE F 733 -45.95 35.09 -21.87
C ILE F 733 -44.65 35.12 -22.66
N ASP F 734 -44.57 36.07 -23.61
CA ASP F 734 -43.38 36.29 -24.43
C ASP F 734 -42.74 37.64 -24.09
N ASP F 735 -43.57 38.65 -23.80
CA ASP F 735 -43.13 40.05 -23.68
C ASP F 735 -42.58 40.31 -22.28
N HIS F 736 -41.27 40.07 -22.13
CA HIS F 736 -40.58 40.17 -20.85
C HIS F 736 -40.68 41.58 -20.25
N HIS F 737 -41.14 42.55 -21.09
CA HIS F 737 -41.31 43.94 -20.72
C HIS F 737 -42.72 44.27 -20.19
N ALA F 738 -43.70 43.37 -20.33
CA ALA F 738 -45.08 43.70 -20.00
C ALA F 738 -45.27 43.85 -18.49
N SER F 739 -46.12 44.83 -18.10
CA SER F 739 -46.39 45.10 -16.70
C SER F 739 -47.20 43.94 -16.11
N PHE F 740 -46.84 43.58 -14.87
CA PHE F 740 -47.44 42.47 -14.13
C PHE F 740 -48.92 42.74 -13.89
N PHE F 741 -49.30 44.01 -14.03
CA PHE F 741 -50.68 44.44 -13.93
C PHE F 741 -51.33 44.33 -15.31
N GLU F 742 -50.56 44.69 -16.36
CA GLU F 742 -51.04 44.61 -17.74
C GLU F 742 -51.10 43.16 -18.23
N LEU F 743 -50.57 42.21 -17.44
CA LEU F 743 -50.82 40.79 -17.68
C LEU F 743 -51.74 40.22 -16.60
N GLY F 744 -52.30 41.10 -15.75
CA GLY F 744 -53.31 40.71 -14.77
C GLY F 744 -52.73 40.13 -13.48
N GLY F 745 -52.19 41.00 -12.61
CA GLY F 745 -51.71 40.59 -11.29
C GLY F 745 -52.18 41.54 -10.19
N HIS F 746 -51.91 41.17 -8.93
CA HIS F 746 -52.27 42.02 -7.80
C HIS F 746 -51.38 41.68 -6.59
N SER F 747 -51.56 42.49 -5.53
CA SER F 747 -50.81 42.40 -4.28
C SER F 747 -50.62 40.95 -3.81
N LEU F 748 -51.59 40.08 -4.14
CA LEU F 748 -51.54 38.66 -3.81
C LEU F 748 -50.56 37.93 -4.76
N LEU F 749 -50.85 37.99 -6.07
CA LEU F 749 -50.13 37.20 -7.06
C LEU F 749 -48.66 37.61 -7.08
N ALA F 750 -48.39 38.90 -6.77
CA ALA F 750 -47.01 39.36 -6.64
C ALA F 750 -46.28 38.60 -5.54
N SER F 751 -46.97 38.38 -4.40
CA SER F 751 -46.37 37.71 -3.24
C SER F 751 -46.12 36.23 -3.53
N THR F 752 -47.02 35.58 -4.30
CA THR F 752 -46.79 34.20 -4.72
C THR F 752 -45.52 34.11 -5.59
N ILE F 753 -45.44 34.96 -6.63
CA ILE F 753 -44.27 34.97 -7.51
C ILE F 753 -43.00 35.12 -6.68
N LEU F 754 -42.96 36.18 -5.84
CA LEU F 754 -41.78 36.46 -5.01
C LEU F 754 -41.47 35.26 -4.11
N TYR F 755 -42.51 34.74 -3.45
CA TYR F 755 -42.39 33.55 -2.61
C TYR F 755 -41.69 32.44 -3.42
N ASP F 756 -42.16 32.17 -4.65
CA ASP F 756 -41.55 31.14 -5.49
C ASP F 756 -40.09 31.47 -5.83
N ILE F 757 -39.82 32.73 -6.23
CA ILE F 757 -38.48 33.13 -6.63
C ILE F 757 -37.44 32.75 -5.57
N GLN F 758 -37.71 33.07 -4.29
CA GLN F 758 -36.78 32.68 -3.23
C GLN F 758 -36.72 31.15 -3.11
N GLN F 759 -37.89 30.51 -3.26
CA GLN F 759 -38.01 29.07 -3.09
C GLN F 759 -37.25 28.32 -4.19
N ARG F 760 -36.93 29.03 -5.30
CA ARG F 760 -36.13 28.42 -6.37
C ARG F 760 -34.66 28.87 -6.31
N TYR F 761 -34.39 30.16 -6.05
CA TYR F 761 -33.02 30.67 -6.16
C TYR F 761 -32.37 30.94 -4.79
N GLY F 762 -33.16 31.45 -3.83
CA GLY F 762 -32.66 31.76 -2.50
C GLY F 762 -32.48 33.25 -2.24
N ILE F 763 -32.96 34.12 -3.16
CA ILE F 763 -32.93 35.57 -2.97
C ILE F 763 -34.36 36.12 -2.89
N THR F 764 -34.65 36.86 -1.81
CA THR F 764 -35.93 37.53 -1.63
C THR F 764 -35.90 38.86 -2.38
N CYS F 765 -37.09 39.31 -2.77
CA CYS F 765 -37.29 40.62 -3.36
C CYS F 765 -38.50 41.24 -2.66
N THR F 766 -38.28 42.38 -1.97
CA THR F 766 -39.33 43.07 -1.24
C THR F 766 -40.39 43.55 -2.24
N LEU F 767 -41.67 43.45 -1.84
CA LEU F 767 -42.78 43.82 -2.72
C LEU F 767 -42.51 45.16 -3.40
N SER F 768 -42.13 46.18 -2.60
CA SER F 768 -41.87 47.53 -3.10
C SER F 768 -40.83 47.54 -4.23
N ALA F 769 -39.83 46.65 -4.14
CA ALA F 769 -38.77 46.57 -5.16
C ALA F 769 -39.26 45.83 -6.41
N PHE F 770 -40.35 45.04 -6.28
CA PHE F 770 -40.96 44.35 -7.41
C PHE F 770 -41.90 45.29 -8.14
N PHE F 771 -42.78 45.93 -7.35
CA PHE F 771 -43.75 46.86 -7.88
C PHE F 771 -43.04 48.13 -8.38
N ALA F 772 -41.85 48.43 -7.82
CA ALA F 772 -40.96 49.43 -8.38
C ALA F 772 -40.72 49.10 -9.86
N ASP F 773 -40.55 47.81 -10.12
CA ASP F 773 -40.26 47.30 -11.45
C ASP F 773 -41.08 46.04 -11.69
N PRO F 774 -42.39 46.17 -12.04
CA PRO F 774 -43.29 45.02 -12.15
C PRO F 774 -43.21 44.31 -13.51
N THR F 775 -42.04 43.80 -13.87
CA THR F 775 -41.84 43.23 -15.20
C THR F 775 -40.77 42.14 -15.18
N ILE F 776 -40.90 41.16 -16.08
CA ILE F 776 -40.06 39.98 -16.06
C ILE F 776 -38.60 40.40 -16.18
N GLU F 777 -38.34 41.24 -17.20
CA GLU F 777 -37.03 41.84 -17.43
C GLU F 777 -36.53 42.46 -16.11
N GLY F 778 -37.41 43.23 -15.47
CA GLY F 778 -37.04 44.04 -14.32
C GLY F 778 -36.70 43.21 -13.09
N LEU F 779 -37.48 42.15 -12.87
CA LEU F 779 -37.32 41.25 -11.74
C LEU F 779 -36.13 40.32 -11.98
N SER F 780 -35.95 39.91 -13.24
CA SER F 780 -34.74 39.20 -13.65
C SER F 780 -33.50 40.08 -13.45
N CYS F 781 -33.63 41.41 -13.67
CA CYS F 781 -32.53 42.36 -13.50
C CYS F 781 -32.30 42.73 -12.04
N TYR F 782 -33.35 42.67 -11.19
CA TYR F 782 -33.19 42.84 -9.76
C TYR F 782 -32.57 41.56 -9.15
N LEU F 783 -32.90 40.39 -9.71
CA LEU F 783 -32.28 39.14 -9.28
C LEU F 783 -30.84 39.06 -9.82
#